data_6PF8
#
_entry.id   6PF8
#
_cell.length_a   214.777
_cell.length_b   117.537
_cell.length_c   222.817
_cell.angle_alpha   90.00
_cell.angle_beta   95.65
_cell.angle_gamma   90.00
#
_symmetry.space_group_name_H-M   'C 1 2 1'
#
loop_
_entity.id
_entity.type
_entity.pdbx_description
1 polymer 'Bifunctional dihydrofolate reductase-thymidylate synthase'
2 non-polymer 'NADPH DIHYDRO-NICOTINAMIDE-ADENINE-DINUCLEOTIDE PHOSPHATE'
3 non-polymer "5-FLUORO-2'-DEOXYURIDINE-5'-MONOPHOSPHATE"
4 non-polymer '2-({4-[(2-amino-4-oxo-4,7-dihydro-3H-pyrrolo[2,3-d]pyrimidin-5-yl)methyl]benzene-1-carbonyl}amino)-4-chlorobenzoic acid'
5 non-polymer METHOTREXATE
6 water water
#
_entity_poly.entity_id   1
_entity_poly.type   'polypeptide(L)'
_entity_poly.pdbx_seq_one_letter_code
;MSEKNVSIVVAASVLSSGIGINGQLPWSISEDLKFFSKITNNKCDSNKKNALIMGRKTWDSIGRRPLKNRIIVVISSSLP
QDEADPNVVVFRNLEDSIENLMNDDSIENIFVCGGESIYRDALKDNFVDRIYLTRVALEDIEFDTYFPEIPETFLPVYMS
QTFCTKNISYDFMIFEKQEKKTLQNCDPARGQLKSIDDTVDLLGEIFGIRKMGNRHKFPKEEIYNTPSIRFGREHYEFQY
LDLLSRVLENGAYRENRTGISTYSIFGQMMRFDMRESFPLLTTKKVAIRSIFEELIWFIKGDTNGNHLIEKKVYIWSGNG
SKEYLERIGLGHREENDLGPIYGFQWRHYNGEYKTMHDDYTGVGVDQLAKLIETLKNNPKDRRHILTAWNPSALSQMALP
PCHVLSQYYVTNDNCLSCNLYQRSCDLGLGSPFNIASYAILTMMLAQVCGYEPGELAIFIGDAHIYENHLTQLKEQLSRT
PRPFPQLKFKRKVENIEDFKWEDIELIGYYPYPTIKMDMAV
;
_entity_poly.pdbx_strand_id   A,B,C,D,E
#
loop_
_chem_comp.id
_chem_comp.type
_chem_comp.name
_chem_comp.formula
MTX non-polymer METHOTREXATE 'C20 H22 N8 O5'
NDP non-polymer 'NADPH DIHYDRO-NICOTINAMIDE-ADENINE-DINUCLEOTIDE PHOSPHATE' 'C21 H30 N7 O17 P3'
OE7 non-polymer '2-({4-[(2-amino-4-oxo-4,7-dihydro-3H-pyrrolo[2,3-d]pyrimidin-5-yl)methyl]benzene-1-carbonyl}amino)-4-chlorobenzoic acid' 'C21 H16 Cl N5 O4'
UFP DNA linking 5-FLUORO-2'-DEOXYURIDINE-5'-MONOPHOSPHATE 'C9 H12 F N2 O8 P'
#
# COMPACT_ATOMS: atom_id res chain seq x y z
N GLU A 3 66.72 -6.16 10.31
CA GLU A 3 65.68 -5.47 11.06
C GLU A 3 64.99 -6.39 12.07
N LYS A 4 65.46 -6.33 13.32
CA LYS A 4 64.94 -7.12 14.42
C LYS A 4 64.55 -6.16 15.54
N ASN A 5 64.00 -6.70 16.62
CA ASN A 5 63.36 -5.89 17.64
C ASN A 5 64.36 -5.35 18.66
N VAL A 6 64.09 -4.14 19.14
CA VAL A 6 64.89 -3.49 20.15
C VAL A 6 63.96 -3.06 21.29
N SER A 7 64.19 -3.61 22.48
CA SER A 7 63.31 -3.37 23.62
C SER A 7 64.10 -2.82 24.80
N ILE A 8 63.48 -1.91 25.53
CA ILE A 8 64.02 -1.41 26.79
C ILE A 8 63.44 -2.23 27.93
N VAL A 9 64.31 -2.62 28.86
CA VAL A 9 63.90 -3.23 30.12
C VAL A 9 64.41 -2.33 31.24
N VAL A 10 63.50 -1.94 32.14
CA VAL A 10 63.83 -1.00 33.19
C VAL A 10 62.88 -1.21 34.35
N ALA A 11 63.37 -0.95 35.57
CA ALA A 11 62.54 -0.91 36.77
C ALA A 11 62.69 0.48 37.38
N ALA A 12 61.57 1.21 37.46
CA ALA A 12 61.59 2.61 37.91
C ALA A 12 60.49 2.84 38.93
N SER A 13 60.70 3.85 39.78
CA SER A 13 59.74 4.18 40.80
C SER A 13 58.49 4.83 40.20
N VAL A 14 57.37 4.70 40.92
CA VAL A 14 56.06 4.95 40.32
C VAL A 14 55.84 6.44 40.02
N LEU A 15 56.40 7.33 40.83
CA LEU A 15 56.15 8.76 40.64
C LEU A 15 57.31 9.49 39.95
N SER A 16 58.53 9.32 40.45
CA SER A 16 59.66 10.10 39.96
C SER A 16 60.55 9.35 38.98
N SER A 17 60.29 8.07 38.74
CA SER A 17 61.04 7.27 37.78
C SER A 17 62.50 7.10 38.18
N GLY A 18 62.77 7.00 39.49
CA GLY A 18 64.11 6.73 39.95
C GLY A 18 64.49 5.27 39.73
N ILE A 19 65.74 5.06 39.30
CA ILE A 19 66.19 3.70 38.96
C ILE A 19 67.49 3.35 39.68
N GLY A 20 68.18 4.33 40.25
CA GLY A 20 69.47 4.05 40.85
C GLY A 20 69.88 5.07 41.88
N ILE A 21 70.83 4.66 42.72
CA ILE A 21 71.39 5.53 43.75
C ILE A 21 72.77 5.02 44.14
N ASN A 22 73.77 5.90 44.06
CA ASN A 22 75.15 5.59 44.46
C ASN A 22 75.67 4.32 43.78
N GLY A 23 75.39 4.21 42.48
CA GLY A 23 75.92 3.12 41.69
C GLY A 23 75.20 1.79 41.87
N GLN A 24 74.10 1.74 42.61
CA GLN A 24 73.37 0.50 42.80
C GLN A 24 71.88 0.80 42.75
N LEU A 25 71.08 -0.25 42.92
CA LEU A 25 69.64 -0.09 42.87
C LEU A 25 69.11 0.43 44.21
N PRO A 26 68.04 1.21 44.19
CA PRO A 26 67.44 1.68 45.45
C PRO A 26 66.50 0.68 46.11
N TRP A 27 66.50 -0.58 45.67
CA TRP A 27 65.66 -1.61 46.25
C TRP A 27 66.28 -2.96 45.94
N SER A 28 65.68 -4.01 46.51
CA SER A 28 66.12 -5.38 46.27
C SER A 28 64.87 -6.24 46.11
N ILE A 29 64.46 -6.50 44.87
CA ILE A 29 63.25 -7.25 44.57
C ILE A 29 63.67 -8.46 43.72
N SER A 30 63.63 -9.64 44.34
CA SER A 30 64.12 -10.86 43.67
C SER A 30 63.29 -11.19 42.45
N GLU A 31 61.96 -11.09 42.55
CA GLU A 31 61.10 -11.46 41.43
C GLU A 31 61.34 -10.57 40.21
N ASP A 32 61.77 -9.31 40.43
CA ASP A 32 62.04 -8.44 39.31
C ASP A 32 63.29 -8.86 38.54
N LEU A 33 64.30 -9.37 39.24
CA LEU A 33 65.48 -9.89 38.56
C LEU A 33 65.15 -11.14 37.76
N LYS A 34 64.26 -11.98 38.29
CA LYS A 34 63.82 -13.15 37.54
C LYS A 34 63.07 -12.74 36.28
N PHE A 35 62.28 -11.66 36.37
CA PHE A 35 61.61 -11.13 35.18
C PHE A 35 62.63 -10.64 34.17
N PHE A 36 63.62 -9.86 34.62
CA PHE A 36 64.69 -9.43 33.72
C PHE A 36 65.36 -10.62 33.06
N SER A 37 65.63 -11.67 33.83
CA SER A 37 66.29 -12.85 33.27
C SER A 37 65.41 -13.55 32.25
N LYS A 38 64.13 -13.74 32.56
CA LYS A 38 63.26 -14.48 31.65
C LYS A 38 62.96 -13.68 30.39
N ILE A 39 62.84 -12.36 30.51
CA ILE A 39 62.47 -11.56 29.35
C ILE A 39 63.66 -11.39 28.39
N THR A 40 64.90 -11.40 28.92
CA THR A 40 66.08 -11.24 28.07
C THR A 40 66.60 -12.56 27.51
N ASN A 41 66.20 -13.69 28.10
CA ASN A 41 66.56 -15.00 27.56
C ASN A 41 65.54 -15.53 26.56
N ASN A 42 64.34 -14.95 26.52
CA ASN A 42 63.27 -15.43 25.66
C ASN A 42 63.63 -15.24 24.19
N LYS A 43 63.63 -16.33 23.42
CA LYS A 43 63.96 -16.28 22.01
C LYS A 43 63.33 -17.47 21.31
N CYS A 44 63.27 -17.40 19.98
CA CYS A 44 62.71 -18.46 19.16
C CYS A 44 63.76 -19.42 18.63
N ASP A 45 64.86 -18.90 18.10
CA ASP A 45 65.90 -19.74 17.48
C ASP A 45 66.92 -20.14 18.54
N SER A 46 67.10 -21.45 18.71
CA SER A 46 68.04 -21.95 19.71
C SER A 46 69.49 -21.73 19.30
N ASN A 47 69.77 -21.55 18.02
CA ASN A 47 71.12 -21.31 17.54
C ASN A 47 71.48 -19.83 17.49
N LYS A 48 70.65 -18.98 18.09
CA LYS A 48 70.91 -17.55 18.17
C LYS A 48 70.90 -17.12 19.64
N LYS A 49 71.42 -15.91 19.88
CA LYS A 49 71.46 -15.34 21.22
C LYS A 49 70.84 -13.94 21.18
N ASN A 50 70.53 -13.43 22.37
CA ASN A 50 70.05 -12.08 22.53
C ASN A 50 71.18 -11.19 23.03
N ALA A 51 71.15 -9.92 22.61
CA ALA A 51 72.18 -8.95 22.97
C ALA A 51 71.62 -7.97 23.99
N LEU A 52 72.38 -7.72 25.05
CA LEU A 52 71.98 -6.82 26.13
C LEU A 52 72.93 -5.63 26.13
N ILE A 53 72.43 -4.47 25.71
CA ILE A 53 73.21 -3.23 25.67
C ILE A 53 73.10 -2.54 27.01
N MET A 54 74.24 -2.13 27.57
CA MET A 54 74.26 -1.43 28.84
C MET A 54 75.44 -0.47 28.90
N GLY A 55 75.31 0.57 29.70
CA GLY A 55 76.39 1.50 29.91
C GLY A 55 77.49 0.92 30.79
N ARG A 56 78.62 1.62 30.83
CA ARG A 56 79.78 1.11 31.54
C ARG A 56 79.57 1.11 33.04
N LYS A 57 78.87 2.12 33.58
CA LYS A 57 78.63 2.15 35.01
C LYS A 57 77.70 1.02 35.44
N THR A 58 76.72 0.68 34.60
CA THR A 58 75.90 -0.49 34.86
C THR A 58 76.72 -1.77 34.74
N TRP A 59 77.66 -1.81 33.79
CA TRP A 59 78.56 -2.94 33.67
C TRP A 59 79.40 -3.12 34.93
N ASP A 60 79.80 -2.00 35.56
CA ASP A 60 80.51 -2.09 36.84
C ASP A 60 79.59 -2.61 37.94
N SER A 61 78.34 -2.14 37.97
CA SER A 61 77.45 -2.49 39.07
C SER A 61 77.08 -3.96 39.11
N ILE A 62 77.16 -4.67 37.98
CA ILE A 62 76.85 -6.09 37.95
C ILE A 62 78.13 -6.91 38.09
N GLY A 63 79.20 -6.26 38.55
CA GLY A 63 80.44 -6.95 38.84
C GLY A 63 81.31 -7.29 37.66
N ARG A 64 80.98 -6.78 36.46
CA ARG A 64 81.74 -7.07 35.25
C ARG A 64 81.85 -8.56 34.98
N ARG A 65 80.75 -9.27 35.17
CA ARG A 65 80.71 -10.70 34.91
C ARG A 65 79.59 -11.02 33.92
N PRO A 66 79.78 -11.97 33.01
CA PRO A 66 78.81 -12.19 31.95
C PRO A 66 77.52 -12.79 32.46
N LEU A 67 76.47 -12.64 31.65
CA LEU A 67 75.16 -13.21 31.92
C LEU A 67 74.98 -14.46 31.07
N LYS A 68 74.61 -15.56 31.72
CA LYS A 68 74.54 -16.86 31.05
C LYS A 68 73.59 -16.80 29.85
N ASN A 69 74.00 -17.44 28.76
CA ASN A 69 73.28 -17.63 27.51
C ASN A 69 73.10 -16.35 26.70
N ARG A 70 73.65 -15.22 27.14
CA ARG A 70 73.45 -13.95 26.46
C ARG A 70 74.79 -13.29 26.19
N ILE A 71 74.76 -12.32 25.28
CA ILE A 71 75.92 -11.51 24.92
C ILE A 71 75.70 -10.10 25.44
N ILE A 72 76.64 -9.61 26.23
CA ILE A 72 76.56 -8.28 26.82
C ILE A 72 77.32 -7.30 25.93
N VAL A 73 76.68 -6.18 25.62
CA VAL A 73 77.27 -5.11 24.81
C VAL A 73 77.45 -3.90 25.72
N VAL A 74 78.70 -3.54 25.99
CA VAL A 74 79.01 -2.42 26.89
C VAL A 74 79.36 -1.20 26.04
N ILE A 75 78.71 -0.08 26.34
CA ILE A 75 78.99 1.18 25.69
C ILE A 75 79.99 1.94 26.56
N SER A 76 81.18 2.23 26.02
CA SER A 76 82.20 2.90 26.80
C SER A 76 83.20 3.55 25.85
N SER A 77 83.76 4.68 26.29
CA SER A 77 84.79 5.35 25.52
C SER A 77 86.21 4.92 25.90
N SER A 78 86.39 4.33 27.10
CA SER A 78 87.71 3.99 27.58
C SER A 78 87.96 2.50 27.74
N LEU A 79 86.91 1.69 27.83
CA LEU A 79 87.10 0.26 28.04
C LEU A 79 87.84 -0.35 26.85
N PRO A 80 88.79 -1.24 27.10
CA PRO A 80 89.51 -1.87 25.98
C PRO A 80 88.57 -2.76 25.18
N GLN A 81 88.53 -2.53 23.87
CA GLN A 81 87.69 -3.34 22.97
C GLN A 81 88.31 -4.72 22.88
N ASP A 82 88.06 -5.52 23.93
CA ASP A 82 88.64 -6.84 24.05
C ASP A 82 87.90 -7.83 23.16
N GLU A 83 88.65 -8.83 22.68
CA GLU A 83 88.10 -9.92 21.90
C GLU A 83 88.28 -11.26 22.58
N ALA A 84 88.85 -11.30 23.78
CA ALA A 84 89.05 -12.55 24.48
C ALA A 84 87.73 -13.18 24.90
N ASP A 85 86.82 -12.36 25.45
CA ASP A 85 85.54 -12.86 25.93
C ASP A 85 84.51 -12.71 24.81
N PRO A 86 83.98 -13.82 24.27
CA PRO A 86 82.92 -13.69 23.26
C PRO A 86 81.56 -13.32 23.81
N ASN A 87 81.40 -13.30 25.13
CA ASN A 87 80.13 -12.93 25.76
C ASN A 87 80.08 -11.46 26.17
N VAL A 88 81.18 -10.72 26.03
CA VAL A 88 81.23 -9.30 26.35
C VAL A 88 81.95 -8.60 25.20
N VAL A 89 81.28 -7.64 24.58
CA VAL A 89 81.84 -6.85 23.50
C VAL A 89 81.65 -5.38 23.83
N VAL A 90 82.57 -4.53 23.37
CA VAL A 90 82.59 -3.12 23.71
C VAL A 90 82.45 -2.30 22.44
N PHE A 91 81.59 -1.27 22.50
CA PHE A 91 81.43 -0.31 21.42
C PHE A 91 81.62 1.10 21.97
N ARG A 92 81.99 2.02 21.07
CA ARG A 92 82.32 3.39 21.48
C ARG A 92 81.11 4.30 21.53
N ASN A 93 79.99 3.93 20.93
CA ASN A 93 78.77 4.73 21.00
C ASN A 93 77.58 3.81 20.76
N LEU A 94 76.40 4.32 21.09
CA LEU A 94 75.20 3.49 21.03
C LEU A 94 74.82 3.18 19.58
N GLU A 95 74.96 4.15 18.67
CA GLU A 95 74.59 3.92 17.28
C GLU A 95 75.45 2.83 16.65
N ASP A 96 76.76 2.86 16.90
CA ASP A 96 77.63 1.83 16.34
C ASP A 96 77.30 0.46 16.90
N SER A 97 76.87 0.38 18.16
CA SER A 97 76.49 -0.91 18.73
C SER A 97 75.24 -1.49 18.07
N ILE A 98 74.47 -0.66 17.37
CA ILE A 98 73.32 -1.15 16.60
C ILE A 98 73.84 -1.84 15.35
N GLU A 99 75.13 -2.17 15.33
CA GLU A 99 75.69 -3.11 14.37
C GLU A 99 75.12 -4.52 14.58
N ASN A 100 74.54 -4.79 15.76
CA ASN A 100 73.77 -6.02 15.94
C ASN A 100 72.67 -6.15 14.90
N LEU A 101 72.10 -5.02 14.46
CA LEU A 101 71.13 -5.03 13.38
C LEU A 101 71.80 -5.18 12.03
N MET A 102 72.75 -4.28 11.73
CA MET A 102 73.30 -4.13 10.38
C MET A 102 73.85 -5.44 9.84
N ASN A 103 74.27 -6.35 10.71
CA ASN A 103 74.68 -7.68 10.31
C ASN A 103 74.44 -8.64 11.46
N ASP A 104 75.34 -9.60 11.64
CA ASP A 104 75.28 -10.56 12.74
C ASP A 104 73.92 -11.24 12.84
N ASP A 105 73.66 -12.19 11.94
CA ASP A 105 72.40 -12.92 11.98
C ASP A 105 72.31 -13.90 13.15
N SER A 106 73.36 -14.03 13.96
CA SER A 106 73.31 -14.85 15.16
C SER A 106 72.69 -14.13 16.35
N ILE A 107 72.38 -12.85 16.22
CA ILE A 107 71.69 -12.08 17.25
C ILE A 107 70.23 -11.98 16.87
N GLU A 108 69.35 -12.54 17.70
CA GLU A 108 67.93 -12.52 17.38
C GLU A 108 67.23 -11.26 17.87
N ASN A 109 67.39 -10.93 19.15
CA ASN A 109 66.73 -9.76 19.73
C ASN A 109 67.76 -8.92 20.48
N ILE A 110 67.42 -7.64 20.64
CA ILE A 110 68.29 -6.65 21.27
C ILE A 110 67.54 -6.02 22.43
N PHE A 111 68.23 -5.85 23.56
CA PHE A 111 67.66 -5.27 24.76
C PHE A 111 68.55 -4.14 25.26
N VAL A 112 67.97 -2.96 25.42
CA VAL A 112 68.64 -1.83 26.07
C VAL A 112 68.38 -1.99 27.57
N CYS A 113 69.44 -2.30 28.32
CA CYS A 113 69.28 -2.90 29.63
C CYS A 113 69.60 -1.97 30.79
N GLY A 114 70.04 -0.75 30.56
CA GLY A 114 70.21 0.12 31.70
C GLY A 114 71.24 1.20 31.52
N GLY A 115 71.17 2.18 32.41
CA GLY A 115 71.92 3.41 32.30
C GLY A 115 71.03 4.53 31.83
N GLU A 116 70.84 5.56 32.66
CA GLU A 116 70.07 6.71 32.24
C GLU A 116 70.64 7.31 30.97
N SER A 117 71.97 7.35 30.84
CA SER A 117 72.58 7.86 29.63
C SER A 117 72.24 6.99 28.42
N ILE A 118 72.24 5.67 28.61
CA ILE A 118 71.92 4.77 27.51
C ILE A 118 70.43 4.81 27.18
N TYR A 119 69.57 4.83 28.20
CA TYR A 119 68.13 4.94 27.99
C TYR A 119 67.80 6.22 27.23
N ARG A 120 68.36 7.34 27.68
CA ARG A 120 68.00 8.63 27.11
C ARG A 120 68.43 8.72 25.64
N ASP A 121 69.61 8.18 25.32
CA ASP A 121 70.08 8.22 23.94
C ASP A 121 69.31 7.25 23.05
N ALA A 122 68.88 6.11 23.60
CA ALA A 122 68.13 5.14 22.80
C ALA A 122 66.75 5.68 22.43
N LEU A 123 66.13 6.43 23.33
CA LEU A 123 64.82 7.02 23.04
C LEU A 123 64.97 8.28 22.19
N LYS A 124 66.01 9.06 22.44
CA LYS A 124 66.23 10.29 21.67
C LYS A 124 66.47 10.00 20.20
N ASP A 125 67.21 8.93 19.91
CA ASP A 125 67.52 8.56 18.53
C ASP A 125 66.49 7.61 17.93
N ASN A 126 65.41 7.32 18.65
CA ASN A 126 64.30 6.52 18.15
C ASN A 126 64.75 5.13 17.71
N PHE A 127 65.52 4.47 18.59
CA PHE A 127 65.97 3.11 18.35
C PHE A 127 65.05 2.07 18.97
N VAL A 128 64.16 2.46 19.87
CA VAL A 128 63.44 1.53 20.74
C VAL A 128 62.05 1.26 20.16
N ASP A 129 61.69 -0.02 20.07
CA ASP A 129 60.35 -0.43 19.65
C ASP A 129 59.41 -0.71 20.82
N ARG A 130 59.93 -1.22 21.93
CA ARG A 130 59.10 -1.68 23.03
C ARG A 130 59.76 -1.31 24.35
N ILE A 131 58.95 -1.13 25.39
CA ILE A 131 59.43 -0.81 26.73
C ILE A 131 58.79 -1.77 27.72
N TYR A 132 59.63 -2.54 28.43
CA TYR A 132 59.18 -3.36 29.55
C TYR A 132 59.50 -2.60 30.83
N LEU A 133 58.47 -2.14 31.52
CA LEU A 133 58.62 -1.27 32.68
C LEU A 133 58.10 -1.97 33.93
N THR A 134 58.94 -2.02 34.97
CA THR A 134 58.54 -2.47 36.30
C THR A 134 58.37 -1.21 37.16
N ARG A 135 57.12 -0.92 37.53
CA ARG A 135 56.83 0.24 38.37
C ARG A 135 56.91 -0.18 39.83
N VAL A 136 57.83 0.45 40.58
CA VAL A 136 58.06 0.13 41.98
C VAL A 136 57.48 1.25 42.83
N ALA A 137 56.71 0.88 43.86
CA ALA A 137 56.03 1.86 44.71
C ALA A 137 56.93 2.25 45.89
N LEU A 138 58.02 2.94 45.57
CA LEU A 138 58.95 3.48 46.55
C LEU A 138 59.32 4.90 46.14
N GLU A 139 58.98 5.87 46.97
CA GLU A 139 59.19 7.24 46.50
C GLU A 139 59.95 8.13 47.49
N ASP A 140 59.70 7.99 48.79
CA ASP A 140 60.35 8.89 49.74
C ASP A 140 61.75 8.42 50.13
N ILE A 141 62.54 8.06 49.11
CA ILE A 141 63.94 7.70 49.26
C ILE A 141 64.74 8.51 48.24
N GLU A 142 66.06 8.41 48.34
CA GLU A 142 66.94 9.22 47.50
C GLU A 142 67.29 8.50 46.21
N PHE A 143 67.24 9.23 45.10
CA PHE A 143 67.66 8.74 43.80
C PHE A 143 68.67 9.71 43.21
N ASP A 144 69.56 9.19 42.37
CA ASP A 144 70.42 10.04 41.55
C ASP A 144 70.40 9.64 40.08
N THR A 145 69.63 8.62 39.71
CA THR A 145 69.53 8.15 38.34
C THR A 145 68.05 7.93 38.03
N TYR A 146 67.62 8.34 36.85
CA TYR A 146 66.20 8.35 36.51
C TYR A 146 65.98 7.72 35.15
N PHE A 147 64.83 7.07 35.00
CA PHE A 147 64.39 6.67 33.67
C PHE A 147 63.70 7.84 33.00
N PRO A 148 64.10 8.21 31.78
CA PRO A 148 63.50 9.38 31.13
C PRO A 148 62.00 9.20 30.91
N GLU A 149 61.32 10.33 30.71
CA GLU A 149 59.90 10.30 30.43
C GLU A 149 59.64 9.57 29.12
N ILE A 150 58.64 8.70 29.13
CA ILE A 150 58.29 7.92 27.94
C ILE A 150 57.72 8.87 26.89
N PRO A 151 58.29 8.94 25.70
CA PRO A 151 57.79 9.88 24.69
C PRO A 151 56.38 9.51 24.22
N GLU A 152 55.69 10.52 23.69
CA GLU A 152 54.29 10.36 23.29
C GLU A 152 54.10 9.37 22.15
N THR A 153 55.16 8.96 21.46
CA THR A 153 55.03 7.97 20.41
C THR A 153 54.74 6.58 20.96
N PHE A 154 54.88 6.36 22.26
CA PHE A 154 54.62 5.08 22.90
C PHE A 154 53.24 5.08 23.54
N LEU A 155 52.59 3.92 23.54
CA LEU A 155 51.32 3.73 24.20
C LEU A 155 51.33 2.43 24.99
N PRO A 156 50.75 2.44 26.19
CA PRO A 156 50.71 1.20 26.98
C PRO A 156 49.77 0.17 26.39
N VAL A 157 50.18 -1.09 26.43
CA VAL A 157 49.36 -2.19 25.94
C VAL A 157 49.14 -3.27 26.99
N TYR A 158 49.78 -3.19 28.15
CA TYR A 158 49.62 -4.21 29.17
C TYR A 158 49.97 -3.62 30.53
N MET A 159 49.19 -3.99 31.55
CA MET A 159 49.47 -3.59 32.93
C MET A 159 49.05 -4.75 33.83
N SER A 160 50.03 -5.38 34.47
CA SER A 160 49.75 -6.57 35.28
C SER A 160 49.07 -6.18 36.58
N GLN A 161 48.66 -7.21 37.32
CA GLN A 161 48.21 -7.03 38.68
C GLN A 161 49.37 -6.56 39.57
N THR A 162 49.03 -6.08 40.75
CA THR A 162 50.05 -5.66 41.70
C THR A 162 50.62 -6.88 42.43
N PHE A 163 51.94 -6.90 42.58
CA PHE A 163 52.65 -7.93 43.32
C PHE A 163 53.32 -7.30 44.54
N CYS A 164 53.73 -8.16 45.47
CA CYS A 164 54.29 -7.71 46.74
C CYS A 164 55.55 -8.49 47.08
N THR A 165 56.62 -7.76 47.42
CA THR A 165 57.86 -8.34 47.91
C THR A 165 58.35 -7.46 49.06
N LYS A 166 58.46 -8.04 50.26
CA LYS A 166 58.91 -7.32 51.45
C LYS A 166 58.06 -6.07 51.68
N ASN A 167 56.74 -6.20 51.49
CA ASN A 167 55.77 -5.14 51.63
C ASN A 167 55.93 -4.04 50.58
N ILE A 168 56.65 -4.31 49.50
CA ILE A 168 56.81 -3.34 48.41
C ILE A 168 55.91 -3.74 47.25
N SER A 169 55.05 -2.82 46.82
CA SER A 169 54.14 -3.05 45.72
C SER A 169 54.82 -2.73 44.39
N TYR A 170 54.53 -3.54 43.37
CA TYR A 170 55.05 -3.30 42.03
C TYR A 170 54.21 -4.06 41.01
N ASP A 171 54.24 -3.57 39.77
CA ASP A 171 53.57 -4.24 38.66
C ASP A 171 54.45 -4.12 37.41
N PHE A 172 53.97 -4.71 36.32
CA PHE A 172 54.71 -4.77 35.06
C PHE A 172 53.85 -4.21 33.94
N MET A 173 54.47 -3.38 33.10
CA MET A 173 53.78 -2.76 31.97
C MET A 173 54.57 -2.92 30.69
N ILE A 174 53.87 -2.91 29.56
CA ILE A 174 54.48 -2.94 28.24
C ILE A 174 54.01 -1.72 27.46
N PHE A 175 54.95 -0.99 26.88
CA PHE A 175 54.67 0.13 26.00
C PHE A 175 55.16 -0.20 24.59
N GLU A 176 54.41 0.24 23.58
CA GLU A 176 54.79 0.01 22.20
C GLU A 176 54.70 1.29 21.40
N LYS A 177 55.65 1.46 20.47
CA LYS A 177 55.75 2.65 19.64
C LYS A 177 54.80 2.53 18.45
N GLN A 178 53.79 3.40 18.42
CA GLN A 178 52.75 3.30 17.40
C GLN A 178 53.29 3.65 16.02
N GLU A 179 52.73 3.00 15.01
CA GLU A 179 53.13 3.22 13.61
C GLU A 179 52.23 4.26 12.94
N LEU A 193 38.33 -12.89 13.21
CA LEU A 193 38.21 -12.48 11.82
C LEU A 193 37.05 -11.49 11.65
N LYS A 194 37.13 -10.66 10.60
CA LYS A 194 36.07 -9.71 10.32
C LYS A 194 34.74 -10.38 10.00
N SER A 195 34.76 -11.66 9.60
CA SER A 195 33.52 -12.35 9.25
C SER A 195 32.60 -12.44 10.46
N ILE A 196 33.16 -12.71 11.64
CA ILE A 196 32.35 -12.79 12.85
C ILE A 196 31.85 -11.42 13.27
N ASP A 197 32.75 -10.43 13.27
CA ASP A 197 32.37 -9.08 13.67
C ASP A 197 31.33 -8.48 12.75
N ASP A 198 31.41 -8.78 11.45
CA ASP A 198 30.42 -8.27 10.51
C ASP A 198 29.06 -8.91 10.75
N THR A 199 29.04 -10.22 11.00
CA THR A 199 27.78 -10.90 11.26
C THR A 199 27.10 -10.37 12.52
N VAL A 200 27.88 -10.11 13.57
CA VAL A 200 27.32 -9.57 14.80
C VAL A 200 26.79 -8.16 14.57
N ASP A 201 27.50 -7.36 13.76
CA ASP A 201 27.02 -6.02 13.44
C ASP A 201 25.71 -6.08 12.66
N LEU A 202 25.64 -6.95 11.65
CA LEU A 202 24.44 -7.07 10.85
C LEU A 202 23.27 -7.56 11.71
N LEU A 203 23.51 -8.53 12.60
CA LEU A 203 22.46 -8.98 13.51
C LEU A 203 22.03 -7.86 14.45
N GLY A 204 22.95 -6.98 14.83
CA GLY A 204 22.59 -5.85 15.66
C GLY A 204 21.82 -4.77 14.93
N GLU A 205 21.88 -4.76 13.60
CA GLU A 205 21.07 -3.81 12.84
C GLU A 205 19.66 -4.32 12.63
N ILE A 206 19.52 -5.63 12.41
CA ILE A 206 18.22 -6.27 12.24
C ILE A 206 17.43 -6.20 13.54
N PHE A 207 17.93 -6.89 14.56
CA PHE A 207 17.32 -6.81 15.88
C PHE A 207 17.87 -5.57 16.59
N GLY A 208 16.98 -4.78 17.20
CA GLY A 208 17.44 -3.59 17.89
C GLY A 208 17.92 -3.91 19.28
N ILE A 209 17.18 -3.44 20.29
CA ILE A 209 17.46 -3.86 21.65
C ILE A 209 17.00 -5.28 21.93
N ARG A 210 16.43 -5.96 20.94
CA ARG A 210 16.10 -7.37 21.09
C ARG A 210 17.35 -8.25 21.19
N LYS A 211 18.46 -7.78 20.64
CA LYS A 211 19.73 -8.49 20.75
C LYS A 211 20.45 -8.00 22.01
N MET A 212 20.66 -8.92 22.96
CA MET A 212 21.14 -8.53 24.28
C MET A 212 22.50 -7.82 24.22
N GLY A 213 23.34 -8.17 23.25
CA GLY A 213 24.60 -7.46 23.10
C GLY A 213 24.44 -5.97 22.91
N ASN A 214 23.37 -5.54 22.23
CA ASN A 214 23.10 -4.12 22.06
C ASN A 214 22.69 -3.44 23.36
N ARG A 215 22.24 -4.20 24.35
CA ARG A 215 21.96 -3.63 25.67
C ARG A 215 23.21 -3.55 26.54
N HIS A 216 24.31 -4.20 26.12
CA HIS A 216 25.58 -4.16 26.84
C HIS A 216 26.68 -3.72 25.88
N LYS A 217 26.51 -2.54 25.30
CA LYS A 217 27.45 -2.05 24.30
C LYS A 217 28.80 -1.78 24.93
N PHE A 218 29.87 -2.09 24.19
CA PHE A 218 31.21 -1.82 24.67
C PHE A 218 31.42 -0.31 24.79
N PRO A 219 32.07 0.16 25.85
CA PRO A 219 32.23 1.60 26.04
C PRO A 219 33.05 2.24 24.93
N LYS A 220 32.63 3.43 24.52
CA LYS A 220 33.37 4.19 23.53
C LYS A 220 34.74 4.61 24.08
N GLU A 221 35.67 4.88 23.16
CA GLU A 221 37.04 5.18 23.54
C GLU A 221 37.13 6.40 24.46
N GLU A 222 36.26 7.39 24.26
CA GLU A 222 36.37 8.63 25.02
C GLU A 222 36.01 8.45 26.48
N ILE A 223 35.38 7.34 26.85
CA ILE A 223 35.02 7.07 28.23
C ILE A 223 35.68 5.78 28.74
N TYR A 224 36.71 5.31 28.03
CA TYR A 224 37.42 4.09 28.39
C TYR A 224 38.79 4.48 28.95
N ASN A 225 39.10 4.03 30.16
CA ASN A 225 40.35 4.41 30.81
C ASN A 225 41.53 3.73 30.12
N THR A 226 42.53 4.53 29.74
CA THR A 226 43.74 4.08 29.07
C THR A 226 43.36 3.15 27.91
N PRO A 227 42.76 3.69 26.84
CA PRO A 227 42.15 2.82 25.82
C PRO A 227 43.15 1.96 25.05
N SER A 228 44.43 2.34 25.01
CA SER A 228 45.40 1.57 24.25
C SER A 228 45.67 0.21 24.87
N ILE A 229 45.33 0.02 26.15
CA ILE A 229 45.45 -1.28 26.80
C ILE A 229 44.16 -2.04 26.51
N ARG A 230 44.19 -2.84 25.45
CA ARG A 230 43.00 -3.56 25.00
C ARG A 230 42.94 -4.98 25.56
N PHE A 231 44.05 -5.73 25.45
CA PHE A 231 44.09 -7.14 25.84
C PHE A 231 44.91 -7.38 27.10
N GLY A 232 45.33 -6.32 27.79
CA GLY A 232 46.16 -6.48 28.97
C GLY A 232 45.66 -5.73 30.18
N ARG A 233 44.35 -5.68 30.38
CA ARG A 233 43.80 -4.96 31.52
C ARG A 233 43.75 -5.87 32.75
N GLU A 234 44.95 -6.28 33.15
CA GLU A 234 45.08 -7.24 34.24
C GLU A 234 45.00 -6.58 35.61
N HIS A 235 45.49 -5.35 35.74
CA HIS A 235 45.38 -4.61 36.98
C HIS A 235 43.92 -4.53 37.41
N TYR A 236 43.63 -4.99 38.63
CA TYR A 236 42.25 -5.15 39.07
C TYR A 236 41.56 -3.82 39.41
N GLU A 237 42.26 -2.69 39.36
CA GLU A 237 41.55 -1.42 39.44
C GLU A 237 40.69 -1.19 38.19
N PHE A 238 41.06 -1.81 37.06
CA PHE A 238 40.20 -1.76 35.88
C PHE A 238 38.84 -2.38 36.12
N GLN A 239 38.73 -3.28 37.10
CA GLN A 239 37.42 -3.84 37.45
C GLN A 239 36.46 -2.74 37.90
N TYR A 240 36.97 -1.72 38.58
CA TYR A 240 36.12 -0.60 38.99
C TYR A 240 35.97 0.42 37.86
N LEU A 241 37.08 0.77 37.22
CA LEU A 241 37.05 1.81 36.18
C LEU A 241 36.19 1.39 35.00
N ASP A 242 36.32 0.14 34.55
CA ASP A 242 35.54 -0.33 33.42
C ASP A 242 34.05 -0.43 33.74
N LEU A 243 33.70 -0.60 35.02
CA LEU A 243 32.30 -0.57 35.40
C LEU A 243 31.74 0.84 35.25
N LEU A 244 32.53 1.86 35.58
CA LEU A 244 32.14 3.24 35.30
C LEU A 244 31.88 3.44 33.81
N SER A 245 32.77 2.91 32.97
CA SER A 245 32.62 3.07 31.53
C SER A 245 31.36 2.39 31.03
N ARG A 246 31.06 1.20 31.56
CA ARG A 246 29.85 0.48 31.15
C ARG A 246 28.60 1.27 31.52
N VAL A 247 28.61 1.93 32.68
CA VAL A 247 27.45 2.72 33.09
C VAL A 247 27.31 3.96 32.21
N LEU A 248 28.42 4.65 31.95
CA LEU A 248 28.36 5.81 31.07
C LEU A 248 27.87 5.44 29.68
N GLU A 249 28.18 4.24 29.22
CA GLU A 249 27.80 3.82 27.86
C GLU A 249 26.35 3.38 27.81
N ASN A 250 25.91 2.54 28.75
CA ASN A 250 24.61 1.88 28.67
C ASN A 250 23.63 2.34 29.73
N GLY A 251 24.04 3.20 30.66
CA GLY A 251 23.17 3.59 31.76
C GLY A 251 21.90 4.31 31.35
N ALA A 252 20.76 3.84 31.86
CA ALA A 252 19.48 4.47 31.62
C ALA A 252 19.26 5.60 32.62
N TYR A 253 18.74 6.73 32.13
CA TYR A 253 18.47 7.89 32.96
C TYR A 253 17.22 7.62 33.78
N ARG A 254 17.38 7.54 35.11
CA ARG A 254 16.29 7.15 35.98
C ARG A 254 16.26 8.05 37.20
N GLU A 255 15.06 8.33 37.69
CA GLU A 255 14.87 9.05 38.94
C GLU A 255 14.88 8.08 40.11
N ASN A 256 15.02 8.64 41.31
CA ASN A 256 15.07 7.83 42.52
C ASN A 256 14.57 8.67 43.69
N ARG A 257 14.66 8.08 44.89
CA ARG A 257 14.11 8.71 46.09
C ARG A 257 14.73 10.09 46.34
N THR A 258 16.02 10.26 46.01
CA THR A 258 16.65 11.56 46.12
C THR A 258 16.27 12.44 44.94
N GLY A 259 16.57 13.73 45.06
CA GLY A 259 16.29 14.63 43.95
C GLY A 259 17.23 14.48 42.77
N ILE A 260 18.29 13.69 42.91
CA ILE A 260 19.35 13.59 41.91
C ILE A 260 19.16 12.29 41.14
N SER A 261 18.93 12.40 39.83
CA SER A 261 18.77 11.24 38.98
C SER A 261 20.12 10.60 38.67
N THR A 262 20.07 9.34 38.24
CA THR A 262 21.27 8.57 37.94
C THR A 262 21.18 7.97 36.55
N TYR A 263 22.32 7.47 36.09
CA TYR A 263 22.39 6.56 34.95
C TYR A 263 22.70 5.17 35.51
N SER A 264 21.87 4.19 35.17
CA SER A 264 21.81 2.94 35.91
C SER A 264 21.80 1.73 34.98
N ILE A 265 22.52 0.68 35.38
CA ILE A 265 22.42 -0.66 34.81
C ILE A 265 22.23 -1.64 35.95
N PHE A 266 21.90 -2.89 35.59
CA PHE A 266 21.52 -3.90 36.58
C PHE A 266 22.28 -5.19 36.34
N GLY A 267 22.99 -5.66 37.37
CA GLY A 267 23.70 -6.93 37.31
C GLY A 267 25.14 -6.82 36.85
N GLN A 268 26.06 -6.51 37.76
CA GLN A 268 27.47 -6.34 37.43
C GLN A 268 28.33 -6.99 38.52
N MET A 269 29.62 -7.13 38.24
CA MET A 269 30.52 -7.73 39.21
C MET A 269 31.93 -7.18 39.05
N MET A 270 32.71 -7.28 40.13
CA MET A 270 34.11 -6.86 40.17
C MET A 270 34.89 -7.88 41.00
N ARG A 271 36.08 -8.22 40.54
CA ARG A 271 36.99 -9.10 41.27
C ARG A 271 38.22 -8.31 41.71
N PHE A 272 38.73 -8.64 42.90
CA PHE A 272 39.94 -8.01 43.41
C PHE A 272 40.78 -9.04 44.13
N ASP A 273 42.09 -9.04 43.84
CA ASP A 273 43.03 -9.86 44.60
C ASP A 273 43.32 -9.21 45.95
N MET A 274 43.57 -10.06 46.95
CA MET A 274 44.01 -9.59 48.26
C MET A 274 45.25 -10.31 48.76
N ARG A 275 45.81 -11.24 47.98
CA ARG A 275 47.01 -11.94 48.42
C ARG A 275 48.26 -11.08 48.24
N GLU A 276 48.32 -10.30 47.15
CA GLU A 276 49.52 -9.57 46.79
C GLU A 276 49.36 -8.06 46.86
N SER A 277 48.22 -7.55 47.29
CA SER A 277 47.99 -6.11 47.42
C SER A 277 46.65 -5.89 48.12
N PHE A 278 46.35 -4.62 48.37
CA PHE A 278 45.10 -4.20 49.01
C PHE A 278 44.34 -3.31 48.03
N PRO A 279 43.09 -3.62 47.68
CA PRO A 279 42.37 -2.88 46.62
C PRO A 279 41.87 -1.51 47.08
N LEU A 280 42.81 -0.59 47.27
CA LEU A 280 42.50 0.81 47.54
C LEU A 280 42.79 1.61 46.28
N LEU A 281 41.75 2.23 45.72
CA LEU A 281 41.86 2.87 44.41
C LEU A 281 43.00 3.89 44.39
N THR A 282 43.74 3.91 43.28
CA THR A 282 44.83 4.86 43.10
C THR A 282 44.47 6.04 42.20
N THR A 283 43.48 5.89 41.33
CA THR A 283 43.03 6.99 40.49
C THR A 283 42.32 8.09 41.27
N LYS A 284 42.23 7.95 42.58
CA LYS A 284 41.59 8.93 43.45
C LYS A 284 42.03 8.64 44.87
N LYS A 285 42.37 9.68 45.63
CA LYS A 285 42.73 9.49 47.03
C LYS A 285 41.47 9.13 47.83
N VAL A 286 41.47 7.95 48.43
CA VAL A 286 40.32 7.43 49.15
C VAL A 286 40.54 7.61 50.65
N ALA A 287 39.51 8.09 51.35
CA ALA A 287 39.58 8.36 52.79
C ALA A 287 39.58 7.03 53.54
N ILE A 288 40.77 6.43 53.65
CA ILE A 288 40.89 5.11 54.24
C ILE A 288 40.53 5.12 55.73
N ARG A 289 40.80 6.24 56.42
CA ARG A 289 40.53 6.28 57.85
C ARG A 289 39.02 6.26 58.13
N SER A 290 38.24 7.00 57.33
CA SER A 290 36.80 6.95 57.49
C SER A 290 36.25 5.56 57.20
N ILE A 291 36.85 4.86 56.23
CA ILE A 291 36.41 3.50 55.91
C ILE A 291 36.62 2.58 57.10
N PHE A 292 37.82 2.62 57.69
CA PHE A 292 38.09 1.76 58.84
C PHE A 292 37.19 2.10 60.01
N GLU A 293 37.01 3.40 60.28
CA GLU A 293 36.21 3.81 61.42
C GLU A 293 34.76 3.37 61.28
N GLU A 294 34.24 3.37 60.05
CA GLU A 294 32.89 2.86 59.83
C GLU A 294 32.82 1.36 60.04
N LEU A 295 33.86 0.63 59.60
CA LEU A 295 33.83 -0.83 59.69
C LEU A 295 33.90 -1.31 61.13
N ILE A 296 34.83 -0.75 61.92
CA ILE A 296 34.89 -1.14 63.33
C ILE A 296 33.64 -0.68 64.05
N TRP A 297 32.99 0.37 63.55
CA TRP A 297 31.69 0.79 64.06
C TRP A 297 30.63 -0.28 63.79
N PHE A 298 30.69 -0.92 62.63
CA PHE A 298 29.80 -2.05 62.35
C PHE A 298 30.12 -3.23 63.24
N ILE A 299 31.40 -3.57 63.36
CA ILE A 299 31.82 -4.78 64.07
C ILE A 299 31.42 -4.71 65.53
N LYS A 300 31.58 -3.55 66.16
CA LYS A 300 31.21 -3.38 67.56
C LYS A 300 29.71 -3.45 67.80
N GLY A 301 28.91 -3.49 66.74
CA GLY A 301 27.47 -3.52 66.90
C GLY A 301 26.81 -2.17 67.06
N ASP A 302 27.53 -1.09 66.76
CA ASP A 302 27.06 0.24 67.09
C ASP A 302 26.13 0.79 66.01
N THR A 303 25.11 1.53 66.45
CA THR A 303 24.21 2.25 65.57
C THR A 303 24.10 3.72 65.95
N ASN A 304 24.92 4.19 66.89
CA ASN A 304 24.91 5.58 67.32
C ASN A 304 25.75 6.39 66.35
N GLY A 305 25.10 7.28 65.59
CA GLY A 305 25.80 8.10 64.62
C GLY A 305 26.73 9.14 65.23
N ASN A 306 26.53 9.47 66.51
CA ASN A 306 27.40 10.44 67.15
C ASN A 306 28.82 9.91 67.34
N HIS A 307 28.97 8.60 67.54
CA HIS A 307 30.30 8.03 67.75
C HIS A 307 31.17 8.19 66.52
N LEU A 308 30.58 8.25 65.33
CA LEU A 308 31.35 8.52 64.12
C LEU A 308 31.68 10.00 63.99
N ILE A 309 30.73 10.88 64.33
CA ILE A 309 30.98 12.32 64.26
C ILE A 309 32.03 12.71 65.29
N GLU A 310 32.02 12.07 66.47
CA GLU A 310 33.03 12.35 67.48
C GLU A 310 34.42 11.95 67.00
N LYS A 311 34.49 10.99 66.08
CA LYS A 311 35.76 10.60 65.46
C LYS A 311 36.00 11.34 64.13
N LYS A 312 35.28 12.45 63.90
CA LYS A 312 35.44 13.28 62.71
C LYS A 312 35.17 12.48 61.43
N VAL A 313 34.18 11.61 61.47
CA VAL A 313 33.69 10.87 60.32
C VAL A 313 32.23 11.25 60.12
N TYR A 314 31.92 11.88 58.98
CA TYR A 314 30.60 12.46 58.75
C TYR A 314 29.88 11.82 57.58
N ILE A 315 30.19 10.56 57.25
CA ILE A 315 29.56 9.94 56.09
C ILE A 315 28.10 9.61 56.36
N TRP A 316 27.73 9.39 57.61
CA TRP A 316 26.37 9.06 57.99
C TRP A 316 25.59 10.26 58.52
N SER A 317 26.11 11.48 58.30
CA SER A 317 25.40 12.67 58.78
C SER A 317 24.13 12.92 57.99
N GLY A 318 24.20 12.78 56.66
CA GLY A 318 23.05 13.12 55.83
C GLY A 318 21.82 12.28 56.12
N ASN A 319 22.00 10.97 56.29
CA ASN A 319 20.90 10.08 56.58
C ASN A 319 20.58 10.01 58.07
N GLY A 320 21.14 10.91 58.86
CA GLY A 320 20.89 10.95 60.29
C GLY A 320 20.57 12.33 60.83
N SER A 321 20.08 13.22 59.97
CA SER A 321 19.68 14.54 60.42
C SER A 321 18.24 14.52 60.92
N LYS A 322 17.88 15.53 61.72
CA LYS A 322 16.52 15.64 62.21
C LYS A 322 15.53 15.84 61.07
N GLU A 323 15.93 16.61 60.04
CA GLU A 323 15.05 16.86 58.91
C GLU A 323 14.82 15.59 58.10
N TYR A 324 15.89 14.81 57.87
CA TYR A 324 15.76 13.59 57.08
C TYR A 324 14.95 12.54 57.83
N LEU A 325 15.23 12.36 59.12
CA LEU A 325 14.52 11.34 59.90
C LEU A 325 13.03 11.63 59.96
N GLU A 326 12.66 12.90 60.18
CA GLU A 326 11.25 13.25 60.19
C GLU A 326 10.61 13.02 58.83
N ARG A 327 11.36 13.25 57.75
CA ARG A 327 10.81 13.11 56.41
C ARG A 327 10.46 11.66 56.08
N ILE A 328 11.23 10.70 56.59
CA ILE A 328 11.00 9.30 56.29
C ILE A 328 10.14 8.64 57.38
N GLY A 329 9.57 9.44 58.27
CA GLY A 329 8.64 8.93 59.25
C GLY A 329 9.25 8.45 60.55
N LEU A 330 10.47 8.89 60.88
CA LEU A 330 11.13 8.54 62.12
C LEU A 330 11.39 9.78 62.97
N GLY A 331 10.43 10.70 63.01
CA GLY A 331 10.58 11.92 63.77
C GLY A 331 10.69 11.70 65.27
N HIS A 332 10.18 10.59 65.78
CA HIS A 332 10.30 10.26 67.19
C HIS A 332 11.74 9.97 67.58
N ARG A 333 12.58 9.64 66.61
CA ARG A 333 13.94 9.19 66.87
C ARG A 333 14.85 10.36 67.24
N GLU A 334 15.89 10.05 68.02
CA GLU A 334 16.91 11.04 68.34
C GLU A 334 17.70 11.38 67.07
N GLU A 335 18.43 12.49 67.13
CA GLU A 335 19.12 13.05 65.97
C GLU A 335 19.87 12.01 65.15
N ASN A 336 20.95 11.45 65.68
CA ASN A 336 21.79 10.51 64.94
C ASN A 336 21.51 9.06 65.30
N ASP A 337 20.30 8.74 65.76
CA ASP A 337 19.93 7.35 66.04
C ASP A 337 19.43 6.74 64.73
N LEU A 338 20.31 5.96 64.08
CA LEU A 338 20.03 5.43 62.75
C LEU A 338 19.15 4.19 62.77
N GLY A 339 18.90 3.61 63.95
CA GLY A 339 18.06 2.44 64.05
C GLY A 339 18.85 1.17 63.81
N PRO A 340 18.14 0.04 63.69
CA PRO A 340 18.85 -1.23 63.49
C PRO A 340 19.35 -1.38 62.07
N ILE A 341 20.63 -1.12 61.86
CA ILE A 341 21.21 -1.11 60.52
C ILE A 341 22.43 -2.01 60.58
N TYR A 342 23.34 -1.86 59.63
CA TYR A 342 24.62 -2.58 59.70
C TYR A 342 25.16 -2.50 61.12
N GLY A 343 25.63 -3.65 61.60
CA GLY A 343 26.16 -3.76 62.94
C GLY A 343 25.13 -4.02 64.02
N PHE A 344 23.85 -3.86 63.74
CA PHE A 344 22.86 -4.36 64.67
C PHE A 344 22.30 -5.69 64.19
N GLN A 345 22.17 -5.85 62.87
CA GLN A 345 21.86 -7.15 62.32
C GLN A 345 23.07 -8.07 62.35
N TRP A 346 24.29 -7.51 62.34
CA TRP A 346 25.49 -8.33 62.44
C TRP A 346 25.59 -9.00 63.80
N ARG A 347 25.29 -8.26 64.87
CA ARG A 347 25.49 -8.73 66.23
C ARG A 347 24.22 -9.08 66.97
N HIS A 348 23.06 -8.54 66.56
CA HIS A 348 21.80 -8.78 67.24
C HIS A 348 20.67 -8.96 66.21
N TYR A 349 20.82 -9.94 65.34
CA TYR A 349 19.81 -10.15 64.30
C TYR A 349 18.48 -10.58 64.92
N ASN A 350 17.39 -9.98 64.45
CA ASN A 350 16.03 -10.17 64.94
C ASN A 350 15.83 -9.66 66.37
N GLY A 351 16.82 -8.98 66.93
CA GLY A 351 16.65 -8.41 68.26
C GLY A 351 15.74 -7.19 68.21
N GLU A 352 14.93 -7.04 69.26
CA GLU A 352 14.00 -5.91 69.34
C GLU A 352 14.78 -4.62 69.58
N TYR A 353 14.68 -3.69 68.64
CA TYR A 353 15.39 -2.42 68.73
C TYR A 353 14.52 -1.39 69.45
N LYS A 354 15.13 -0.64 70.37
CA LYS A 354 14.45 0.43 71.07
C LYS A 354 15.07 1.76 70.69
N THR A 355 16.17 2.13 71.35
CA THR A 355 16.97 3.30 70.99
C THR A 355 18.42 2.86 70.87
N MET A 356 19.28 3.82 70.50
CA MET A 356 20.71 3.55 70.38
C MET A 356 21.44 3.56 71.72
N HIS A 357 20.75 3.89 72.81
CA HIS A 357 21.37 3.97 74.12
C HIS A 357 21.12 2.72 74.97
N ASP A 358 20.24 1.83 74.54
CA ASP A 358 19.87 0.68 75.36
C ASP A 358 20.95 -0.39 75.33
N ASP A 359 20.83 -1.32 76.29
CA ASP A 359 21.79 -2.41 76.42
C ASP A 359 21.25 -3.63 75.68
N TYR A 360 21.97 -4.06 74.64
CA TYR A 360 21.53 -5.16 73.79
C TYR A 360 22.39 -6.41 73.96
N THR A 361 23.19 -6.49 75.03
CA THR A 361 24.03 -7.65 75.25
C THR A 361 23.16 -8.87 75.50
N GLY A 362 23.20 -9.83 74.59
CA GLY A 362 22.45 -11.07 74.70
C GLY A 362 21.25 -11.17 73.78
N VAL A 363 20.74 -10.06 73.27
CA VAL A 363 19.54 -10.08 72.44
C VAL A 363 19.95 -10.32 70.98
N GLY A 364 19.10 -11.05 70.26
CA GLY A 364 19.33 -11.32 68.86
C GLY A 364 20.41 -12.37 68.61
N VAL A 365 20.55 -12.72 67.34
CA VAL A 365 21.55 -13.71 66.91
C VAL A 365 22.84 -12.98 66.56
N ASP A 366 23.95 -13.42 67.18
CA ASP A 366 25.26 -12.82 66.92
C ASP A 366 25.86 -13.52 65.70
N GLN A 367 25.56 -12.97 64.52
CA GLN A 367 26.06 -13.57 63.27
C GLN A 367 27.58 -13.55 63.20
N LEU A 368 28.19 -12.41 63.57
CA LEU A 368 29.63 -12.27 63.45
C LEU A 368 30.37 -13.27 64.33
N ALA A 369 29.91 -13.46 65.56
CA ALA A 369 30.54 -14.42 66.45
C ALA A 369 30.41 -15.84 65.92
N LYS A 370 29.22 -16.21 65.42
CA LYS A 370 29.03 -17.54 64.87
C LYS A 370 29.82 -17.74 63.58
N LEU A 371 29.96 -16.68 62.77
CA LEU A 371 30.78 -16.77 61.57
C LEU A 371 32.23 -17.09 61.91
N ILE A 372 32.79 -16.38 62.89
CA ILE A 372 34.18 -16.59 63.28
C ILE A 372 34.38 -18.02 63.77
N GLU A 373 33.44 -18.55 64.56
CA GLU A 373 33.61 -19.90 65.09
C GLU A 373 33.52 -20.96 63.99
N THR A 374 32.57 -20.83 63.07
CA THR A 374 32.45 -21.81 61.99
C THR A 374 33.62 -21.72 61.02
N LEU A 375 34.19 -20.53 60.83
CA LEU A 375 35.30 -20.38 59.89
C LEU A 375 36.51 -21.19 60.33
N LYS A 376 36.74 -21.33 61.64
CA LYS A 376 37.89 -22.07 62.11
C LYS A 376 37.55 -23.46 62.64
N ASN A 377 36.28 -23.76 62.88
CA ASN A 377 35.89 -25.10 63.29
C ASN A 377 35.36 -25.96 62.14
N ASN A 378 34.86 -25.33 61.08
CA ASN A 378 34.36 -26.05 59.91
C ASN A 378 34.67 -25.22 58.67
N PRO A 379 35.95 -25.17 58.26
CA PRO A 379 36.32 -24.25 57.17
C PRO A 379 35.68 -24.59 55.84
N LYS A 380 35.53 -25.86 55.50
CA LYS A 380 34.95 -26.23 54.21
C LYS A 380 33.44 -26.19 54.21
N ASP A 381 32.82 -25.72 55.31
CA ASP A 381 31.38 -25.53 55.33
C ASP A 381 30.96 -24.50 54.29
N ARG A 382 29.86 -24.77 53.59
CA ARG A 382 29.37 -23.93 52.51
C ARG A 382 28.29 -22.96 52.96
N ARG A 383 28.32 -22.56 54.24
CA ARG A 383 27.27 -21.72 54.81
C ARG A 383 27.82 -20.56 55.63
N HIS A 384 29.06 -20.15 55.38
CA HIS A 384 29.64 -18.99 56.05
C HIS A 384 28.99 -17.71 55.53
N ILE A 385 27.85 -17.33 56.09
CA ILE A 385 27.03 -16.26 55.53
C ILE A 385 26.74 -15.22 56.60
N LEU A 386 26.85 -13.94 56.21
CA LEU A 386 26.51 -12.81 57.06
C LEU A 386 25.52 -11.94 56.29
N THR A 387 24.32 -11.77 56.85
CA THR A 387 23.27 -11.03 56.17
C THR A 387 22.83 -9.83 57.00
N ALA A 388 22.33 -8.81 56.31
CA ALA A 388 21.78 -7.63 56.97
C ALA A 388 20.37 -7.29 56.51
N TRP A 389 19.80 -8.04 55.56
CA TRP A 389 18.46 -7.76 55.06
C TRP A 389 17.45 -8.46 55.96
N ASN A 390 16.85 -7.70 56.85
CA ASN A 390 15.84 -8.21 57.79
C ASN A 390 14.50 -7.55 57.47
N PRO A 391 13.59 -8.24 56.79
CA PRO A 391 12.31 -7.60 56.44
C PRO A 391 11.51 -7.09 57.63
N SER A 392 11.72 -7.66 58.82
CA SER A 392 10.98 -7.21 59.99
C SER A 392 11.47 -5.87 60.53
N ALA A 393 12.69 -5.46 60.20
CA ALA A 393 13.29 -4.27 60.76
C ALA A 393 13.49 -3.15 59.74
N LEU A 394 13.15 -3.38 58.47
CA LEU A 394 13.44 -2.39 57.43
C LEU A 394 12.78 -1.04 57.72
N SER A 395 11.56 -1.06 58.25
CA SER A 395 10.84 0.19 58.46
C SER A 395 11.50 1.06 59.53
N GLN A 396 12.25 0.45 60.45
CA GLN A 396 12.90 1.19 61.52
C GLN A 396 14.27 1.72 61.13
N MET A 397 14.80 1.33 59.98
CA MET A 397 16.13 1.74 59.56
C MET A 397 16.10 3.11 58.91
N ALA A 398 17.12 3.92 59.20
CA ALA A 398 17.26 5.19 58.49
C ALA A 398 17.51 4.95 57.00
N LEU A 399 18.08 3.82 56.66
CA LEU A 399 18.34 3.43 55.27
C LEU A 399 18.46 1.91 55.20
N PRO A 400 17.77 1.25 54.28
CA PRO A 400 17.93 -0.19 54.15
C PRO A 400 19.33 -0.54 53.74
N PRO A 401 19.80 -1.74 54.07
CA PRO A 401 21.20 -2.11 53.79
C PRO A 401 21.47 -2.14 52.29
N CYS A 402 22.60 -1.54 51.90
CA CYS A 402 23.06 -1.61 50.51
C CYS A 402 23.90 -2.84 50.26
N HIS A 403 24.98 -3.03 51.03
CA HIS A 403 25.69 -4.30 51.01
C HIS A 403 24.87 -5.27 51.86
N VAL A 404 24.13 -6.13 51.18
CA VAL A 404 23.03 -6.87 51.78
C VAL A 404 23.47 -8.20 52.36
N LEU A 405 24.33 -8.93 51.66
CA LEU A 405 24.71 -10.27 52.08
C LEU A 405 26.13 -10.57 51.64
N SER A 406 26.87 -11.27 52.48
CA SER A 406 28.25 -11.64 52.18
C SER A 406 28.49 -13.09 52.57
N GLN A 407 29.31 -13.77 51.78
CA GLN A 407 29.67 -15.17 52.03
C GLN A 407 31.19 -15.29 52.05
N TYR A 408 31.68 -16.25 52.83
CA TYR A 408 33.10 -16.41 53.06
C TYR A 408 33.50 -17.86 52.79
N TYR A 409 34.74 -18.02 52.35
CA TYR A 409 35.22 -19.28 51.78
C TYR A 409 36.67 -19.50 52.19
N VAL A 410 36.97 -20.68 52.72
CA VAL A 410 38.32 -21.03 53.13
C VAL A 410 38.91 -21.95 52.06
N THR A 411 39.91 -21.45 51.34
CA THR A 411 40.54 -22.24 50.29
C THR A 411 41.37 -23.36 50.90
N ASN A 412 41.81 -24.27 50.04
CA ASN A 412 42.60 -25.42 50.51
C ASN A 412 43.97 -25.00 51.01
N ASP A 413 44.51 -23.88 50.49
CA ASP A 413 45.78 -23.35 50.98
C ASP A 413 45.59 -22.29 52.07
N ASN A 414 44.47 -22.38 52.81
CA ASN A 414 44.24 -21.60 54.03
C ASN A 414 44.18 -20.10 53.76
N CYS A 415 43.49 -19.72 52.70
CA CYS A 415 43.17 -18.33 52.42
C CYS A 415 41.67 -18.11 52.56
N LEU A 416 41.29 -16.89 52.94
CA LEU A 416 39.90 -16.52 53.18
C LEU A 416 39.43 -15.57 52.08
N SER A 417 38.46 -16.01 51.29
CA SER A 417 37.89 -15.20 50.23
C SER A 417 36.49 -14.74 50.63
N CYS A 418 36.03 -13.68 49.97
CA CYS A 418 34.77 -13.04 50.32
C CYS A 418 33.97 -12.70 49.07
N ASN A 419 32.69 -13.06 49.09
CA ASN A 419 31.71 -12.61 48.11
C ASN A 419 30.74 -11.65 48.79
N LEU A 420 30.36 -10.60 48.07
CA LEU A 420 29.40 -9.63 48.57
C LEU A 420 28.35 -9.36 47.51
N TYR A 421 27.08 -9.40 47.89
CA TYR A 421 26.00 -8.93 47.01
C TYR A 421 25.55 -7.56 47.49
N GLN A 422 25.57 -6.59 46.58
CA GLN A 422 25.20 -5.21 46.87
C GLN A 422 23.98 -4.86 46.02
N ARG A 423 22.87 -4.51 46.69
CA ARG A 423 21.63 -4.25 45.97
C ARG A 423 21.66 -2.91 45.24
N SER A 424 22.42 -1.94 45.75
CA SER A 424 22.45 -0.60 45.18
C SER A 424 23.85 -0.04 45.39
N CYS A 425 24.44 0.50 44.33
CA CYS A 425 25.85 0.89 44.34
C CYS A 425 26.02 2.30 43.81
N ASP A 426 26.25 3.25 44.71
CA ASP A 426 26.70 4.59 44.34
C ASP A 426 28.16 4.50 43.92
N LEU A 427 28.40 4.45 42.61
CA LEU A 427 29.75 4.20 42.11
C LEU A 427 30.71 5.35 42.41
N GLY A 428 30.19 6.57 42.55
CA GLY A 428 31.06 7.71 42.78
C GLY A 428 31.61 7.75 44.20
N LEU A 429 30.75 7.50 45.19
CA LEU A 429 31.13 7.61 46.60
C LEU A 429 31.10 6.29 47.34
N GLY A 430 30.01 5.53 47.21
CA GLY A 430 29.87 4.33 48.03
C GLY A 430 30.78 3.20 47.60
N SER A 431 30.91 3.00 46.28
CA SER A 431 31.65 1.83 45.79
C SER A 431 33.11 1.80 46.22
N PRO A 432 33.89 2.87 46.08
CA PRO A 432 35.27 2.81 46.58
C PRO A 432 35.35 2.48 48.06
N PHE A 433 34.38 2.94 48.85
CA PHE A 433 34.33 2.57 50.26
C PHE A 433 34.04 1.09 50.44
N ASN A 434 33.04 0.57 49.70
CA ASN A 434 32.65 -0.82 49.86
C ASN A 434 33.78 -1.78 49.52
N ILE A 435 34.55 -1.46 48.47
CA ILE A 435 35.66 -2.32 48.07
C ILE A 435 36.69 -2.44 49.19
N ALA A 436 37.12 -1.29 49.73
CA ALA A 436 38.11 -1.30 50.80
C ALA A 436 37.52 -1.82 52.10
N SER A 437 36.24 -1.55 52.35
CA SER A 437 35.63 -1.96 53.61
C SER A 437 35.64 -3.48 53.77
N TYR A 438 35.11 -4.19 52.78
CA TYR A 438 35.07 -5.65 52.87
C TYR A 438 36.43 -6.28 52.67
N ALA A 439 37.37 -5.56 52.07
CA ALA A 439 38.75 -6.06 52.03
C ALA A 439 39.35 -6.08 53.43
N ILE A 440 39.15 -4.99 54.19
CA ILE A 440 39.65 -4.95 55.58
C ILE A 440 38.95 -6.00 56.41
N LEU A 441 37.62 -6.12 56.28
CA LEU A 441 36.87 -7.09 57.06
C LEU A 441 37.36 -8.51 56.82
N THR A 442 37.60 -8.86 55.55
CA THR A 442 38.09 -10.21 55.25
C THR A 442 39.47 -10.42 55.84
N MET A 443 40.31 -9.37 55.84
CA MET A 443 41.63 -9.49 56.45
C MET A 443 41.51 -9.66 57.97
N MET A 444 40.61 -8.91 58.60
CA MET A 444 40.39 -9.07 60.04
C MET A 444 39.94 -10.47 60.38
N LEU A 445 38.94 -10.98 59.65
CA LEU A 445 38.49 -12.36 59.86
C LEU A 445 39.61 -13.34 59.58
N ALA A 446 40.48 -13.05 58.62
CA ALA A 446 41.58 -13.96 58.30
C ALA A 446 42.55 -14.06 59.47
N GLN A 447 42.92 -12.93 60.06
CA GLN A 447 43.88 -12.96 61.17
C GLN A 447 43.28 -13.62 62.40
N VAL A 448 42.03 -13.30 62.72
CA VAL A 448 41.39 -13.86 63.92
C VAL A 448 41.19 -15.37 63.77
N CYS A 449 40.95 -15.85 62.56
CA CYS A 449 40.74 -17.27 62.31
C CYS A 449 42.01 -18.01 61.90
N GLY A 450 43.13 -17.31 61.75
CA GLY A 450 44.39 -17.94 61.42
C GLY A 450 44.58 -18.28 59.95
N TYR A 451 44.09 -17.43 59.05
CA TYR A 451 44.24 -17.62 57.61
C TYR A 451 44.92 -16.40 57.00
N GLU A 452 45.18 -16.49 55.69
CA GLU A 452 45.66 -15.39 54.88
C GLU A 452 44.54 -14.81 54.04
N PRO A 453 44.65 -13.55 53.62
CA PRO A 453 43.61 -12.98 52.76
C PRO A 453 43.59 -13.65 51.39
N GLY A 454 42.39 -13.81 50.85
CA GLY A 454 42.21 -14.45 49.56
C GLY A 454 41.79 -13.51 48.45
N GLU A 455 40.57 -13.69 47.93
CA GLU A 455 40.04 -12.87 46.86
C GLU A 455 38.73 -12.23 47.29
N LEU A 456 38.39 -11.13 46.61
CA LEU A 456 37.17 -10.39 46.90
C LEU A 456 36.36 -10.22 45.62
N ALA A 457 35.12 -10.67 45.64
CA ALA A 457 34.20 -10.52 44.52
C ALA A 457 32.98 -9.75 45.00
N ILE A 458 32.57 -8.74 44.24
CA ILE A 458 31.43 -7.90 44.57
C ILE A 458 30.41 -8.01 43.45
N PHE A 459 29.21 -8.51 43.78
CA PHE A 459 28.12 -8.65 42.82
C PHE A 459 27.09 -7.54 43.10
N ILE A 460 26.69 -6.84 42.04
CA ILE A 460 25.96 -5.58 42.18
C ILE A 460 24.61 -5.69 41.50
N GLY A 461 23.58 -5.18 42.17
CA GLY A 461 22.28 -5.01 41.55
C GLY A 461 22.21 -3.72 40.74
N ASP A 462 21.74 -2.66 41.37
CA ASP A 462 21.58 -1.37 40.69
C ASP A 462 22.88 -0.58 40.80
N ALA A 463 23.75 -0.75 39.80
CA ALA A 463 24.98 0.05 39.69
C ALA A 463 24.67 1.33 38.95
N HIS A 464 24.98 2.47 39.56
CA HIS A 464 24.55 3.75 39.00
C HIS A 464 25.57 4.84 39.29
N ILE A 465 25.43 5.93 38.55
CA ILE A 465 26.25 7.13 38.70
C ILE A 465 25.29 8.32 38.85
N TYR A 466 25.40 9.04 39.96
CA TYR A 466 24.59 10.24 40.13
C TYR A 466 25.04 11.33 39.16
N GLU A 467 24.07 12.04 38.59
CA GLU A 467 24.36 12.95 37.49
C GLU A 467 25.23 14.13 37.91
N ASN A 468 25.32 14.44 39.19
CA ASN A 468 26.23 15.46 39.67
C ASN A 468 27.63 14.92 39.93
N HIS A 469 27.92 13.69 39.51
CA HIS A 469 29.26 13.11 39.58
C HIS A 469 29.88 12.90 38.20
N LEU A 470 29.20 13.32 37.13
CA LEU A 470 29.65 12.99 35.79
C LEU A 470 30.99 13.65 35.47
N THR A 471 31.12 14.95 35.77
CA THR A 471 32.39 15.63 35.53
C THR A 471 33.50 15.01 36.35
N GLN A 472 33.22 14.68 37.61
CA GLN A 472 34.24 14.13 38.49
C GLN A 472 34.71 12.76 38.02
N LEU A 473 33.77 11.87 37.71
CA LEU A 473 34.14 10.51 37.34
C LEU A 473 34.79 10.45 35.96
N LYS A 474 34.43 11.37 35.06
CA LYS A 474 35.15 11.45 33.79
C LYS A 474 36.57 11.97 34.00
N GLU A 475 36.77 12.85 34.97
CA GLU A 475 38.12 13.26 35.34
C GLU A 475 38.93 12.07 35.86
N GLN A 476 38.31 11.26 36.73
CA GLN A 476 39.01 10.09 37.26
C GLN A 476 39.33 9.09 36.15
N LEU A 477 38.48 8.99 35.14
CA LEU A 477 38.71 8.06 34.04
C LEU A 477 39.86 8.49 33.13
N SER A 478 40.38 9.71 33.30
CA SER A 478 41.51 10.17 32.53
C SER A 478 42.86 9.83 33.15
N ARG A 479 42.86 9.16 34.30
CA ARG A 479 44.08 8.90 35.08
C ARG A 479 44.46 7.43 34.96
N THR A 480 45.67 7.16 34.48
CA THR A 480 46.13 5.79 34.37
C THR A 480 46.42 5.22 35.75
N PRO A 481 45.92 4.03 36.08
CA PRO A 481 46.08 3.50 37.44
C PRO A 481 47.53 3.21 37.78
N ARG A 482 47.82 3.27 39.08
CA ARG A 482 49.11 2.91 39.65
C ARG A 482 48.95 1.65 40.50
N PRO A 483 50.05 0.96 40.82
CA PRO A 483 49.92 -0.28 41.59
C PRO A 483 49.24 -0.05 42.94
N PHE A 484 48.43 -1.03 43.34
CA PHE A 484 47.75 -0.97 44.63
C PHE A 484 48.78 -0.93 45.76
N PRO A 485 48.41 -0.32 46.91
CA PRO A 485 49.31 -0.34 48.06
C PRO A 485 49.23 -1.64 48.82
N GLN A 486 49.92 -1.71 49.96
CA GLN A 486 49.80 -2.84 50.87
C GLN A 486 49.18 -2.37 52.18
N LEU A 487 48.44 -3.27 52.84
CA LEU A 487 47.85 -2.99 54.13
C LEU A 487 48.20 -4.13 55.08
N LYS A 488 48.85 -3.81 56.18
CA LYS A 488 49.29 -4.79 57.16
C LYS A 488 48.82 -4.39 58.55
N PHE A 489 48.63 -5.38 59.41
CA PHE A 489 48.29 -5.17 60.80
C PHE A 489 49.56 -5.19 61.64
N LYS A 490 49.66 -4.23 62.56
CA LYS A 490 50.85 -4.08 63.39
C LYS A 490 50.88 -5.05 64.58
N ARG A 491 49.76 -5.69 64.90
CA ARG A 491 49.73 -6.63 66.00
C ARG A 491 48.61 -7.65 65.75
N LYS A 492 48.67 -8.75 66.49
CA LYS A 492 47.65 -9.79 66.44
C LYS A 492 46.67 -9.54 67.59
N VAL A 493 45.44 -9.18 67.25
CA VAL A 493 44.42 -8.91 68.26
C VAL A 493 43.90 -10.23 68.83
N GLU A 494 43.32 -10.13 70.04
CA GLU A 494 42.68 -11.29 70.66
C GLU A 494 41.21 -11.40 70.31
N ASN A 495 40.57 -10.29 69.95
CA ASN A 495 39.19 -10.28 69.50
C ASN A 495 39.06 -9.28 68.36
N ILE A 496 38.15 -9.59 67.41
CA ILE A 496 37.99 -8.75 66.23
C ILE A 496 37.54 -7.34 66.58
N GLU A 497 36.96 -7.15 67.76
CA GLU A 497 36.53 -5.83 68.19
C GLU A 497 37.67 -4.95 68.68
N ASP A 498 38.86 -5.52 68.90
CA ASP A 498 39.98 -4.78 69.47
C ASP A 498 40.79 -4.01 68.44
N PHE A 499 40.46 -4.12 67.16
CA PHE A 499 41.22 -3.41 66.13
C PHE A 499 41.05 -1.92 66.29
N LYS A 500 42.17 -1.19 66.21
CA LYS A 500 42.19 0.26 66.28
C LYS A 500 42.90 0.80 65.04
N TRP A 501 42.66 2.08 64.75
CA TRP A 501 43.28 2.70 63.57
C TRP A 501 44.79 2.69 63.66
N GLU A 502 45.34 2.69 64.87
CA GLU A 502 46.79 2.65 65.04
C GLU A 502 47.38 1.31 64.66
N ASP A 503 46.57 0.25 64.60
CA ASP A 503 47.07 -1.07 64.25
C ASP A 503 47.25 -1.28 62.75
N ILE A 504 46.80 -0.35 61.92
CA ILE A 504 46.81 -0.51 60.47
C ILE A 504 47.96 0.29 59.88
N GLU A 505 48.71 -0.33 58.97
CA GLU A 505 49.82 0.31 58.27
C GLU A 505 49.55 0.24 56.78
N LEU A 506 49.47 1.40 56.13
CA LEU A 506 49.24 1.51 54.70
C LEU A 506 50.56 1.83 54.02
N ILE A 507 51.07 0.89 53.22
CA ILE A 507 52.42 0.95 52.68
C ILE A 507 52.33 1.12 51.17
N GLY A 508 52.98 2.17 50.66
CA GLY A 508 53.13 2.35 49.23
C GLY A 508 51.90 2.87 48.51
N TYR A 509 51.16 3.78 49.13
CA TYR A 509 49.94 4.34 48.55
C TYR A 509 50.28 5.71 47.97
N TYR A 510 50.25 5.81 46.64
CA TYR A 510 50.57 7.04 45.92
C TYR A 510 49.44 7.37 44.94
N PRO A 511 48.31 7.83 45.44
CA PRO A 511 47.15 8.07 44.58
C PRO A 511 47.19 9.44 43.90
N TYR A 512 46.32 9.59 42.92
CA TYR A 512 46.04 10.88 42.32
C TYR A 512 45.26 11.75 43.30
N PRO A 513 45.23 13.07 43.09
CA PRO A 513 44.59 13.96 44.07
C PRO A 513 43.12 13.65 44.28
N THR A 514 42.60 14.17 45.41
CA THR A 514 41.22 13.93 45.81
C THR A 514 40.24 14.54 44.82
N ILE A 515 39.08 13.91 44.69
CA ILE A 515 38.01 14.37 43.82
C ILE A 515 36.76 14.53 44.67
N LYS A 516 36.28 15.76 44.83
CA LYS A 516 35.15 16.05 45.69
C LYS A 516 33.84 15.71 45.00
N MET A 517 32.98 14.95 45.68
CA MET A 517 31.68 14.56 45.15
C MET A 517 30.64 14.62 46.28
N ASP A 518 29.52 15.27 46.01
CA ASP A 518 28.47 15.44 47.02
C ASP A 518 27.61 14.18 47.12
N MET A 519 27.15 13.90 48.34
CA MET A 519 26.31 12.74 48.58
C MET A 519 24.84 13.08 48.40
N ALA A 520 24.11 12.17 47.76
CA ALA A 520 22.67 12.34 47.55
C ALA A 520 21.92 11.82 48.78
N VAL A 521 21.19 12.72 49.44
CA VAL A 521 20.47 12.37 50.66
C VAL A 521 19.16 11.65 50.34
N GLU B 3 40.79 -15.32 -7.28
CA GLU B 3 40.60 -16.10 -6.06
C GLU B 3 39.85 -15.29 -4.99
N LYS B 4 38.55 -15.47 -4.93
CA LYS B 4 37.68 -14.79 -3.98
C LYS B 4 36.88 -15.85 -3.21
N ASN B 5 36.09 -15.38 -2.24
CA ASN B 5 35.45 -16.25 -1.27
C ASN B 5 34.12 -16.80 -1.80
N VAL B 6 33.80 -18.02 -1.39
CA VAL B 6 32.54 -18.68 -1.72
C VAL B 6 31.89 -19.14 -0.42
N SER B 7 30.70 -18.63 -0.14
CA SER B 7 30.01 -18.91 1.11
C SER B 7 28.62 -19.48 0.82
N ILE B 8 28.20 -20.42 1.66
CA ILE B 8 26.85 -20.95 1.63
C ILE B 8 25.99 -20.17 2.61
N VAL B 9 24.78 -19.80 2.18
CA VAL B 9 23.76 -19.22 3.04
C VAL B 9 22.56 -20.14 3.02
N VAL B 10 22.09 -20.57 4.19
CA VAL B 10 21.02 -21.55 4.28
C VAL B 10 20.30 -21.37 5.60
N ALA B 11 19.00 -21.68 5.61
CA ALA B 11 18.20 -21.78 6.83
C ALA B 11 17.61 -23.18 6.89
N ALA B 12 17.95 -23.94 7.93
CA ALA B 12 17.55 -25.34 8.05
C ALA B 12 17.07 -25.62 9.47
N SER B 13 16.22 -26.63 9.60
CA SER B 13 15.67 -26.99 10.90
C SER B 13 16.73 -27.67 11.76
N VAL B 14 16.54 -27.56 13.07
CA VAL B 14 17.62 -27.84 14.02
C VAL B 14 17.98 -29.32 14.06
N LEU B 15 17.02 -30.22 13.85
CA LEU B 15 17.31 -31.65 13.96
C LEU B 15 17.48 -32.34 12.61
N SER B 16 16.54 -32.16 11.69
CA SER B 16 16.54 -32.89 10.43
C SER B 16 17.09 -32.09 9.25
N SER B 17 17.38 -30.80 9.44
CA SER B 17 17.97 -29.94 8.40
C SER B 17 17.02 -29.77 7.20
N GLY B 18 15.72 -29.69 7.48
CA GLY B 18 14.76 -29.42 6.43
C GLY B 18 14.80 -27.95 6.02
N ILE B 19 14.69 -27.71 4.71
CA ILE B 19 14.81 -26.34 4.19
C ILE B 19 13.63 -25.99 3.29
N GLY B 20 12.86 -26.98 2.87
CA GLY B 20 11.79 -26.70 1.92
C GLY B 20 10.70 -27.73 1.94
N ILE B 21 9.55 -27.32 1.40
CA ILE B 21 8.39 -28.20 1.29
C ILE B 21 7.47 -27.68 0.18
N ASN B 22 7.16 -28.54 -0.78
CA ASN B 22 6.24 -28.23 -1.88
C ASN B 22 6.66 -26.96 -2.62
N GLY B 23 7.97 -26.84 -2.88
CA GLY B 23 8.48 -25.72 -3.64
C GLY B 23 8.58 -24.41 -2.90
N GLN B 24 8.33 -24.38 -1.60
CA GLN B 24 8.42 -23.15 -0.81
C GLN B 24 9.07 -23.48 0.53
N LEU B 25 9.21 -22.45 1.37
CA LEU B 25 9.80 -22.61 2.69
C LEU B 25 8.79 -23.15 3.69
N PRO B 26 9.25 -23.93 4.67
CA PRO B 26 8.34 -24.43 5.71
C PRO B 26 8.06 -23.45 6.84
N TRP B 27 8.43 -22.19 6.70
CA TRP B 27 8.20 -21.18 7.74
C TRP B 27 8.20 -19.81 7.07
N SER B 28 7.92 -18.78 7.88
CA SER B 28 7.95 -17.39 7.42
C SER B 28 8.59 -16.58 8.54
N ILE B 29 9.89 -16.32 8.42
CA ILE B 29 10.65 -15.58 9.43
C ILE B 29 11.25 -14.36 8.76
N SER B 30 10.69 -13.18 9.07
CA SER B 30 11.10 -11.96 8.38
C SER B 30 12.56 -11.62 8.66
N GLU B 31 12.98 -11.73 9.92
CA GLU B 31 14.35 -11.34 10.27
C GLU B 31 15.39 -12.19 9.57
N ASP B 32 15.05 -13.44 9.23
CA ASP B 32 16.00 -14.29 8.51
C ASP B 32 16.18 -13.83 7.07
N LEU B 33 15.11 -13.33 6.44
CA LEU B 33 15.25 -12.79 5.10
C LEU B 33 16.10 -11.52 5.10
N LYS B 34 15.94 -10.68 6.13
CA LYS B 34 16.80 -9.50 6.25
C LYS B 34 18.26 -9.91 6.47
N PHE B 35 18.49 -10.98 7.23
CA PHE B 35 19.85 -11.49 7.40
C PHE B 35 20.42 -11.94 6.06
N PHE B 36 19.63 -12.71 5.30
CA PHE B 36 20.06 -13.11 3.97
C PHE B 36 20.39 -11.88 3.11
N SER B 37 19.55 -10.84 3.20
CA SER B 37 19.77 -9.65 2.39
C SER B 37 21.05 -8.92 2.79
N LYS B 38 21.27 -8.77 4.11
CA LYS B 38 22.44 -8.01 4.56
C LYS B 38 23.73 -8.77 4.30
N ILE B 39 23.73 -10.10 4.45
CA ILE B 39 24.96 -10.85 4.29
C ILE B 39 25.34 -11.00 2.82
N THR B 40 24.36 -11.04 1.91
CA THR B 40 24.68 -11.19 0.49
C THR B 40 24.93 -9.86 -0.20
N ASN B 41 24.50 -8.74 0.40
CA ASN B 41 24.82 -7.42 -0.13
C ASN B 41 26.14 -6.87 0.42
N ASN B 42 26.64 -7.44 1.51
CA ASN B 42 27.83 -6.92 2.17
C ASN B 42 29.05 -7.05 1.25
N LYS B 43 29.70 -5.93 0.96
CA LYS B 43 30.87 -5.93 0.09
C LYS B 43 31.72 -4.71 0.42
N CYS B 44 32.97 -4.75 -0.05
CA CYS B 44 33.94 -3.69 0.21
C CYS B 44 34.00 -2.67 -0.93
N ASP B 45 34.06 -3.13 -2.17
CA ASP B 45 34.19 -2.25 -3.33
C ASP B 45 32.81 -1.85 -3.83
N SER B 46 32.55 -0.54 -3.89
CA SER B 46 31.25 -0.07 -4.36
C SER B 46 31.07 -0.26 -5.85
N ASN B 47 32.16 -0.40 -6.61
CA ASN B 47 32.09 -0.63 -8.04
C ASN B 47 32.03 -2.11 -8.40
N LYS B 48 31.80 -2.98 -7.42
CA LYS B 48 31.66 -4.41 -7.64
C LYS B 48 30.32 -4.87 -7.10
N LYS B 49 29.92 -6.07 -7.50
CA LYS B 49 28.68 -6.70 -7.03
C LYS B 49 28.99 -8.11 -6.54
N ASN B 50 28.04 -8.67 -5.79
CA ASN B 50 28.13 -10.04 -5.34
C ASN B 50 27.24 -10.94 -6.20
N ALA B 51 27.68 -12.18 -6.38
CA ALA B 51 26.98 -13.16 -7.21
C ALA B 51 26.29 -14.18 -6.32
N LEU B 52 25.01 -14.45 -6.61
CA LEU B 52 24.19 -15.39 -5.85
C LEU B 52 23.83 -16.56 -6.75
N ILE B 53 24.44 -17.71 -6.48
CA ILE B 53 24.19 -18.93 -7.25
C ILE B 53 23.01 -19.67 -6.64
N MET B 54 22.07 -20.08 -7.48
CA MET B 54 20.90 -20.81 -7.00
C MET B 54 20.42 -21.76 -8.10
N GLY B 55 19.74 -22.83 -7.68
CA GLY B 55 19.14 -23.75 -8.61
C GLY B 55 17.89 -23.18 -9.26
N ARG B 56 17.44 -23.86 -10.31
CA ARG B 56 16.31 -23.35 -11.09
C ARG B 56 15.02 -23.38 -10.29
N LYS B 57 14.81 -24.41 -9.48
CA LYS B 57 13.60 -24.48 -8.68
C LYS B 57 13.56 -23.38 -7.63
N THR B 58 14.71 -23.04 -7.05
CA THR B 58 14.78 -21.89 -6.15
C THR B 58 14.53 -20.59 -6.91
N TRP B 59 15.03 -20.50 -8.15
CA TRP B 59 14.74 -19.34 -8.98
C TRP B 59 13.25 -19.21 -9.26
N ASP B 60 12.55 -20.34 -9.43
CA ASP B 60 11.11 -20.30 -9.59
C ASP B 60 10.43 -19.84 -8.31
N SER B 61 10.91 -20.32 -7.15
CA SER B 61 10.25 -20.04 -5.89
C SER B 61 10.32 -18.57 -5.49
N ILE B 62 11.29 -17.82 -6.00
CA ILE B 62 11.40 -16.40 -5.71
C ILE B 62 10.73 -15.55 -6.80
N GLY B 63 9.91 -16.17 -7.64
CA GLY B 63 9.16 -15.43 -8.64
C GLY B 63 9.91 -15.06 -9.89
N ARG B 64 11.14 -15.56 -10.06
CA ARG B 64 11.97 -15.24 -11.23
C ARG B 64 12.16 -13.73 -11.39
N ARG B 65 12.40 -13.05 -10.27
CA ARG B 65 12.65 -11.62 -10.31
C ARG B 65 13.98 -11.30 -9.65
N PRO B 66 14.72 -10.33 -10.17
CA PRO B 66 16.09 -10.10 -9.68
C PRO B 66 16.10 -9.53 -8.26
N LEU B 67 17.26 -9.67 -7.62
CA LEU B 67 17.49 -9.12 -6.29
C LEU B 67 18.34 -7.86 -6.42
N LYS B 68 17.87 -6.77 -5.80
CA LYS B 68 18.50 -5.47 -5.95
C LYS B 68 19.97 -5.52 -5.55
N ASN B 69 20.81 -4.85 -6.34
CA ASN B 69 22.25 -4.65 -6.14
C ASN B 69 23.08 -5.91 -6.33
N ARG B 70 22.48 -7.03 -6.70
CA ARG B 70 23.21 -8.29 -6.81
C ARG B 70 22.94 -8.93 -8.17
N ILE B 71 23.80 -9.86 -8.53
CA ILE B 71 23.70 -10.63 -9.77
C ILE B 71 23.34 -12.07 -9.41
N ILE B 72 22.25 -12.57 -9.99
CA ILE B 72 21.77 -13.91 -9.73
C ILE B 72 22.32 -14.84 -10.80
N VAL B 73 22.88 -15.97 -10.37
CA VAL B 73 23.41 -16.99 -11.27
C VAL B 73 22.52 -18.22 -11.11
N VAL B 74 21.78 -18.57 -12.16
CA VAL B 74 20.86 -19.68 -12.15
C VAL B 74 21.51 -20.88 -12.81
N ILE B 75 21.52 -22.01 -12.11
CA ILE B 75 22.02 -23.27 -12.67
C ILE B 75 20.84 -24.02 -13.24
N SER B 76 20.86 -24.28 -14.55
CA SER B 76 19.76 -24.96 -15.21
C SER B 76 20.25 -25.56 -16.51
N SER B 77 19.64 -26.68 -16.89
CA SER B 77 19.95 -27.32 -18.16
C SER B 77 19.05 -26.85 -19.29
N SER B 78 17.88 -26.28 -18.98
CA SER B 78 16.91 -25.91 -20.00
C SER B 78 16.64 -24.42 -20.12
N LEU B 79 16.95 -23.61 -19.10
CA LEU B 79 16.64 -22.20 -19.17
C LEU B 79 17.42 -21.54 -20.31
N PRO B 80 16.78 -20.66 -21.08
CA PRO B 80 17.49 -19.96 -22.16
C PRO B 80 18.53 -19.01 -21.59
N GLN B 81 19.77 -19.13 -22.07
CA GLN B 81 20.86 -18.25 -21.66
C GLN B 81 20.61 -16.86 -22.23
N ASP B 82 19.72 -16.13 -21.57
CA ASP B 82 19.31 -14.81 -22.02
C ASP B 82 20.38 -13.77 -21.68
N GLU B 83 20.47 -12.75 -22.53
CA GLU B 83 21.38 -11.63 -22.30
C GLU B 83 20.65 -10.31 -22.13
N ALA B 84 19.31 -10.30 -22.15
CA ALA B 84 18.57 -9.07 -21.98
C ALA B 84 18.74 -8.52 -20.57
N ASP B 85 18.64 -9.38 -19.56
CA ASP B 85 18.78 -8.97 -18.17
C ASP B 85 20.23 -9.12 -17.74
N PRO B 86 20.95 -8.02 -17.44
CA PRO B 86 22.32 -8.16 -16.94
C PRO B 86 22.39 -8.58 -15.48
N ASN B 87 21.26 -8.65 -14.78
CA ASN B 87 21.21 -9.06 -13.38
C ASN B 87 20.93 -10.54 -13.18
N VAL B 88 20.63 -11.27 -14.26
CA VAL B 88 20.37 -12.70 -14.20
C VAL B 88 21.12 -13.38 -15.33
N VAL B 89 21.98 -14.33 -15.00
CA VAL B 89 22.74 -15.10 -15.97
C VAL B 89 22.54 -16.57 -15.69
N VAL B 90 22.61 -17.39 -16.75
CA VAL B 90 22.30 -18.81 -16.67
C VAL B 90 23.54 -19.61 -17.07
N PHE B 91 23.84 -20.65 -16.28
CA PHE B 91 24.91 -21.59 -16.57
C PHE B 91 24.36 -23.00 -16.56
N ARG B 92 25.06 -23.90 -17.28
CA ARG B 92 24.61 -25.28 -17.45
C ARG B 92 25.06 -26.21 -16.34
N ASN B 93 26.04 -25.82 -15.54
CA ASN B 93 26.47 -26.63 -14.41
C ASN B 93 27.14 -25.74 -13.38
N LEU B 94 27.31 -26.29 -12.18
CA LEU B 94 27.84 -25.49 -11.06
C LEU B 94 29.31 -25.15 -11.27
N GLU B 95 30.11 -26.10 -11.78
CA GLU B 95 31.54 -25.84 -11.97
C GLU B 95 31.77 -24.72 -12.96
N ASP B 96 31.03 -24.70 -14.07
CA ASP B 96 31.19 -23.64 -15.05
C ASP B 96 30.80 -22.28 -14.47
N SER B 97 29.80 -22.24 -13.58
CA SER B 97 29.39 -20.98 -13.00
C SER B 97 30.46 -20.38 -12.10
N ILE B 98 31.43 -21.17 -11.63
CA ILE B 98 32.53 -20.63 -10.85
C ILE B 98 33.49 -19.91 -11.79
N GLU B 99 33.01 -19.61 -13.01
CA GLU B 99 33.67 -18.63 -13.88
C GLU B 99 33.64 -17.23 -13.28
N ASN B 100 32.77 -17.00 -12.28
CA ASN B 100 32.85 -15.77 -11.50
C ASN B 100 34.25 -15.57 -10.91
N LEU B 101 34.95 -16.67 -10.63
CA LEU B 101 36.33 -16.58 -10.15
C LEU B 101 37.30 -16.29 -11.29
N MET B 102 37.28 -17.12 -12.33
CA MET B 102 38.33 -17.09 -13.36
C MET B 102 38.51 -15.72 -13.99
N ASN B 103 37.45 -14.91 -14.01
CA ASN B 103 37.56 -13.54 -14.49
C ASN B 103 36.50 -12.69 -13.80
N ASP B 104 35.93 -11.73 -14.55
CA ASP B 104 34.88 -10.87 -14.03
C ASP B 104 35.33 -10.23 -12.72
N ASP B 105 36.19 -9.22 -12.80
CA ASP B 105 36.66 -8.52 -11.61
C ASP B 105 35.58 -7.64 -10.99
N SER B 106 34.40 -7.57 -11.59
CA SER B 106 33.28 -6.85 -11.00
C SER B 106 32.52 -7.68 -9.99
N ILE B 107 32.86 -8.97 -9.84
CA ILE B 107 32.26 -9.83 -8.83
C ILE B 107 33.24 -9.96 -7.67
N GLU B 108 32.84 -9.47 -6.50
CA GLU B 108 33.71 -9.50 -5.33
C GLU B 108 33.55 -10.79 -4.52
N ASN B 109 32.31 -11.16 -4.18
CA ASN B 109 32.05 -12.33 -3.38
C ASN B 109 30.99 -13.20 -4.07
N ILE B 110 31.00 -14.49 -3.70
CA ILE B 110 30.12 -15.48 -4.30
C ILE B 110 29.34 -16.15 -3.17
N PHE B 111 28.03 -16.34 -3.38
CA PHE B 111 27.16 -16.96 -2.39
C PHE B 111 26.36 -18.07 -3.05
N VAL B 112 26.47 -19.28 -2.50
CA VAL B 112 25.62 -20.40 -2.90
C VAL B 112 24.34 -20.29 -2.07
N CYS B 113 23.23 -19.97 -2.73
CA CYS B 113 22.08 -19.41 -2.05
C CYS B 113 20.90 -20.36 -1.91
N GLY B 114 20.97 -21.56 -2.45
CA GLY B 114 19.87 -22.46 -2.18
C GLY B 114 19.66 -23.51 -3.23
N GLY B 115 18.90 -24.54 -2.85
CA GLY B 115 18.72 -25.74 -3.62
C GLY B 115 19.53 -26.87 -3.01
N GLU B 116 18.85 -27.92 -2.55
CA GLU B 116 19.57 -29.08 -2.04
C GLU B 116 20.52 -29.64 -3.07
N SER B 117 20.12 -29.65 -4.35
CA SER B 117 21.00 -30.13 -5.40
C SER B 117 22.24 -29.25 -5.53
N ILE B 118 22.07 -27.93 -5.41
CA ILE B 118 23.20 -27.01 -5.53
C ILE B 118 24.08 -27.08 -4.29
N TYR B 119 23.45 -27.14 -3.10
CA TYR B 119 24.22 -27.28 -1.86
C TYR B 119 25.07 -28.54 -1.87
N ARG B 120 24.46 -29.67 -2.25
CA ARG B 120 25.16 -30.94 -2.18
C ARG B 120 26.33 -30.97 -3.16
N ASP B 121 26.16 -30.41 -4.36
CA ASP B 121 27.26 -30.40 -5.33
C ASP B 121 28.35 -29.41 -4.94
N ALA B 122 27.98 -28.30 -4.29
CA ALA B 122 28.99 -27.32 -3.89
C ALA B 122 29.89 -27.88 -2.79
N LEU B 123 29.31 -28.66 -1.87
CA LEU B 123 30.10 -29.27 -0.80
C LEU B 123 30.85 -30.50 -1.28
N LYS B 124 30.23 -31.29 -2.15
CA LYS B 124 30.87 -32.50 -2.66
C LYS B 124 32.12 -32.17 -3.47
N ASP B 125 32.06 -31.10 -4.27
CA ASP B 125 33.20 -30.70 -5.09
C ASP B 125 34.12 -29.72 -4.38
N ASN B 126 33.87 -29.45 -3.10
CA ASN B 126 34.76 -28.65 -2.25
C ASN B 126 34.97 -27.24 -2.82
N PHE B 127 33.86 -26.58 -3.15
CA PHE B 127 33.88 -25.18 -3.59
C PHE B 127 33.68 -24.19 -2.45
N VAL B 128 33.24 -24.65 -1.28
CA VAL B 128 32.71 -23.77 -0.24
C VAL B 128 33.79 -23.49 0.79
N ASP B 129 33.96 -22.20 1.12
CA ASP B 129 34.87 -21.78 2.18
C ASP B 129 34.17 -21.52 3.51
N ARG B 130 32.92 -21.06 3.48
CA ARG B 130 32.21 -20.63 4.68
C ARG B 130 30.75 -21.05 4.57
N ILE B 131 30.13 -21.26 5.73
CA ILE B 131 28.72 -21.64 5.80
C ILE B 131 28.02 -20.70 6.78
N TYR B 132 27.02 -19.96 6.30
CA TYR B 132 26.14 -19.17 7.15
C TYR B 132 24.87 -19.96 7.35
N LEU B 133 24.64 -20.42 8.57
CA LEU B 133 23.53 -21.33 8.88
C LEU B 133 22.56 -20.68 9.86
N THR B 134 21.29 -20.64 9.50
CA THR B 134 20.21 -20.26 10.41
C THR B 134 19.50 -21.54 10.85
N ARG B 135 19.64 -21.87 12.13
CA ARG B 135 19.02 -23.05 12.70
C ARG B 135 17.62 -22.68 13.19
N VAL B 136 16.59 -23.32 12.62
CA VAL B 136 15.20 -23.04 12.96
C VAL B 136 14.67 -24.18 13.82
N ALA B 137 14.03 -23.84 14.94
CA ALA B 137 13.54 -24.86 15.88
C ALA B 137 12.10 -25.26 15.53
N LEU B 138 11.96 -25.94 14.39
CA LEU B 138 10.70 -26.49 13.94
C LEU B 138 10.93 -27.89 13.40
N GLU B 139 10.32 -28.90 14.02
CA GLU B 139 10.71 -30.24 13.58
C GLU B 139 9.56 -31.15 13.21
N ASP B 140 8.45 -31.09 13.95
CA ASP B 140 7.35 -32.03 13.68
C ASP B 140 6.43 -31.53 12.57
N ILE B 141 7.04 -31.10 11.46
CA ILE B 141 6.34 -30.69 10.26
C ILE B 141 6.96 -31.43 9.08
N GLU B 142 6.35 -31.27 7.91
CA GLU B 142 6.75 -32.02 6.73
C GLU B 142 7.82 -31.28 5.94
N PHE B 143 8.86 -32.02 5.52
CA PHE B 143 9.89 -31.51 4.64
C PHE B 143 10.03 -32.43 3.44
N ASP B 144 10.46 -31.86 2.32
CA ASP B 144 10.89 -32.65 1.17
C ASP B 144 12.24 -32.23 0.63
N THR B 145 12.87 -31.23 1.22
CA THR B 145 14.17 -30.73 0.80
C THR B 145 15.03 -30.52 2.04
N TYR B 146 16.30 -30.92 1.95
CA TYR B 146 17.17 -30.94 3.12
C TYR B 146 18.51 -30.30 2.81
N PHE B 147 19.09 -29.68 3.83
CA PHE B 147 20.46 -29.23 3.74
C PHE B 147 21.38 -30.40 4.07
N PRO B 148 22.35 -30.73 3.21
CA PRO B 148 23.21 -31.89 3.47
C PRO B 148 24.01 -31.72 4.76
N GLU B 149 24.47 -32.85 5.28
CA GLU B 149 25.28 -32.83 6.49
C GLU B 149 26.58 -32.07 6.25
N ILE B 150 26.94 -31.23 7.21
CA ILE B 150 28.14 -30.42 7.10
C ILE B 150 29.36 -31.34 7.20
N PRO B 151 30.23 -31.36 6.20
CA PRO B 151 31.38 -32.27 6.24
C PRO B 151 32.37 -31.90 7.34
N GLU B 152 33.16 -32.91 7.75
CA GLU B 152 34.06 -32.76 8.87
C GLU B 152 35.17 -31.74 8.64
N THR B 153 35.37 -31.31 7.40
CA THR B 153 36.38 -30.28 7.13
C THR B 153 35.97 -28.91 7.65
N PHE B 154 34.71 -28.74 8.04
CA PHE B 154 34.20 -27.47 8.57
C PHE B 154 34.15 -27.51 10.10
N LEU B 155 34.36 -26.34 10.71
CA LEU B 155 34.26 -26.20 12.14
C LEU B 155 33.49 -24.93 12.48
N PRO B 156 32.62 -24.99 13.50
CA PRO B 156 31.87 -23.79 13.87
C PRO B 156 32.77 -22.76 14.54
N VAL B 157 32.54 -21.50 14.22
CA VAL B 157 33.28 -20.40 14.82
C VAL B 157 32.38 -19.35 15.47
N TYR B 158 31.06 -19.46 15.33
CA TYR B 158 30.16 -18.48 15.92
C TYR B 158 28.78 -19.09 16.09
N MET B 159 28.15 -18.78 17.22
CA MET B 159 26.77 -19.21 17.48
C MET B 159 26.09 -18.10 18.26
N SER B 160 25.11 -17.45 17.63
CA SER B 160 24.47 -16.29 18.23
C SER B 160 23.53 -16.72 19.36
N GLN B 161 23.01 -15.72 20.06
CA GLN B 161 21.93 -15.94 21.00
C GLN B 161 20.67 -16.40 20.25
N THR B 162 19.72 -16.94 21.01
CA THR B 162 18.45 -17.35 20.42
C THR B 162 17.56 -16.14 20.21
N PHE B 163 16.91 -16.10 19.04
CA PHE B 163 15.93 -15.08 18.71
C PHE B 163 14.56 -15.73 18.54
N CYS B 164 13.52 -14.90 18.53
CA CYS B 164 12.15 -15.38 18.50
C CYS B 164 11.34 -14.60 17.47
N THR B 165 10.64 -15.32 16.61
CA THR B 165 9.68 -14.76 15.66
C THR B 165 8.46 -15.64 15.65
N LYS B 166 7.31 -15.09 16.03
CA LYS B 166 6.04 -15.83 16.07
C LYS B 166 6.17 -17.10 16.92
N ASN B 167 6.86 -16.97 18.06
CA ASN B 167 7.12 -18.07 18.99
C ASN B 167 8.03 -19.14 18.41
N ILE B 168 8.76 -18.83 17.33
CA ILE B 168 9.71 -19.77 16.74
C ILE B 168 11.12 -19.35 17.15
N SER B 169 11.87 -20.28 17.73
CA SER B 169 13.24 -20.03 18.15
C SER B 169 14.19 -20.28 16.99
N TYR B 170 15.23 -19.46 16.90
CA TYR B 170 16.26 -19.63 15.88
C TYR B 170 17.51 -18.88 16.29
N ASP B 171 18.65 -19.33 15.77
CA ASP B 171 19.92 -18.64 15.96
C ASP B 171 20.70 -18.69 14.66
N PHE B 172 21.88 -18.08 14.68
CA PHE B 172 22.74 -17.97 13.51
C PHE B 172 24.12 -18.51 13.83
N MET B 173 24.66 -19.31 12.91
CA MET B 173 25.97 -19.91 13.09
C MET B 173 26.83 -19.67 11.85
N ILE B 174 28.14 -19.65 12.07
CA ILE B 174 29.12 -19.55 11.00
C ILE B 174 30.05 -20.76 11.10
N PHE B 175 30.23 -21.44 9.98
CA PHE B 175 31.19 -22.53 9.85
C PHE B 175 32.28 -22.11 8.88
N GLU B 176 33.51 -22.51 9.16
CA GLU B 176 34.63 -22.22 8.28
C GLU B 176 35.39 -23.50 8.00
N LYS B 177 35.88 -23.66 6.78
CA LYS B 177 36.58 -24.90 6.43
C LYS B 177 37.99 -24.76 6.96
N GLN B 178 38.24 -25.33 8.14
CA GLN B 178 39.52 -25.21 8.83
C GLN B 178 40.51 -26.18 8.17
N GLU B 179 41.05 -25.74 7.04
CA GLU B 179 41.97 -26.57 6.28
C GLU B 179 43.31 -25.87 6.09
N LEU B 193 49.09 -9.25 20.42
CA LEU B 193 50.43 -9.63 20.01
C LEU B 193 51.01 -10.68 20.95
N LYS B 194 51.98 -11.47 20.45
CA LYS B 194 52.63 -12.48 21.27
C LYS B 194 53.42 -11.88 22.42
N SER B 195 53.78 -10.60 22.35
CA SER B 195 54.56 -9.98 23.42
C SER B 195 53.78 -9.99 24.73
N ILE B 196 52.48 -9.75 24.67
CA ILE B 196 51.67 -9.75 25.89
C ILE B 196 51.51 -11.17 26.42
N ASP B 197 51.19 -12.11 25.53
CA ASP B 197 50.99 -13.49 25.96
C ASP B 197 52.27 -14.08 26.56
N ASP B 198 53.41 -13.73 25.98
CA ASP B 198 54.69 -14.23 26.51
C ASP B 198 54.98 -13.62 27.88
N THR B 199 54.75 -12.31 28.03
CA THR B 199 54.99 -11.66 29.31
C THR B 199 54.10 -12.25 30.40
N VAL B 200 52.84 -12.52 30.09
CA VAL B 200 51.93 -13.11 31.07
C VAL B 200 52.38 -14.52 31.43
N ASP B 201 52.85 -15.29 30.45
CA ASP B 201 53.36 -16.63 30.73
C ASP B 201 54.59 -16.56 31.64
N LEU B 202 55.53 -15.67 31.34
CA LEU B 202 56.72 -15.55 32.15
C LEU B 202 56.38 -15.11 33.57
N LEU B 203 55.43 -14.17 33.72
CA LEU B 203 55.01 -13.77 35.06
C LEU B 203 54.35 -14.91 35.81
N GLY B 204 53.66 -15.80 35.10
CA GLY B 204 53.06 -16.97 35.73
C GLY B 204 54.07 -18.04 36.13
N GLU B 205 55.27 -18.01 35.56
CA GLU B 205 56.31 -18.94 35.97
C GLU B 205 57.04 -18.44 37.21
N ILE B 206 57.28 -17.13 37.29
CA ILE B 206 57.92 -16.51 38.45
C ILE B 206 57.00 -16.64 39.66
N PHE B 207 55.85 -15.97 39.60
CA PHE B 207 54.85 -16.11 40.65
C PHE B 207 54.01 -17.34 40.38
N GLY B 208 53.79 -18.14 41.43
CA GLY B 208 53.01 -19.34 41.24
C GLY B 208 51.53 -19.03 41.32
N ILE B 209 50.87 -19.53 42.35
CA ILE B 209 49.48 -19.18 42.63
C ILE B 209 49.42 -17.77 43.24
N ARG B 210 50.59 -17.13 43.38
CA ARG B 210 50.61 -15.73 43.79
C ARG B 210 50.02 -14.82 42.72
N LYS B 211 50.06 -15.23 41.47
CA LYS B 211 49.44 -14.50 40.37
C LYS B 211 48.01 -15.01 40.19
N MET B 212 47.04 -14.11 40.39
CA MET B 212 45.64 -14.53 40.45
C MET B 212 45.18 -15.22 39.18
N GLY B 213 45.76 -14.84 38.02
CA GLY B 213 45.43 -15.53 36.79
C GLY B 213 45.70 -17.02 36.84
N ASN B 214 46.74 -17.44 37.57
CA ASN B 214 47.03 -18.86 37.71
C ASN B 214 45.99 -19.60 38.54
N ARG B 215 45.24 -18.88 39.38
CA ARG B 215 44.12 -19.48 40.09
C ARG B 215 42.85 -19.55 39.25
N HIS B 216 42.82 -18.87 38.10
CA HIS B 216 41.67 -18.88 37.19
C HIS B 216 42.15 -19.27 35.78
N LYS B 217 42.75 -20.45 35.67
CA LYS B 217 43.32 -20.89 34.40
C LYS B 217 42.22 -21.14 33.37
N PHE B 218 42.49 -20.77 32.12
CA PHE B 218 41.53 -21.02 31.06
C PHE B 218 41.39 -22.53 30.84
N PRO B 219 40.18 -23.03 30.64
CA PRO B 219 39.99 -24.47 30.50
C PRO B 219 40.72 -25.04 29.28
N LYS B 220 41.28 -26.23 29.46
CA LYS B 220 41.93 -26.92 28.37
C LYS B 220 40.90 -27.32 27.31
N GLU B 221 41.39 -27.55 26.09
CA GLU B 221 40.50 -27.82 24.96
C GLU B 221 39.65 -29.07 25.19
N GLU B 222 40.20 -30.08 25.87
CA GLU B 222 39.50 -31.35 26.03
C GLU B 222 38.28 -31.24 26.95
N ILE B 223 38.16 -30.15 27.72
CA ILE B 223 37.02 -29.96 28.60
C ILE B 223 36.25 -28.69 28.25
N TYR B 224 36.49 -28.14 27.06
CA TYR B 224 35.84 -26.92 26.59
C TYR B 224 34.80 -27.31 25.53
N ASN B 225 33.55 -26.90 25.73
CA ASN B 225 32.48 -27.29 24.81
C ASN B 225 32.65 -26.56 23.48
N THR B 226 32.65 -27.33 22.39
CA THR B 226 32.80 -26.84 21.03
C THR B 226 33.98 -25.88 20.94
N PRO B 227 35.22 -26.38 21.07
CA PRO B 227 36.37 -25.48 21.23
C PRO B 227 36.65 -24.60 20.04
N SER B 228 36.21 -24.96 18.83
CA SER B 228 36.50 -24.15 17.66
C SER B 228 35.79 -22.81 17.70
N ILE B 229 34.75 -22.67 18.52
CA ILE B 229 34.07 -21.39 18.71
C ILE B 229 34.83 -20.65 19.81
N ARG B 230 35.80 -19.83 19.38
CA ARG B 230 36.67 -19.11 20.31
C ARG B 230 36.15 -17.71 20.62
N PHE B 231 35.79 -16.95 19.60
CA PHE B 231 35.39 -15.55 19.76
C PHE B 231 33.90 -15.33 19.52
N GLY B 232 33.13 -16.39 19.35
CA GLY B 232 31.72 -16.25 19.04
C GLY B 232 30.80 -17.07 19.92
N ARG B 233 31.14 -17.18 21.20
CA ARG B 233 30.34 -17.94 22.15
C ARG B 233 29.20 -17.08 22.72
N GLU B 234 28.34 -16.65 21.81
CA GLU B 234 27.26 -15.73 22.14
C GLU B 234 26.05 -16.43 22.74
N HIS B 235 25.76 -17.66 22.31
CA HIS B 235 24.67 -18.44 22.88
C HIS B 235 24.84 -18.54 24.38
N TYR B 236 23.82 -18.13 25.12
CA TYR B 236 23.95 -18.01 26.58
C TYR B 236 23.94 -19.35 27.29
N GLU B 237 23.74 -20.46 26.60
CA GLU B 237 23.99 -21.75 27.24
C GLU B 237 25.48 -21.94 27.51
N PHE B 238 26.35 -21.26 26.76
CA PHE B 238 27.78 -21.26 27.07
C PHE B 238 28.07 -20.67 28.45
N GLN B 239 27.19 -19.82 28.96
CA GLN B 239 27.37 -19.30 30.31
C GLN B 239 27.36 -20.43 31.33
N TYR B 240 26.54 -21.46 31.11
CA TYR B 240 26.54 -22.61 32.02
C TYR B 240 27.63 -23.60 31.67
N LEU B 241 27.80 -23.92 30.39
CA LEU B 241 28.78 -24.92 29.99
C LEU B 241 30.20 -24.47 30.33
N ASP B 242 30.52 -23.20 30.08
CA ASP B 242 31.86 -22.71 30.37
C ASP B 242 32.13 -22.66 31.88
N LEU B 243 31.08 -22.55 32.70
CA LEU B 243 31.27 -22.65 34.14
C LEU B 243 31.64 -24.07 34.55
N LEU B 244 31.04 -25.07 33.91
CA LEU B 244 31.47 -26.46 34.12
C LEU B 244 32.94 -26.62 33.77
N SER B 245 33.37 -26.04 32.65
CA SER B 245 34.76 -26.18 32.22
C SER B 245 35.70 -25.51 33.22
N ARG B 246 35.33 -24.34 33.72
CA ARG B 246 36.16 -23.64 34.70
C ARG B 246 36.33 -24.47 35.97
N VAL B 247 35.27 -25.16 36.38
CA VAL B 247 35.36 -25.99 37.59
C VAL B 247 36.24 -27.21 37.34
N LEU B 248 36.07 -27.86 36.18
CA LEU B 248 36.92 -29.00 35.85
C LEU B 248 38.39 -28.59 35.78
N GLU B 249 38.68 -27.37 35.34
CA GLU B 249 40.06 -26.93 35.19
C GLU B 249 40.68 -26.55 36.53
N ASN B 250 39.98 -25.73 37.32
CA ASN B 250 40.55 -25.11 38.51
C ASN B 250 39.95 -25.62 39.82
N GLY B 251 38.94 -26.48 39.77
CA GLY B 251 38.26 -26.91 40.97
C GLY B 251 39.13 -27.62 41.99
N ALA B 252 39.06 -27.17 43.24
CA ALA B 252 39.79 -27.82 44.32
C ALA B 252 38.99 -28.98 44.87
N TYR B 253 39.69 -30.09 45.14
CA TYR B 253 39.05 -31.29 45.67
C TYR B 253 38.75 -31.08 47.15
N ARG B 254 37.47 -31.07 47.51
CA ARG B 254 37.07 -30.75 48.88
C ARG B 254 35.98 -31.70 49.34
N GLU B 255 36.00 -32.02 50.63
CA GLU B 255 34.96 -32.80 51.26
C GLU B 255 33.84 -31.87 51.73
N ASN B 256 32.69 -32.47 52.05
CA ASN B 256 31.54 -31.72 52.51
C ASN B 256 30.69 -32.62 53.42
N ARG B 257 29.55 -32.08 53.86
CA ARG B 257 28.69 -32.79 54.79
C ARG B 257 28.22 -34.14 54.25
N THR B 258 28.03 -34.25 52.94
CA THR B 258 27.71 -35.54 52.35
C THR B 258 28.98 -36.37 52.18
N GLY B 259 28.79 -37.65 51.92
CA GLY B 259 29.97 -38.50 51.72
C GLY B 259 30.67 -38.29 50.40
N ILE B 260 30.11 -37.48 49.50
CA ILE B 260 30.61 -37.32 48.14
C ILE B 260 31.37 -36.01 48.03
N SER B 261 32.66 -36.09 47.73
CA SER B 261 33.49 -34.92 47.58
C SER B 261 33.21 -34.22 46.25
N THR B 262 33.62 -32.95 46.17
CA THR B 262 33.40 -32.13 44.99
C THR B 262 34.71 -31.50 44.54
N TYR B 263 34.69 -30.95 43.33
CA TYR B 263 35.69 -30.02 42.86
C TYR B 263 35.03 -28.65 42.84
N SER B 264 35.65 -27.67 43.51
CA SER B 264 34.97 -26.44 43.89
C SER B 264 35.81 -25.22 43.58
N ILE B 265 35.13 -24.16 43.11
CA ILE B 265 35.67 -22.81 43.02
C ILE B 265 34.66 -21.87 43.65
N PHE B 266 35.09 -20.62 43.88
CA PHE B 266 34.32 -19.65 44.65
C PHE B 266 34.23 -18.33 43.89
N GLY B 267 33.00 -17.87 43.65
CA GLY B 267 32.77 -16.57 43.02
C GLY B 267 32.66 -16.63 41.51
N GLN B 268 31.46 -16.93 41.00
CA GLN B 268 31.23 -17.05 39.57
C GLN B 268 29.87 -16.42 39.25
N MET B 269 29.61 -16.24 37.95
CA MET B 269 28.33 -15.67 37.54
C MET B 269 27.95 -16.19 36.16
N MET B 270 26.64 -16.11 35.88
CA MET B 270 26.06 -16.49 34.59
C MET B 270 24.97 -15.50 34.24
N ARG B 271 24.92 -15.09 32.97
CA ARG B 271 23.86 -14.24 32.46
C ARG B 271 23.02 -14.99 31.44
N PHE B 272 21.72 -14.72 31.44
CA PHE B 272 20.81 -15.32 30.47
C PHE B 272 19.81 -14.28 30.01
N ASP B 273 19.59 -14.21 28.70
CA ASP B 273 18.52 -13.40 28.16
C ASP B 273 17.17 -14.10 28.37
N MET B 274 16.13 -13.30 28.57
CA MET B 274 14.77 -13.82 28.65
C MET B 274 13.80 -13.10 27.74
N ARG B 275 14.25 -12.14 26.95
CA ARG B 275 13.35 -11.43 26.04
C ARG B 275 13.03 -12.26 24.81
N GLU B 276 14.01 -13.00 24.28
CA GLU B 276 13.87 -13.70 23.01
C GLU B 276 13.92 -15.21 23.14
N SER B 277 13.97 -15.76 24.35
CA SER B 277 14.00 -17.21 24.54
C SER B 277 13.86 -17.50 26.04
N PHE B 278 13.80 -18.79 26.37
CA PHE B 278 13.70 -19.27 27.74
C PHE B 278 14.91 -20.14 28.04
N PRO B 279 15.71 -19.83 29.08
CA PRO B 279 16.99 -20.54 29.29
C PRO B 279 16.81 -21.94 29.87
N LEU B 280 16.30 -22.84 29.04
CA LEU B 280 16.19 -24.26 29.38
C LEU B 280 17.26 -24.99 28.60
N LEU B 281 18.21 -25.62 29.32
CA LEU B 281 19.39 -26.20 28.69
C LEU B 281 19.01 -27.19 27.60
N THR B 282 19.74 -27.14 26.48
CA THR B 282 19.50 -28.06 25.38
C THR B 282 20.50 -29.21 25.33
N THR B 283 21.70 -29.04 25.92
CA THR B 283 22.67 -30.13 25.94
C THR B 283 22.24 -31.28 26.84
N LYS B 284 21.06 -31.18 27.44
CA LYS B 284 20.53 -32.21 28.32
C LYS B 284 19.04 -31.96 28.49
N LYS B 285 18.24 -33.03 28.43
CA LYS B 285 16.81 -32.90 28.65
C LYS B 285 16.53 -32.58 30.12
N VAL B 286 15.92 -31.44 30.37
CA VAL B 286 15.69 -30.95 31.73
C VAL B 286 14.23 -31.18 32.10
N ALA B 287 14.01 -31.69 33.32
CA ALA B 287 12.66 -32.01 33.81
C ALA B 287 11.93 -30.71 34.14
N ILE B 288 11.36 -30.10 33.10
CA ILE B 288 10.73 -28.79 33.25
C ILE B 288 9.49 -28.86 34.15
N ARG B 289 8.76 -29.98 34.13
CA ARG B 289 7.56 -30.07 34.96
C ARG B 289 7.91 -30.11 36.44
N SER B 290 8.97 -30.84 36.81
CA SER B 290 9.40 -30.85 38.20
C SER B 290 9.83 -29.46 38.66
N ILE B 291 10.44 -28.69 37.77
CA ILE B 291 10.87 -27.34 38.10
C ILE B 291 9.66 -26.47 38.42
N PHE B 292 8.65 -26.49 37.56
CA PHE B 292 7.46 -25.69 37.80
C PHE B 292 6.75 -26.11 39.08
N GLU B 293 6.61 -27.43 39.29
CA GLU B 293 5.89 -27.91 40.46
C GLU B 293 6.59 -27.50 41.75
N GLU B 294 7.92 -27.47 41.74
CA GLU B 294 8.66 -27.00 42.91
C GLU B 294 8.45 -25.50 43.11
N LEU B 295 8.42 -24.73 42.01
CA LEU B 295 8.33 -23.28 42.12
C LEU B 295 6.96 -22.84 42.64
N ILE B 296 5.88 -23.40 42.08
CA ILE B 296 4.55 -23.05 42.57
C ILE B 296 4.36 -23.52 44.00
N TRP B 297 5.09 -24.58 44.38
CA TRP B 297 5.14 -25.05 45.76
C TRP B 297 5.78 -23.99 46.67
N PHE B 298 6.82 -23.32 46.17
CA PHE B 298 7.41 -22.21 46.92
C PHE B 298 6.44 -21.04 47.01
N ILE B 299 5.82 -20.66 45.89
CA ILE B 299 4.99 -19.46 45.85
C ILE B 299 3.80 -19.60 46.79
N LYS B 300 3.19 -20.79 46.83
CA LYS B 300 2.06 -21.03 47.74
C LYS B 300 2.47 -21.04 49.20
N GLY B 301 3.77 -21.00 49.50
CA GLY B 301 4.20 -21.03 50.88
C GLY B 301 4.32 -22.40 51.49
N ASP B 302 4.30 -23.45 50.67
CA ASP B 302 4.21 -24.82 51.17
C ASP B 302 5.58 -25.36 51.57
N THR B 303 5.59 -26.16 52.65
CA THR B 303 6.79 -26.88 53.08
C THR B 303 6.51 -28.36 53.27
N ASN B 304 5.33 -28.85 52.88
CA ASN B 304 4.99 -30.26 52.99
C ASN B 304 5.56 -30.99 51.77
N GLY B 305 6.55 -31.86 52.00
CA GLY B 305 7.17 -32.59 50.92
C GLY B 305 6.27 -33.62 50.26
N ASN B 306 5.19 -34.04 50.94
CA ASN B 306 4.28 -35.01 50.35
C ASN B 306 3.53 -34.44 49.15
N HIS B 307 3.27 -33.13 49.16
CA HIS B 307 2.54 -32.52 48.05
C HIS B 307 3.32 -32.60 46.75
N LEU B 308 4.65 -32.63 46.81
CA LEU B 308 5.46 -32.84 45.62
C LEU B 308 5.48 -34.31 45.21
N ILE B 309 5.55 -35.21 46.19
CA ILE B 309 5.55 -36.65 45.89
C ILE B 309 4.21 -37.06 45.31
N GLU B 310 3.12 -36.46 45.79
CA GLU B 310 1.79 -36.76 45.24
C GLU B 310 1.67 -36.32 43.80
N LYS B 311 2.45 -35.32 43.38
CA LYS B 311 2.52 -34.90 42.00
C LYS B 311 3.68 -35.56 41.25
N LYS B 312 4.21 -36.67 41.79
CA LYS B 312 5.29 -37.44 41.17
C LYS B 312 6.55 -36.61 40.96
N VAL B 313 6.86 -35.75 41.93
CA VAL B 313 8.10 -34.99 41.95
C VAL B 313 8.84 -35.38 43.22
N TYR B 314 10.03 -35.98 43.06
CA TYR B 314 10.74 -36.59 44.17
C TYR B 314 12.09 -35.92 44.44
N ILE B 315 12.26 -34.64 44.07
CA ILE B 315 13.56 -34.01 44.23
C ILE B 315 13.87 -33.71 45.69
N TRP B 316 12.84 -33.51 46.51
CA TRP B 316 13.03 -33.22 47.93
C TRP B 316 12.85 -34.43 48.83
N SER B 317 12.82 -35.64 48.24
CA SER B 317 12.64 -36.84 49.05
C SER B 317 13.86 -37.12 49.91
N GLY B 318 15.06 -36.97 49.35
CA GLY B 318 16.26 -37.34 50.07
C GLY B 318 16.47 -36.53 51.33
N ASN B 319 16.24 -35.22 51.27
CA ASN B 319 16.43 -34.36 52.43
C ASN B 319 15.20 -34.33 53.34
N GLY B 320 14.23 -35.21 53.15
CA GLY B 320 13.08 -35.25 54.01
C GLY B 320 12.71 -36.65 54.48
N SER B 321 13.66 -37.56 54.43
CA SER B 321 13.42 -38.92 54.90
C SER B 321 13.65 -39.00 56.41
N LYS B 322 13.08 -40.05 57.00
CA LYS B 322 13.24 -40.25 58.45
C LYS B 322 14.71 -40.41 58.82
N GLU B 323 15.49 -41.10 57.97
CA GLU B 323 16.89 -41.30 58.27
C GLU B 323 17.68 -40.00 58.22
N TYR B 324 17.43 -39.17 57.20
CA TYR B 324 18.16 -37.90 57.09
C TYR B 324 17.75 -36.93 58.19
N LEU B 325 16.44 -36.81 58.45
CA LEU B 325 15.97 -35.86 59.46
C LEU B 325 16.51 -36.23 60.84
N GLU B 326 16.51 -37.52 61.17
CA GLU B 326 17.07 -37.94 62.45
C GLU B 326 18.57 -37.68 62.50
N ARG B 327 19.25 -37.83 61.37
CA ARG B 327 20.70 -37.65 61.35
C ARG B 327 21.11 -36.20 61.63
N ILE B 328 20.31 -35.23 61.18
CA ILE B 328 20.67 -33.82 61.36
C ILE B 328 20.00 -33.25 62.60
N GLY B 329 19.41 -34.12 63.42
CA GLY B 329 18.84 -33.70 64.69
C GLY B 329 17.40 -33.26 64.64
N LEU B 330 16.65 -33.63 63.62
CA LEU B 330 15.24 -33.30 63.49
C LEU B 330 14.39 -34.57 63.50
N GLY B 331 14.77 -35.54 64.35
CA GLY B 331 14.05 -36.80 64.43
C GLY B 331 12.61 -36.66 64.91
N HIS B 332 12.29 -35.57 65.61
CA HIS B 332 10.93 -35.34 66.05
C HIS B 332 9.98 -35.07 64.88
N ARG B 333 10.48 -34.66 63.73
CA ARG B 333 9.63 -34.23 62.63
C ARG B 333 9.00 -35.42 61.92
N GLU B 334 7.82 -35.19 61.35
CA GLU B 334 7.17 -36.17 60.52
C GLU B 334 7.92 -36.34 59.20
N GLU B 335 7.74 -37.51 58.59
CA GLU B 335 8.35 -37.81 57.30
C GLU B 335 8.02 -36.71 56.29
N ASN B 336 9.06 -36.15 55.68
CA ASN B 336 8.97 -35.09 54.68
C ASN B 336 8.49 -33.75 55.22
N ASP B 337 8.60 -33.50 56.52
CA ASP B 337 8.32 -32.18 57.08
C ASP B 337 9.64 -31.40 57.04
N LEU B 338 9.78 -30.56 56.01
CA LEU B 338 11.06 -29.91 55.74
C LEU B 338 11.32 -28.69 56.61
N GLY B 339 10.31 -28.19 57.33
CA GLY B 339 10.50 -27.06 58.21
C GLY B 339 10.36 -25.76 57.45
N PRO B 340 10.74 -24.65 58.09
CA PRO B 340 10.61 -23.34 57.44
C PRO B 340 11.74 -23.14 56.45
N ILE B 341 11.44 -23.32 55.16
CA ILE B 341 12.44 -23.26 54.11
C ILE B 341 11.89 -22.32 53.05
N TYR B 342 12.42 -22.38 51.83
CA TYR B 342 11.86 -21.62 50.72
C TYR B 342 10.34 -21.71 50.75
N GLY B 343 9.70 -20.57 50.53
CA GLY B 343 8.26 -20.48 50.56
C GLY B 343 7.65 -20.33 51.92
N PHE B 344 8.39 -20.57 52.99
CA PHE B 344 7.90 -20.16 54.29
C PHE B 344 8.55 -18.85 54.69
N GLN B 345 9.80 -18.65 54.29
CA GLN B 345 10.40 -17.33 54.39
C GLN B 345 9.85 -16.38 53.33
N TRP B 346 9.41 -16.92 52.19
CA TRP B 346 8.82 -16.08 51.16
C TRP B 346 7.50 -15.47 51.63
N ARG B 347 6.66 -16.27 52.28
CA ARG B 347 5.31 -15.85 52.62
C ARG B 347 5.12 -15.56 54.11
N HIS B 348 5.97 -16.10 54.98
CA HIS B 348 5.82 -15.94 56.43
C HIS B 348 7.20 -15.74 57.07
N TYR B 349 7.92 -14.71 56.62
CA TYR B 349 9.26 -14.48 57.14
C TYR B 349 9.20 -14.14 58.63
N ASN B 350 10.10 -14.76 59.39
CA ASN B 350 10.19 -14.65 60.85
C ASN B 350 8.98 -15.23 61.57
N GLY B 351 8.10 -15.92 60.87
CA GLY B 351 6.97 -16.56 61.55
C GLY B 351 7.42 -17.78 62.32
N GLU B 352 6.81 -17.98 63.49
CA GLU B 352 7.15 -19.12 64.33
C GLU B 352 6.60 -20.41 63.71
N TYR B 353 7.51 -21.33 63.39
CA TYR B 353 7.16 -22.58 62.74
C TYR B 353 6.91 -23.68 63.78
N LYS B 354 5.85 -24.44 63.57
CA LYS B 354 5.57 -25.61 64.41
C LYS B 354 5.71 -26.88 63.60
N THR B 355 4.65 -27.24 62.87
CA THR B 355 4.67 -28.35 61.93
C THR B 355 4.15 -27.86 60.59
N MET B 356 4.14 -28.77 59.61
CA MET B 356 3.64 -28.47 58.28
C MET B 356 2.12 -28.54 58.18
N HIS B 357 1.42 -28.90 59.25
CA HIS B 357 -0.03 -29.05 59.21
C HIS B 357 -0.76 -27.83 59.75
N ASP B 358 -0.06 -26.91 60.39
CA ASP B 358 -0.70 -25.78 61.06
C ASP B 358 -1.07 -24.68 60.07
N ASP B 359 -1.93 -23.78 60.53
CA ASP B 359 -2.41 -22.67 59.72
C ASP B 359 -1.54 -21.45 59.97
N TYR B 360 -0.87 -20.97 58.93
CA TYR B 360 0.06 -19.85 59.03
C TYR B 360 -0.45 -18.59 58.34
N THR B 361 -1.75 -18.53 58.01
CA THR B 361 -2.30 -17.36 57.34
C THR B 361 -2.22 -16.16 58.27
N GLY B 362 -1.42 -15.17 57.90
CA GLY B 362 -1.27 -13.95 58.67
C GLY B 362 0.04 -13.83 59.42
N VAL B 363 0.75 -14.94 59.68
CA VAL B 363 1.97 -14.91 60.47
C VAL B 363 3.15 -14.60 59.57
N GLY B 364 4.11 -13.85 60.11
CA GLY B 364 5.31 -13.51 59.38
C GLY B 364 5.08 -12.43 58.34
N VAL B 365 6.17 -11.99 57.74
CA VAL B 365 6.15 -10.97 56.70
C VAL B 365 5.98 -11.64 55.34
N ASP B 366 4.98 -11.21 54.58
CA ASP B 366 4.72 -11.74 53.25
C ASP B 366 5.59 -10.97 52.27
N GLN B 367 6.81 -11.46 52.05
CA GLN B 367 7.74 -10.79 51.16
C GLN B 367 7.22 -10.76 49.73
N LEU B 368 6.69 -11.89 49.26
CA LEU B 368 6.23 -11.97 47.87
C LEU B 368 5.10 -10.99 47.59
N ALA B 369 4.14 -10.88 48.52
CA ALA B 369 3.05 -9.93 48.32
C ALA B 369 3.56 -8.49 48.30
N LYS B 370 4.48 -8.15 49.20
CA LYS B 370 5.04 -6.80 49.20
C LYS B 370 5.88 -6.55 47.96
N LEU B 371 6.58 -7.58 47.47
CA LEU B 371 7.36 -7.43 46.24
C LEU B 371 6.47 -7.09 45.06
N ILE B 372 5.36 -7.82 44.90
CA ILE B 372 4.45 -7.56 43.78
C ILE B 372 3.89 -6.15 43.85
N GLU B 373 3.54 -5.69 45.05
CA GLU B 373 2.96 -4.36 45.20
C GLU B 373 3.99 -3.27 44.89
N THR B 374 5.21 -3.43 45.38
CA THR B 374 6.24 -2.43 45.10
C THR B 374 6.68 -2.45 43.64
N LEU B 375 6.62 -3.62 43.00
CA LEU B 375 7.06 -3.71 41.60
C LEU B 375 6.18 -2.87 40.69
N LYS B 376 4.88 -2.75 40.98
CA LYS B 376 3.99 -2.00 40.11
C LYS B 376 3.60 -0.63 40.64
N ASN B 377 3.86 -0.36 41.92
CA ASN B 377 3.59 0.97 42.46
C ASN B 377 4.83 1.85 42.53
N ASN B 378 6.02 1.25 42.59
CA ASN B 378 7.28 2.00 42.62
C ASN B 378 8.32 1.20 41.83
N PRO B 379 8.19 1.18 40.50
CA PRO B 379 9.05 0.29 39.70
C PRO B 379 10.54 0.62 39.80
N LYS B 380 10.90 1.89 39.82
CA LYS B 380 12.30 2.27 39.86
C LYS B 380 12.89 2.21 41.26
N ASP B 381 12.15 1.72 42.24
CA ASP B 381 12.70 1.51 43.57
C ASP B 381 13.84 0.50 43.51
N ARG B 382 14.89 0.78 44.28
CA ARG B 382 16.10 -0.05 44.27
C ARG B 382 16.10 -1.07 45.41
N ARG B 383 14.92 -1.53 45.86
CA ARG B 383 14.81 -2.41 47.01
C ARG B 383 13.86 -3.58 46.77
N HIS B 384 13.61 -3.95 45.52
CA HIS B 384 12.78 -5.11 45.19
C HIS B 384 13.56 -6.38 45.53
N ILE B 385 13.50 -6.78 46.80
CA ILE B 385 14.36 -7.84 47.31
C ILE B 385 13.52 -8.93 47.97
N LEU B 386 13.86 -10.18 47.67
CA LEU B 386 13.25 -11.36 48.28
C LEU B 386 14.35 -12.23 48.85
N THR B 387 14.34 -12.44 50.16
CA THR B 387 15.39 -13.19 50.85
C THR B 387 14.81 -14.41 51.56
N ALA B 388 15.67 -15.43 51.73
CA ALA B 388 15.32 -16.63 52.46
C ALA B 388 16.29 -16.97 53.58
N TRP B 389 17.37 -16.20 53.75
CA TRP B 389 18.37 -16.50 54.76
C TRP B 389 17.92 -15.87 56.08
N ASN B 390 17.35 -16.71 56.95
CA ASN B 390 16.86 -16.27 58.26
C ASN B 390 17.71 -16.96 59.34
N PRO B 391 18.66 -16.25 59.94
CA PRO B 391 19.51 -16.89 60.97
C PRO B 391 18.73 -17.48 62.12
N SER B 392 17.53 -16.97 62.41
CA SER B 392 16.76 -17.50 63.53
C SER B 392 16.13 -18.85 63.21
N ALA B 393 15.98 -19.20 61.92
CA ALA B 393 15.28 -20.41 61.54
C ALA B 393 16.18 -21.47 60.92
N LEU B 394 17.48 -21.19 60.75
CA LEU B 394 18.36 -22.12 60.05
C LEU B 394 18.38 -23.49 60.72
N SER B 395 18.38 -23.52 62.06
CA SER B 395 18.48 -24.79 62.77
C SER B 395 17.25 -25.67 62.56
N GLN B 396 16.10 -25.06 62.25
CA GLN B 396 14.87 -25.81 62.04
C GLN B 396 14.70 -26.31 60.62
N MET B 397 15.55 -25.86 59.68
CA MET B 397 15.38 -26.22 58.28
C MET B 397 16.00 -27.58 57.98
N ALA B 398 15.33 -28.35 57.13
CA ALA B 398 15.91 -29.60 56.65
C ALA B 398 17.18 -29.33 55.85
N LEU B 399 17.27 -28.15 55.24
CA LEU B 399 18.43 -27.74 54.47
C LEU B 399 18.43 -26.22 54.40
N PRO B 400 19.55 -25.57 54.71
CA PRO B 400 19.61 -24.12 54.59
C PRO B 400 19.41 -23.69 53.15
N PRO B 401 18.93 -22.47 52.92
CA PRO B 401 18.65 -22.03 51.54
C PRO B 401 19.91 -21.96 50.70
N CYS B 402 19.82 -22.50 49.47
CA CYS B 402 20.89 -22.41 48.50
C CYS B 402 20.79 -21.13 47.66
N HIS B 403 19.64 -20.93 47.00
CA HIS B 403 19.36 -19.63 46.40
C HIS B 403 18.87 -18.71 47.52
N VAL B 404 19.76 -17.85 47.98
CA VAL B 404 19.61 -17.15 49.25
C VAL B 404 18.87 -15.83 49.10
N LEU B 405 19.18 -15.06 48.07
CA LEU B 405 18.61 -13.73 47.93
C LEU B 405 18.44 -13.40 46.46
N SER B 406 17.34 -12.72 46.13
CA SER B 406 17.08 -12.32 44.76
C SER B 406 16.58 -10.88 44.74
N GLN B 407 16.98 -10.14 43.70
CA GLN B 407 16.60 -8.75 43.52
C GLN B 407 15.99 -8.57 42.14
N TYR B 408 15.07 -7.61 42.01
CA TYR B 408 14.32 -7.42 40.77
C TYR B 408 14.39 -5.96 40.36
N TYR B 409 14.29 -5.73 39.05
CA TYR B 409 14.60 -4.45 38.44
C TYR B 409 13.67 -4.21 37.26
N VAL B 410 13.03 -3.04 37.24
CA VAL B 410 12.12 -2.66 36.17
C VAL B 410 12.86 -1.68 35.25
N THR B 411 13.13 -2.10 34.02
CA THR B 411 13.84 -1.27 33.07
C THR B 411 12.93 -0.14 32.57
N ASN B 412 13.55 0.81 31.86
CA ASN B 412 12.80 1.94 31.34
C ASN B 412 11.82 1.53 30.24
N ASP B 413 12.11 0.44 29.53
CA ASP B 413 11.18 -0.10 28.54
C ASP B 413 10.28 -1.19 29.11
N ASN B 414 10.02 -1.15 30.41
CA ASN B 414 9.01 -1.98 31.07
C ASN B 414 9.33 -3.46 30.99
N CYS B 415 10.59 -3.82 31.22
CA CYS B 415 10.99 -5.20 31.36
C CYS B 415 11.42 -5.49 32.80
N LEU B 416 11.23 -6.73 33.22
CA LEU B 416 11.54 -7.17 34.58
C LEU B 416 12.75 -8.09 34.55
N SER B 417 13.84 -7.65 35.18
CA SER B 417 15.06 -8.43 35.28
C SER B 417 15.25 -8.96 36.70
N CYS B 418 16.09 -9.98 36.83
CA CYS B 418 16.26 -10.68 38.10
C CYS B 418 17.73 -10.97 38.36
N ASN B 419 18.19 -10.65 39.57
CA ASN B 419 19.49 -11.07 40.08
C ASN B 419 19.28 -12.08 41.20
N LEU B 420 20.11 -13.11 41.24
CA LEU B 420 20.04 -14.14 42.27
C LEU B 420 21.43 -14.39 42.82
N TYR B 421 21.56 -14.42 44.15
CA TYR B 421 22.80 -14.88 44.78
C TYR B 421 22.59 -16.29 45.31
N GLN B 422 23.45 -17.21 44.88
CA GLN B 422 23.39 -18.61 45.26
C GLN B 422 24.65 -18.94 46.04
N ARG B 423 24.49 -19.38 47.30
CA ARG B 423 25.65 -19.64 48.15
C ARG B 423 26.34 -20.95 47.79
N SER B 424 25.60 -21.92 47.26
CA SER B 424 26.14 -23.24 46.97
C SER B 424 25.43 -23.80 45.75
N CYS B 425 26.19 -24.28 44.78
CA CYS B 425 25.65 -24.63 43.47
C CYS B 425 26.10 -26.03 43.05
N ASP B 426 25.19 -27.00 43.15
CA ASP B 426 25.36 -28.31 42.54
C ASP B 426 25.16 -28.17 41.04
N LEU B 427 26.27 -28.08 40.30
CA LEU B 427 26.19 -27.80 38.87
C LEU B 427 25.57 -28.93 38.08
N GLY B 428 25.65 -30.16 38.57
CA GLY B 428 25.10 -31.28 37.83
C GLY B 428 23.59 -31.35 37.90
N LEU B 429 23.03 -31.13 39.09
CA LEU B 429 21.58 -31.27 39.32
C LEU B 429 20.90 -29.97 39.67
N GLY B 430 21.43 -29.22 40.63
CA GLY B 430 20.74 -28.03 41.12
C GLY B 430 20.75 -26.88 40.13
N SER B 431 21.89 -26.62 39.50
CA SER B 431 22.04 -25.42 38.68
C SER B 431 21.07 -25.36 37.50
N PRO B 432 20.91 -26.40 36.67
CA PRO B 432 19.90 -26.31 35.60
C PRO B 432 18.51 -26.05 36.14
N PHE B 433 18.18 -26.57 37.32
CA PHE B 433 16.88 -26.28 37.93
C PHE B 433 16.79 -24.80 38.33
N ASN B 434 17.84 -24.28 38.97
CA ASN B 434 17.80 -22.89 39.45
C ASN B 434 17.65 -21.91 38.29
N ILE B 435 18.33 -22.17 37.17
CA ILE B 435 18.25 -21.27 36.02
C ILE B 435 16.83 -21.19 35.50
N ALA B 436 16.20 -22.33 35.25
CA ALA B 436 14.84 -22.34 34.74
C ALA B 436 13.85 -21.88 35.79
N SER B 437 14.10 -22.20 37.07
CA SER B 437 13.15 -21.85 38.13
C SER B 437 12.98 -20.33 38.24
N TYR B 438 14.09 -19.60 38.39
CA TYR B 438 14.00 -18.16 38.54
C TYR B 438 13.65 -17.45 37.24
N ALA B 439 13.83 -18.12 36.09
CA ALA B 439 13.32 -17.58 34.84
C ALA B 439 11.80 -17.61 34.82
N ILE B 440 11.21 -18.73 35.25
CA ILE B 440 9.75 -18.84 35.30
C ILE B 440 9.19 -17.83 36.31
N LEU B 441 9.82 -17.75 37.48
CA LEU B 441 9.35 -16.84 38.52
C LEU B 441 9.35 -15.40 38.03
N THR B 442 10.41 -14.98 37.35
CA THR B 442 10.48 -13.62 36.82
C THR B 442 9.41 -13.39 35.76
N MET B 443 9.12 -14.40 34.95
CA MET B 443 8.04 -14.28 33.97
C MET B 443 6.69 -14.18 34.65
N MET B 444 6.46 -14.98 35.70
CA MET B 444 5.21 -14.88 36.45
C MET B 444 5.06 -13.50 37.06
N LEU B 445 6.10 -13.01 37.73
CA LEU B 445 6.06 -11.66 38.29
C LEU B 445 5.85 -10.61 37.22
N ALA B 446 6.40 -10.83 36.02
CA ALA B 446 6.22 -9.86 34.94
C ALA B 446 4.76 -9.79 34.50
N GLN B 447 4.10 -10.94 34.35
CA GLN B 447 2.72 -10.93 33.90
C GLN B 447 1.79 -10.32 34.96
N VAL B 448 2.01 -10.67 36.22
CA VAL B 448 1.15 -10.17 37.31
C VAL B 448 1.31 -8.66 37.47
N CYS B 449 2.51 -8.14 37.23
CA CYS B 449 2.78 -6.71 37.38
C CYS B 449 2.67 -5.95 36.06
N GLY B 450 2.40 -6.63 34.96
CA GLY B 450 2.22 -5.97 33.68
C GLY B 450 3.49 -5.57 32.96
N TYR B 451 4.53 -6.39 33.05
CA TYR B 451 5.80 -6.15 32.37
C TYR B 451 6.14 -7.34 31.47
N GLU B 452 7.23 -7.20 30.72
CA GLU B 452 7.81 -8.25 29.93
C GLU B 452 9.04 -8.82 30.61
N PRO B 453 9.41 -10.06 30.32
CA PRO B 453 10.63 -10.62 30.92
C PRO B 453 11.87 -9.91 30.42
N GLY B 454 12.84 -9.73 31.32
CA GLY B 454 14.08 -9.04 30.99
C GLY B 454 15.27 -9.95 30.91
N GLU B 455 16.22 -9.79 31.83
CA GLU B 455 17.43 -10.60 31.87
C GLU B 455 17.54 -11.31 33.21
N LEU B 456 18.33 -12.38 33.24
CA LEU B 456 18.57 -13.16 34.46
C LEU B 456 20.06 -13.26 34.70
N ALA B 457 20.50 -12.84 35.88
CA ALA B 457 21.89 -12.96 36.30
C ALA B 457 21.95 -13.77 37.58
N ILE B 458 22.85 -14.76 37.63
CA ILE B 458 23.02 -15.64 38.78
C ILE B 458 24.45 -15.52 39.26
N PHE B 459 24.61 -15.06 40.51
CA PHE B 459 25.92 -14.94 41.14
C PHE B 459 26.09 -16.07 42.16
N ILE B 460 27.22 -16.76 42.09
CA ILE B 460 27.41 -18.03 42.79
C ILE B 460 28.59 -17.93 43.75
N GLY B 461 28.40 -18.47 44.94
CA GLY B 461 29.50 -18.65 45.87
C GLY B 461 30.28 -19.91 45.58
N ASP B 462 29.92 -21.01 46.22
CA ASP B 462 30.61 -22.29 46.07
C ASP B 462 30.00 -23.05 44.89
N ALA B 463 30.57 -22.84 43.70
CA ALA B 463 30.20 -23.60 42.52
C ALA B 463 31.04 -24.87 42.46
N HIS B 464 30.38 -26.02 42.36
CA HIS B 464 31.09 -27.28 42.51
C HIS B 464 30.46 -28.37 41.65
N ILE B 465 31.23 -29.44 41.45
CA ILE B 465 30.81 -30.63 40.73
C ILE B 465 31.08 -31.84 41.62
N TYR B 466 30.03 -32.60 41.93
CA TYR B 466 30.20 -33.83 42.70
C TYR B 466 30.96 -34.85 41.87
N GLU B 467 31.86 -35.59 42.53
CA GLU B 467 32.78 -36.44 41.79
C GLU B 467 32.08 -37.60 41.11
N ASN B 468 30.86 -37.95 41.52
CA ASN B 468 30.08 -38.96 40.82
C ASN B 468 29.28 -38.38 39.66
N HIS B 469 29.53 -37.12 39.29
CA HIS B 469 28.95 -36.50 38.11
C HIS B 469 29.98 -36.23 37.02
N LEU B 470 31.24 -36.63 37.22
CA LEU B 470 32.30 -36.25 36.29
C LEU B 470 32.08 -36.87 34.91
N THR B 471 31.80 -38.18 34.86
CA THR B 471 31.56 -38.83 33.58
C THR B 471 30.35 -38.23 32.88
N GLN B 472 29.28 -37.96 33.64
CA GLN B 472 28.05 -37.43 33.05
C GLN B 472 28.26 -36.03 32.49
N LEU B 473 28.89 -35.15 33.27
CA LEU B 473 29.04 -33.76 32.82
C LEU B 473 30.04 -33.65 31.67
N LYS B 474 31.03 -34.54 31.62
CA LYS B 474 31.92 -34.56 30.45
C LYS B 474 31.18 -35.05 29.21
N GLU B 475 30.23 -35.97 29.39
CA GLU B 475 29.37 -36.35 28.27
C GLU B 475 28.56 -35.16 27.78
N GLN B 476 27.98 -34.40 28.70
CA GLN B 476 27.20 -33.22 28.31
C GLN B 476 28.08 -32.19 27.61
N LEU B 477 29.34 -32.07 28.01
CA LEU B 477 30.25 -31.10 27.40
C LEU B 477 30.64 -31.47 25.96
N SER B 478 30.32 -32.67 25.51
CA SER B 478 30.61 -33.08 24.14
C SER B 478 29.50 -32.73 23.17
N ARG B 479 28.42 -32.12 23.64
CA ARG B 479 27.24 -31.85 22.82
C ARG B 479 27.18 -30.36 22.50
N THR B 480 27.16 -30.04 21.21
CA THR B 480 27.06 -28.64 20.80
C THR B 480 25.65 -28.13 21.09
N PRO B 481 25.52 -26.97 21.72
CA PRO B 481 24.19 -26.50 22.12
C PRO B 481 23.31 -26.17 20.93
N ARG B 482 22.01 -26.29 21.14
CA ARG B 482 20.96 -25.93 20.19
C ARG B 482 20.22 -24.70 20.70
N PRO B 483 19.47 -24.00 19.83
CA PRO B 483 18.78 -22.80 20.28
C PRO B 483 17.80 -23.08 21.42
N PHE B 484 17.71 -22.13 22.34
CA PHE B 484 16.80 -22.23 23.47
C PHE B 484 15.34 -22.30 22.98
N PRO B 485 14.45 -22.93 23.73
CA PRO B 485 13.03 -22.92 23.36
C PRO B 485 12.34 -21.64 23.77
N GLN B 486 11.02 -21.57 23.57
CA GLN B 486 10.20 -20.48 24.08
C GLN B 486 9.26 -21.01 25.14
N LEU B 487 8.91 -20.16 26.11
CA LEU B 487 7.95 -20.51 27.14
C LEU B 487 6.92 -19.39 27.22
N LYS B 488 5.65 -19.73 27.02
CA LYS B 488 4.58 -18.76 27.04
C LYS B 488 3.47 -19.24 27.97
N PHE B 489 2.73 -18.28 28.53
CA PHE B 489 1.58 -18.56 29.37
C PHE B 489 0.31 -18.53 28.54
N LYS B 490 -0.57 -19.52 28.76
CA LYS B 490 -1.78 -19.65 27.98
C LYS B 490 -2.90 -18.73 28.44
N ARG B 491 -2.80 -18.14 29.63
CA ARG B 491 -3.84 -17.24 30.12
C ARG B 491 -3.20 -16.26 31.10
N LYS B 492 -3.93 -15.17 31.36
CA LYS B 492 -3.50 -14.17 32.33
C LYS B 492 -4.19 -14.48 33.66
N VAL B 493 -3.39 -14.87 34.66
CA VAL B 493 -3.93 -15.19 35.97
C VAL B 493 -4.25 -13.92 36.74
N GLU B 494 -5.12 -14.05 37.73
CA GLU B 494 -5.45 -12.93 38.60
C GLU B 494 -4.53 -12.86 39.82
N ASN B 495 -3.94 -13.98 40.22
CA ASN B 495 -2.96 -14.01 41.30
C ASN B 495 -1.86 -14.98 40.93
N ILE B 496 -0.64 -14.67 41.38
CA ILE B 496 0.52 -15.47 41.02
C ILE B 496 0.39 -16.90 41.52
N GLU B 497 -0.46 -17.15 42.53
CA GLU B 497 -0.67 -18.48 43.07
C GLU B 497 -1.55 -19.34 42.18
N ASP B 498 -2.21 -18.76 41.19
CA ASP B 498 -3.17 -19.47 40.35
C ASP B 498 -2.53 -20.19 39.18
N PHE B 499 -1.23 -20.05 38.96
CA PHE B 499 -0.57 -20.70 37.84
C PHE B 499 -0.63 -22.22 38.00
N LYS B 500 -0.97 -22.90 36.92
CA LYS B 500 -1.01 -24.36 36.87
C LYS B 500 -0.12 -24.85 35.74
N TRP B 501 0.29 -26.12 35.82
CA TRP B 501 1.16 -26.66 34.80
C TRP B 501 0.51 -26.63 33.42
N GLU B 502 -0.82 -26.70 33.36
CA GLU B 502 -1.52 -26.65 32.09
C GLU B 502 -1.46 -25.26 31.46
N ASP B 503 -1.15 -24.23 32.24
CA ASP B 503 -1.06 -22.86 31.72
C ASP B 503 0.24 -22.58 30.99
N ILE B 504 1.20 -23.49 31.04
CA ILE B 504 2.54 -23.27 30.48
C ILE B 504 2.65 -23.99 29.14
N GLU B 505 3.19 -23.30 28.15
CA GLU B 505 3.43 -23.87 26.82
C GLU B 505 4.92 -23.78 26.50
N LEU B 506 5.55 -24.93 26.29
CA LEU B 506 6.97 -25.01 25.93
C LEU B 506 7.07 -25.27 24.43
N ILE B 507 7.59 -24.30 23.69
CA ILE B 507 7.57 -24.31 22.23
C ILE B 507 9.00 -24.44 21.71
N GLY B 508 9.24 -25.46 20.89
CA GLY B 508 10.51 -25.59 20.21
C GLY B 508 11.66 -26.10 21.05
N TYR B 509 11.39 -27.06 21.94
CA TYR B 509 12.41 -27.65 22.81
C TYR B 509 12.84 -28.98 22.22
N TYR B 510 14.07 -29.03 21.73
CA TYR B 510 14.62 -30.25 21.11
C TYR B 510 15.98 -30.55 21.73
N PRO B 511 15.98 -31.07 22.96
CA PRO B 511 17.24 -31.29 23.68
C PRO B 511 17.89 -32.63 23.34
N TYR B 512 19.14 -32.75 23.77
CA TYR B 512 19.84 -34.03 23.76
C TYR B 512 19.25 -34.93 24.84
N PRO B 513 19.49 -36.25 24.74
CA PRO B 513 18.86 -37.18 25.69
C PRO B 513 19.22 -36.90 27.14
N THR B 514 18.41 -37.47 28.03
CA THR B 514 18.56 -37.28 29.47
C THR B 514 19.89 -37.88 29.94
N ILE B 515 20.46 -37.29 30.98
CA ILE B 515 21.69 -37.74 31.61
C ILE B 515 21.39 -37.98 33.08
N LYS B 516 21.45 -39.23 33.52
CA LYS B 516 21.09 -39.58 34.89
C LYS B 516 22.23 -39.26 35.84
N MET B 517 21.91 -38.55 36.92
CA MET B 517 22.88 -38.19 37.95
C MET B 517 22.24 -38.31 39.33
N ASP B 518 22.93 -38.98 40.25
CA ASP B 518 22.41 -39.20 41.59
C ASP B 518 22.63 -37.98 42.47
N MET B 519 21.69 -37.75 43.39
CA MET B 519 21.75 -36.61 44.31
C MET B 519 22.51 -36.98 45.58
N ALA B 520 23.34 -36.06 46.04
CA ALA B 520 24.08 -36.24 47.28
C ALA B 520 23.22 -35.79 48.45
N VAL B 521 22.90 -36.72 49.35
CA VAL B 521 22.04 -36.44 50.49
C VAL B 521 22.84 -35.75 51.60
N GLU C 3 14.76 30.85 5.54
CA GLU C 3 13.37 30.40 5.49
C GLU C 3 13.27 28.93 5.09
N LYS C 4 13.16 28.06 6.10
CA LYS C 4 13.06 26.62 5.89
C LYS C 4 11.82 26.10 6.61
N ASN C 5 11.55 24.80 6.45
CA ASN C 5 10.29 24.21 6.87
C ASN C 5 10.34 23.78 8.33
N VAL C 6 9.20 23.90 9.00
CA VAL C 6 9.03 23.49 10.39
C VAL C 6 7.83 22.55 10.47
N SER C 7 8.06 21.33 10.91
CA SER C 7 7.03 20.29 10.96
C SER C 7 6.89 19.74 12.37
N ILE C 8 5.66 19.42 12.76
CA ILE C 8 5.38 18.72 14.00
C ILE C 8 5.30 17.23 13.72
N VAL C 9 5.94 16.44 14.58
CA VAL C 9 5.80 14.98 14.58
C VAL C 9 5.26 14.57 15.94
N VAL C 10 4.17 13.80 15.94
CA VAL C 10 3.50 13.43 17.19
C VAL C 10 2.75 12.13 16.96
N ALA C 11 2.62 11.35 18.03
CA ALA C 11 1.77 10.17 18.07
C ALA C 11 0.76 10.36 19.18
N ALA C 12 -0.53 10.39 18.82
CA ALA C 12 -1.59 10.68 19.78
C ALA C 12 -2.73 9.69 19.60
N SER C 13 -3.49 9.50 20.67
CA SER C 13 -4.61 8.56 20.63
C SER C 13 -5.74 9.15 19.79
N VAL C 14 -6.56 8.25 19.24
CA VAL C 14 -7.46 8.62 18.14
C VAL C 14 -8.57 9.56 18.61
N LEU C 15 -9.05 9.41 19.86
CA LEU C 15 -10.17 10.21 20.32
C LEU C 15 -9.74 11.38 21.21
N SER C 16 -8.94 11.12 22.25
CA SER C 16 -8.62 12.16 23.22
C SER C 16 -7.24 12.78 23.00
N SER C 17 -6.45 12.28 22.05
CA SER C 17 -5.15 12.85 21.71
C SER C 17 -4.14 12.75 22.86
N GLY C 18 -4.23 11.67 23.62
CA GLY C 18 -3.24 11.43 24.66
C GLY C 18 -1.92 10.96 24.05
N ILE C 19 -0.81 11.48 24.61
CA ILE C 19 0.51 11.19 24.04
C ILE C 19 1.47 10.67 25.10
N GLY C 20 1.12 10.78 26.38
CA GLY C 20 2.06 10.39 27.43
C GLY C 20 1.38 10.07 28.73
N ILE C 21 2.12 9.33 29.58
CA ILE C 21 1.65 8.96 30.91
C ILE C 21 2.86 8.64 31.79
N ASN C 22 2.97 9.31 32.93
CA ASN C 22 4.03 9.08 33.91
C ASN C 22 5.42 9.16 33.28
N GLY C 23 5.62 10.16 32.44
CA GLY C 23 6.92 10.41 31.85
C GLY C 23 7.33 9.50 30.72
N GLN C 24 6.45 8.63 30.26
CA GLN C 24 6.75 7.75 29.13
C GLN C 24 5.54 7.66 28.22
N LEU C 25 5.67 6.87 27.16
CA LEU C 25 4.59 6.70 26.20
C LEU C 25 3.56 5.70 26.73
N PRO C 26 2.29 5.87 26.38
CA PRO C 26 1.26 4.91 26.79
C PRO C 26 1.16 3.67 25.91
N TRP C 27 2.14 3.44 25.03
CA TRP C 27 2.13 2.28 24.15
C TRP C 27 3.57 2.01 23.74
N SER C 28 3.75 0.90 23.00
CA SER C 28 5.06 0.52 22.48
C SER C 28 4.86 0.00 21.05
N ILE C 29 5.06 0.88 20.07
CA ILE C 29 4.88 0.55 18.67
C ILE C 29 6.20 0.79 17.95
N SER C 30 6.87 -0.31 17.57
CA SER C 30 8.21 -0.20 16.99
C SER C 30 8.17 0.54 15.65
N GLU C 31 7.20 0.22 14.79
CA GLU C 31 7.14 0.84 13.47
C GLU C 31 6.94 2.34 13.55
N ASP C 32 6.29 2.82 14.63
CA ASP C 32 6.10 4.26 14.78
C ASP C 32 7.42 4.96 15.09
N LEU C 33 8.30 4.32 15.86
CA LEU C 33 9.61 4.91 16.11
C LEU C 33 10.45 4.95 14.84
N LYS C 34 10.36 3.90 14.01
CA LYS C 34 11.07 3.91 12.74
C LYS C 34 10.53 5.02 11.82
N PHE C 35 9.23 5.27 11.87
CA PHE C 35 8.67 6.39 11.12
C PHE C 35 9.24 7.71 11.61
N PHE C 36 9.27 7.90 12.94
CA PHE C 36 9.89 9.09 13.50
C PHE C 36 11.34 9.23 13.05
N SER C 37 12.08 8.12 13.03
CA SER C 37 13.48 8.18 12.63
C SER C 37 13.63 8.54 11.15
N LYS C 38 12.83 7.92 10.29
CA LYS C 38 12.97 8.18 8.86
C LYS C 38 12.49 9.57 8.49
N ILE C 39 11.44 10.06 9.15
CA ILE C 39 10.89 11.36 8.77
C ILE C 39 11.78 12.49 9.28
N THR C 40 12.48 12.30 10.39
CA THR C 40 13.34 13.34 10.94
C THR C 40 14.74 13.31 10.36
N ASN C 41 15.15 12.20 9.75
CA ASN C 41 16.43 12.11 9.06
C ASN C 41 16.34 12.51 7.59
N ASN C 42 15.12 12.59 7.04
CA ASN C 42 14.94 12.87 5.62
C ASN C 42 15.40 14.29 5.29
N LYS C 43 16.35 14.40 4.37
CA LYS C 43 16.89 15.69 3.97
C LYS C 43 17.50 15.58 2.58
N CYS C 44 17.73 16.74 1.96
CA CYS C 44 18.28 16.83 0.62
C CYS C 44 19.79 17.01 0.60
N ASP C 45 20.30 17.93 1.42
CA ASP C 45 21.73 18.26 1.43
C ASP C 45 22.47 17.34 2.40
N SER C 46 23.48 16.64 1.90
CA SER C 46 24.24 15.73 2.76
C SER C 46 25.14 16.48 3.72
N ASN C 47 25.50 17.73 3.43
CA ASN C 47 26.34 18.54 4.31
C ASN C 47 25.53 19.34 5.32
N LYS C 48 24.24 19.06 5.46
CA LYS C 48 23.38 19.72 6.43
C LYS C 48 22.75 18.67 7.34
N LYS C 49 22.20 19.15 8.45
CA LYS C 49 21.51 18.30 9.42
C LYS C 49 20.13 18.87 9.70
N ASN C 50 19.28 18.05 10.30
CA ASN C 50 17.97 18.47 10.75
C ASN C 50 17.98 18.68 12.26
N ALA C 51 17.16 19.64 12.71
CA ALA C 51 17.08 19.99 14.12
C ALA C 51 15.77 19.48 14.70
N LEU C 52 15.86 18.83 15.87
CA LEU C 52 14.69 18.27 16.55
C LEU C 52 14.49 19.02 17.86
N ILE C 53 13.46 19.85 17.92
CA ILE C 53 13.14 20.63 19.11
C ILE C 53 12.25 19.80 20.02
N MET C 54 12.59 19.74 21.30
CA MET C 54 11.81 18.99 22.27
C MET C 54 11.95 19.64 23.64
N GLY C 55 10.93 19.44 24.49
CA GLY C 55 10.98 19.93 25.84
C GLY C 55 11.91 19.11 26.72
N ARG C 56 12.19 19.64 27.91
CA ARG C 56 13.16 19.02 28.80
C ARG C 56 12.64 17.68 29.34
N LYS C 57 11.35 17.60 29.64
CA LYS C 57 10.81 16.33 30.14
C LYS C 57 10.86 15.25 29.08
N THR C 58 10.66 15.61 27.82
CA THR C 58 10.86 14.64 26.74
C THR C 58 12.33 14.28 26.59
N TRP C 59 13.22 15.26 26.81
CA TRP C 59 14.66 14.98 26.79
C TRP C 59 15.04 13.98 27.88
N ASP C 60 14.41 14.07 29.05
CA ASP C 60 14.65 13.09 30.10
C ASP C 60 14.13 11.71 29.70
N SER C 61 12.96 11.66 29.07
CA SER C 61 12.33 10.38 28.78
C SER C 61 13.10 9.55 27.75
N ILE C 62 13.92 10.19 26.92
CA ILE C 62 14.73 9.48 25.92
C ILE C 62 16.12 9.22 26.48
N GLY C 63 16.28 9.37 27.79
CA GLY C 63 17.54 9.03 28.43
C GLY C 63 18.63 10.07 28.31
N ARG C 64 18.35 11.26 27.79
CA ARG C 64 19.34 12.32 27.61
C ARG C 64 20.51 11.85 26.75
N ARG C 65 20.21 11.14 25.67
CA ARG C 65 21.24 10.70 24.76
C ARG C 65 20.92 11.17 23.35
N PRO C 66 21.94 11.52 22.56
CA PRO C 66 21.69 12.13 21.24
C PRO C 66 21.11 11.14 20.25
N LEU C 67 20.49 11.69 19.22
CA LEU C 67 19.95 10.91 18.11
C LEU C 67 20.90 11.02 16.92
N LYS C 68 21.28 9.87 16.37
CA LYS C 68 22.29 9.82 15.32
C LYS C 68 21.90 10.69 14.13
N ASN C 69 22.90 11.42 13.60
CA ASN C 69 22.82 12.24 12.39
C ASN C 69 21.96 13.50 12.56
N ARG C 70 21.44 13.77 13.75
CA ARG C 70 20.57 14.92 13.97
C ARG C 70 21.07 15.74 15.15
N ILE C 71 20.58 16.98 15.22
CA ILE C 71 20.89 17.91 16.31
C ILE C 71 19.64 18.07 17.16
N ILE C 72 19.76 17.81 18.45
CA ILE C 72 18.64 17.90 19.38
C ILE C 72 18.67 19.28 20.04
N VAL C 73 17.52 19.94 20.06
CA VAL C 73 17.36 21.25 20.66
C VAL C 73 16.41 21.10 21.85
N VAL C 74 16.94 21.29 23.06
CA VAL C 74 16.16 21.12 24.29
C VAL C 74 15.72 22.50 24.77
N ILE C 75 14.43 22.64 25.03
CA ILE C 75 13.88 23.86 25.60
C ILE C 75 13.82 23.68 27.11
N SER C 76 14.55 24.53 27.84
CA SER C 76 14.61 24.41 29.30
C SER C 76 15.06 25.73 29.88
N SER C 77 14.57 26.03 31.07
CA SER C 77 14.98 27.22 31.80
C SER C 77 16.14 26.97 32.74
N SER C 78 16.39 25.71 33.11
CA SER C 78 17.40 25.38 34.12
C SER C 78 18.59 24.60 33.58
N LEU C 79 18.46 23.92 32.45
CA LEU C 79 19.56 23.11 31.93
C LEU C 79 20.76 23.99 31.60
N PRO C 80 21.97 23.55 31.94
CA PRO C 80 23.17 24.34 31.61
C PRO C 80 23.38 24.37 30.10
N GLN C 81 23.54 25.57 29.56
CA GLN C 81 23.78 25.77 28.13
C GLN C 81 25.20 25.31 27.81
N ASP C 82 25.36 23.99 27.71
CA ASP C 82 26.65 23.38 27.46
C ASP C 82 27.05 23.50 25.99
N GLU C 83 28.36 23.58 25.76
CA GLU C 83 28.92 23.60 24.42
C GLU C 83 29.80 22.40 24.12
N ALA C 84 29.93 21.47 25.07
CA ALA C 84 30.78 20.29 24.84
C ALA C 84 30.18 19.40 23.76
N ASP C 85 28.88 19.15 23.83
CA ASP C 85 28.20 18.28 22.86
C ASP C 85 27.68 19.12 21.71
N PRO C 86 28.20 18.96 20.49
CA PRO C 86 27.64 19.70 19.35
C PRO C 86 26.32 19.13 18.84
N ASN C 87 25.90 17.97 19.33
CA ASN C 87 24.65 17.36 18.92
C ASN C 87 23.48 17.67 19.84
N VAL C 88 23.73 18.37 20.95
CA VAL C 88 22.69 18.77 21.90
C VAL C 88 22.93 20.22 22.27
N VAL C 89 21.94 21.07 22.01
CA VAL C 89 22.01 22.48 22.34
C VAL C 89 20.77 22.85 23.13
N VAL C 90 20.91 23.84 24.02
CA VAL C 90 19.85 24.22 24.95
C VAL C 90 19.48 25.67 24.71
N PHE C 91 18.18 25.95 24.66
CA PHE C 91 17.66 27.31 24.56
C PHE C 91 16.69 27.56 25.70
N ARG C 92 16.50 28.83 26.04
CA ARG C 92 15.68 29.20 27.19
C ARG C 92 14.20 29.36 26.86
N ASN C 93 13.85 29.47 25.58
CA ASN C 93 12.45 29.55 25.19
C ASN C 93 12.33 29.08 23.75
N LEU C 94 11.09 28.82 23.33
CA LEU C 94 10.85 28.27 22.00
C LEU C 94 11.17 29.29 20.91
N GLU C 95 10.82 30.56 21.13
CA GLU C 95 11.03 31.58 20.10
C GLU C 95 12.51 31.76 19.80
N ASP C 96 13.35 31.81 20.84
CA ASP C 96 14.78 31.96 20.61
C ASP C 96 15.37 30.77 19.87
N SER C 97 14.83 29.56 20.11
CA SER C 97 15.34 28.37 19.45
C SER C 97 15.10 28.39 17.95
N ILE C 98 14.18 29.22 17.46
CA ILE C 98 13.96 29.36 16.03
C ILE C 98 15.08 30.20 15.42
N GLU C 99 16.19 30.33 16.17
CA GLU C 99 17.43 30.83 15.59
C GLU C 99 17.99 29.89 14.52
N ASN C 100 17.53 28.64 14.50
CA ASN C 100 17.85 27.76 13.38
C ASN C 100 17.44 28.38 12.05
N LEU C 101 16.38 29.18 12.05
CA LEU C 101 15.97 29.93 10.87
C LEU C 101 16.85 31.15 10.66
N MET C 102 16.93 32.02 11.68
CA MET C 102 17.56 33.33 11.55
C MET C 102 18.99 33.24 11.02
N ASN C 103 19.66 32.12 11.29
CA ASN C 103 20.99 31.88 10.74
C ASN C 103 21.20 30.38 10.61
N ASP C 104 22.42 29.91 10.86
CA ASP C 104 22.74 28.49 10.83
C ASP C 104 22.28 27.85 9.52
N ASP C 105 23.00 28.11 8.44
CA ASP C 105 22.66 27.53 7.14
C ASP C 105 22.96 26.04 7.07
N SER C 106 23.54 25.46 8.12
CA SER C 106 23.77 24.02 8.18
C SER C 106 22.55 23.24 8.65
N ILE C 107 21.48 23.92 9.06
CA ILE C 107 20.24 23.28 9.46
C ILE C 107 19.26 23.38 8.28
N GLU C 108 18.85 22.23 7.76
CA GLU C 108 17.96 22.21 6.60
C GLU C 108 16.48 22.26 7.00
N ASN C 109 16.06 21.37 7.90
CA ASN C 109 14.68 21.30 8.32
C ASN C 109 14.60 21.28 9.84
N ILE C 110 13.43 21.67 10.36
CA ILE C 110 13.19 21.77 11.79
C ILE C 110 11.97 20.93 12.14
N PHE C 111 12.07 20.18 13.23
CA PHE C 111 10.99 19.31 13.68
C PHE C 111 10.71 19.59 15.15
N VAL C 112 9.45 19.91 15.45
CA VAL C 112 8.99 20.01 16.84
C VAL C 112 8.56 18.62 17.27
N CYS C 113 9.31 18.02 18.20
CA CYS C 113 9.29 16.59 18.39
C CYS C 113 8.57 16.10 19.64
N GLY C 114 8.09 16.99 20.49
CA GLY C 114 7.32 16.49 21.61
C GLY C 114 7.32 17.39 22.81
N GLY C 115 6.37 17.11 23.70
CA GLY C 115 6.07 17.97 24.82
C GLY C 115 4.79 18.74 24.58
N GLU C 116 3.77 18.50 25.40
CA GLU C 116 2.52 19.24 25.27
C GLU C 116 2.77 20.74 25.38
N SER C 117 3.66 21.14 26.28
CA SER C 117 4.00 22.56 26.42
C SER C 117 4.67 23.08 25.14
N ILE C 118 5.53 22.27 24.53
CA ILE C 118 6.21 22.69 23.31
C ILE C 118 5.24 22.69 22.13
N TYR C 119 4.40 21.66 22.02
CA TYR C 119 3.39 21.61 20.96
C TYR C 119 2.47 22.81 21.03
N ARG C 120 1.97 23.12 22.24
CA ARG C 120 0.98 24.18 22.39
C ARG C 120 1.56 25.55 22.03
N ASP C 121 2.82 25.78 22.41
CA ASP C 121 3.44 27.08 22.12
C ASP C 121 3.82 27.20 20.65
N ALA C 122 4.17 26.09 20.00
CA ALA C 122 4.53 26.15 18.58
C ALA C 122 3.33 26.47 17.71
N LEU C 123 2.15 25.95 18.08
CA LEU C 123 0.94 26.23 17.31
C LEU C 123 0.35 27.58 17.65
N LYS C 124 0.43 27.99 18.93
CA LYS C 124 -0.14 29.28 19.33
C LYS C 124 0.59 30.43 18.64
N ASP C 125 1.91 30.34 18.50
CA ASP C 125 2.71 31.39 17.88
C ASP C 125 2.87 31.18 16.38
N ASN C 126 2.19 30.17 15.80
CA ASN C 126 2.15 29.96 14.36
C ASN C 126 3.54 29.73 13.78
N PHE C 127 4.30 28.82 14.39
CA PHE C 127 5.61 28.43 13.88
C PHE C 127 5.56 27.23 12.95
N VAL C 128 4.44 26.50 12.94
CA VAL C 128 4.38 25.17 12.35
C VAL C 128 3.78 25.27 10.95
N ASP C 129 4.45 24.63 9.99
CA ASP C 129 3.95 24.52 8.61
C ASP C 129 3.24 23.21 8.34
N ARG C 130 3.67 22.11 8.97
CA ARG C 130 3.17 20.78 8.63
C ARG C 130 3.04 19.96 9.91
N ILE C 131 2.11 19.00 9.90
CA ILE C 131 1.88 18.12 11.04
C ILE C 131 1.89 16.68 10.55
N TYR C 132 2.83 15.88 11.07
CA TYR C 132 2.84 14.44 10.87
C TYR C 132 2.24 13.78 12.11
N LEU C 133 1.06 13.19 11.95
CA LEU C 133 0.29 12.66 13.07
C LEU C 133 0.14 11.15 12.94
N THR C 134 0.52 10.43 13.99
CA THR C 134 0.26 8.99 14.10
C THR C 134 -0.93 8.82 15.05
N ARG C 135 -2.06 8.39 14.51
CA ARG C 135 -3.26 8.16 15.30
C ARG C 135 -3.26 6.72 15.81
N VAL C 136 -3.26 6.57 17.13
CA VAL C 136 -3.20 5.25 17.77
C VAL C 136 -4.58 4.93 18.33
N ALA C 137 -5.07 3.72 18.06
CA ALA C 137 -6.41 3.31 18.48
C ALA C 137 -6.35 2.66 19.87
N LEU C 138 -6.03 3.49 20.86
CA LEU C 138 -6.01 3.09 22.25
C LEU C 138 -6.65 4.23 23.06
N GLU C 139 -7.76 3.93 23.72
CA GLU C 139 -8.46 5.04 24.36
C GLU C 139 -8.80 4.80 25.82
N ASP C 140 -9.17 3.58 26.20
CA ASP C 140 -9.59 3.34 27.57
C ASP C 140 -8.40 3.10 28.48
N ILE C 141 -7.38 3.95 28.37
CA ILE C 141 -6.22 3.93 29.24
C ILE C 141 -5.99 5.33 29.79
N GLU C 142 -5.05 5.44 30.72
CA GLU C 142 -4.81 6.68 31.43
C GLU C 142 -3.77 7.53 30.72
N PHE C 143 -4.07 8.83 30.59
CA PHE C 143 -3.14 9.80 30.05
C PHE C 143 -2.96 10.95 31.02
N ASP C 144 -1.79 11.59 30.96
CA ASP C 144 -1.58 12.85 31.66
C ASP C 144 -0.97 13.92 30.75
N THR C 145 -0.72 13.60 29.48
CA THR C 145 -0.18 14.54 28.51
C THR C 145 -0.95 14.39 27.21
N TYR C 146 -1.30 15.51 26.59
CA TYR C 146 -2.16 15.51 25.42
C TYR C 146 -1.60 16.39 24.32
N PHE C 147 -1.87 15.99 23.09
CA PHE C 147 -1.59 16.84 21.93
C PHE C 147 -2.73 17.83 21.75
N PRO C 148 -2.44 19.13 21.68
CA PRO C 148 -3.52 20.12 21.55
C PRO C 148 -4.32 19.92 20.26
N GLU C 149 -5.53 20.47 20.26
CA GLU C 149 -6.38 20.40 19.09
C GLU C 149 -5.74 21.13 17.92
N ILE C 150 -5.79 20.51 16.75
CA ILE C 150 -5.19 21.11 15.55
C ILE C 150 -6.00 22.34 15.15
N PRO C 151 -5.38 23.51 15.01
CA PRO C 151 -6.14 24.72 14.67
C PRO C 151 -6.73 24.64 13.27
N GLU C 152 -7.78 25.44 13.06
CA GLU C 152 -8.53 25.42 11.81
C GLU C 152 -7.70 25.85 10.61
N THR C 153 -6.53 26.45 10.82
CA THR C 153 -5.68 26.82 9.70
C THR C 153 -5.04 25.62 9.02
N PHE C 154 -5.10 24.44 9.63
CA PHE C 154 -4.54 23.23 9.05
C PHE C 154 -5.62 22.39 8.40
N LEU C 155 -5.25 21.70 7.32
CA LEU C 155 -6.15 20.80 6.62
C LEU C 155 -5.43 19.49 6.31
N PRO C 156 -6.12 18.36 6.44
CA PRO C 156 -5.48 17.07 6.15
C PRO C 156 -5.27 16.90 4.65
N VAL C 157 -4.11 16.34 4.30
CA VAL C 157 -3.76 16.08 2.91
C VAL C 157 -3.40 14.62 2.65
N TYR C 158 -3.32 13.79 3.68
CA TYR C 158 -2.95 12.40 3.49
C TYR C 158 -3.44 11.58 4.69
N MET C 159 -3.94 10.37 4.41
CA MET C 159 -4.35 9.44 5.45
C MET C 159 -4.03 8.04 4.97
N SER C 160 -3.07 7.38 5.63
CA SER C 160 -2.60 6.08 5.18
C SER C 160 -3.62 4.99 5.51
N GLN C 161 -3.36 3.79 5.01
CA GLN C 161 -4.09 2.61 5.42
C GLN C 161 -3.82 2.32 6.89
N THR C 162 -4.66 1.47 7.47
CA THR C 162 -4.49 1.06 8.86
C THR C 162 -3.42 -0.02 8.95
N PHE C 163 -2.53 0.12 9.92
CA PHE C 163 -1.51 -0.87 10.23
C PHE C 163 -1.78 -1.48 11.61
N CYS C 164 -1.10 -2.59 11.87
CA CYS C 164 -1.33 -3.36 13.09
C CYS C 164 0.00 -3.73 13.73
N THR C 165 0.12 -3.46 15.03
CA THR C 165 1.26 -3.90 15.83
C THR C 165 0.73 -4.40 17.17
N LYS C 166 0.94 -5.68 17.47
CA LYS C 166 0.47 -6.28 18.72
C LYS C 166 -1.02 -6.07 18.92
N ASN C 167 -1.78 -6.24 17.84
CA ASN C 167 -3.24 -6.04 17.81
C ASN C 167 -3.65 -4.59 18.03
N ILE C 168 -2.74 -3.64 17.86
CA ILE C 168 -3.06 -2.21 18.00
C ILE C 168 -3.15 -1.59 16.61
N SER C 169 -4.28 -0.95 16.33
CA SER C 169 -4.48 -0.29 15.04
C SER C 169 -3.94 1.13 15.07
N TYR C 170 -3.33 1.55 13.96
CA TYR C 170 -2.84 2.91 13.83
C TYR C 170 -2.65 3.24 12.36
N ASP C 171 -2.70 4.55 12.05
CA ASP C 171 -2.41 5.04 10.71
C ASP C 171 -1.62 6.33 10.82
N PHE C 172 -1.26 6.90 9.66
CA PHE C 172 -0.44 8.09 9.59
C PHE C 172 -1.14 9.15 8.74
N MET C 173 -1.13 10.39 9.22
CA MET C 173 -1.76 11.50 8.54
C MET C 173 -0.80 12.66 8.41
N ILE C 174 -1.03 13.49 7.40
CA ILE C 174 -0.28 14.72 7.19
C ILE C 174 -1.26 15.89 7.16
N PHE C 175 -0.99 16.92 7.95
CA PHE C 175 -1.75 18.17 7.93
C PHE C 175 -0.86 19.29 7.44
N GLU C 176 -1.44 20.20 6.65
CA GLU C 176 -0.71 21.34 6.14
C GLU C 176 -1.52 22.61 6.37
N LYS C 177 -0.82 23.70 6.67
CA LYS C 177 -1.47 24.98 6.96
C LYS C 177 -1.81 25.66 5.64
N GLN C 178 -3.10 25.69 5.30
CA GLN C 178 -3.57 26.21 4.01
C GLN C 178 -3.52 27.74 3.93
N LEU C 193 -0.46 19.68 -16.87
CA LEU C 193 -0.61 21.03 -17.37
C LEU C 193 -2.07 21.32 -17.68
N LYS C 194 -2.44 22.61 -17.65
CA LYS C 194 -3.81 23.02 -17.95
C LYS C 194 -4.21 22.67 -19.37
N SER C 195 -3.24 22.42 -20.26
CA SER C 195 -3.58 22.12 -21.65
C SER C 195 -4.42 20.85 -21.75
N ILE C 196 -4.12 19.84 -20.93
CA ILE C 196 -4.89 18.61 -20.98
C ILE C 196 -6.28 18.83 -20.38
N ASP C 197 -6.35 19.50 -19.23
CA ASP C 197 -7.64 19.71 -18.58
C ASP C 197 -8.57 20.58 -19.44
N ASP C 198 -8.01 21.58 -20.13
CA ASP C 198 -8.83 22.42 -20.99
C ASP C 198 -9.34 21.66 -22.20
N THR C 199 -8.48 20.85 -22.83
CA THR C 199 -8.90 20.08 -23.99
C THR C 199 -10.01 19.10 -23.63
N VAL C 200 -9.91 18.45 -22.47
CA VAL C 200 -10.95 17.52 -22.03
C VAL C 200 -12.26 18.27 -21.77
N ASP C 201 -12.18 19.46 -21.19
CA ASP C 201 -13.38 20.26 -20.97
C ASP C 201 -14.04 20.64 -22.29
N LEU C 202 -13.25 21.09 -23.27
CA LEU C 202 -13.80 21.46 -24.56
C LEU C 202 -14.44 20.27 -25.26
N LEU C 203 -13.79 19.10 -25.18
CA LEU C 203 -14.39 17.90 -25.75
C LEU C 203 -15.67 17.53 -25.02
N GLY C 204 -15.75 17.80 -23.72
CA GLY C 204 -16.97 17.54 -22.97
C GLY C 204 -18.09 18.52 -23.28
N GLU C 205 -17.76 19.68 -23.86
CA GLU C 205 -18.80 20.61 -24.28
C GLU C 205 -19.34 20.25 -25.65
N ILE C 206 -18.47 19.81 -26.57
CA ILE C 206 -18.86 19.41 -27.90
C ILE C 206 -19.73 18.15 -27.80
N PHE C 207 -19.12 17.05 -27.36
CA PHE C 207 -19.88 15.84 -27.12
C PHE C 207 -20.50 15.90 -25.74
N GLY C 208 -21.78 15.57 -25.65
CA GLY C 208 -22.46 15.63 -24.38
C GLY C 208 -22.20 14.40 -23.55
N ILE C 209 -23.26 13.60 -23.33
CA ILE C 209 -23.12 12.30 -22.69
C ILE C 209 -22.54 11.30 -23.69
N ARG C 210 -22.24 11.77 -24.90
CA ARG C 210 -21.52 10.92 -25.85
C ARG C 210 -20.09 10.66 -25.39
N LYS C 211 -19.52 11.57 -24.61
CA LYS C 211 -18.20 11.38 -24.03
C LYS C 211 -18.33 10.69 -22.69
N MET C 212 -17.75 9.49 -22.57
CA MET C 212 -18.00 8.64 -21.42
C MET C 212 -17.60 9.31 -20.10
N GLY C 213 -16.55 10.15 -20.14
CA GLY C 213 -16.18 10.89 -18.95
C GLY C 213 -17.30 11.73 -18.38
N ASN C 214 -18.18 12.27 -19.25
CA ASN C 214 -19.32 13.04 -18.77
C ASN C 214 -20.36 12.18 -18.08
N ARG C 215 -20.35 10.87 -18.32
CA ARG C 215 -21.20 9.94 -17.59
C ARG C 215 -20.60 9.53 -16.25
N HIS C 216 -19.32 9.83 -16.01
CA HIS C 216 -18.65 9.51 -14.75
C HIS C 216 -17.99 10.78 -14.20
N LYS C 217 -18.80 11.80 -13.94
CA LYS C 217 -18.28 13.07 -13.46
C LYS C 217 -17.70 12.94 -12.06
N PHE C 218 -16.62 13.67 -11.81
CA PHE C 218 -16.00 13.66 -10.50
C PHE C 218 -16.96 14.26 -9.48
N PRO C 219 -17.08 13.69 -8.28
CA PRO C 219 -18.02 14.24 -7.30
C PRO C 219 -17.65 15.66 -6.90
N LYS C 220 -18.69 16.49 -6.73
CA LYS C 220 -18.47 17.85 -6.28
C LYS C 220 -17.94 17.87 -4.85
N GLU C 221 -17.28 18.98 -4.50
CA GLU C 221 -16.62 19.09 -3.21
C GLU C 221 -17.62 18.95 -2.05
N GLU C 222 -18.86 19.42 -2.23
CA GLU C 222 -19.83 19.41 -1.14
C GLU C 222 -20.31 18.01 -0.79
N ILE C 223 -20.06 17.01 -1.64
CA ILE C 223 -20.45 15.64 -1.38
C ILE C 223 -19.24 14.71 -1.34
N TYR C 224 -18.04 15.28 -1.19
CA TYR C 224 -16.79 14.53 -1.15
C TYR C 224 -16.27 14.52 0.28
N ASN C 225 -16.04 13.33 0.82
CA ASN C 225 -15.60 13.21 2.21
C ASN C 225 -14.17 13.72 2.35
N THR C 226 -13.96 14.64 3.30
CA THR C 226 -12.67 15.26 3.59
C THR C 226 -12.01 15.71 2.29
N PRO C 227 -12.52 16.77 1.66
CA PRO C 227 -12.07 17.11 0.29
C PRO C 227 -10.62 17.55 0.20
N SER C 228 -10.02 18.05 1.29
CA SER C 228 -8.65 18.51 1.21
C SER C 228 -7.65 17.37 0.98
N ILE C 229 -8.05 16.12 1.24
CA ILE C 229 -7.20 14.97 0.95
C ILE C 229 -7.48 14.60 -0.50
N ARG C 230 -6.67 15.14 -1.40
CA ARG C 230 -6.86 14.95 -2.84
C ARG C 230 -6.05 13.78 -3.37
N PHE C 231 -4.76 13.73 -3.06
CA PHE C 231 -3.86 12.73 -3.61
C PHE C 231 -3.42 11.70 -2.57
N GLY C 232 -4.00 11.71 -1.38
CA GLY C 232 -3.58 10.80 -0.33
C GLY C 232 -4.70 10.05 0.32
N ARG C 233 -5.69 9.64 -0.46
CA ARG C 233 -6.85 8.91 0.07
C ARG C 233 -6.53 7.41 0.12
N GLU C 234 -5.52 7.09 0.94
CA GLU C 234 -5.02 5.73 1.02
C GLU C 234 -5.86 4.85 1.94
N HIS C 235 -6.43 5.43 3.00
CA HIS C 235 -7.30 4.67 3.90
C HIS C 235 -8.43 4.03 3.11
N TYR C 236 -8.56 2.71 3.22
CA TYR C 236 -9.46 1.98 2.35
C TYR C 236 -10.93 2.17 2.72
N GLU C 237 -11.25 2.89 3.79
CA GLU C 237 -12.64 3.28 3.99
C GLU C 237 -13.09 4.30 2.95
N PHE C 238 -12.15 5.04 2.35
CA PHE C 238 -12.49 5.92 1.24
C PHE C 238 -13.03 5.14 0.04
N GLN C 239 -12.70 3.86 -0.07
CA GLN C 239 -13.26 3.04 -1.15
C GLN C 239 -14.79 2.98 -1.05
N TYR C 240 -15.33 2.98 0.16
CA TYR C 240 -16.78 2.98 0.34
C TYR C 240 -17.34 4.40 0.27
N LEU C 241 -16.69 5.35 0.94
CA LEU C 241 -17.20 6.72 0.99
C LEU C 241 -17.22 7.35 -0.39
N ASP C 242 -16.16 7.15 -1.19
CA ASP C 242 -16.12 7.74 -2.52
C ASP C 242 -17.12 7.10 -3.46
N LEU C 243 -17.52 5.85 -3.21
CA LEU C 243 -18.58 5.26 -4.00
C LEU C 243 -19.92 5.93 -3.72
N LEU C 244 -20.16 6.30 -2.45
CA LEU C 244 -21.32 7.11 -2.13
C LEU C 244 -21.30 8.43 -2.89
N SER C 245 -20.14 9.08 -2.94
CA SER C 245 -20.03 10.37 -3.62
C SER C 245 -20.28 10.22 -5.12
N ARG C 246 -19.78 9.15 -5.72
CA ARG C 246 -20.00 8.91 -7.14
C ARG C 246 -21.48 8.71 -7.46
N VAL C 247 -22.20 8.02 -6.56
CA VAL C 247 -23.62 7.80 -6.77
C VAL C 247 -24.41 9.09 -6.60
N LEU C 248 -24.08 9.87 -5.56
CA LEU C 248 -24.76 11.15 -5.38
C LEU C 248 -24.52 12.08 -6.57
N GLU C 249 -23.36 11.98 -7.20
CA GLU C 249 -23.04 12.87 -8.32
C GLU C 249 -23.71 12.42 -9.62
N ASN C 250 -23.61 11.13 -9.94
CA ASN C 250 -24.01 10.62 -11.25
C ASN C 250 -25.22 9.71 -11.22
N GLY C 251 -25.75 9.39 -10.05
CA GLY C 251 -26.84 8.43 -9.96
C GLY C 251 -28.11 8.85 -10.67
N ALA C 252 -28.65 7.97 -11.50
CA ALA C 252 -29.90 8.24 -12.19
C ALA C 252 -31.08 7.88 -11.29
N TYR C 253 -32.10 8.75 -11.30
CA TYR C 253 -33.29 8.55 -10.47
C TYR C 253 -34.15 7.47 -11.11
N ARG C 254 -34.30 6.33 -10.42
CA ARG C 254 -34.98 5.17 -10.96
C ARG C 254 -35.89 4.55 -9.91
N GLU C 255 -37.02 4.02 -10.37
CA GLU C 255 -37.93 3.26 -9.52
C GLU C 255 -37.53 1.80 -9.49
N ASN C 256 -38.11 1.06 -8.53
CA ASN C 256 -37.82 -0.35 -8.36
C ASN C 256 -39.03 -1.03 -7.73
N ARG C 257 -38.89 -2.33 -7.45
CA ARG C 257 -40.00 -3.12 -6.92
C ARG C 257 -40.53 -2.55 -5.61
N THR C 258 -39.67 -1.98 -4.78
CA THR C 258 -40.14 -1.34 -3.56
C THR C 258 -40.72 0.03 -3.88
N GLY C 259 -41.42 0.61 -2.92
CA GLY C 259 -41.98 1.94 -3.14
C GLY C 259 -40.95 3.06 -3.12
N ILE C 260 -39.71 2.78 -2.77
CA ILE C 260 -38.68 3.80 -2.57
C ILE C 260 -37.75 3.79 -3.77
N SER C 261 -37.69 4.92 -4.48
CA SER C 261 -36.81 5.04 -5.62
C SER C 261 -35.37 5.26 -5.16
N THR C 262 -34.43 5.01 -6.07
CA THR C 262 -33.01 5.15 -5.77
C THR C 262 -32.34 6.02 -6.82
N TYR C 263 -31.11 6.43 -6.51
CA TYR C 263 -30.18 6.99 -7.48
C TYR C 263 -29.12 5.92 -7.74
N SER C 264 -28.92 5.58 -9.01
CA SER C 264 -28.23 4.35 -9.38
C SER C 264 -27.18 4.57 -10.45
N ILE C 265 -26.04 3.89 -10.29
CA ILE C 265 -25.03 3.72 -11.33
C ILE C 265 -24.73 2.24 -11.44
N PHE C 266 -24.00 1.88 -12.51
CA PHE C 266 -23.79 0.48 -12.86
C PHE C 266 -22.31 0.22 -13.10
N GLY C 267 -21.73 -0.74 -12.38
CA GLY C 267 -20.35 -1.15 -12.58
C GLY C 267 -19.35 -0.40 -11.73
N GLN C 268 -19.16 -0.85 -10.49
CA GLN C 268 -18.24 -0.21 -9.55
C GLN C 268 -17.48 -1.27 -8.78
N MET C 269 -16.44 -0.83 -8.06
CA MET C 269 -15.64 -1.77 -7.28
C MET C 269 -15.03 -1.08 -6.07
N MET C 270 -14.69 -1.89 -5.07
CA MET C 270 -14.05 -1.45 -3.84
C MET C 270 -13.01 -2.47 -3.42
N ARG C 271 -11.85 -2.00 -2.97
CA ARG C 271 -10.79 -2.86 -2.45
C ARG C 271 -10.60 -2.60 -0.96
N PHE C 272 -10.31 -3.67 -0.21
CA PHE C 272 -10.03 -3.56 1.21
C PHE C 272 -8.90 -4.50 1.59
N ASP C 273 -7.95 -3.99 2.35
CA ASP C 273 -6.92 -4.85 2.93
C ASP C 273 -7.48 -5.60 4.13
N MET C 274 -6.97 -6.82 4.33
CA MET C 274 -7.32 -7.61 5.50
C MET C 274 -6.10 -8.14 6.24
N ARG C 275 -4.89 -7.80 5.78
CA ARG C 275 -3.69 -8.27 6.46
C ARG C 275 -3.41 -7.47 7.73
N GLU C 276 -3.65 -6.16 7.70
CA GLU C 276 -3.27 -5.28 8.79
C GLU C 276 -4.47 -4.65 9.51
N SER C 277 -5.70 -5.00 9.14
CA SER C 277 -6.88 -4.46 9.79
C SER C 277 -8.11 -5.21 9.28
N PHE C 278 -9.26 -4.87 9.86
CA PHE C 278 -10.55 -5.47 9.51
C PHE C 278 -11.47 -4.36 9.00
N PRO C 279 -12.00 -4.47 7.79
CA PRO C 279 -12.76 -3.35 7.18
C PRO C 279 -14.15 -3.19 7.76
N LEU C 280 -14.21 -2.72 9.01
CA LEU C 280 -15.45 -2.35 9.67
C LEU C 280 -15.52 -0.83 9.72
N LEU C 281 -16.53 -0.27 9.05
CA LEU C 281 -16.61 1.18 8.86
C LEU C 281 -16.55 1.93 10.19
N THR C 282 -15.80 3.03 10.21
CA THR C 282 -15.69 3.86 11.40
C THR C 282 -16.54 5.12 11.33
N THR C 283 -16.89 5.58 10.12
CA THR C 283 -17.76 6.74 9.98
C THR C 283 -19.19 6.45 10.42
N LYS C 284 -19.46 5.24 10.91
CA LYS C 284 -20.78 4.84 11.38
C LYS C 284 -20.61 3.59 12.22
N LYS C 285 -21.30 3.53 13.35
CA LYS C 285 -21.25 2.34 14.18
C LYS C 285 -22.01 1.21 13.50
N VAL C 286 -21.30 0.12 13.19
CA VAL C 286 -21.87 -1.00 12.43
C VAL C 286 -22.18 -2.14 13.39
N ALA C 287 -23.36 -2.74 13.22
CA ALA C 287 -23.82 -3.85 14.06
C ALA C 287 -23.06 -5.11 13.70
N ILE C 288 -21.87 -5.25 14.29
CA ILE C 288 -20.99 -6.35 13.94
C ILE C 288 -21.59 -7.70 14.37
N ARG C 289 -22.35 -7.73 15.46
CA ARG C 289 -22.89 -9.00 15.92
C ARG C 289 -23.96 -9.52 14.97
N SER C 290 -24.82 -8.63 14.47
CA SER C 290 -25.84 -9.06 13.51
C SER C 290 -25.19 -9.59 12.24
N ILE C 291 -24.08 -8.99 11.81
CA ILE C 291 -23.37 -9.45 10.62
C ILE C 291 -22.86 -10.87 10.83
N PHE C 292 -22.19 -11.12 11.97
CA PHE C 292 -21.68 -12.45 12.23
C PHE C 292 -22.80 -13.48 12.32
N GLU C 293 -23.89 -13.13 13.01
CA GLU C 293 -24.97 -14.09 13.19
C GLU C 293 -25.61 -14.45 11.85
N GLU C 294 -25.67 -13.50 10.91
CA GLU C 294 -26.18 -13.82 9.58
C GLU C 294 -25.22 -14.74 8.82
N LEU C 295 -23.90 -14.52 8.98
CA LEU C 295 -22.94 -15.30 8.21
C LEU C 295 -22.89 -16.74 8.69
N ILE C 296 -22.82 -16.95 10.01
CA ILE C 296 -22.83 -18.31 10.54
C ILE C 296 -24.18 -18.98 10.24
N TRP C 297 -25.23 -18.17 10.10
CA TRP C 297 -26.51 -18.69 9.64
C TRP C 297 -26.42 -19.19 8.20
N PHE C 298 -25.66 -18.49 7.35
CA PHE C 298 -25.39 -18.96 6.00
C PHE C 298 -24.52 -20.22 6.02
N ILE C 299 -23.46 -20.20 6.81
CA ILE C 299 -22.47 -21.28 6.79
C ILE C 299 -23.10 -22.60 7.21
N LYS C 300 -23.95 -22.56 8.25
CA LYS C 300 -24.61 -23.77 8.73
C LYS C 300 -25.64 -24.32 7.75
N GLY C 301 -25.95 -23.60 6.67
CA GLY C 301 -26.94 -24.05 5.73
C GLY C 301 -28.36 -23.70 6.07
N ASP C 302 -28.58 -22.80 7.02
CA ASP C 302 -29.92 -22.54 7.54
C ASP C 302 -30.67 -21.54 6.67
N THR C 303 -31.99 -21.76 6.55
CA THR C 303 -32.89 -20.82 5.89
C THR C 303 -34.08 -20.44 6.78
N ASN C 304 -34.07 -20.86 8.04
CA ASN C 304 -35.15 -20.55 8.97
C ASN C 304 -34.92 -19.16 9.55
N GLY C 305 -35.80 -18.22 9.21
CA GLY C 305 -35.67 -16.86 9.69
C GLY C 305 -35.93 -16.71 11.18
N ASN C 306 -36.61 -17.68 11.80
CA ASN C 306 -36.87 -17.57 13.24
C ASN C 306 -35.59 -17.72 14.05
N HIS C 307 -34.62 -18.51 13.56
CA HIS C 307 -33.37 -18.70 14.28
C HIS C 307 -32.60 -17.40 14.40
N LEU C 308 -32.77 -16.48 13.44
CA LEU C 308 -32.15 -15.17 13.55
C LEU C 308 -32.92 -14.27 14.51
N ILE C 309 -34.26 -14.33 14.49
CA ILE C 309 -35.07 -13.52 15.38
C ILE C 309 -34.87 -13.96 16.83
N GLU C 310 -34.70 -15.28 17.05
CA GLU C 310 -34.44 -15.77 18.39
C GLU C 310 -33.13 -15.25 18.94
N LYS C 311 -32.19 -14.90 18.07
CA LYS C 311 -30.93 -14.28 18.47
C LYS C 311 -30.97 -12.76 18.40
N LYS C 312 -32.17 -12.18 18.36
CA LYS C 312 -32.36 -10.73 18.34
C LYS C 312 -31.70 -10.08 17.12
N VAL C 313 -31.79 -10.77 15.98
CA VAL C 313 -31.33 -10.24 14.70
C VAL C 313 -32.54 -10.19 13.77
N TYR C 314 -32.91 -8.98 13.34
CA TYR C 314 -34.16 -8.76 12.63
C TYR C 314 -33.94 -8.25 11.20
N ILE C 315 -32.78 -8.53 10.60
CA ILE C 315 -32.50 -7.98 9.28
C ILE C 315 -33.33 -8.66 8.21
N TRP C 316 -33.71 -9.92 8.42
CA TRP C 316 -34.49 -10.67 7.45
C TRP C 316 -35.99 -10.71 7.77
N SER C 317 -36.45 -9.86 8.68
CA SER C 317 -37.88 -9.85 9.02
C SER C 317 -38.71 -9.28 7.89
N GLY C 318 -38.25 -8.19 7.28
CA GLY C 318 -39.06 -7.52 6.27
C GLY C 318 -39.34 -8.40 5.07
N ASN C 319 -38.33 -9.11 4.58
CA ASN C 319 -38.49 -10.00 3.45
C ASN C 319 -39.01 -11.38 3.86
N GLY C 320 -39.45 -11.53 5.11
CA GLY C 320 -39.97 -12.78 5.60
C GLY C 320 -41.27 -12.67 6.36
N SER C 321 -42.05 -11.63 6.10
CA SER C 321 -43.34 -11.50 6.74
C SER C 321 -44.42 -12.24 5.95
N LYS C 322 -45.53 -12.54 6.62
CA LYS C 322 -46.64 -13.20 5.95
C LYS C 322 -47.19 -12.34 4.82
N GLU C 323 -47.23 -11.02 5.03
CA GLU C 323 -47.74 -10.11 4.00
C GLU C 323 -46.81 -10.08 2.79
N TYR C 324 -45.49 -10.03 3.02
CA TYR C 324 -44.55 -9.98 1.91
C TYR C 324 -44.54 -11.28 1.13
N LEU C 325 -44.51 -12.41 1.84
CA LEU C 325 -44.48 -13.71 1.15
C LEU C 325 -45.73 -13.93 0.32
N GLU C 326 -46.90 -13.58 0.86
CA GLU C 326 -48.13 -13.72 0.09
C GLU C 326 -48.13 -12.78 -1.10
N ARG C 327 -47.54 -11.59 -0.95
CA ARG C 327 -47.55 -10.61 -2.04
C ARG C 327 -46.72 -11.07 -3.22
N ILE C 328 -45.62 -11.78 -2.98
CA ILE C 328 -44.75 -12.24 -4.06
C ILE C 328 -45.09 -13.65 -4.52
N GLY C 329 -46.22 -14.19 -4.09
CA GLY C 329 -46.67 -15.49 -4.55
C GLY C 329 -46.21 -16.67 -3.75
N LEU C 330 -45.79 -16.48 -2.51
CA LEU C 330 -45.36 -17.55 -1.63
C LEU C 330 -46.27 -17.66 -0.41
N GLY C 331 -47.58 -17.47 -0.62
CA GLY C 331 -48.52 -17.53 0.48
C GLY C 331 -48.64 -18.89 1.13
N HIS C 332 -48.29 -19.96 0.41
CA HIS C 332 -48.29 -21.29 0.99
C HIS C 332 -47.22 -21.48 2.05
N ARG C 333 -46.21 -20.62 2.03
CA ARG C 333 -45.04 -20.76 2.88
C ARG C 333 -45.34 -20.32 4.32
N GLU C 334 -44.60 -20.92 5.26
CA GLU C 334 -44.67 -20.51 6.66
C GLU C 334 -44.09 -19.11 6.80
N GLU C 335 -44.38 -18.47 7.95
CA GLU C 335 -44.02 -17.08 8.19
C GLU C 335 -42.60 -16.71 7.80
N ASN C 336 -41.59 -17.26 8.49
CA ASN C 336 -40.19 -16.90 8.23
C ASN C 336 -39.44 -17.96 7.43
N ASP C 337 -40.13 -18.74 6.62
CA ASP C 337 -39.48 -19.72 5.74
C ASP C 337 -39.09 -19.00 4.45
N LEU C 338 -37.81 -18.60 4.35
CA LEU C 338 -37.34 -17.78 3.24
C LEU C 338 -37.07 -18.58 1.98
N GLY C 339 -37.09 -19.90 2.05
CA GLY C 339 -36.87 -20.74 0.88
C GLY C 339 -35.40 -20.98 0.64
N PRO C 340 -35.06 -21.54 -0.52
CA PRO C 340 -33.65 -21.83 -0.80
C PRO C 340 -32.87 -20.59 -1.19
N ILE C 341 -32.13 -20.02 -0.24
CA ILE C 341 -31.42 -18.76 -0.46
C ILE C 341 -29.98 -19.00 -0.03
N TYR C 342 -29.23 -17.93 0.23
CA TYR C 342 -27.89 -18.08 0.78
C TYR C 342 -27.88 -19.14 1.87
N GLY C 343 -26.86 -20.00 1.81
CA GLY C 343 -26.73 -21.09 2.75
C GLY C 343 -27.50 -22.34 2.41
N PHE C 344 -28.42 -22.29 1.45
CA PHE C 344 -28.97 -23.52 0.93
C PHE C 344 -28.34 -23.86 -0.40
N GLN C 345 -28.00 -22.85 -1.20
CA GLN C 345 -27.16 -23.09 -2.37
C GLN C 345 -25.71 -23.31 -1.97
N TRP C 346 -25.28 -22.76 -0.82
CA TRP C 346 -23.92 -22.98 -0.36
C TRP C 346 -23.70 -24.45 0.01
N ARG C 347 -24.67 -25.06 0.71
CA ARG C 347 -24.50 -26.41 1.23
C ARG C 347 -25.31 -27.46 0.49
N HIS C 348 -26.36 -27.08 -0.22
CA HIS C 348 -27.22 -28.03 -0.91
C HIS C 348 -27.63 -27.46 -2.26
N TYR C 349 -26.65 -27.13 -3.10
CA TYR C 349 -26.96 -26.54 -4.40
C TYR C 349 -27.72 -27.53 -5.27
N ASN C 350 -28.76 -27.03 -5.93
CA ASN C 350 -29.68 -27.82 -6.76
C ASN C 350 -30.48 -28.83 -5.96
N GLY C 351 -30.41 -28.78 -4.63
CA GLY C 351 -31.21 -29.68 -3.82
C GLY C 351 -32.68 -29.28 -3.85
N GLU C 352 -33.55 -30.28 -3.85
CA GLU C 352 -34.99 -30.02 -3.89
C GLU C 352 -35.44 -29.44 -2.55
N TYR C 353 -35.96 -28.22 -2.58
CA TYR C 353 -36.39 -27.54 -1.36
C TYR C 353 -37.84 -27.87 -1.08
N LYS C 354 -38.14 -28.19 0.18
CA LYS C 354 -39.51 -28.43 0.60
C LYS C 354 -39.95 -27.36 1.59
N THR C 355 -39.59 -27.52 2.86
CA THR C 355 -39.81 -26.52 3.89
C THR C 355 -38.49 -26.31 4.63
N MET C 356 -38.51 -25.37 5.58
CA MET C 356 -37.33 -25.10 6.39
C MET C 356 -37.14 -26.09 7.52
N HIS C 357 -38.07 -27.02 7.72
CA HIS C 357 -38.00 -27.99 8.80
C HIS C 357 -37.49 -29.35 8.36
N ASP C 358 -37.37 -29.59 7.05
CA ASP C 358 -36.99 -30.89 6.55
C ASP C 358 -35.49 -31.13 6.70
N ASP C 359 -35.10 -32.39 6.58
CA ASP C 359 -33.71 -32.79 6.71
C ASP C 359 -33.07 -32.84 5.32
N TYR C 360 -32.07 -31.97 5.10
CA TYR C 360 -31.43 -31.86 3.81
C TYR C 360 -30.00 -32.40 3.82
N THR C 361 -29.61 -33.15 4.85
CA THR C 361 -28.26 -33.69 4.94
C THR C 361 -28.05 -34.70 3.83
N GLY C 362 -27.14 -34.39 2.90
CA GLY C 362 -26.80 -35.25 1.80
C GLY C 362 -27.34 -34.80 0.46
N VAL C 363 -28.37 -33.97 0.44
CA VAL C 363 -28.98 -33.54 -0.82
C VAL C 363 -28.23 -32.31 -1.33
N GLY C 364 -28.11 -32.23 -2.66
CA GLY C 364 -27.47 -31.10 -3.29
C GLY C 364 -25.95 -31.15 -3.20
N VAL C 365 -25.32 -30.20 -3.87
CA VAL C 365 -23.87 -30.08 -3.90
C VAL C 365 -23.42 -29.19 -2.74
N ASP C 366 -22.51 -29.70 -1.92
CA ASP C 366 -21.96 -28.95 -0.79
C ASP C 366 -20.80 -28.12 -1.32
N GLN C 367 -21.10 -26.90 -1.76
CA GLN C 367 -20.05 -26.04 -2.31
C GLN C 367 -19.02 -25.67 -1.27
N LEU C 368 -19.47 -25.32 -0.06
CA LEU C 368 -18.55 -24.87 0.98
C LEU C 368 -17.57 -25.96 1.36
N ALA C 369 -18.05 -27.20 1.50
CA ALA C 369 -17.14 -28.29 1.83
C ALA C 369 -16.13 -28.53 0.73
N LYS C 370 -16.57 -28.51 -0.53
CA LYS C 370 -15.65 -28.71 -1.64
C LYS C 370 -14.69 -27.55 -1.78
N LEU C 371 -15.14 -26.32 -1.50
CA LEU C 371 -14.25 -25.17 -1.54
C LEU C 371 -13.12 -25.32 -0.54
N ILE C 372 -13.44 -25.69 0.70
CA ILE C 372 -12.43 -25.82 1.74
C ILE C 372 -11.41 -26.88 1.35
N GLU C 373 -11.87 -28.00 0.79
CA GLU C 373 -10.95 -29.07 0.44
C GLU C 373 -10.03 -28.66 -0.70
N THR C 374 -10.57 -27.97 -1.71
CA THR C 374 -9.74 -27.53 -2.82
C THR C 374 -8.77 -26.43 -2.40
N LEU C 375 -9.16 -25.61 -1.41
CA LEU C 375 -8.29 -24.52 -0.99
C LEU C 375 -6.98 -25.03 -0.37
N LYS C 376 -7.02 -26.18 0.31
CA LYS C 376 -5.83 -26.71 0.97
C LYS C 376 -5.20 -27.88 0.24
N ASN C 377 -5.89 -28.49 -0.73
CA ASN C 377 -5.30 -29.55 -1.53
C ASN C 377 -4.80 -29.07 -2.88
N ASN C 378 -5.34 -27.98 -3.41
CA ASN C 378 -4.92 -27.41 -4.68
C ASN C 378 -5.02 -25.90 -4.60
N PRO C 379 -4.12 -25.26 -3.84
CA PRO C 379 -4.27 -23.81 -3.59
C PRO C 379 -4.19 -22.96 -4.84
N LYS C 380 -3.30 -23.29 -5.78
CA LYS C 380 -3.15 -22.47 -6.98
C LYS C 380 -4.19 -22.78 -8.05
N ASP C 381 -5.16 -23.64 -7.74
CA ASP C 381 -6.27 -23.87 -8.66
C ASP C 381 -7.05 -22.57 -8.86
N ARG C 382 -7.44 -22.32 -10.11
CA ARG C 382 -8.10 -21.07 -10.49
C ARG C 382 -9.62 -21.22 -10.52
N ARG C 383 -10.18 -22.12 -9.71
CA ARG C 383 -11.61 -22.42 -9.75
C ARG C 383 -12.24 -22.44 -8.35
N HIS C 384 -11.63 -21.77 -7.37
CA HIS C 384 -12.20 -21.68 -6.04
C HIS C 384 -13.41 -20.75 -6.07
N ILE C 385 -14.58 -21.29 -6.41
CA ILE C 385 -15.77 -20.47 -6.68
C ILE C 385 -16.93 -20.94 -5.82
N LEU C 386 -17.64 -19.97 -5.26
CA LEU C 386 -18.86 -20.22 -4.47
C LEU C 386 -19.97 -19.38 -5.07
N THR C 387 -21.03 -20.02 -5.55
CA THR C 387 -22.13 -19.32 -6.21
C THR C 387 -23.44 -19.53 -5.48
N ALA C 388 -24.34 -18.56 -5.64
CA ALA C 388 -25.69 -18.66 -5.09
C ALA C 388 -26.76 -18.41 -6.13
N TRP C 389 -26.40 -18.09 -7.38
CA TRP C 389 -27.38 -17.80 -8.42
C TRP C 389 -27.80 -19.12 -9.06
N ASN C 390 -28.96 -19.62 -8.66
CA ASN C 390 -29.50 -20.88 -9.19
C ASN C 390 -30.77 -20.57 -9.96
N PRO C 391 -30.73 -20.53 -11.29
CA PRO C 391 -31.94 -20.18 -12.06
C PRO C 391 -33.13 -21.10 -11.80
N SER C 392 -32.89 -22.33 -11.38
CA SER C 392 -33.99 -23.27 -11.12
C SER C 392 -34.72 -22.97 -9.82
N ALA C 393 -34.11 -22.25 -8.89
CA ALA C 393 -34.68 -22.03 -7.56
C ALA C 393 -35.10 -20.59 -7.30
N LEU C 394 -34.91 -19.68 -8.27
CA LEU C 394 -35.19 -18.27 -8.02
C LEU C 394 -36.65 -18.04 -7.64
N SER C 395 -37.59 -18.75 -8.26
CA SER C 395 -39.00 -18.50 -7.99
C SER C 395 -39.37 -18.87 -6.55
N GLN C 396 -38.65 -19.80 -5.93
CA GLN C 396 -38.95 -20.23 -4.57
C GLN C 396 -38.29 -19.36 -3.51
N MET C 397 -37.40 -18.45 -3.91
CA MET C 397 -36.69 -17.63 -2.94
C MET C 397 -37.52 -16.42 -2.53
N ALA C 398 -37.46 -16.08 -1.24
CA ALA C 398 -38.07 -14.83 -0.79
C ALA C 398 -37.40 -13.62 -1.44
N LEU C 399 -36.14 -13.77 -1.81
CA LEU C 399 -35.38 -12.71 -2.47
C LEU C 399 -34.22 -13.34 -3.23
N PRO C 400 -34.02 -13.00 -4.50
CA PRO C 400 -32.88 -13.53 -5.23
C PRO C 400 -31.58 -13.06 -4.60
N PRO C 401 -30.50 -13.81 -4.77
CA PRO C 401 -29.23 -13.45 -4.10
C PRO C 401 -28.68 -12.13 -4.60
N CYS C 402 -28.24 -11.30 -3.65
CA CYS C 402 -27.57 -10.04 -3.97
C CYS C 402 -26.07 -10.24 -4.16
N HIS C 403 -25.39 -10.80 -3.16
CA HIS C 403 -24.01 -11.24 -3.34
C HIS C 403 -24.08 -12.59 -4.06
N VAL C 404 -23.82 -12.56 -5.35
CA VAL C 404 -24.19 -13.66 -6.25
C VAL C 404 -23.08 -14.70 -6.36
N LEU C 405 -21.83 -14.26 -6.48
CA LEU C 405 -20.73 -15.19 -6.73
C LEU C 405 -19.47 -14.65 -6.07
N SER C 406 -18.67 -15.55 -5.51
CA SER C 406 -17.41 -15.18 -4.87
C SER C 406 -16.32 -16.15 -5.29
N GLN C 407 -15.10 -15.62 -5.45
CA GLN C 407 -13.94 -16.42 -5.81
C GLN C 407 -12.82 -16.19 -4.81
N TYR C 408 -12.00 -17.21 -4.61
CA TYR C 408 -10.96 -17.18 -3.59
C TYR C 408 -9.62 -17.57 -4.22
N TYR C 409 -8.55 -17.01 -3.63
CA TYR C 409 -7.23 -17.03 -4.24
C TYR C 409 -6.19 -17.19 -3.15
N VAL C 410 -5.28 -18.15 -3.31
CA VAL C 410 -4.21 -18.39 -2.36
C VAL C 410 -2.94 -17.80 -2.94
N THR C 411 -2.43 -16.75 -2.29
CA THR C 411 -1.22 -16.09 -2.76
C THR C 411 0.00 -16.97 -2.50
N ASN C 412 1.13 -16.57 -3.09
CA ASN C 412 2.36 -17.33 -2.92
C ASN C 412 2.87 -17.27 -1.49
N ASP C 413 2.55 -16.21 -0.75
CA ASP C 413 2.91 -16.11 0.67
C ASP C 413 1.79 -16.59 1.59
N ASN C 414 0.93 -17.49 1.09
CA ASN C 414 -0.05 -18.22 1.90
C ASN C 414 -1.08 -17.29 2.54
N CYS C 415 -1.58 -16.33 1.76
CA CYS C 415 -2.70 -15.49 2.16
C CYS C 415 -3.91 -15.81 1.29
N LEU C 416 -5.09 -15.63 1.86
CA LEU C 416 -6.35 -15.93 1.19
C LEU C 416 -7.08 -14.64 0.85
N SER C 417 -7.26 -14.38 -0.43
CA SER C 417 -7.98 -13.21 -0.91
C SER C 417 -9.34 -13.62 -1.46
N CYS C 418 -10.24 -12.66 -1.55
CA CYS C 418 -11.63 -12.92 -1.94
C CYS C 418 -12.11 -11.85 -2.91
N ASN C 419 -12.73 -12.30 -3.99
CA ASN C 419 -13.47 -11.44 -4.91
C ASN C 419 -14.96 -11.75 -4.78
N LEU C 420 -15.79 -10.71 -4.83
CA LEU C 420 -17.23 -10.86 -4.75
C LEU C 420 -17.90 -10.04 -5.85
N TYR C 421 -18.82 -10.64 -6.58
CA TYR C 421 -19.67 -9.89 -7.50
C TYR C 421 -21.05 -9.74 -6.88
N GLN C 422 -21.51 -8.50 -6.79
CA GLN C 422 -22.80 -8.17 -6.19
C GLN C 422 -23.69 -7.55 -7.26
N ARG C 423 -24.83 -8.19 -7.53
CA ARG C 423 -25.70 -7.71 -8.60
C ARG C 423 -26.44 -6.44 -8.21
N SER C 424 -26.72 -6.25 -6.92
CA SER C 424 -27.49 -5.11 -6.44
C SER C 424 -27.00 -4.75 -5.06
N CYS C 425 -26.71 -3.47 -4.83
CA CYS C 425 -26.03 -3.02 -3.62
C CYS C 425 -26.77 -1.85 -2.99
N ASP C 426 -27.49 -2.12 -1.90
CA ASP C 426 -28.04 -1.07 -1.05
C ASP C 426 -26.90 -0.45 -0.26
N LEU C 427 -26.42 0.70 -0.72
CA LEU C 427 -25.21 1.29 -0.15
C LEU C 427 -25.44 1.78 1.28
N GLY C 428 -26.68 2.11 1.64
CA GLY C 428 -26.95 2.61 2.97
C GLY C 428 -26.94 1.53 4.03
N LEU C 429 -27.55 0.38 3.74
CA LEU C 429 -27.69 -0.70 4.70
C LEU C 429 -26.94 -1.96 4.31
N GLY C 430 -27.12 -2.43 3.07
CA GLY C 430 -26.54 -3.70 2.69
C GLY C 430 -25.04 -3.67 2.55
N SER C 431 -24.51 -2.61 1.94
CA SER C 431 -23.08 -2.57 1.63
C SER C 431 -22.18 -2.66 2.85
N PRO C 432 -22.38 -1.88 3.93
CA PRO C 432 -21.52 -2.05 5.11
C PRO C 432 -21.57 -3.46 5.68
N PHE C 433 -22.73 -4.13 5.60
CA PHE C 433 -22.83 -5.52 6.05
C PHE C 433 -22.02 -6.44 5.15
N ASN C 434 -22.15 -6.28 3.83
CA ASN C 434 -21.45 -7.17 2.89
C ASN C 434 -19.93 -7.06 3.03
N ILE C 435 -19.42 -5.85 3.26
CA ILE C 435 -17.98 -5.67 3.39
C ILE C 435 -17.45 -6.48 4.57
N ALA C 436 -18.08 -6.33 5.74
CA ALA C 436 -17.64 -7.06 6.92
C ALA C 436 -17.96 -8.55 6.82
N SER C 437 -19.09 -8.90 6.19
CA SER C 437 -19.50 -10.31 6.12
C SER C 437 -18.47 -11.15 5.38
N TYR C 438 -18.10 -10.75 4.16
CA TYR C 438 -17.15 -11.55 3.40
C TYR C 438 -15.73 -11.38 3.92
N ALA C 439 -15.45 -10.32 4.68
CA ALA C 439 -14.17 -10.24 5.37
C ALA C 439 -14.08 -11.32 6.46
N ILE C 440 -15.15 -11.47 7.24
CA ILE C 440 -15.17 -12.51 8.28
C ILE C 440 -15.11 -13.89 7.64
N LEU C 441 -15.88 -14.11 6.57
CA LEU C 441 -15.90 -15.40 5.91
C LEU C 441 -14.52 -15.78 5.38
N THR C 442 -13.81 -14.82 4.78
CA THR C 442 -12.48 -15.10 4.26
C THR C 442 -11.51 -15.43 5.40
N MET C 443 -11.67 -14.76 6.55
CA MET C 443 -10.82 -15.07 7.70
C MET C 443 -11.12 -16.46 8.24
N MET C 444 -12.39 -16.83 8.30
CA MET C 444 -12.75 -18.18 8.74
C MET C 444 -12.15 -19.23 7.81
N LEU C 445 -12.31 -19.04 6.50
CA LEU C 445 -11.70 -19.97 5.55
C LEU C 445 -10.18 -19.99 5.69
N ALA C 446 -9.58 -18.85 6.01
CA ALA C 446 -8.14 -18.79 6.17
C ALA C 446 -7.68 -19.65 7.35
N GLN C 447 -8.37 -19.53 8.49
CA GLN C 447 -7.98 -20.30 9.67
C GLN C 447 -8.20 -21.78 9.46
N VAL C 448 -9.33 -22.16 8.88
CA VAL C 448 -9.64 -23.58 8.69
C VAL C 448 -8.69 -24.21 7.68
N CYS C 449 -8.25 -23.45 6.69
CA CYS C 449 -7.34 -23.96 5.67
C CYS C 449 -5.87 -23.69 5.97
N GLY C 450 -5.58 -22.98 7.06
CA GLY C 450 -4.20 -22.74 7.45
C GLY C 450 -3.52 -21.61 6.69
N TYR C 451 -4.24 -20.54 6.39
CA TYR C 451 -3.69 -19.38 5.72
C TYR C 451 -3.95 -18.13 6.56
N GLU C 452 -3.39 -17.02 6.10
CA GLU C 452 -3.64 -15.70 6.67
C GLU C 452 -4.60 -14.92 5.79
N PRO C 453 -5.31 -13.94 6.35
CA PRO C 453 -6.20 -13.12 5.52
C PRO C 453 -5.43 -12.27 4.52
N GLY C 454 -6.00 -12.12 3.33
CA GLY C 454 -5.37 -11.37 2.26
C GLY C 454 -6.06 -10.06 1.95
N GLU C 455 -6.66 -9.96 0.76
CA GLU C 455 -7.35 -8.76 0.32
C GLU C 455 -8.79 -9.10 -0.05
N LEU C 456 -9.64 -8.07 -0.04
CA LEU C 456 -11.05 -8.20 -0.39
C LEU C 456 -11.40 -7.20 -1.48
N ALA C 457 -11.92 -7.70 -2.59
CA ALA C 457 -12.40 -6.87 -3.68
C ALA C 457 -13.87 -7.17 -3.92
N ILE C 458 -14.68 -6.12 -4.03
CA ILE C 458 -16.12 -6.26 -4.23
C ILE C 458 -16.49 -5.55 -5.53
N PHE C 459 -17.02 -6.30 -6.48
CA PHE C 459 -17.46 -5.77 -7.75
C PHE C 459 -18.99 -5.70 -7.76
N ILE C 460 -19.52 -4.55 -8.14
CA ILE C 460 -20.93 -4.23 -7.94
C ILE C 460 -21.59 -3.94 -9.28
N GLY C 461 -22.79 -4.50 -9.45
CA GLY C 461 -23.63 -4.14 -10.58
C GLY C 461 -24.42 -2.87 -10.32
N ASP C 462 -25.63 -3.00 -9.79
CA ASP C 462 -26.49 -1.85 -9.53
C ASP C 462 -26.17 -1.30 -8.14
N ALA C 463 -25.25 -0.34 -8.10
CA ALA C 463 -24.94 0.41 -6.89
C ALA C 463 -25.89 1.59 -6.77
N HIS C 464 -26.61 1.69 -5.65
CA HIS C 464 -27.67 2.68 -5.56
C HIS C 464 -27.82 3.18 -4.13
N ILE C 465 -28.52 4.30 -4.00
CA ILE C 465 -28.85 4.91 -2.70
C ILE C 465 -30.36 5.13 -2.67
N TYR C 466 -31.03 4.54 -1.70
CA TYR C 466 -32.46 4.79 -1.54
C TYR C 466 -32.69 6.22 -1.11
N GLU C 467 -33.74 6.84 -1.67
CA GLU C 467 -33.93 8.27 -1.50
C GLU C 467 -34.27 8.66 -0.07
N ASN C 468 -34.72 7.71 0.76
CA ASN C 468 -34.93 7.98 2.17
C ASN C 468 -33.66 7.79 3.01
N HIS C 469 -32.51 7.64 2.37
CA HIS C 469 -31.22 7.60 3.04
C HIS C 469 -30.35 8.81 2.74
N LEU C 470 -30.86 9.78 1.98
CA LEU C 470 -30.03 10.88 1.50
C LEU C 470 -29.50 11.73 2.65
N THR C 471 -30.37 12.12 3.58
CA THR C 471 -29.92 12.90 4.73
C THR C 471 -28.91 12.13 5.57
N GLN C 472 -29.15 10.84 5.78
CA GLN C 472 -28.25 10.03 6.61
C GLN C 472 -26.88 9.89 5.99
N LEU C 473 -26.83 9.53 4.70
CA LEU C 473 -25.54 9.28 4.05
C LEU C 473 -24.75 10.56 3.86
N LYS C 474 -25.42 11.70 3.68
CA LYS C 474 -24.70 12.96 3.62
C LYS C 474 -24.14 13.34 5.00
N GLU C 475 -24.85 12.97 6.07
CA GLU C 475 -24.30 13.14 7.41
C GLU C 475 -23.05 12.29 7.60
N GLN C 476 -23.10 11.03 7.16
CA GLN C 476 -21.93 10.17 7.29
C GLN C 476 -20.74 10.70 6.49
N LEU C 477 -21.00 11.34 5.34
CA LEU C 477 -19.92 11.88 4.53
C LEU C 477 -19.25 13.09 5.15
N SER C 478 -19.80 13.64 6.24
CA SER C 478 -19.19 14.76 6.92
C SER C 478 -18.21 14.33 8.01
N ARG C 479 -18.01 13.03 8.20
CA ARG C 479 -17.19 12.48 9.28
C ARG C 479 -15.88 11.96 8.70
N THR C 480 -14.77 12.48 9.20
CA THR C 480 -13.46 12.02 8.76
C THR C 480 -13.20 10.62 9.29
N PRO C 481 -12.79 9.67 8.44
CA PRO C 481 -12.64 8.29 8.91
C PRO C 481 -11.53 8.14 9.93
N ARG C 482 -11.69 7.12 10.77
CA ARG C 482 -10.72 6.70 11.77
C ARG C 482 -10.13 5.35 11.39
N PRO C 483 -8.99 4.97 11.96
CA PRO C 483 -8.36 3.69 11.57
C PRO C 483 -9.28 2.51 11.80
N PHE C 484 -9.20 1.54 10.90
CA PHE C 484 -9.97 0.32 11.03
C PHE C 484 -9.59 -0.44 12.30
N PRO C 485 -10.51 -1.21 12.87
CA PRO C 485 -10.16 -2.02 14.04
C PRO C 485 -9.45 -3.31 13.65
N GLN C 486 -9.19 -4.17 14.64
CA GLN C 486 -8.69 -5.51 14.41
C GLN C 486 -9.75 -6.53 14.82
N LEU C 487 -9.76 -7.66 14.13
CA LEU C 487 -10.67 -8.76 14.47
C LEU C 487 -9.85 -10.03 14.55
N LYS C 488 -9.86 -10.68 15.72
CA LYS C 488 -9.09 -11.88 15.95
C LYS C 488 -10.00 -12.98 16.51
N PHE C 489 -9.61 -14.22 16.25
CA PHE C 489 -10.30 -15.38 16.78
C PHE C 489 -9.63 -15.84 18.06
N LYS C 490 -10.45 -16.17 19.06
CA LYS C 490 -9.91 -16.58 20.36
C LYS C 490 -9.47 -18.04 20.40
N ARG C 491 -9.87 -18.85 19.43
CA ARG C 491 -9.49 -20.26 19.41
C ARG C 491 -9.47 -20.74 17.96
N LYS C 492 -8.82 -21.88 17.76
CA LYS C 492 -8.77 -22.53 16.45
C LYS C 492 -9.87 -23.59 16.41
N VAL C 493 -10.88 -23.37 15.57
CA VAL C 493 -11.99 -24.30 15.47
C VAL C 493 -11.58 -25.51 14.65
N GLU C 494 -12.30 -26.62 14.85
CA GLU C 494 -12.09 -27.83 14.06
C GLU C 494 -12.94 -27.86 12.80
N ASN C 495 -14.06 -27.15 12.80
CA ASN C 495 -14.92 -27.04 11.62
C ASN C 495 -15.43 -25.61 11.53
N ILE C 496 -15.62 -25.13 10.30
CA ILE C 496 -16.04 -23.75 10.09
C ILE C 496 -17.42 -23.48 10.69
N GLU C 497 -18.21 -24.52 10.92
CA GLU C 497 -19.53 -24.35 11.52
C GLU C 497 -19.47 -24.15 13.04
N ASP C 498 -18.31 -24.36 13.66
CA ASP C 498 -18.19 -24.30 15.11
C ASP C 498 -17.95 -22.88 15.63
N PHE C 499 -17.80 -21.90 14.75
CA PHE C 499 -17.55 -20.53 15.20
C PHE C 499 -18.77 -20.00 15.97
N LYS C 500 -18.49 -19.35 17.09
CA LYS C 500 -19.50 -18.71 17.91
C LYS C 500 -19.14 -17.23 18.11
N TRP C 501 -20.14 -16.43 18.46
CA TRP C 501 -19.90 -15.01 18.67
C TRP C 501 -18.90 -14.76 19.79
N GLU C 502 -18.81 -15.69 20.76
CA GLU C 502 -17.86 -15.56 21.84
C GLU C 502 -16.42 -15.74 21.37
N ASP C 503 -16.22 -16.37 20.21
CA ASP C 503 -14.90 -16.61 19.67
C ASP C 503 -14.29 -15.39 18.99
N ILE C 504 -15.05 -14.31 18.81
CA ILE C 504 -14.61 -13.14 18.07
C ILE C 504 -14.24 -12.04 19.04
N GLU C 505 -13.08 -11.42 18.82
CA GLU C 505 -12.62 -10.29 19.61
C GLU C 505 -12.39 -9.10 18.68
N LEU C 506 -13.12 -8.02 18.92
CA LEU C 506 -13.00 -6.80 18.14
C LEU C 506 -12.16 -5.80 18.94
N ILE C 507 -10.98 -5.47 18.42
CA ILE C 507 -9.98 -4.70 19.15
C ILE C 507 -9.81 -3.34 18.48
N GLY C 508 -10.00 -2.27 19.24
CA GLY C 508 -9.71 -0.94 18.76
C GLY C 508 -10.74 -0.35 17.82
N TYR C 509 -12.02 -0.58 18.09
CA TYR C 509 -13.11 -0.05 17.26
C TYR C 509 -13.70 1.16 17.96
N TYR C 510 -13.50 2.34 17.37
CA TYR C 510 -13.98 3.60 17.92
C TYR C 510 -14.74 4.36 16.84
N PRO C 511 -15.96 3.95 16.53
CA PRO C 511 -16.70 4.57 15.42
C PRO C 511 -17.46 5.81 15.84
N TYR C 512 -17.94 6.55 14.84
CA TYR C 512 -18.87 7.63 15.07
C TYR C 512 -20.25 7.05 15.43
N PRO C 513 -21.12 7.87 16.04
CA PRO C 513 -22.41 7.35 16.51
C PRO C 513 -23.26 6.73 15.40
N THR C 514 -24.23 5.93 15.84
CA THR C 514 -25.11 5.19 14.94
C THR C 514 -25.94 6.15 14.08
N ILE C 515 -26.27 5.70 12.88
CA ILE C 515 -27.10 6.45 11.93
C ILE C 515 -28.25 5.54 11.54
N LYS C 516 -29.47 5.91 11.93
CA LYS C 516 -30.64 5.07 11.69
C LYS C 516 -31.10 5.21 10.24
N MET C 517 -31.31 4.08 9.57
CA MET C 517 -31.78 4.06 8.19
C MET C 517 -32.79 2.93 8.02
N ASP C 518 -33.93 3.24 7.42
CA ASP C 518 -35.00 2.26 7.23
C ASP C 518 -34.73 1.39 6.02
N MET C 519 -35.15 0.13 6.11
CA MET C 519 -34.99 -0.82 5.02
C MET C 519 -36.18 -0.79 4.08
N ALA C 520 -35.90 -0.84 2.79
CA ALA C 520 -36.95 -0.89 1.77
C ALA C 520 -37.35 -2.33 1.55
N VAL C 521 -38.61 -2.65 1.85
CA VAL C 521 -39.10 -4.02 1.73
C VAL C 521 -39.42 -4.34 0.27
N GLU D 3 7.12 36.40 -25.80
CA GLU D 3 7.18 34.94 -25.73
C GLU D 3 5.82 34.34 -25.36
N LYS D 4 5.07 33.91 -26.38
CA LYS D 4 3.76 33.30 -26.20
C LYS D 4 3.76 31.96 -26.93
N ASN D 5 2.66 31.23 -26.80
CA ASN D 5 2.60 29.84 -27.24
C ASN D 5 2.23 29.73 -28.72
N VAL D 6 2.80 28.71 -29.37
CA VAL D 6 2.53 28.41 -30.76
C VAL D 6 2.13 26.95 -30.86
N SER D 7 0.91 26.68 -31.32
CA SER D 7 0.37 25.32 -31.38
C SER D 7 -0.09 25.01 -32.80
N ILE D 8 0.11 23.77 -33.21
CA ILE D 8 -0.42 23.26 -34.48
C ILE D 8 -1.77 22.60 -34.23
N VAL D 9 -2.74 22.89 -35.09
CA VAL D 9 -4.02 22.19 -35.11
C VAL D 9 -4.15 21.56 -36.50
N VAL D 10 -4.43 20.24 -36.52
CA VAL D 10 -4.48 19.51 -37.78
C VAL D 10 -5.37 18.29 -37.59
N ALA D 11 -6.03 17.87 -38.68
CA ALA D 11 -6.77 16.62 -38.74
C ALA D 11 -6.19 15.79 -39.87
N ALA D 12 -5.66 14.61 -39.53
CA ALA D 12 -4.97 13.77 -40.50
C ALA D 12 -5.44 12.32 -40.35
N SER D 13 -5.30 11.57 -41.44
CA SER D 13 -5.70 10.17 -41.43
C SER D 13 -4.73 9.34 -40.59
N VAL D 14 -5.23 8.22 -40.07
CA VAL D 14 -4.53 7.52 -39.00
C VAL D 14 -3.24 6.87 -39.48
N LEU D 15 -3.18 6.40 -40.72
CA LEU D 15 -1.99 5.69 -41.22
C LEU D 15 -1.11 6.57 -42.09
N SER D 16 -1.67 7.23 -43.10
CA SER D 16 -0.87 7.97 -44.08
C SER D 16 -0.83 9.48 -43.83
N SER D 17 -1.58 9.97 -42.85
CA SER D 17 -1.56 11.39 -42.47
C SER D 17 -2.05 12.28 -43.61
N GLY D 18 -3.03 11.80 -44.38
CA GLY D 18 -3.62 12.64 -45.41
C GLY D 18 -4.56 13.67 -44.79
N ILE D 19 -4.51 14.89 -45.34
CA ILE D 19 -5.28 15.99 -44.76
C ILE D 19 -6.13 16.69 -45.81
N GLY D 20 -5.87 16.43 -47.09
CA GLY D 20 -6.58 17.16 -48.13
C GLY D 20 -6.59 16.41 -49.45
N ILE D 21 -7.53 16.82 -50.30
CA ILE D 21 -7.68 16.26 -51.64
C ILE D 21 -8.43 17.25 -52.52
N ASN D 22 -7.82 17.62 -53.66
CA ASN D 22 -8.44 18.52 -54.64
C ASN D 22 -8.90 19.83 -53.99
N GLY D 23 -8.06 20.38 -53.13
CA GLY D 23 -8.33 21.68 -52.54
C GLY D 23 -9.36 21.71 -51.43
N GLN D 24 -9.86 20.54 -50.99
CA GLN D 24 -10.83 20.49 -49.91
C GLN D 24 -10.48 19.33 -48.99
N LEU D 25 -11.31 19.14 -47.95
CA LEU D 25 -11.08 18.08 -46.99
C LEU D 25 -11.58 16.74 -47.52
N PRO D 26 -10.93 15.65 -47.17
CA PRO D 26 -11.40 14.32 -47.59
C PRO D 26 -12.49 13.72 -46.72
N TRP D 27 -13.10 14.51 -45.83
CA TRP D 27 -14.17 14.03 -44.97
C TRP D 27 -15.00 15.22 -44.52
N SER D 28 -16.08 14.94 -43.80
CA SER D 28 -16.95 15.97 -43.25
C SER D 28 -17.35 15.55 -41.84
N ILE D 29 -16.63 16.06 -40.85
CA ILE D 29 -16.86 15.72 -39.45
C ILE D 29 -17.17 17.03 -38.71
N SER D 30 -18.44 17.20 -38.33
CA SER D 30 -18.88 18.45 -37.73
C SER D 30 -18.19 18.69 -36.39
N GLU D 31 -18.09 17.64 -35.56
CA GLU D 31 -17.52 17.83 -34.22
C GLU D 31 -16.06 18.25 -34.27
N ASP D 32 -15.34 17.86 -35.34
CA ASP D 32 -13.95 18.26 -35.45
C ASP D 32 -13.81 19.76 -35.74
N LEU D 33 -14.74 20.32 -36.52
CA LEU D 33 -14.71 21.75 -36.76
C LEU D 33 -15.02 22.53 -35.50
N LYS D 34 -15.96 22.02 -34.69
CA LYS D 34 -16.24 22.66 -33.40
C LYS D 34 -15.02 22.59 -32.49
N PHE D 35 -14.28 21.49 -32.55
CA PHE D 35 -13.04 21.39 -31.79
C PHE D 35 -12.04 22.44 -32.25
N PHE D 36 -11.87 22.58 -33.57
CA PHE D 36 -11.00 23.63 -34.10
C PHE D 36 -11.45 25.00 -33.63
N SER D 37 -12.76 25.24 -33.61
CA SER D 37 -13.27 26.54 -33.18
C SER D 37 -13.01 26.77 -31.71
N LYS D 38 -13.26 25.77 -30.86
CA LYS D 38 -13.10 25.96 -29.42
C LYS D 38 -11.63 26.06 -29.04
N ILE D 39 -10.75 25.33 -29.72
CA ILE D 39 -9.35 25.33 -29.31
C ILE D 39 -8.64 26.60 -29.78
N THR D 40 -9.06 27.19 -30.90
CA THR D 40 -8.42 28.41 -31.40
C THR D 40 -9.02 29.68 -30.80
N ASN D 41 -10.23 29.61 -30.26
CA ASN D 41 -10.83 30.75 -29.57
C ASN D 41 -10.48 30.79 -28.08
N ASN D 42 -9.97 29.70 -27.53
CA ASN D 42 -9.69 29.63 -26.10
C ASN D 42 -8.60 30.61 -25.72
N LYS D 43 -8.90 31.51 -24.80
CA LYS D 43 -7.95 32.53 -24.36
C LYS D 43 -8.34 33.01 -22.97
N CYS D 44 -7.40 33.68 -22.31
CA CYS D 44 -7.58 34.20 -20.96
C CYS D 44 -8.01 35.66 -20.95
N ASP D 45 -7.36 36.51 -21.74
CA ASP D 45 -7.62 37.94 -21.76
C ASP D 45 -8.72 38.24 -22.77
N SER D 46 -9.79 38.88 -22.32
CA SER D 46 -10.88 39.24 -23.21
C SER D 46 -10.51 40.38 -24.15
N ASN D 47 -9.50 41.17 -23.80
CA ASN D 47 -9.04 42.27 -24.65
C ASN D 47 -7.94 41.84 -25.60
N LYS D 48 -7.71 40.53 -25.75
CA LYS D 48 -6.73 40.01 -26.70
C LYS D 48 -7.42 39.04 -27.65
N LYS D 49 -6.74 38.74 -28.75
CA LYS D 49 -7.23 37.80 -29.74
C LYS D 49 -6.15 36.76 -30.03
N ASN D 50 -6.57 35.67 -30.67
CA ASN D 50 -5.64 34.64 -31.12
C ASN D 50 -5.41 34.77 -32.62
N ALA D 51 -4.21 34.41 -33.05
CA ALA D 51 -3.82 34.50 -34.45
C ALA D 51 -3.77 33.11 -35.06
N LEU D 52 -4.38 32.97 -36.24
CA LEU D 52 -4.45 31.70 -36.95
C LEU D 52 -3.65 31.83 -38.24
N ILE D 53 -2.49 31.21 -38.29
CA ILE D 53 -1.62 31.25 -39.47
C ILE D 53 -2.04 30.11 -40.41
N MET D 54 -2.21 30.44 -41.69
CA MET D 54 -2.59 29.44 -42.68
C MET D 54 -2.01 29.82 -44.02
N GLY D 55 -1.81 28.81 -44.87
CA GLY D 55 -1.36 29.06 -46.22
C GLY D 55 -2.45 29.63 -47.09
N ARG D 56 -2.04 30.12 -48.27
CA ARG D 56 -2.99 30.79 -49.15
C ARG D 56 -4.02 29.83 -49.73
N LYS D 57 -3.60 28.60 -50.06
CA LYS D 57 -4.54 27.64 -50.59
C LYS D 57 -5.58 27.23 -49.54
N THR D 58 -5.18 27.16 -48.27
CA THR D 58 -6.14 26.95 -47.20
C THR D 58 -7.06 28.15 -47.05
N TRP D 59 -6.51 29.36 -47.25
CA TRP D 59 -7.33 30.57 -47.24
C TRP D 59 -8.38 30.53 -48.34
N ASP D 60 -8.02 29.98 -49.50
CA ASP D 60 -9.00 29.82 -50.58
C ASP D 60 -10.06 28.80 -50.21
N SER D 61 -9.65 27.69 -49.59
CA SER D 61 -10.57 26.59 -49.30
C SER D 61 -11.64 26.95 -48.27
N ILE D 62 -11.39 27.95 -47.43
CA ILE D 62 -12.37 28.40 -46.45
C ILE D 62 -13.19 29.58 -46.98
N GLY D 63 -13.14 29.84 -48.29
CA GLY D 63 -13.94 30.88 -48.89
C GLY D 63 -13.42 32.29 -48.75
N ARG D 64 -12.20 32.46 -48.24
CA ARG D 64 -11.59 33.77 -48.05
C ARG D 64 -12.47 34.69 -47.20
N ARG D 65 -13.03 34.13 -46.12
CA ARG D 65 -13.85 34.90 -45.20
C ARG D 65 -13.32 34.77 -43.78
N PRO D 66 -13.39 35.84 -42.98
CA PRO D 66 -12.74 35.82 -41.68
C PRO D 66 -13.45 34.88 -40.70
N LEU D 67 -12.72 34.52 -39.66
CA LEU D 67 -13.23 33.68 -38.58
C LEU D 67 -13.53 34.56 -37.37
N LYS D 68 -14.75 34.45 -36.84
CA LYS D 68 -15.21 35.34 -35.79
C LYS D 68 -14.28 35.31 -34.58
N ASN D 69 -14.01 36.49 -34.02
CA ASN D 69 -13.24 36.73 -32.81
C ASN D 69 -11.74 36.45 -32.96
N ARG D 70 -11.27 36.08 -34.15
CA ARG D 70 -9.87 35.74 -34.35
C ARG D 70 -9.30 36.54 -35.51
N ILE D 71 -7.97 36.58 -35.57
CA ILE D 71 -7.23 37.25 -36.63
C ILE D 71 -6.57 36.19 -37.48
N ILE D 72 -6.83 36.22 -38.78
CA ILE D 72 -6.28 35.26 -39.73
C ILE D 72 -5.02 35.84 -40.35
N VAL D 73 -3.95 35.05 -40.36
CA VAL D 73 -2.67 35.43 -40.95
C VAL D 73 -2.44 34.52 -42.15
N VAL D 74 -2.46 35.11 -43.35
CA VAL D 74 -2.29 34.36 -44.58
C VAL D 74 -0.85 34.51 -45.08
N ILE D 75 -0.20 33.38 -45.35
CA ILE D 75 1.14 33.38 -45.91
C ILE D 75 1.03 33.27 -47.43
N SER D 76 1.52 34.29 -48.12
CA SER D 76 1.42 34.31 -49.58
C SER D 76 2.47 35.27 -50.13
N SER D 77 2.96 34.95 -51.33
CA SER D 77 3.90 35.83 -52.01
C SER D 77 3.22 36.81 -52.95
N SER D 78 1.98 36.55 -53.36
CA SER D 78 1.30 37.36 -54.37
C SER D 78 0.07 38.10 -53.84
N LEU D 79 -0.51 37.66 -52.72
CA LEU D 79 -1.71 38.31 -52.22
C LEU D 79 -1.41 39.75 -51.84
N PRO D 80 -2.31 40.69 -52.17
CA PRO D 80 -2.07 42.09 -51.81
C PRO D 80 -2.12 42.27 -50.30
N GLN D 81 -1.08 42.91 -49.76
CA GLN D 81 -1.01 43.21 -48.32
C GLN D 81 -2.02 44.31 -48.02
N ASP D 82 -3.29 43.91 -47.91
CA ASP D 82 -4.38 44.83 -47.68
C ASP D 82 -4.42 45.26 -46.22
N GLU D 83 -4.88 46.50 -46.00
CA GLU D 83 -5.07 47.04 -44.67
C GLU D 83 -6.53 47.36 -44.38
N ALA D 84 -7.43 47.09 -45.33
CA ALA D 84 -8.85 47.37 -45.11
C ALA D 84 -9.44 46.45 -44.06
N ASP D 85 -9.13 45.15 -44.12
CA ASP D 85 -9.67 44.18 -43.19
C ASP D 85 -8.72 44.02 -42.01
N PRO D 86 -9.11 44.42 -40.79
CA PRO D 86 -8.25 44.19 -39.63
C PRO D 86 -8.26 42.75 -39.13
N ASN D 87 -9.13 41.90 -39.67
CA ASN D 87 -9.20 40.50 -39.27
C ASN D 87 -8.40 39.58 -40.17
N VAL D 88 -7.83 40.09 -41.27
CA VAL D 88 -7.01 39.30 -42.18
C VAL D 88 -5.78 40.13 -42.53
N VAL D 89 -4.59 39.59 -42.25
CA VAL D 89 -3.34 40.24 -42.57
C VAL D 89 -2.49 39.26 -43.36
N VAL D 90 -1.64 39.80 -44.24
CA VAL D 90 -0.87 39.00 -45.18
C VAL D 90 0.62 39.24 -44.91
N PHE D 91 1.38 38.15 -44.87
CA PHE D 91 2.84 38.19 -44.76
C PHE D 91 3.46 37.42 -45.91
N ARG D 92 4.71 37.77 -46.22
CA ARG D 92 5.39 37.19 -47.37
C ARG D 92 6.10 35.88 -47.04
N ASN D 93 6.30 35.57 -45.77
CA ASN D 93 6.90 34.29 -45.38
C ASN D 93 6.48 33.96 -43.96
N LEU D 94 6.71 32.70 -43.58
CA LEU D 94 6.26 32.24 -42.27
C LEU D 94 7.07 32.88 -41.15
N GLU D 95 8.39 33.04 -41.35
CA GLU D 95 9.23 33.61 -40.30
C GLU D 95 8.83 35.03 -39.96
N ASP D 96 8.56 35.86 -40.98
CA ASP D 96 8.14 37.23 -40.73
C ASP D 96 6.81 37.30 -40.01
N SER D 97 5.90 36.35 -40.27
CA SER D 97 4.60 36.36 -39.61
C SER D 97 4.71 36.10 -38.11
N ILE D 98 5.83 35.55 -37.64
CA ILE D 98 6.06 35.36 -36.22
C ILE D 98 6.40 36.71 -35.58
N GLU D 99 6.11 37.79 -36.30
CA GLU D 99 6.07 39.12 -35.71
C GLU D 99 4.98 39.24 -34.65
N ASN D 100 4.01 38.32 -34.66
CA ASN D 100 3.05 38.22 -33.55
C ASN D 100 3.76 38.08 -32.22
N LEU D 101 4.94 37.44 -32.21
CA LEU D 101 5.73 37.34 -30.99
C LEU D 101 6.46 38.65 -30.68
N MET D 102 7.24 39.15 -31.65
CA MET D 102 8.15 40.27 -31.39
C MET D 102 7.44 41.49 -30.81
N ASN D 103 6.16 41.66 -31.12
CA ASN D 103 5.37 42.74 -30.52
C ASN D 103 3.91 42.33 -30.45
N ASP D 104 3.02 43.30 -30.69
CA ASP D 104 1.58 43.04 -30.72
C ASP D 104 1.13 42.34 -29.44
N ASP D 105 1.05 43.08 -28.35
CA ASP D 105 0.60 42.52 -27.08
C ASP D 105 -0.89 42.20 -27.06
N SER D 106 -1.62 42.51 -28.13
CA SER D 106 -3.01 42.14 -28.25
C SER D 106 -3.20 40.71 -28.77
N ILE D 107 -2.12 40.04 -29.15
CA ILE D 107 -2.17 38.65 -29.59
C ILE D 107 -1.70 37.77 -28.43
N GLU D 108 -2.59 36.91 -27.94
CA GLU D 108 -2.27 36.05 -26.81
C GLU D 108 -1.66 34.72 -27.23
N ASN D 109 -2.29 34.01 -28.16
CA ASN D 109 -1.81 32.71 -28.60
C ASN D 109 -1.76 32.67 -30.13
N ILE D 110 -0.93 31.77 -30.64
CA ILE D 110 -0.69 31.61 -32.07
C ILE D 110 -0.99 30.17 -32.46
N PHE D 111 -1.70 29.99 -33.57
CA PHE D 111 -2.09 28.67 -34.05
C PHE D 111 -1.68 28.51 -35.51
N VAL D 112 -0.92 27.46 -35.81
CA VAL D 112 -0.61 27.08 -37.18
C VAL D 112 -1.74 26.18 -37.66
N CYS D 113 -2.55 26.67 -38.60
CA CYS D 113 -3.87 26.12 -38.83
C CYS D 113 -4.01 25.32 -40.12
N GLY D 114 -3.00 25.22 -40.94
CA GLY D 114 -3.14 24.35 -42.09
C GLY D 114 -2.26 24.73 -43.26
N GLY D 115 -2.12 23.77 -44.18
CA GLY D 115 -1.18 23.84 -45.27
C GLY D 115 0.01 22.94 -45.03
N GLU D 116 0.19 21.94 -45.88
CA GLU D 116 1.36 21.08 -45.76
C GLU D 116 2.65 21.89 -45.82
N SER D 117 2.69 22.90 -46.70
CA SER D 117 3.87 23.76 -46.77
C SER D 117 4.07 24.53 -45.47
N ILE D 118 2.98 25.02 -44.87
CA ILE D 118 3.09 25.77 -43.63
C ILE D 118 3.45 24.84 -42.47
N TYR D 119 2.84 23.65 -42.43
CA TYR D 119 3.18 22.67 -41.40
C TYR D 119 4.65 22.30 -41.47
N ARG D 120 5.15 22.00 -42.68
CA ARG D 120 6.52 21.53 -42.81
C ARG D 120 7.53 22.61 -42.41
N ASP D 121 7.27 23.87 -42.79
CA ASP D 121 8.19 24.94 -42.45
C ASP D 121 8.11 25.30 -40.97
N ALA D 122 6.93 25.17 -40.35
CA ALA D 122 6.81 25.49 -38.94
C ALA D 122 7.57 24.48 -38.07
N LEU D 123 7.58 23.22 -38.48
CA LEU D 123 8.31 22.20 -37.74
C LEU D 123 9.80 22.22 -38.06
N LYS D 124 10.15 22.47 -39.33
CA LYS D 124 11.56 22.50 -39.72
C LYS D 124 12.31 23.62 -39.02
N ASP D 125 11.67 24.77 -38.86
CA ASP D 125 12.29 25.92 -38.21
C ASP D 125 12.04 25.94 -36.71
N ASN D 126 11.43 24.89 -36.15
CA ASN D 126 11.27 24.73 -34.72
C ASN D 126 10.49 25.90 -34.11
N PHE D 127 9.36 26.23 -34.74
CA PHE D 127 8.47 27.28 -34.24
C PHE D 127 7.36 26.74 -33.34
N VAL D 128 7.14 25.43 -33.33
CA VAL D 128 5.94 24.83 -32.76
C VAL D 128 6.23 24.34 -31.35
N ASP D 129 5.35 24.67 -30.41
CA ASP D 129 5.42 24.16 -29.05
C ASP D 129 4.50 22.98 -28.81
N ARG D 130 3.33 22.95 -29.45
CA ARG D 130 2.31 21.96 -29.16
C ARG D 130 1.63 21.53 -30.46
N ILE D 131 1.10 20.31 -30.47
CA ILE D 131 0.39 19.77 -31.62
C ILE D 131 -0.95 19.21 -31.16
N TYR D 132 -2.04 19.76 -31.70
CA TYR D 132 -3.38 19.20 -31.52
C TYR D 132 -3.72 18.40 -32.76
N LEU D 133 -3.81 17.08 -32.63
CA LEU D 133 -3.99 16.17 -33.75
C LEU D 133 -5.33 15.44 -33.64
N THR D 134 -6.11 15.51 -34.71
CA THR D 134 -7.31 14.69 -34.86
C THR D 134 -6.99 13.55 -35.83
N ARG D 135 -6.95 12.33 -35.30
CA ARG D 135 -6.67 11.14 -36.11
C ARG D 135 -7.98 10.59 -36.64
N VAL D 136 -8.11 10.57 -37.97
CA VAL D 136 -9.32 10.11 -38.64
C VAL D 136 -9.05 8.74 -39.24
N ALA D 137 -9.97 7.80 -39.00
CA ALA D 137 -9.79 6.41 -39.45
C ALA D 137 -10.40 6.23 -40.85
N LEU D 138 -9.77 6.89 -41.82
CA LEU D 138 -10.14 6.78 -43.23
C LEU D 138 -8.85 6.65 -44.03
N GLU D 139 -8.67 5.53 -44.73
CA GLU D 139 -7.37 5.34 -45.34
C GLU D 139 -7.41 4.98 -46.82
N ASP D 140 -8.36 4.16 -47.24
CA ASP D 140 -8.38 3.70 -48.62
C ASP D 140 -9.07 4.70 -49.55
N ILE D 141 -8.70 5.97 -49.41
CA ILE D 141 -9.16 7.05 -50.27
C ILE D 141 -7.95 7.83 -50.76
N GLU D 142 -8.20 8.76 -51.67
CA GLU D 142 -7.14 9.51 -52.33
C GLU D 142 -6.79 10.78 -51.56
N PHE D 143 -5.50 11.04 -51.40
CA PHE D 143 -4.99 12.26 -50.81
C PHE D 143 -3.97 12.90 -51.74
N ASP D 144 -3.87 14.22 -51.65
CA ASP D 144 -2.78 14.94 -52.30
C ASP D 144 -2.07 15.90 -51.35
N THR D 145 -2.49 15.98 -50.10
CA THR D 145 -1.87 16.84 -49.10
C THR D 145 -1.73 16.03 -47.81
N TYR D 146 -0.56 16.14 -47.17
CA TYR D 146 -0.23 15.31 -46.03
C TYR D 146 0.35 16.15 -44.90
N PHE D 147 0.08 15.71 -43.67
CA PHE D 147 0.74 16.26 -42.49
C PHE D 147 2.10 15.61 -42.32
N PRO D 148 3.18 16.39 -42.20
CA PRO D 148 4.52 15.78 -42.07
C PRO D 148 4.64 14.94 -40.81
N GLU D 149 5.63 14.06 -40.82
CA GLU D 149 5.89 13.21 -39.66
C GLU D 149 6.28 14.06 -38.47
N ILE D 150 5.70 13.74 -37.31
CA ILE D 150 5.98 14.50 -36.10
C ILE D 150 7.43 14.26 -35.67
N PRO D 151 8.23 15.31 -35.49
CA PRO D 151 9.64 15.10 -35.14
C PRO D 151 9.79 14.47 -33.75
N GLU D 152 10.95 13.84 -33.55
CA GLU D 152 11.21 13.09 -32.33
C GLU D 152 11.28 13.98 -31.09
N THR D 153 11.37 15.30 -31.26
CA THR D 153 11.37 16.20 -30.12
C THR D 153 10.01 16.31 -29.44
N PHE D 154 8.95 15.80 -30.07
CA PHE D 154 7.60 15.83 -29.51
C PHE D 154 7.25 14.49 -28.87
N LEU D 155 6.45 14.56 -27.81
CA LEU D 155 5.96 13.37 -27.14
C LEU D 155 4.47 13.50 -26.86
N PRO D 156 3.70 12.43 -27.05
CA PRO D 156 2.26 12.51 -26.78
C PRO D 156 1.98 12.58 -25.28
N VAL D 157 1.01 13.42 -24.92
CA VAL D 157 0.61 13.57 -23.52
C VAL D 157 -0.87 13.32 -23.31
N TYR D 158 -1.66 13.11 -24.37
CA TYR D 158 -3.09 12.90 -24.22
C TYR D 158 -3.60 12.15 -25.45
N MET D 159 -4.51 11.21 -25.22
CA MET D 159 -5.18 10.49 -26.29
C MET D 159 -6.61 10.22 -25.85
N SER D 160 -7.57 10.85 -26.50
CA SER D 160 -8.96 10.78 -26.08
C SER D 160 -9.56 9.43 -26.43
N GLN D 161 -10.78 9.21 -25.94
CA GLN D 161 -11.58 8.09 -26.39
C GLN D 161 -11.93 8.24 -27.87
N THR D 162 -12.38 7.14 -28.47
CA THR D 162 -12.80 7.18 -29.86
C THR D 162 -14.21 7.74 -29.96
N PHE D 163 -14.41 8.62 -30.93
CA PHE D 163 -15.72 9.18 -31.24
C PHE D 163 -16.16 8.73 -32.61
N CYS D 164 -17.45 8.92 -32.90
CA CYS D 164 -18.04 8.43 -34.13
C CYS D 164 -18.90 9.52 -34.77
N THR D 165 -18.70 9.74 -36.06
CA THR D 165 -19.54 10.62 -36.86
C THR D 165 -19.75 9.95 -38.22
N LYS D 166 -21.01 9.64 -38.54
CA LYS D 166 -21.36 8.99 -39.80
C LYS D 166 -20.57 7.70 -40.01
N ASN D 167 -20.43 6.92 -38.93
CA ASN D 167 -19.69 5.67 -38.90
C ASN D 167 -18.18 5.84 -39.11
N ILE D 168 -17.66 7.05 -38.94
CA ILE D 168 -16.22 7.32 -39.05
C ILE D 168 -15.64 7.46 -37.66
N SER D 169 -14.62 6.67 -37.36
CA SER D 169 -13.93 6.73 -36.06
C SER D 169 -12.84 7.79 -36.06
N TYR D 170 -12.70 8.48 -34.94
CA TYR D 170 -11.64 9.46 -34.78
C TYR D 170 -11.42 9.75 -33.30
N ASP D 171 -10.21 10.20 -32.98
CA ASP D 171 -9.88 10.64 -31.62
C ASP D 171 -9.00 11.88 -31.68
N PHE D 172 -8.66 12.40 -30.51
CA PHE D 172 -7.89 13.64 -30.39
C PHE D 172 -6.67 13.40 -29.51
N MET D 173 -5.52 13.92 -29.96
CA MET D 173 -4.27 13.76 -29.23
C MET D 173 -3.57 15.11 -29.06
N ILE D 174 -2.76 15.20 -28.02
CA ILE D 174 -1.93 16.37 -27.76
C ILE D 174 -0.47 15.92 -27.69
N PHE D 175 0.39 16.59 -28.45
CA PHE D 175 1.83 16.38 -28.41
C PHE D 175 2.52 17.62 -27.88
N GLU D 176 3.58 17.44 -27.10
CA GLU D 176 4.33 18.58 -26.58
C GLU D 176 5.83 18.37 -26.80
N LYS D 177 6.53 19.45 -27.13
CA LYS D 177 7.96 19.40 -27.43
C LYS D 177 8.72 19.48 -26.10
N GLN D 178 9.39 18.40 -25.73
CA GLN D 178 10.04 18.34 -24.43
C GLN D 178 11.27 19.25 -24.38
N GLU D 179 11.63 19.66 -23.16
CA GLU D 179 12.78 20.52 -22.94
C GLU D 179 13.81 19.84 -22.04
N LEU D 193 2.34 17.43 -3.76
CA LEU D 193 3.63 17.87 -3.20
C LEU D 193 4.51 16.66 -2.90
N LYS D 194 5.83 16.89 -2.87
CA LYS D 194 6.77 15.82 -2.57
C LYS D 194 6.61 15.30 -1.14
N SER D 195 5.98 16.07 -0.26
CA SER D 195 5.81 15.63 1.13
C SER D 195 4.99 14.36 1.22
N ILE D 196 3.94 14.24 0.40
CA ILE D 196 3.10 13.04 0.42
C ILE D 196 3.84 11.87 -0.20
N ASP D 197 4.50 12.09 -1.34
CA ASP D 197 5.20 11.00 -2.01
C ASP D 197 6.36 10.49 -1.16
N ASP D 198 7.03 11.38 -0.43
CA ASP D 198 8.12 10.95 0.45
C ASP D 198 7.59 10.14 1.62
N THR D 199 6.49 10.60 2.23
CA THR D 199 5.93 9.87 3.36
C THR D 199 5.46 8.47 2.95
N VAL D 200 4.86 8.35 1.77
CA VAL D 200 4.41 7.05 1.29
C VAL D 200 5.61 6.13 1.02
N ASP D 201 6.69 6.69 0.47
CA ASP D 201 7.89 5.88 0.24
C ASP D 201 8.49 5.39 1.56
N LEU D 202 8.57 6.27 2.55
CA LEU D 202 9.14 5.89 3.84
C LEU D 202 8.29 4.81 4.51
N LEU D 203 6.96 4.93 4.43
CA LEU D 203 6.09 3.89 4.96
C LEU D 203 6.28 2.57 4.21
N GLY D 204 6.57 2.64 2.91
CA GLY D 204 6.83 1.43 2.16
C GLY D 204 8.16 0.78 2.48
N GLU D 205 9.09 1.53 3.09
CA GLU D 205 10.35 0.93 3.52
C GLU D 205 10.22 0.26 4.88
N ILE D 206 9.44 0.87 5.78
CA ILE D 206 9.19 0.31 7.10
C ILE D 206 8.39 -0.98 6.95
N PHE D 207 7.15 -0.86 6.49
CA PHE D 207 6.35 -2.04 6.20
C PHE D 207 6.69 -2.56 4.82
N GLY D 208 6.88 -3.87 4.71
CA GLY D 208 7.23 -4.45 3.44
C GLY D 208 6.02 -4.67 2.56
N ILE D 209 5.69 -5.94 2.32
CA ILE D 209 4.46 -6.30 1.63
C ILE D 209 3.29 -6.17 2.61
N ARG D 210 3.59 -5.73 3.83
CA ARG D 210 2.51 -5.41 4.78
C ARG D 210 1.73 -4.19 4.34
N LYS D 211 2.33 -3.30 3.56
CA LYS D 211 1.64 -2.14 2.99
C LYS D 211 1.05 -2.54 1.64
N MET D 212 -0.27 -2.46 1.53
CA MET D 212 -0.95 -2.99 0.35
C MET D 212 -0.49 -2.32 -0.94
N GLY D 213 -0.11 -1.04 -0.87
CA GLY D 213 0.42 -0.37 -2.03
C GLY D 213 1.64 -1.05 -2.63
N ASN D 214 2.47 -1.67 -1.78
CA ASN D 214 3.63 -2.40 -2.27
C ASN D 214 3.24 -3.68 -3.00
N ARG D 215 2.03 -4.19 -2.77
CA ARG D 215 1.53 -5.32 -3.53
C ARG D 215 0.91 -4.90 -4.86
N HIS D 216 0.67 -3.60 -5.05
CA HIS D 216 0.13 -3.06 -6.30
C HIS D 216 1.04 -1.94 -6.82
N LYS D 217 2.31 -2.29 -7.06
CA LYS D 217 3.28 -1.29 -7.50
C LYS D 217 2.94 -0.78 -8.89
N PHE D 218 3.16 0.52 -9.09
CA PHE D 218 2.93 1.13 -10.40
C PHE D 218 3.91 0.56 -11.42
N PRO D 219 3.45 0.26 -12.63
CA PRO D 219 4.35 -0.34 -13.63
C PRO D 219 5.52 0.57 -13.99
N LYS D 220 6.68 -0.04 -14.14
CA LYS D 220 7.87 0.69 -14.58
C LYS D 220 7.70 1.18 -16.01
N GLU D 221 8.49 2.20 -16.36
CA GLU D 221 8.38 2.83 -17.67
C GLU D 221 8.64 1.85 -18.80
N GLU D 222 9.53 0.88 -18.61
CA GLU D 222 9.90 -0.02 -19.69
C GLU D 222 8.78 -0.99 -20.08
N ILE D 223 7.77 -1.14 -19.23
CA ILE D 223 6.64 -2.02 -19.53
C ILE D 223 5.32 -1.24 -19.56
N TYR D 224 5.40 0.08 -19.66
CA TYR D 224 4.22 0.95 -19.70
C TYR D 224 4.06 1.45 -21.12
N ASN D 225 2.89 1.23 -21.71
CA ASN D 225 2.65 1.60 -23.09
C ASN D 225 2.56 3.12 -23.22
N THR D 226 3.35 3.68 -24.14
CA THR D 226 3.41 5.12 -24.41
C THR D 226 3.57 5.87 -23.10
N PRO D 227 4.74 5.80 -22.46
CA PRO D 227 4.88 6.33 -21.10
C PRO D 227 4.70 7.83 -20.99
N SER D 228 4.89 8.59 -22.08
CA SER D 228 4.77 10.04 -21.99
C SER D 228 3.33 10.49 -21.75
N ILE D 229 2.34 9.63 -22.01
CA ILE D 229 0.94 9.95 -21.70
C ILE D 229 0.71 9.53 -20.25
N ARG D 230 0.86 10.50 -19.35
CA ARG D 230 0.75 10.24 -17.92
C ARG D 230 -0.66 10.49 -17.39
N PHE D 231 -1.21 11.66 -17.69
CA PHE D 231 -2.50 12.08 -17.15
C PHE D 231 -3.61 12.11 -18.19
N GLY D 232 -3.35 11.61 -19.39
CA GLY D 232 -4.35 11.66 -20.45
C GLY D 232 -4.58 10.34 -21.14
N ARG D 233 -4.57 9.25 -20.37
CA ARG D 233 -4.77 7.91 -20.93
C ARG D 233 -6.27 7.60 -21.03
N GLU D 234 -6.95 8.41 -21.85
CA GLU D 234 -8.41 8.32 -21.95
C GLU D 234 -8.86 7.21 -22.89
N HIS D 235 -8.10 6.94 -23.95
CA HIS D 235 -8.43 5.85 -24.86
C HIS D 235 -8.55 4.54 -24.09
N TYR D 236 -9.72 3.90 -24.21
CA TYR D 236 -10.03 2.76 -23.37
C TYR D 236 -9.27 1.48 -23.75
N GLU D 237 -8.48 1.49 -24.82
CA GLU D 237 -7.56 0.39 -25.03
C GLU D 237 -6.47 0.37 -23.95
N PHE D 238 -6.18 1.53 -23.35
CA PHE D 238 -5.27 1.56 -22.22
C PHE D 238 -5.78 0.74 -21.03
N GLN D 239 -7.10 0.54 -20.95
CA GLN D 239 -7.65 -0.32 -19.89
C GLN D 239 -7.11 -1.73 -20.01
N TYR D 240 -6.90 -2.21 -21.24
CA TYR D 240 -6.33 -3.53 -21.44
C TYR D 240 -4.81 -3.50 -21.36
N LEU D 241 -4.17 -2.52 -21.99
CA LEU D 241 -2.72 -2.46 -22.03
C LEU D 241 -2.14 -2.27 -20.62
N ASP D 242 -2.74 -1.40 -19.82
CA ASP D 242 -2.23 -1.16 -18.48
C ASP D 242 -2.42 -2.36 -17.56
N LEU D 243 -3.40 -3.22 -17.85
CA LEU D 243 -3.54 -4.47 -17.09
C LEU D 243 -2.38 -5.41 -17.39
N LEU D 244 -1.94 -5.48 -18.65
CA LEU D 244 -0.74 -6.22 -18.98
C LEU D 244 0.46 -5.70 -18.19
N SER D 245 0.59 -4.38 -18.09
CA SER D 245 1.71 -3.78 -17.38
C SER D 245 1.65 -4.11 -15.89
N ARG D 246 0.46 -4.08 -15.30
CA ARG D 246 0.32 -4.42 -13.88
C ARG D 246 0.72 -5.85 -13.63
N VAL D 247 0.40 -6.76 -14.55
CA VAL D 247 0.77 -8.16 -14.38
C VAL D 247 2.28 -8.33 -14.53
N LEU D 248 2.88 -7.69 -15.52
CA LEU D 248 4.33 -7.76 -15.67
C LEU D 248 5.04 -7.20 -14.45
N GLU D 249 4.46 -6.20 -13.80
CA GLU D 249 5.10 -5.58 -12.65
C GLU D 249 4.93 -6.41 -11.38
N ASN D 250 3.69 -6.83 -11.09
CA ASN D 250 3.37 -7.45 -9.81
C ASN D 250 3.02 -8.92 -9.90
N GLY D 251 2.95 -9.49 -11.10
CA GLY D 251 2.52 -10.86 -11.26
C GLY D 251 3.40 -11.88 -10.55
N ALA D 252 2.78 -12.75 -9.76
CA ALA D 252 3.49 -13.82 -9.08
C ALA D 252 3.65 -15.02 -10.01
N TYR D 253 4.83 -15.63 -9.98
CA TYR D 253 5.12 -16.79 -10.82
C TYR D 253 4.45 -18.02 -10.22
N ARG D 254 3.47 -18.58 -10.93
CA ARG D 254 2.67 -19.67 -10.40
C ARG D 254 2.47 -20.73 -11.48
N GLU D 255 2.42 -21.99 -11.05
CA GLU D 255 2.11 -23.10 -11.93
C GLU D 255 0.60 -23.32 -12.00
N ASN D 256 0.18 -24.11 -12.98
CA ASN D 256 -1.23 -24.41 -13.18
C ASN D 256 -1.37 -25.78 -13.83
N ARG D 257 -2.61 -26.16 -14.14
CA ARG D 257 -2.90 -27.48 -14.69
C ARG D 257 -2.16 -27.74 -15.99
N THR D 258 -1.93 -26.71 -16.80
CA THR D 258 -1.13 -26.86 -18.01
C THR D 258 0.35 -26.87 -17.65
N GLY D 259 1.18 -27.27 -18.60
CA GLY D 259 2.62 -27.26 -18.34
C GLY D 259 3.25 -25.89 -18.31
N ILE D 260 2.50 -24.85 -18.68
CA ILE D 260 3.05 -23.50 -18.85
C ILE D 260 2.66 -22.64 -17.65
N SER D 261 3.68 -22.17 -16.93
CA SER D 261 3.45 -21.31 -15.77
C SER D 261 3.08 -19.90 -16.22
N THR D 262 2.49 -19.15 -15.31
CA THR D 262 2.04 -17.79 -15.58
C THR D 262 2.57 -16.82 -14.53
N TYR D 263 2.45 -15.54 -14.84
CA TYR D 263 2.58 -14.46 -13.86
C TYR D 263 1.18 -13.93 -13.59
N SER D 264 0.80 -13.91 -12.32
CA SER D 264 -0.61 -13.79 -11.95
C SER D 264 -0.83 -12.76 -10.86
N ILE D 265 -1.91 -11.99 -10.99
CA ILE D 265 -2.46 -11.16 -9.93
C ILE D 265 -3.96 -11.44 -9.82
N PHE D 266 -4.58 -10.93 -8.76
CA PHE D 266 -5.95 -11.28 -8.42
C PHE D 266 -6.76 -10.01 -8.15
N GLY D 267 -7.87 -9.85 -8.88
CA GLY D 267 -8.79 -8.74 -8.67
C GLY D 267 -8.50 -7.51 -9.52
N GLN D 268 -8.99 -7.49 -10.76
CA GLN D 268 -8.74 -6.38 -11.68
C GLN D 268 -10.02 -6.07 -12.45
N MET D 269 -10.03 -4.94 -13.16
CA MET D 269 -11.19 -4.57 -13.94
C MET D 269 -10.80 -3.73 -15.15
N MET D 270 -11.67 -3.72 -16.16
CA MET D 270 -11.51 -2.94 -17.36
C MET D 270 -12.86 -2.39 -17.79
N ARG D 271 -12.90 -1.13 -18.21
CA ARG D 271 -14.10 -0.51 -18.74
C ARG D 271 -13.92 -0.21 -20.22
N PHE D 272 -15.00 -0.36 -20.99
CA PHE D 272 -14.97 -0.03 -22.40
C PHE D 272 -16.27 0.65 -22.79
N ASP D 273 -16.17 1.75 -23.53
CA ASP D 273 -17.35 2.40 -24.10
C ASP D 273 -17.81 1.62 -25.32
N MET D 274 -19.12 1.63 -25.55
CA MET D 274 -19.69 1.04 -26.75
C MET D 274 -20.62 1.98 -27.49
N ARG D 275 -20.80 3.22 -27.01
CA ARG D 275 -21.67 4.16 -27.70
C ARG D 275 -21.01 4.76 -28.93
N GLU D 276 -19.71 5.03 -28.87
CA GLU D 276 -19.02 5.75 -29.94
C GLU D 276 -17.98 4.91 -30.66
N SER D 277 -17.83 3.64 -30.33
CA SER D 277 -16.86 2.77 -30.99
C SER D 277 -17.09 1.34 -30.49
N PHE D 278 -16.32 0.41 -31.08
CA PHE D 278 -16.37 -0.99 -30.73
C PHE D 278 -15.01 -1.42 -30.19
N PRO D 279 -14.91 -1.95 -28.97
CA PRO D 279 -13.59 -2.21 -28.36
C PRO D 279 -12.88 -3.42 -28.93
N LEU D 280 -12.43 -3.29 -30.17
CA LEU D 280 -11.59 -4.29 -30.83
C LEU D 280 -10.17 -3.76 -30.85
N LEU D 281 -9.26 -4.48 -30.19
CA LEU D 281 -7.90 -3.98 -29.99
C LEU D 281 -7.23 -3.61 -31.30
N THR D 282 -6.51 -2.48 -31.28
CA THR D 282 -5.76 -2.03 -32.45
C THR D 282 -4.27 -2.33 -32.37
N THR D 283 -3.72 -2.51 -31.16
CA THR D 283 -2.32 -2.86 -31.01
C THR D 283 -2.00 -4.26 -31.50
N LYS D 284 -2.99 -4.99 -32.01
CA LYS D 284 -2.82 -6.33 -32.53
C LYS D 284 -4.04 -6.66 -33.38
N LYS D 285 -3.81 -7.26 -34.54
CA LYS D 285 -4.92 -7.67 -35.38
C LYS D 285 -5.65 -8.84 -34.73
N VAL D 286 -6.92 -8.62 -34.42
CA VAL D 286 -7.73 -9.59 -33.68
C VAL D 286 -8.66 -10.31 -34.66
N ALA D 287 -8.78 -11.63 -34.52
CA ALA D 287 -9.60 -12.47 -35.38
C ALA D 287 -11.07 -12.24 -35.05
N ILE D 288 -11.64 -11.18 -35.63
CA ILE D 288 -13.01 -10.81 -35.31
C ILE D 288 -14.01 -11.87 -35.80
N ARG D 289 -13.70 -12.55 -36.90
CA ARG D 289 -14.64 -13.55 -37.41
C ARG D 289 -14.72 -14.77 -36.50
N SER D 290 -13.57 -15.22 -35.98
CA SER D 290 -13.59 -16.33 -35.03
C SER D 290 -14.36 -15.98 -33.77
N ILE D 291 -14.27 -14.71 -33.34
CA ILE D 291 -15.00 -14.27 -32.16
C ILE D 291 -16.51 -14.38 -32.40
N PHE D 292 -16.97 -13.86 -33.54
CA PHE D 292 -18.40 -13.92 -33.83
C PHE D 292 -18.87 -15.36 -33.96
N GLU D 293 -18.10 -16.20 -34.65
CA GLU D 293 -18.51 -17.58 -34.86
C GLU D 293 -18.62 -18.34 -33.54
N GLU D 294 -17.75 -18.02 -32.57
CA GLU D 294 -17.87 -18.64 -31.24
C GLU D 294 -19.12 -18.13 -30.51
N LEU D 295 -19.43 -16.84 -30.65
CA LEU D 295 -20.54 -16.26 -29.89
C LEU D 295 -21.88 -16.81 -30.38
N ILE D 296 -22.10 -16.82 -31.70
CA ILE D 296 -23.33 -17.37 -32.23
C ILE D 296 -23.41 -18.87 -31.94
N TRP D 297 -22.25 -19.51 -31.80
CA TRP D 297 -22.21 -20.90 -31.37
C TRP D 297 -22.72 -21.06 -29.93
N PHE D 298 -22.38 -20.10 -29.06
CA PHE D 298 -22.93 -20.07 -27.71
C PHE D 298 -24.43 -19.79 -27.74
N ILE D 299 -24.84 -18.78 -28.52
CA ILE D 299 -26.23 -18.33 -28.49
C ILE D 299 -27.17 -19.43 -28.94
N LYS D 300 -26.79 -20.17 -29.99
CA LYS D 300 -27.62 -21.26 -30.49
C LYS D 300 -27.70 -22.44 -29.53
N GLY D 301 -26.92 -22.44 -28.47
CA GLY D 301 -26.92 -23.55 -27.53
C GLY D 301 -26.02 -24.69 -27.88
N ASP D 302 -25.11 -24.50 -28.83
CA ASP D 302 -24.33 -25.60 -29.38
C ASP D 302 -23.12 -25.91 -28.51
N THR D 303 -22.80 -27.21 -28.39
CA THR D 303 -21.58 -27.66 -27.73
C THR D 303 -20.77 -28.61 -28.61
N ASN D 304 -21.16 -28.76 -29.87
CA ASN D 304 -20.44 -29.62 -30.81
C ASN D 304 -19.26 -28.83 -31.36
N GLY D 305 -18.04 -29.23 -31.01
CA GLY D 305 -16.85 -28.54 -31.45
C GLY D 305 -16.59 -28.67 -32.94
N ASN D 306 -17.18 -29.67 -33.59
CA ASN D 306 -16.96 -29.83 -35.02
C ASN D 306 -17.60 -28.71 -35.82
N HIS D 307 -18.70 -28.14 -35.32
CA HIS D 307 -19.37 -27.05 -36.04
C HIS D 307 -18.49 -25.81 -36.13
N LEU D 308 -17.59 -25.60 -35.17
CA LEU D 308 -16.64 -24.51 -35.27
C LEU D 308 -15.51 -24.86 -36.24
N ILE D 309 -15.04 -26.11 -36.21
CA ILE D 309 -13.97 -26.53 -37.12
C ILE D 309 -14.47 -26.51 -38.56
N GLU D 310 -15.74 -26.86 -38.78
CA GLU D 310 -16.29 -26.82 -40.14
C GLU D 310 -16.33 -25.39 -40.68
N LYS D 311 -16.40 -24.39 -39.79
CA LYS D 311 -16.33 -22.99 -40.16
C LYS D 311 -14.91 -22.43 -40.06
N LYS D 312 -13.90 -23.31 -40.04
CA LYS D 312 -12.49 -22.89 -40.00
C LYS D 312 -12.17 -22.07 -38.76
N VAL D 313 -12.77 -22.43 -37.63
CA VAL D 313 -12.47 -21.83 -36.34
C VAL D 313 -11.96 -22.94 -35.43
N TYR D 314 -10.70 -22.83 -34.99
CA TYR D 314 -10.03 -23.92 -34.28
C TYR D 314 -9.64 -23.54 -32.86
N ILE D 315 -10.32 -22.58 -32.24
CA ILE D 315 -9.91 -22.15 -30.91
C ILE D 315 -10.25 -23.21 -29.86
N TRP D 316 -11.28 -24.02 -30.11
CA TRP D 316 -11.70 -25.06 -29.17
C TRP D 316 -11.17 -26.44 -29.54
N SER D 317 -10.19 -26.52 -30.44
CA SER D 317 -9.65 -27.82 -30.83
C SER D 317 -8.84 -28.44 -29.71
N GLY D 318 -8.00 -27.64 -29.03
CA GLY D 318 -7.12 -28.18 -28.02
C GLY D 318 -7.84 -28.81 -26.85
N ASN D 319 -8.90 -28.15 -26.36
CA ASN D 319 -9.67 -28.66 -25.24
C ASN D 319 -10.73 -29.69 -25.66
N GLY D 320 -10.69 -30.17 -26.90
CA GLY D 320 -11.64 -31.16 -27.33
C GLY D 320 -11.02 -32.32 -28.09
N SER D 321 -9.72 -32.54 -27.89
CA SER D 321 -9.05 -33.66 -28.55
C SER D 321 -9.23 -34.92 -27.72
N LYS D 322 -9.04 -36.07 -28.38
CA LYS D 322 -9.16 -37.34 -27.68
C LYS D 322 -8.12 -37.46 -26.57
N GLU D 323 -6.92 -36.94 -26.80
CA GLU D 323 -5.88 -37.01 -25.78
C GLU D 323 -6.22 -36.13 -24.58
N TYR D 324 -6.73 -34.92 -24.81
CA TYR D 324 -7.08 -34.04 -23.70
C TYR D 324 -8.29 -34.58 -22.94
N LEU D 325 -9.34 -35.01 -23.66
CA LEU D 325 -10.54 -35.50 -23.01
C LEU D 325 -10.25 -36.74 -22.18
N GLU D 326 -9.44 -37.65 -22.72
CA GLU D 326 -9.07 -38.84 -21.94
C GLU D 326 -8.24 -38.46 -20.73
N ARG D 327 -7.39 -37.43 -20.85
CA ARG D 327 -6.53 -37.04 -19.75
C ARG D 327 -7.32 -36.48 -18.58
N ILE D 328 -8.41 -35.77 -18.85
CA ILE D 328 -9.19 -35.16 -17.78
C ILE D 328 -10.34 -36.07 -17.37
N GLY D 329 -10.32 -37.32 -17.85
CA GLY D 329 -11.29 -38.31 -17.44
C GLY D 329 -12.56 -38.37 -18.25
N LEU D 330 -12.57 -37.83 -19.47
CA LEU D 330 -13.73 -37.87 -20.35
C LEU D 330 -13.41 -38.66 -21.62
N GLY D 331 -12.67 -39.75 -21.46
CA GLY D 331 -12.29 -40.57 -22.60
C GLY D 331 -13.46 -41.23 -23.30
N HIS D 332 -14.59 -41.39 -22.61
CA HIS D 332 -15.78 -41.94 -23.22
C HIS D 332 -16.38 -41.03 -24.27
N ARG D 333 -16.07 -39.74 -24.24
CA ARG D 333 -16.71 -38.78 -25.13
C ARG D 333 -16.16 -38.86 -26.55
N GLU D 334 -17.00 -38.51 -27.51
CA GLU D 334 -16.57 -38.40 -28.89
C GLU D 334 -15.64 -37.21 -29.08
N GLU D 335 -14.82 -37.29 -30.12
CA GLU D 335 -13.90 -36.21 -30.45
C GLU D 335 -14.64 -34.89 -30.56
N ASN D 336 -14.16 -33.88 -29.82
CA ASN D 336 -14.73 -32.53 -29.77
C ASN D 336 -16.12 -32.46 -29.15
N ASP D 337 -16.51 -33.42 -28.32
CA ASP D 337 -17.75 -33.32 -27.55
C ASP D 337 -17.40 -32.63 -26.24
N LEU D 338 -17.62 -31.32 -26.18
CA LEU D 338 -17.16 -30.52 -25.06
C LEU D 338 -18.05 -30.61 -23.83
N GLY D 339 -19.24 -31.20 -23.94
CA GLY D 339 -20.10 -31.37 -22.80
C GLY D 339 -20.91 -30.12 -22.54
N PRO D 340 -21.58 -30.06 -21.39
CA PRO D 340 -22.40 -28.88 -21.11
C PRO D 340 -21.56 -27.70 -20.69
N ILE D 341 -21.31 -26.77 -21.60
CA ILE D 341 -20.45 -25.63 -21.33
C ILE D 341 -21.23 -24.38 -21.74
N TYR D 342 -20.52 -23.27 -21.96
CA TYR D 342 -21.18 -22.08 -22.49
C TYR D 342 -22.15 -22.46 -23.60
N GLY D 343 -23.34 -21.88 -23.57
CA GLY D 343 -24.37 -22.17 -24.53
C GLY D 343 -25.21 -23.38 -24.23
N PHE D 344 -24.80 -24.25 -23.31
CA PHE D 344 -25.73 -25.26 -22.83
C PHE D 344 -26.31 -24.84 -21.51
N GLN D 345 -25.52 -24.15 -20.69
CA GLN D 345 -26.07 -23.49 -19.52
C GLN D 345 -26.85 -22.24 -19.90
N TRP D 346 -26.50 -21.62 -21.03
CA TRP D 346 -27.25 -20.44 -21.49
C TRP D 346 -28.66 -20.82 -21.88
N ARG D 347 -28.84 -21.93 -22.59
CA ARG D 347 -30.13 -22.28 -23.15
C ARG D 347 -30.81 -23.45 -22.44
N HIS D 348 -30.05 -24.30 -21.74
CA HIS D 348 -30.62 -25.48 -21.08
C HIS D 348 -29.95 -25.67 -19.72
N TYR D 349 -30.05 -24.65 -18.88
CA TYR D 349 -29.41 -24.70 -17.57
C TYR D 349 -30.02 -25.80 -16.73
N ASN D 350 -29.16 -26.56 -16.05
CA ASN D 350 -29.50 -27.72 -15.23
C ASN D 350 -30.07 -28.89 -16.04
N GLY D 351 -30.03 -28.83 -17.36
CA GLY D 351 -30.50 -29.95 -18.14
C GLY D 351 -29.52 -31.11 -18.07
N GLU D 352 -30.08 -32.33 -18.00
CA GLU D 352 -29.22 -33.51 -17.91
C GLU D 352 -28.57 -33.77 -19.27
N TYR D 353 -27.24 -33.73 -19.30
CA TYR D 353 -26.48 -33.85 -20.53
C TYR D 353 -26.14 -35.30 -20.83
N LYS D 354 -26.31 -35.69 -22.10
CA LYS D 354 -25.89 -37.02 -22.55
C LYS D 354 -24.73 -36.91 -23.51
N THR D 355 -25.02 -36.65 -24.78
CA THR D 355 -24.01 -36.40 -25.80
C THR D 355 -24.38 -35.12 -26.54
N MET D 356 -23.52 -34.73 -27.49
CA MET D 356 -23.75 -33.55 -28.30
C MET D 356 -24.74 -33.81 -29.45
N HIS D 357 -25.19 -35.05 -29.62
CA HIS D 357 -26.08 -35.39 -30.73
C HIS D 357 -27.55 -35.42 -30.33
N ASP D 358 -27.85 -35.35 -29.04
CA ASP D 358 -29.23 -35.49 -28.59
C ASP D 358 -30.00 -34.18 -28.76
N ASP D 359 -31.32 -34.28 -28.67
CA ASP D 359 -32.22 -33.14 -28.82
C ASP D 359 -32.55 -32.60 -27.44
N TYR D 360 -32.15 -31.35 -27.18
CA TYR D 360 -32.35 -30.73 -25.87
C TYR D 360 -33.39 -29.62 -25.89
N THR D 361 -34.20 -29.52 -26.95
CA THR D 361 -35.22 -28.49 -27.04
C THR D 361 -36.27 -28.74 -25.96
N GLY D 362 -36.38 -27.81 -25.01
CA GLY D 362 -37.34 -27.89 -23.94
C GLY D 362 -36.75 -28.23 -22.58
N VAL D 363 -35.56 -28.84 -22.55
CA VAL D 363 -34.96 -29.25 -21.28
C VAL D 363 -34.15 -28.08 -20.73
N GLY D 364 -34.14 -27.98 -19.40
CA GLY D 364 -33.38 -26.94 -18.74
C GLY D 364 -34.02 -25.57 -18.84
N VAL D 365 -33.41 -24.62 -18.13
CA VAL D 365 -33.89 -23.24 -18.11
C VAL D 365 -33.23 -22.47 -19.24
N ASP D 366 -34.05 -21.82 -20.07
CA ASP D 366 -33.55 -20.99 -21.18
C ASP D 366 -33.29 -19.60 -20.61
N GLN D 367 -32.06 -19.40 -20.11
CA GLN D 367 -31.70 -18.12 -19.51
C GLN D 367 -31.75 -16.99 -20.53
N LEU D 368 -31.21 -17.23 -21.73
CA LEU D 368 -31.14 -16.18 -22.73
C LEU D 368 -32.53 -15.71 -23.13
N ALA D 369 -33.48 -16.65 -23.30
CA ALA D 369 -34.83 -16.25 -23.66
C ALA D 369 -35.49 -15.44 -22.54
N LYS D 370 -35.31 -15.86 -21.29
CA LYS D 370 -35.88 -15.11 -20.18
C LYS D 370 -35.21 -13.76 -20.01
N LEU D 371 -33.90 -13.70 -20.27
CA LEU D 371 -33.18 -12.43 -20.20
C LEU D 371 -33.75 -11.42 -21.18
N ILE D 372 -33.96 -11.84 -22.43
CA ILE D 372 -34.48 -10.95 -23.45
C ILE D 372 -35.86 -10.43 -23.06
N GLU D 373 -36.70 -11.30 -22.49
CA GLU D 373 -38.06 -10.89 -22.14
C GLU D 373 -38.05 -9.88 -20.99
N THR D 374 -37.25 -10.12 -19.96
CA THR D 374 -37.20 -9.18 -18.84
C THR D 374 -36.52 -7.87 -19.24
N LEU D 375 -35.59 -7.91 -20.19
CA LEU D 375 -34.90 -6.68 -20.59
C LEU D 375 -35.86 -5.67 -21.22
N LYS D 376 -36.88 -6.14 -21.93
CA LYS D 376 -37.81 -5.22 -22.59
C LYS D 376 -39.15 -5.12 -21.89
N ASN D 377 -39.46 -6.03 -20.96
CA ASN D 377 -40.70 -5.93 -20.20
C ASN D 377 -40.50 -5.32 -18.81
N ASN D 378 -39.29 -5.40 -18.25
CA ASN D 378 -38.97 -4.81 -16.96
C ASN D 378 -37.54 -4.30 -17.01
N PRO D 379 -37.30 -3.20 -17.74
CA PRO D 379 -35.90 -2.78 -17.96
C PRO D 379 -35.16 -2.40 -16.69
N LYS D 380 -35.82 -1.73 -15.76
CA LYS D 380 -35.16 -1.29 -14.54
C LYS D 380 -35.03 -2.39 -13.50
N ASP D 381 -35.43 -3.62 -13.84
CA ASP D 381 -35.22 -4.75 -12.95
C ASP D 381 -33.72 -4.96 -12.70
N ARG D 382 -33.38 -5.27 -11.46
CA ARG D 382 -31.99 -5.44 -11.05
C ARG D 382 -31.54 -6.89 -11.04
N ARG D 383 -32.12 -7.72 -11.92
CA ARG D 383 -31.84 -9.16 -11.93
C ARG D 383 -31.61 -9.69 -13.34
N HIS D 384 -31.23 -8.84 -14.29
CA HIS D 384 -30.89 -9.29 -15.64
C HIS D 384 -29.54 -10.01 -15.60
N ILE D 385 -29.58 -11.30 -15.27
CA ILE D 385 -28.38 -12.07 -14.99
C ILE D 385 -28.33 -13.31 -15.86
N LEU D 386 -27.16 -13.59 -16.42
CA LEU D 386 -26.89 -14.78 -17.20
C LEU D 386 -25.68 -15.48 -16.61
N THR D 387 -25.86 -16.72 -16.14
CA THR D 387 -24.79 -17.44 -15.46
C THR D 387 -24.46 -18.73 -16.21
N ALA D 388 -23.21 -19.18 -16.04
CA ALA D 388 -22.76 -20.44 -16.60
C ALA D 388 -22.12 -21.36 -15.57
N TRP D 389 -21.98 -20.92 -14.32
CA TRP D 389 -21.34 -21.72 -13.28
C TRP D 389 -22.38 -22.65 -12.67
N ASN D 390 -22.35 -23.91 -13.10
CA ASN D 390 -23.28 -24.92 -12.60
C ASN D 390 -22.48 -25.97 -11.84
N PRO D 391 -22.47 -25.94 -10.50
CA PRO D 391 -21.69 -26.93 -9.75
C PRO D 391 -22.06 -28.37 -10.04
N SER D 392 -23.30 -28.63 -10.49
CA SER D 392 -23.72 -29.99 -10.78
C SER D 392 -23.14 -30.53 -12.08
N ALA D 393 -22.70 -29.66 -12.99
CA ALA D 393 -22.26 -30.07 -14.31
C ALA D 393 -20.77 -29.88 -14.54
N LEU D 394 -20.03 -29.34 -13.56
CA LEU D 394 -18.62 -29.02 -13.79
C LEU D 394 -17.81 -30.24 -14.19
N SER D 395 -18.10 -31.40 -13.60
CA SER D 395 -17.32 -32.59 -13.88
C SER D 395 -17.47 -33.07 -15.32
N GLN D 396 -18.59 -32.75 -15.97
CA GLN D 396 -18.84 -33.17 -17.34
C GLN D 396 -18.28 -32.21 -18.38
N MET D 397 -17.81 -31.04 -17.96
CA MET D 397 -17.35 -30.03 -18.91
C MET D 397 -15.92 -30.30 -19.33
N ALA D 398 -15.64 -30.07 -20.61
CA ALA D 398 -14.27 -30.12 -21.09
C ALA D 398 -13.42 -29.04 -20.42
N LEU D 399 -14.06 -27.95 -20.00
CA LEU D 399 -13.39 -26.86 -19.31
C LEU D 399 -14.43 -26.07 -18.52
N PRO D 400 -14.19 -25.80 -17.24
CA PRO D 400 -15.14 -24.98 -16.48
C PRO D 400 -15.22 -23.59 -17.06
N PRO D 401 -16.35 -22.90 -16.88
CA PRO D 401 -16.53 -21.58 -17.50
C PRO D 401 -15.53 -20.56 -16.96
N CYS D 402 -14.93 -19.81 -17.89
CA CYS D 402 -14.04 -18.71 -17.53
C CYS D 402 -14.82 -17.40 -17.33
N HIS D 403 -15.58 -16.98 -18.35
CA HIS D 403 -16.54 -15.90 -18.15
C HIS D 403 -17.76 -16.51 -17.49
N VAL D 404 -17.86 -16.29 -16.18
CA VAL D 404 -18.73 -17.09 -15.31
C VAL D 404 -20.14 -16.50 -15.21
N LEU D 405 -20.23 -15.18 -15.06
CA LEU D 405 -21.52 -14.55 -14.82
C LEU D 405 -21.52 -13.16 -15.44
N SER D 406 -22.65 -12.78 -16.03
CA SER D 406 -22.79 -11.47 -16.65
C SER D 406 -24.13 -10.86 -16.24
N GLN D 407 -24.13 -9.54 -16.04
CA GLN D 407 -25.33 -8.81 -15.66
C GLN D 407 -25.55 -7.66 -16.64
N TYR D 408 -26.82 -7.30 -16.83
CA TYR D 408 -27.19 -6.32 -17.83
C TYR D 408 -28.07 -5.25 -17.21
N TYR D 409 -27.98 -4.05 -17.77
CA TYR D 409 -28.53 -2.85 -17.16
C TYR D 409 -29.06 -1.93 -18.24
N VAL D 410 -30.30 -1.47 -18.09
CA VAL D 410 -30.93 -0.56 -19.03
C VAL D 410 -30.90 0.83 -18.43
N THR D 411 -30.13 1.73 -19.05
CA THR D 411 -30.01 3.08 -18.55
C THR D 411 -31.31 3.86 -18.78
N ASN D 412 -31.39 5.05 -18.17
CA ASN D 412 -32.58 5.88 -18.30
C ASN D 412 -32.74 6.42 -19.73
N ASP D 413 -31.63 6.58 -20.46
CA ASP D 413 -31.68 6.99 -21.85
C ASP D 413 -31.67 5.80 -22.82
N ASN D 414 -32.14 4.65 -22.37
CA ASN D 414 -32.40 3.48 -23.23
C ASN D 414 -31.10 2.93 -23.85
N CYS D 415 -30.06 2.84 -23.04
CA CYS D 415 -28.83 2.15 -23.43
C CYS D 415 -28.67 0.88 -22.62
N LEU D 416 -28.03 -0.12 -23.21
CA LEU D 416 -27.82 -1.42 -22.59
C LEU D 416 -26.36 -1.60 -22.24
N SER D 417 -26.05 -1.68 -20.95
CA SER D 417 -24.69 -1.90 -20.46
C SER D 417 -24.54 -3.31 -19.92
N CYS D 418 -23.29 -3.76 -19.83
CA CYS D 418 -22.98 -5.14 -19.46
C CYS D 418 -21.84 -5.20 -18.47
N ASN D 419 -22.03 -5.96 -17.41
CA ASN D 419 -20.96 -6.33 -16.48
C ASN D 419 -20.65 -7.81 -16.64
N LEU D 420 -19.37 -8.16 -16.58
CA LEU D 420 -18.94 -9.54 -16.70
C LEU D 420 -17.94 -9.85 -15.59
N TYR D 421 -18.15 -10.96 -14.89
CA TYR D 421 -17.14 -11.47 -13.96
C TYR D 421 -16.44 -12.65 -14.61
N GLN D 422 -15.12 -12.57 -14.70
CA GLN D 422 -14.29 -13.60 -15.31
C GLN D 422 -13.37 -14.17 -14.23
N ARG D 423 -13.48 -15.48 -13.99
CA ARG D 423 -12.71 -16.10 -12.92
C ARG D 423 -11.24 -16.29 -13.29
N SER D 424 -10.95 -16.45 -14.57
CA SER D 424 -9.59 -16.72 -15.04
C SER D 424 -9.42 -16.09 -16.41
N CYS D 425 -8.34 -15.34 -16.59
CA CYS D 425 -8.16 -14.50 -17.77
C CYS D 425 -6.77 -14.73 -18.37
N ASP D 426 -6.73 -15.45 -19.48
CA ASP D 426 -5.54 -15.54 -20.33
C ASP D 426 -5.43 -14.22 -21.08
N LEU D 427 -4.57 -13.32 -20.60
CA LEU D 427 -4.51 -11.97 -21.15
C LEU D 427 -3.95 -11.96 -22.56
N GLY D 428 -3.11 -12.94 -22.92
CA GLY D 428 -2.53 -12.95 -24.25
C GLY D 428 -3.51 -13.35 -25.34
N LEU D 429 -4.31 -14.38 -25.08
CA LEU D 429 -5.21 -14.94 -26.07
C LEU D 429 -6.69 -14.77 -25.72
N GLY D 430 -7.08 -15.13 -24.50
CA GLY D 430 -8.49 -15.13 -24.16
C GLY D 430 -9.07 -13.74 -24.00
N SER D 431 -8.33 -12.83 -23.35
CA SER D 431 -8.90 -11.54 -22.99
C SER D 431 -9.33 -10.70 -24.19
N PRO D 432 -8.52 -10.54 -25.25
CA PRO D 432 -9.01 -9.79 -26.42
C PRO D 432 -10.26 -10.41 -27.03
N PHE D 433 -10.40 -11.73 -26.97
CA PHE D 433 -11.62 -12.37 -27.45
C PHE D 433 -12.80 -12.03 -26.54
N ASN D 434 -12.61 -12.12 -25.22
CA ASN D 434 -13.71 -11.87 -24.29
C ASN D 434 -14.23 -10.45 -24.40
N ILE D 435 -13.33 -9.48 -24.59
CA ILE D 435 -13.75 -8.08 -24.70
C ILE D 435 -14.67 -7.89 -25.90
N ALA D 436 -14.24 -8.36 -27.07
CA ALA D 436 -15.05 -8.20 -28.27
C ALA D 436 -16.29 -9.07 -28.24
N SER D 437 -16.19 -10.27 -27.64
CA SER D 437 -17.31 -11.20 -27.62
C SER D 437 -18.51 -10.60 -26.89
N TYR D 438 -18.30 -10.14 -25.65
CA TYR D 438 -19.41 -9.58 -24.88
C TYR D 438 -19.83 -8.20 -25.38
N ALA D 439 -18.96 -7.52 -26.12
CA ALA D 439 -19.39 -6.30 -26.79
C ALA D 439 -20.40 -6.60 -27.89
N ILE D 440 -20.12 -7.62 -28.70
CA ILE D 440 -21.06 -8.02 -29.75
C ILE D 440 -22.37 -8.49 -29.13
N LEU D 441 -22.28 -9.34 -28.09
CA LEU D 441 -23.48 -9.86 -27.45
C LEU D 441 -24.36 -8.74 -26.90
N THR D 442 -23.76 -7.75 -26.24
CA THR D 442 -24.54 -6.64 -25.72
C THR D 442 -25.20 -5.84 -26.85
N MET D 443 -24.49 -5.69 -27.98
CA MET D 443 -25.07 -5.02 -29.13
C MET D 443 -26.22 -5.83 -29.71
N MET D 444 -26.05 -7.15 -29.80
CA MET D 444 -27.13 -8.01 -30.28
C MET D 444 -28.36 -7.91 -29.37
N LEU D 445 -28.15 -8.01 -28.06
CA LEU D 445 -29.24 -7.87 -27.11
C LEU D 445 -29.89 -6.50 -27.20
N ALA D 446 -29.10 -5.46 -27.48
CA ALA D 446 -29.66 -4.11 -27.60
C ALA D 446 -30.61 -4.00 -28.78
N GLN D 447 -30.21 -4.54 -29.93
CA GLN D 447 -31.06 -4.44 -31.12
C GLN D 447 -32.35 -5.24 -30.95
N VAL D 448 -32.25 -6.45 -30.38
CA VAL D 448 -33.42 -7.29 -30.21
C VAL D 448 -34.41 -6.69 -29.21
N CYS D 449 -33.90 -5.99 -28.20
CA CYS D 449 -34.75 -5.37 -27.18
C CYS D 449 -35.06 -3.91 -27.47
N GLY D 450 -34.50 -3.34 -28.54
CA GLY D 450 -34.80 -1.97 -28.89
C GLY D 450 -34.04 -0.92 -28.11
N TYR D 451 -32.78 -1.17 -27.80
CA TYR D 451 -31.93 -0.21 -27.09
C TYR D 451 -30.68 0.08 -27.91
N GLU D 452 -29.87 1.01 -27.41
CA GLU D 452 -28.56 1.31 -27.95
C GLU D 452 -27.48 0.69 -27.09
N PRO D 453 -26.30 0.44 -27.64
CA PRO D 453 -25.20 -0.10 -26.82
C PRO D 453 -24.74 0.92 -25.79
N GLY D 454 -24.41 0.42 -24.60
CA GLY D 454 -23.96 1.28 -23.53
C GLY D 454 -22.50 1.14 -23.19
N GLU D 455 -22.19 0.62 -22.01
CA GLU D 455 -20.82 0.44 -21.55
C GLU D 455 -20.57 -1.03 -21.21
N LEU D 456 -19.30 -1.41 -21.21
CA LEU D 456 -18.89 -2.77 -20.89
C LEU D 456 -17.85 -2.72 -19.78
N ALA D 457 -18.12 -3.43 -18.69
CA ALA D 457 -17.19 -3.56 -17.57
C ALA D 457 -16.88 -5.03 -17.34
N ILE D 458 -15.60 -5.34 -17.22
CA ILE D 458 -15.13 -6.72 -17.04
C ILE D 458 -14.36 -6.79 -15.73
N PHE D 459 -14.85 -7.61 -14.79
CA PHE D 459 -14.20 -7.82 -13.52
C PHE D 459 -13.52 -9.19 -13.53
N ILE D 460 -12.24 -9.23 -13.15
CA ILE D 460 -11.39 -10.38 -13.38
C ILE D 460 -10.87 -10.91 -12.05
N GLY D 461 -10.88 -12.23 -11.90
CA GLY D 461 -10.24 -12.88 -10.78
C GLY D 461 -8.74 -13.07 -11.02
N ASP D 462 -8.36 -14.21 -11.56
CA ASP D 462 -6.95 -14.55 -11.82
C ASP D 462 -6.57 -14.04 -13.20
N ALA D 463 -6.08 -12.80 -13.24
CA ALA D 463 -5.53 -12.22 -14.47
C ALA D 463 -4.06 -12.61 -14.57
N HIS D 464 -3.68 -13.23 -15.69
CA HIS D 464 -2.36 -13.82 -15.78
C HIS D 464 -1.84 -13.74 -17.21
N ILE D 465 -0.52 -13.93 -17.33
CA ILE D 465 0.18 -13.98 -18.61
C ILE D 465 1.00 -15.26 -18.63
N TYR D 466 0.74 -16.12 -19.62
CA TYR D 466 1.54 -17.33 -19.78
C TYR D 466 2.97 -16.97 -20.20
N GLU D 467 3.94 -17.66 -19.63
CA GLU D 467 5.33 -17.23 -19.78
C GLU D 467 5.83 -17.36 -21.23
N ASN D 468 5.15 -18.14 -22.07
CA ASN D 468 5.49 -18.20 -23.48
C ASN D 468 4.80 -17.10 -24.29
N HIS D 469 4.18 -16.13 -23.62
CA HIS D 469 3.62 -14.94 -24.26
C HIS D 469 4.38 -13.66 -23.90
N LEU D 470 5.46 -13.77 -23.14
CA LEU D 470 6.13 -12.57 -22.62
C LEU D 470 6.73 -11.74 -23.74
N THR D 471 7.46 -12.37 -24.66
CA THR D 471 8.02 -11.64 -25.79
C THR D 471 6.94 -11.01 -26.65
N GLN D 472 5.86 -11.75 -26.89
CA GLN D 472 4.78 -11.25 -27.76
C GLN D 472 4.09 -10.05 -27.12
N LEU D 473 3.71 -10.14 -25.85
CA LEU D 473 2.97 -9.05 -25.22
C LEU D 473 3.85 -7.83 -25.01
N LYS D 474 5.15 -8.02 -24.80
CA LYS D 474 6.04 -6.86 -24.75
C LYS D 474 6.18 -6.19 -26.11
N GLU D 475 6.13 -6.97 -27.20
CA GLU D 475 6.08 -6.37 -28.52
C GLU D 475 4.81 -5.55 -28.69
N GLN D 476 3.68 -6.10 -28.25
CA GLN D 476 2.42 -5.36 -28.34
C GLN D 476 2.44 -4.09 -27.50
N LEU D 477 3.14 -4.13 -26.36
CA LEU D 477 3.21 -2.95 -25.50
C LEU D 477 4.06 -1.83 -26.10
N SER D 478 4.78 -2.08 -27.18
CA SER D 478 5.57 -1.07 -27.85
C SER D 478 4.79 -0.31 -28.92
N ARG D 479 3.52 -0.63 -29.12
CA ARG D 479 2.71 -0.05 -30.19
C ARG D 479 1.71 0.93 -29.59
N THR D 480 1.76 2.17 -30.04
CA THR D 480 0.82 3.17 -29.57
C THR D 480 -0.56 2.88 -30.14
N PRO D 481 -1.61 2.89 -29.32
CA PRO D 481 -2.94 2.51 -29.81
C PRO D 481 -3.48 3.48 -30.84
N ARG D 482 -4.34 2.96 -31.71
CA ARG D 482 -5.08 3.71 -32.71
C ARG D 482 -6.56 3.71 -32.36
N PRO D 483 -7.36 4.62 -32.95
CA PRO D 483 -8.79 4.68 -32.59
C PRO D 483 -9.50 3.36 -32.88
N PHE D 484 -10.43 3.02 -32.00
CA PHE D 484 -11.24 1.81 -32.17
C PHE D 484 -12.06 1.91 -33.45
N PRO D 485 -12.40 0.79 -34.07
CA PRO D 485 -13.27 0.81 -35.25
C PRO D 485 -14.73 0.95 -34.84
N GLN D 486 -15.61 0.88 -35.84
CA GLN D 486 -17.05 0.81 -35.62
C GLN D 486 -17.56 -0.55 -36.08
N LEU D 487 -18.61 -1.02 -35.41
CA LEU D 487 -19.27 -2.28 -35.78
C LEU D 487 -20.76 -2.02 -35.87
N LYS D 488 -21.33 -2.26 -37.05
CA LYS D 488 -22.74 -2.04 -37.30
C LYS D 488 -23.37 -3.30 -37.89
N PHE D 489 -24.67 -3.44 -37.65
CA PHE D 489 -25.44 -4.54 -38.23
C PHE D 489 -26.11 -4.07 -39.52
N LYS D 490 -26.06 -4.92 -40.54
CA LYS D 490 -26.60 -4.56 -41.85
C LYS D 490 -28.11 -4.74 -41.94
N ARG D 491 -28.71 -5.45 -40.99
CA ARG D 491 -30.15 -5.65 -41.00
C ARG D 491 -30.62 -5.86 -39.57
N LYS D 492 -31.93 -5.73 -39.37
CA LYS D 492 -32.56 -5.95 -38.07
C LYS D 492 -33.11 -7.38 -38.05
N VAL D 493 -32.52 -8.24 -37.24
CA VAL D 493 -33.00 -9.61 -37.12
C VAL D 493 -34.25 -9.64 -36.24
N GLU D 494 -35.06 -10.69 -36.41
CA GLU D 494 -36.22 -10.88 -35.56
C GLU D 494 -35.92 -11.74 -34.34
N ASN D 495 -34.88 -12.56 -34.40
CA ASN D 495 -34.45 -13.36 -33.25
C ASN D 495 -32.93 -13.36 -33.19
N ILE D 496 -32.40 -13.37 -31.97
CA ILE D 496 -30.97 -13.26 -31.75
C ILE D 496 -30.19 -14.42 -32.39
N GLU D 497 -30.86 -15.55 -32.65
CA GLU D 497 -30.19 -16.69 -33.26
C GLU D 497 -29.98 -16.51 -34.77
N ASP D 498 -30.60 -15.50 -35.38
CA ASP D 498 -30.56 -15.32 -36.82
C ASP D 498 -29.34 -14.55 -37.31
N PHE D 499 -28.50 -14.06 -36.41
CA PHE D 499 -27.33 -13.29 -36.82
C PHE D 499 -26.35 -14.15 -37.60
N LYS D 500 -25.85 -13.60 -38.71
CA LYS D 500 -24.84 -14.25 -39.54
C LYS D 500 -23.64 -13.32 -39.68
N TRP D 501 -22.50 -13.92 -40.04
CA TRP D 501 -21.28 -13.12 -40.19
C TRP D 501 -21.43 -12.07 -41.30
N GLU D 502 -22.27 -12.35 -42.29
CA GLU D 502 -22.51 -11.39 -43.37
C GLU D 502 -23.30 -10.18 -42.89
N ASP D 503 -24.00 -10.28 -41.76
CA ASP D 503 -24.77 -9.16 -41.23
C ASP D 503 -23.93 -8.13 -40.52
N ILE D 504 -22.64 -8.40 -40.29
CA ILE D 504 -21.77 -7.54 -39.51
C ILE D 504 -20.87 -6.74 -40.44
N GLU D 505 -20.75 -5.44 -40.17
CA GLU D 505 -19.88 -4.55 -40.92
C GLU D 505 -18.87 -3.93 -39.96
N LEU D 506 -17.59 -4.17 -40.23
CA LEU D 506 -16.51 -3.62 -39.42
C LEU D 506 -15.92 -2.44 -40.17
N ILE D 507 -16.08 -1.24 -39.62
CA ILE D 507 -15.76 0.01 -40.30
C ILE D 507 -14.58 0.69 -39.60
N GLY D 508 -13.53 0.95 -40.36
CA GLY D 508 -12.42 1.74 -39.85
C GLY D 508 -11.48 1.01 -38.93
N TYR D 509 -11.18 -0.26 -39.21
CA TYR D 509 -10.27 -1.06 -38.40
C TYR D 509 -8.91 -1.12 -39.09
N TYR D 510 -7.91 -0.47 -38.50
CA TYR D 510 -6.56 -0.43 -39.04
C TYR D 510 -5.57 -0.81 -37.94
N PRO D 511 -5.48 -2.09 -37.61
CA PRO D 511 -4.65 -2.53 -36.48
C PRO D 511 -3.18 -2.75 -36.88
N TYR D 512 -2.35 -2.90 -35.86
CA TYR D 512 -0.98 -3.35 -36.07
C TYR D 512 -0.99 -4.84 -36.45
N PRO D 513 0.10 -5.34 -37.04
CA PRO D 513 0.08 -6.71 -37.53
C PRO D 513 -0.17 -7.74 -36.43
N THR D 514 -0.57 -8.93 -36.87
CA THR D 514 -0.92 -10.01 -35.97
C THR D 514 0.30 -10.49 -35.18
N ILE D 515 0.05 -10.98 -33.98
CA ILE D 515 1.09 -11.50 -33.09
C ILE D 515 0.70 -12.93 -32.72
N LYS D 516 1.51 -13.90 -33.16
CA LYS D 516 1.19 -15.30 -32.96
C LYS D 516 1.52 -15.73 -31.53
N MET D 517 0.56 -16.38 -30.88
CA MET D 517 0.71 -16.86 -29.52
C MET D 517 0.05 -18.23 -29.38
N ASP D 518 0.79 -19.18 -28.79
CA ASP D 518 0.29 -20.54 -28.64
C ASP D 518 -0.63 -20.66 -27.43
N MET D 519 -1.64 -21.53 -27.56
CA MET D 519 -2.59 -21.76 -26.48
C MET D 519 -2.09 -22.87 -25.56
N ALA D 520 -2.26 -22.67 -24.26
CA ALA D 520 -1.91 -23.67 -23.26
C ALA D 520 -3.08 -24.63 -23.09
N VAL D 521 -2.86 -25.90 -23.42
CA VAL D 521 -3.91 -26.91 -23.35
C VAL D 521 -4.11 -27.37 -21.92
N GLU E 3 -45.74 42.00 -13.69
CA GLU E 3 -46.35 41.53 -14.92
C GLU E 3 -45.29 41.20 -15.97
N LYS E 4 -44.93 39.92 -16.06
CA LYS E 4 -43.95 39.42 -17.01
C LYS E 4 -44.58 38.29 -17.81
N ASN E 5 -43.82 37.75 -18.76
CA ASN E 5 -44.38 36.84 -19.75
C ASN E 5 -44.37 35.39 -19.24
N VAL E 6 -45.39 34.64 -19.66
CA VAL E 6 -45.55 33.23 -19.32
C VAL E 6 -45.72 32.45 -20.62
N SER E 7 -44.79 31.54 -20.90
CA SER E 7 -44.77 30.80 -22.15
C SER E 7 -44.79 29.29 -21.88
N ILE E 8 -45.49 28.56 -22.74
CA ILE E 8 -45.47 27.10 -22.72
C ILE E 8 -44.41 26.61 -23.71
N VAL E 9 -43.61 25.64 -23.28
CA VAL E 9 -42.69 24.92 -24.15
C VAL E 9 -43.09 23.46 -24.14
N VAL E 10 -43.28 22.87 -25.31
CA VAL E 10 -43.78 21.51 -25.41
C VAL E 10 -43.35 20.93 -26.74
N ALA E 11 -43.13 19.61 -26.76
CA ALA E 11 -42.90 18.84 -27.98
C ALA E 11 -43.97 17.77 -28.06
N ALA E 12 -44.78 17.82 -29.12
CA ALA E 12 -45.92 16.93 -29.27
C ALA E 12 -45.95 16.35 -30.67
N SER E 13 -46.59 15.19 -30.80
CA SER E 13 -46.71 14.54 -32.09
C SER E 13 -47.69 15.29 -32.98
N VAL E 14 -47.52 15.13 -34.30
CA VAL E 14 -48.15 16.05 -35.24
C VAL E 14 -49.66 15.86 -35.29
N LEU E 15 -50.16 14.64 -35.11
CA LEU E 15 -51.59 14.38 -35.23
C LEU E 15 -52.30 14.25 -33.89
N SER E 16 -51.80 13.42 -32.99
CA SER E 16 -52.49 13.14 -31.74
C SER E 16 -51.95 13.93 -30.55
N SER E 17 -50.86 14.67 -30.72
CA SER E 17 -50.29 15.52 -29.66
C SER E 17 -49.79 14.70 -28.48
N GLY E 18 -49.25 13.52 -28.74
CA GLY E 18 -48.64 12.74 -27.68
C GLY E 18 -47.30 13.32 -27.27
N ILE E 19 -47.04 13.33 -25.96
CA ILE E 19 -45.83 13.98 -25.44
C ILE E 19 -45.03 13.03 -24.54
N GLY E 20 -45.63 11.92 -24.12
CA GLY E 20 -44.94 11.05 -23.19
C GLY E 20 -45.46 9.63 -23.22
N ILE E 21 -44.63 8.72 -22.69
CA ILE E 21 -44.97 7.30 -22.60
C ILE E 21 -44.14 6.66 -21.50
N ASN E 22 -44.81 6.02 -20.54
CA ASN E 22 -44.15 5.27 -19.46
C ASN E 22 -43.13 6.14 -18.72
N GLY E 23 -43.52 7.38 -18.44
CA GLY E 23 -42.67 8.26 -17.66
C GLY E 23 -41.50 8.87 -18.40
N GLN E 24 -41.39 8.66 -19.72
CA GLN E 24 -40.31 9.22 -20.50
C GLN E 24 -40.85 9.72 -21.83
N LEU E 25 -39.96 10.26 -22.66
CA LEU E 25 -40.35 10.77 -23.97
C LEU E 25 -40.47 9.64 -24.98
N PRO E 26 -41.38 9.76 -25.95
CA PRO E 26 -41.50 8.74 -26.99
C PRO E 26 -40.51 8.87 -28.13
N TRP E 27 -39.48 9.71 -27.99
CA TRP E 27 -38.48 9.90 -29.03
C TRP E 27 -37.21 10.44 -28.36
N SER E 28 -36.15 10.56 -29.16
CA SER E 28 -34.88 11.11 -28.69
C SER E 28 -34.35 12.03 -29.78
N ILE E 29 -34.59 13.33 -29.65
CA ILE E 29 -34.19 14.34 -30.62
C ILE E 29 -33.28 15.32 -29.91
N SER E 30 -31.98 15.25 -30.21
CA SER E 30 -31.01 16.07 -29.50
C SER E 30 -31.23 17.56 -29.76
N GLU E 31 -31.49 17.93 -31.02
CA GLU E 31 -31.65 19.34 -31.37
C GLU E 31 -32.85 19.97 -30.67
N ASP E 32 -33.86 19.17 -30.34
CA ASP E 32 -35.02 19.70 -29.63
C ASP E 32 -34.69 20.07 -28.19
N LEU E 33 -33.82 19.28 -27.55
CA LEU E 33 -33.41 19.60 -26.18
C LEU E 33 -32.58 20.89 -26.14
N LYS E 34 -31.72 21.10 -27.15
CA LYS E 34 -30.98 22.35 -27.22
C LYS E 34 -31.92 23.54 -27.43
N PHE E 35 -32.99 23.35 -28.21
CA PHE E 35 -33.98 24.40 -28.37
C PHE E 35 -34.64 24.72 -27.03
N PHE E 36 -35.04 23.67 -26.29
CA PHE E 36 -35.58 23.90 -24.95
C PHE E 36 -34.60 24.65 -24.07
N SER E 37 -33.31 24.29 -24.15
CA SER E 37 -32.31 24.95 -23.33
C SER E 37 -32.15 26.42 -23.73
N LYS E 38 -32.05 26.69 -25.02
CA LYS E 38 -31.83 28.07 -25.47
C LYS E 38 -33.05 28.94 -25.25
N ILE E 39 -34.24 28.38 -25.40
CA ILE E 39 -35.45 29.21 -25.29
C ILE E 39 -35.75 29.52 -23.82
N THR E 40 -35.37 28.63 -22.90
CA THR E 40 -35.62 28.87 -21.48
C THR E 40 -34.52 29.65 -20.79
N ASN E 41 -33.32 29.71 -21.37
CA ASN E 41 -32.25 30.53 -20.83
C ASN E 41 -32.24 31.96 -21.38
N ASN E 42 -32.98 32.21 -22.45
CA ASN E 42 -32.97 33.53 -23.09
C ASN E 42 -33.56 34.57 -22.15
N LYS E 43 -32.76 35.61 -21.87
CA LYS E 43 -33.19 36.68 -20.98
C LYS E 43 -32.37 37.93 -21.28
N CYS E 44 -32.86 39.07 -20.79
CA CYS E 44 -32.23 40.37 -21.00
C CYS E 44 -31.32 40.77 -19.86
N ASP E 45 -31.77 40.61 -18.61
CA ASP E 45 -31.02 41.04 -17.44
C ASP E 45 -30.11 39.91 -16.97
N SER E 46 -28.81 40.20 -16.89
CA SER E 46 -27.86 39.18 -16.43
C SER E 46 -27.99 38.88 -14.95
N ASN E 47 -28.57 39.81 -14.17
CA ASN E 47 -28.76 39.61 -12.74
C ASN E 47 -30.10 38.97 -12.42
N LYS E 48 -30.80 38.44 -13.42
CA LYS E 48 -32.08 37.76 -13.22
C LYS E 48 -32.00 36.35 -13.77
N LYS E 49 -32.97 35.53 -13.36
CA LYS E 49 -33.08 34.15 -13.83
C LYS E 49 -34.49 33.91 -14.35
N ASN E 50 -34.64 32.82 -15.09
CA ASN E 50 -35.94 32.38 -15.58
C ASN E 50 -36.44 31.21 -14.73
N ALA E 51 -37.76 31.12 -14.58
CA ALA E 51 -38.41 30.09 -13.78
C ALA E 51 -39.06 29.07 -14.71
N LEU E 52 -38.83 27.80 -14.44
CA LEU E 52 -39.36 26.70 -15.24
C LEU E 52 -40.33 25.91 -14.37
N ILE E 53 -41.63 26.04 -14.64
CA ILE E 53 -42.66 25.34 -13.90
C ILE E 53 -42.89 23.98 -14.55
N MET E 54 -42.92 22.93 -13.72
CA MET E 54 -43.14 21.58 -14.22
C MET E 54 -43.84 20.76 -13.15
N GLY E 55 -44.55 19.73 -13.60
CA GLY E 55 -45.19 18.81 -12.67
C GLY E 55 -44.18 17.89 -12.01
N ARG E 56 -44.64 17.20 -10.98
CA ARG E 56 -43.75 16.37 -10.18
C ARG E 56 -43.25 15.16 -10.96
N LYS E 57 -44.11 14.56 -11.79
CA LYS E 57 -43.68 13.42 -12.58
C LYS E 57 -42.64 13.82 -13.62
N THR E 58 -42.75 15.02 -14.18
CA THR E 58 -41.70 15.53 -15.06
C THR E 58 -40.42 15.78 -14.27
N TRP E 59 -40.55 16.25 -13.02
CA TRP E 59 -39.39 16.42 -12.16
C TRP E 59 -38.69 15.08 -11.90
N ASP E 60 -39.47 14.00 -11.77
CA ASP E 60 -38.88 12.67 -11.65
C ASP E 60 -38.19 12.25 -12.95
N SER E 61 -38.81 12.54 -14.09
CA SER E 61 -38.31 12.08 -15.37
C SER E 61 -36.97 12.71 -15.74
N ILE E 62 -36.65 13.89 -15.18
CA ILE E 62 -35.37 14.54 -15.44
C ILE E 62 -34.34 14.22 -14.35
N GLY E 63 -34.60 13.20 -13.54
CA GLY E 63 -33.65 12.76 -12.54
C GLY E 63 -33.60 13.58 -11.27
N ARG E 64 -34.54 14.52 -11.09
CA ARG E 64 -34.58 15.37 -9.90
C ARG E 64 -33.28 16.13 -9.70
N ARG E 65 -32.72 16.66 -10.79
CA ARG E 65 -31.50 17.45 -10.73
C ARG E 65 -31.73 18.81 -11.36
N PRO E 66 -31.12 19.87 -10.82
CA PRO E 66 -31.43 21.22 -11.29
C PRO E 66 -30.88 21.48 -12.70
N LEU E 67 -31.45 22.50 -13.33
CA LEU E 67 -31.03 22.95 -14.65
C LEU E 67 -30.19 24.22 -14.51
N LYS E 68 -29.02 24.21 -15.16
CA LYS E 68 -28.04 25.29 -15.00
C LYS E 68 -28.66 26.65 -15.35
N ASN E 69 -28.34 27.65 -14.53
CA ASN E 69 -28.70 29.06 -14.68
C ASN E 69 -30.19 29.34 -14.53
N ARG E 70 -31.00 28.35 -14.19
CA ARG E 70 -32.45 28.53 -14.10
C ARG E 70 -32.95 28.03 -12.75
N ILE E 71 -34.17 28.45 -12.41
CA ILE E 71 -34.84 28.05 -11.18
C ILE E 71 -36.00 27.14 -11.58
N ILE E 72 -36.04 25.95 -11.02
CA ILE E 72 -37.08 24.97 -11.31
C ILE E 72 -38.17 25.06 -10.25
N VAL E 73 -39.42 25.14 -10.70
CA VAL E 73 -40.58 25.22 -9.82
C VAL E 73 -41.37 23.94 -9.99
N VAL E 74 -41.43 23.11 -8.94
CA VAL E 74 -42.11 21.83 -8.98
C VAL E 74 -43.48 21.97 -8.32
N ILE E 75 -44.52 21.54 -9.04
CA ILE E 75 -45.87 21.52 -8.51
C ILE E 75 -46.13 20.13 -7.93
N SER E 76 -46.38 20.06 -6.63
CA SER E 76 -46.59 18.77 -5.97
C SER E 76 -47.34 18.99 -4.67
N SER E 77 -48.15 18.00 -4.30
CA SER E 77 -48.87 18.02 -3.05
C SER E 77 -48.11 17.35 -1.92
N SER E 78 -47.15 16.48 -2.23
CA SER E 78 -46.46 15.69 -1.22
C SER E 78 -44.98 16.00 -1.07
N LEU E 79 -44.35 16.62 -2.07
CA LEU E 79 -42.91 16.88 -1.98
C LEU E 79 -42.61 17.84 -0.82
N PRO E 80 -41.57 17.57 -0.04
CA PRO E 80 -41.21 18.49 1.05
C PRO E 80 -40.69 19.81 0.49
N GLN E 81 -41.27 20.90 0.96
CA GLN E 81 -40.87 22.25 0.54
C GLN E 81 -39.49 22.55 1.12
N ASP E 82 -38.46 21.99 0.49
CA ASP E 82 -37.09 22.14 0.96
C ASP E 82 -36.55 23.50 0.58
N GLU E 83 -35.65 24.02 1.41
CA GLU E 83 -34.99 25.29 1.17
C GLU E 83 -33.48 25.17 1.00
N ALA E 84 -32.94 23.94 1.04
CA ALA E 84 -31.50 23.77 0.88
C ALA E 84 -31.04 24.17 -0.52
N ASP E 85 -31.77 23.74 -1.54
CA ASP E 85 -31.42 24.06 -2.92
C ASP E 85 -32.16 25.31 -3.34
N PRO E 86 -31.47 26.43 -3.61
CA PRO E 86 -32.17 27.63 -4.09
C PRO E 86 -32.56 27.54 -5.56
N ASN E 87 -32.15 26.50 -6.27
CA ASN E 87 -32.49 26.33 -7.68
C ASN E 87 -33.72 25.46 -7.90
N VAL E 88 -34.28 24.87 -6.84
CA VAL E 88 -35.48 24.04 -6.92
C VAL E 88 -36.40 24.45 -5.79
N VAL E 89 -37.61 24.88 -6.13
CA VAL E 89 -38.62 25.27 -5.15
C VAL E 89 -39.90 24.51 -5.45
N VAL E 90 -40.68 24.26 -4.40
CA VAL E 90 -41.88 23.43 -4.48
C VAL E 90 -43.09 24.26 -4.09
N PHE E 91 -44.16 24.15 -4.88
CA PHE E 91 -45.44 24.79 -4.58
C PHE E 91 -46.54 23.74 -4.60
N ARG E 92 -47.63 24.04 -3.89
CA ARG E 92 -48.72 23.08 -3.72
C ARG E 92 -49.75 23.14 -4.84
N ASN E 93 -49.77 24.21 -5.63
CA ASN E 93 -50.69 24.31 -6.75
C ASN E 93 -50.11 25.29 -7.76
N LEU E 94 -50.70 25.27 -8.97
CA LEU E 94 -50.16 26.09 -10.06
C LEU E 94 -50.39 27.58 -9.82
N GLU E 95 -51.57 27.94 -9.29
CA GLU E 95 -51.88 29.36 -9.09
C GLU E 95 -50.92 30.01 -8.09
N ASP E 96 -50.63 29.31 -6.98
CA ASP E 96 -49.70 29.86 -6.00
C ASP E 96 -48.30 30.01 -6.56
N SER E 97 -47.91 29.12 -7.49
CA SER E 97 -46.58 29.22 -8.09
C SER E 97 -46.43 30.46 -8.96
N ILE E 98 -47.54 31.09 -9.37
CA ILE E 98 -47.48 32.34 -10.11
C ILE E 98 -47.15 33.47 -9.15
N GLU E 99 -46.68 33.12 -7.95
CA GLU E 99 -46.03 34.09 -7.07
C GLU E 99 -44.74 34.62 -7.68
N ASN E 100 -44.19 33.94 -8.68
CA ASN E 100 -43.09 34.49 -9.46
C ASN E 100 -43.45 35.86 -10.03
N LEU E 101 -44.73 36.08 -10.33
CA LEU E 101 -45.21 37.38 -10.76
C LEU E 101 -45.33 38.35 -9.59
N MET E 102 -46.08 37.96 -8.55
CA MET E 102 -46.47 38.88 -7.48
C MET E 102 -45.27 39.58 -6.84
N ASN E 103 -44.10 38.95 -6.87
CA ASN E 103 -42.89 39.59 -6.39
C ASN E 103 -41.68 39.01 -7.11
N ASP E 104 -40.57 38.87 -6.40
CA ASP E 104 -39.35 38.27 -6.94
C ASP E 104 -38.94 38.94 -8.24
N ASP E 105 -38.36 40.16 -8.14
CA ASP E 105 -37.91 40.86 -9.33
C ASP E 105 -36.66 40.24 -9.95
N SER E 106 -36.12 39.17 -9.35
CA SER E 106 -35.02 38.44 -9.94
C SER E 106 -35.48 37.40 -10.95
N ILE E 107 -36.79 37.21 -11.10
CA ILE E 107 -37.36 36.31 -12.10
C ILE E 107 -37.85 37.17 -13.26
N GLU E 108 -37.24 36.99 -14.43
CA GLU E 108 -37.59 37.79 -15.60
C GLU E 108 -38.72 37.16 -16.42
N ASN E 109 -38.60 35.88 -16.75
CA ASN E 109 -39.60 35.19 -17.56
C ASN E 109 -40.00 33.88 -16.89
N ILE E 110 -41.18 33.40 -17.26
CA ILE E 110 -41.76 32.18 -16.69
C ILE E 110 -42.07 31.22 -17.83
N PHE E 111 -41.74 29.94 -17.63
CA PHE E 111 -41.95 28.91 -18.63
C PHE E 111 -42.68 27.74 -18.00
N VAL E 112 -43.82 27.36 -18.58
CA VAL E 112 -44.53 26.13 -18.20
C VAL E 112 -43.94 25.00 -19.04
N CYS E 113 -43.23 24.08 -18.38
CA CYS E 113 -42.27 23.22 -19.07
C CYS E 113 -42.70 21.77 -19.23
N GLY E 114 -43.85 21.37 -18.71
CA GLY E 114 -44.27 20.01 -18.98
C GLY E 114 -45.19 19.44 -17.92
N GLY E 115 -45.84 18.34 -18.29
CA GLY E 115 -46.90 17.75 -17.51
C GLY E 115 -48.25 18.05 -18.13
N GLU E 116 -48.96 17.00 -18.57
CA GLU E 116 -50.31 17.21 -19.10
C GLU E 116 -51.20 17.90 -18.08
N SER E 117 -51.08 17.53 -16.81
CA SER E 117 -51.86 18.20 -15.77
C SER E 117 -51.48 19.67 -15.66
N ILE E 118 -50.19 19.99 -15.76
CA ILE E 118 -49.76 21.38 -15.65
C ILE E 118 -50.15 22.17 -16.90
N TYR E 119 -49.98 21.57 -18.07
CA TYR E 119 -50.39 22.24 -19.31
C TYR E 119 -51.90 22.53 -19.29
N ARG E 120 -52.69 21.53 -18.91
CA ARG E 120 -54.14 21.68 -18.97
C ARG E 120 -54.63 22.74 -17.99
N ASP E 121 -54.03 22.79 -16.80
CA ASP E 121 -54.44 23.79 -15.81
C ASP E 121 -53.95 25.18 -16.18
N ALA E 122 -52.79 25.27 -16.83
CA ALA E 122 -52.27 26.58 -17.22
C ALA E 122 -53.11 27.22 -18.32
N LEU E 123 -53.64 26.40 -19.24
CA LEU E 123 -54.48 26.93 -20.30
C LEU E 123 -55.91 27.17 -19.82
N LYS E 124 -56.42 26.31 -18.94
CA LYS E 124 -57.79 26.47 -18.45
C LYS E 124 -57.94 27.77 -17.66
N ASP E 125 -56.93 28.12 -16.87
CA ASP E 125 -56.97 29.34 -16.07
C ASP E 125 -56.39 30.54 -16.79
N ASN E 126 -56.02 30.39 -18.06
CA ASN E 126 -55.59 31.50 -18.91
C ASN E 126 -54.37 32.21 -18.34
N PHE E 127 -53.35 31.42 -17.98
CA PHE E 127 -52.08 31.97 -17.53
C PHE E 127 -51.06 32.16 -18.64
N VAL E 128 -51.31 31.59 -19.82
CA VAL E 128 -50.29 31.42 -20.86
C VAL E 128 -50.43 32.55 -21.88
N ASP E 129 -49.31 33.19 -22.19
CA ASP E 129 -49.26 34.21 -23.24
C ASP E 129 -48.77 33.66 -24.58
N ARG E 130 -47.88 32.67 -24.54
CA ARG E 130 -47.21 32.18 -25.73
C ARG E 130 -47.02 30.67 -25.64
N ILE E 131 -46.97 30.02 -26.80
CA ILE E 131 -46.78 28.59 -26.88
C ILE E 131 -45.66 28.32 -27.88
N TYR E 132 -44.58 27.69 -27.41
CA TYR E 132 -43.52 27.19 -28.27
C TYR E 132 -43.76 25.69 -28.47
N LEU E 133 -44.12 25.30 -29.68
CA LEU E 133 -44.51 23.92 -29.98
C LEU E 133 -43.53 23.30 -30.96
N THR E 134 -43.00 22.14 -30.61
CA THR E 134 -42.21 21.31 -31.51
C THR E 134 -43.10 20.18 -32.00
N ARG E 135 -43.46 20.22 -33.28
CA ARG E 135 -44.30 19.18 -33.87
C ARG E 135 -43.41 18.06 -34.40
N VAL E 136 -43.58 16.86 -33.84
CA VAL E 136 -42.78 15.70 -34.20
C VAL E 136 -43.62 14.77 -35.06
N ALA E 137 -43.06 14.31 -36.18
CA ALA E 137 -43.79 13.48 -37.13
C ALA E 137 -43.61 12.00 -36.79
N LEU E 138 -44.18 11.63 -35.64
CA LEU E 138 -44.19 10.25 -35.16
C LEU E 138 -45.58 9.95 -34.63
N GLU E 139 -46.28 9.01 -35.25
CA GLU E 139 -47.68 8.83 -34.86
C GLU E 139 -48.05 7.39 -34.55
N ASP E 140 -47.53 6.42 -35.29
CA ASP E 140 -47.95 5.04 -35.07
C ASP E 140 -47.16 4.39 -33.94
N ILE E 141 -47.04 5.09 -32.82
CA ILE E 141 -46.42 4.57 -31.61
C ILE E 141 -47.37 4.83 -30.44
N GLU E 142 -47.00 4.31 -29.27
CA GLU E 142 -47.87 4.35 -28.10
C GLU E 142 -47.62 5.61 -27.28
N PHE E 143 -48.71 6.26 -26.86
CA PHE E 143 -48.65 7.40 -25.97
C PHE E 143 -49.56 7.16 -24.78
N ASP E 144 -49.21 7.75 -23.64
CA ASP E 144 -50.10 7.80 -22.48
C ASP E 144 -50.24 9.20 -21.92
N THR E 145 -49.56 10.20 -22.50
CA THR E 145 -49.64 11.58 -22.06
C THR E 145 -49.75 12.46 -23.30
N TYR E 146 -50.64 13.46 -23.25
CA TYR E 146 -50.95 14.27 -24.42
C TYR E 146 -50.92 15.75 -24.05
N PHE E 147 -50.54 16.56 -25.04
CA PHE E 147 -50.67 18.00 -24.92
C PHE E 147 -52.11 18.41 -25.26
N PRO E 148 -52.78 19.16 -24.39
CA PRO E 148 -54.18 19.51 -24.65
C PRO E 148 -54.32 20.35 -25.91
N GLU E 149 -55.54 20.38 -26.45
CA GLU E 149 -55.82 21.16 -27.65
C GLU E 149 -55.62 22.64 -27.36
N ILE E 150 -54.96 23.33 -28.29
CA ILE E 150 -54.68 24.76 -28.14
C ILE E 150 -56.00 25.51 -28.24
N PRO E 151 -56.36 26.33 -27.25
CA PRO E 151 -57.64 27.04 -27.29
C PRO E 151 -57.67 28.06 -28.42
N GLU E 152 -58.89 28.41 -28.83
CA GLU E 152 -59.09 29.29 -29.98
C GLU E 152 -58.57 30.70 -29.76
N THR E 153 -58.26 31.09 -28.52
CA THR E 153 -57.69 32.40 -28.26
C THR E 153 -56.26 32.54 -28.75
N PHE E 154 -55.61 31.44 -29.13
CA PHE E 154 -54.25 31.47 -29.63
C PHE E 154 -54.25 31.41 -31.16
N LEU E 155 -53.26 32.06 -31.76
CA LEU E 155 -53.08 32.06 -33.21
C LEU E 155 -51.62 31.82 -33.54
N PRO E 156 -51.34 31.02 -34.57
CA PRO E 156 -49.94 30.80 -34.95
C PRO E 156 -49.34 32.04 -35.60
N VAL E 157 -48.08 32.32 -35.26
CA VAL E 157 -47.36 33.45 -35.81
C VAL E 157 -46.04 33.06 -36.45
N TYR E 158 -45.63 31.81 -36.35
CA TYR E 158 -44.35 31.38 -36.91
C TYR E 158 -44.39 29.86 -37.13
N MET E 159 -43.82 29.43 -38.25
CA MET E 159 -43.69 28.00 -38.53
C MET E 159 -42.38 27.79 -39.28
N SER E 160 -41.42 27.13 -38.63
CA SER E 160 -40.09 26.98 -39.19
C SER E 160 -40.11 25.96 -40.33
N GLN E 161 -38.96 25.87 -41.01
CA GLN E 161 -38.75 24.79 -41.96
C GLN E 161 -38.70 23.44 -41.24
N THR E 162 -38.83 22.37 -42.02
CA THR E 162 -38.74 21.03 -41.47
C THR E 162 -37.28 20.64 -41.27
N PHE E 163 -36.99 20.05 -40.12
CA PHE E 163 -35.67 19.52 -39.80
C PHE E 163 -35.74 18.01 -39.67
N CYS E 164 -34.56 17.37 -39.68
CA CYS E 164 -34.46 15.92 -39.66
C CYS E 164 -33.43 15.48 -38.65
N THR E 165 -33.82 14.53 -37.79
CA THR E 165 -32.90 13.88 -36.87
C THR E 165 -33.24 12.39 -36.85
N LYS E 166 -32.28 11.56 -37.24
CA LYS E 166 -32.46 10.10 -37.28
C LYS E 166 -33.68 9.72 -38.12
N ASN E 167 -33.84 10.39 -39.26
CA ASN E 167 -34.96 10.21 -40.19
C ASN E 167 -36.29 10.62 -39.60
N ILE E 168 -36.30 11.42 -38.53
CA ILE E 168 -37.53 11.93 -37.93
C ILE E 168 -37.69 13.38 -38.34
N SER E 169 -38.85 13.70 -38.93
CA SER E 169 -39.16 15.07 -39.33
C SER E 169 -39.80 15.84 -38.18
N TYR E 170 -39.44 17.10 -38.06
CA TYR E 170 -40.02 17.97 -37.04
C TYR E 170 -39.79 19.43 -37.43
N ASP E 171 -40.66 20.30 -36.92
CA ASP E 171 -40.52 21.74 -37.10
C ASP E 171 -40.92 22.44 -35.81
N PHE E 172 -40.82 23.77 -35.81
CA PHE E 172 -41.09 24.58 -34.64
C PHE E 172 -42.12 25.65 -34.95
N MET E 173 -43.07 25.84 -34.05
CA MET E 173 -44.13 26.82 -34.22
C MET E 173 -44.24 27.69 -32.98
N ILE E 174 -44.74 28.91 -33.18
CA ILE E 174 -45.03 29.85 -32.09
C ILE E 174 -46.50 30.23 -32.17
N PHE E 175 -47.20 30.12 -31.04
CA PHE E 175 -48.58 30.57 -30.93
C PHE E 175 -48.64 31.74 -29.95
N GLU E 176 -49.52 32.69 -30.24
CA GLU E 176 -49.70 33.87 -29.42
C GLU E 176 -51.17 34.06 -29.11
N LYS E 177 -51.45 34.51 -27.89
CA LYS E 177 -52.83 34.73 -27.45
C LYS E 177 -53.28 36.10 -27.93
N GLN E 178 -54.16 36.12 -28.93
CA GLN E 178 -54.56 37.37 -29.55
C GLN E 178 -55.46 38.17 -28.61
N GLU E 179 -55.28 39.50 -28.61
CA GLU E 179 -56.07 40.38 -27.77
C GLU E 179 -57.00 41.26 -28.60
N LEU E 193 -43.04 52.50 -40.88
CA LEU E 193 -43.94 53.58 -40.46
C LEU E 193 -45.13 53.69 -41.42
N LYS E 194 -46.23 54.26 -40.93
CA LYS E 194 -47.42 54.44 -41.75
C LYS E 194 -47.18 55.40 -42.91
N SER E 195 -46.13 56.22 -42.84
CA SER E 195 -45.87 57.18 -43.91
C SER E 195 -45.59 56.49 -45.24
N ILE E 196 -44.86 55.38 -45.20
CA ILE E 196 -44.56 54.67 -46.44
C ILE E 196 -45.80 53.99 -46.99
N ASP E 197 -46.57 53.34 -46.13
CA ASP E 197 -47.78 52.64 -46.59
C ASP E 197 -48.80 53.60 -47.16
N ASP E 198 -48.93 54.79 -46.57
CA ASP E 198 -49.87 55.77 -47.10
C ASP E 198 -49.42 56.31 -48.45
N THR E 199 -48.13 56.61 -48.59
CA THR E 199 -47.62 57.13 -49.85
C THR E 199 -47.79 56.11 -50.98
N VAL E 200 -47.53 54.83 -50.68
CA VAL E 200 -47.67 53.79 -51.70
C VAL E 200 -49.13 53.64 -52.11
N ASP E 201 -50.05 53.74 -51.15
CA ASP E 201 -51.48 53.68 -51.47
C ASP E 201 -51.88 54.85 -52.36
N LEU E 202 -51.46 56.07 -52.00
CA LEU E 202 -51.80 57.24 -52.79
C LEU E 202 -51.22 57.16 -54.19
N LEU E 203 -49.99 56.67 -54.33
CA LEU E 203 -49.42 56.46 -55.65
C LEU E 203 -50.19 55.40 -56.42
N GLY E 204 -50.72 54.40 -55.73
CA GLY E 204 -51.53 53.38 -56.37
C GLY E 204 -52.90 53.87 -56.81
N GLU E 205 -53.38 54.97 -56.23
CA GLU E 205 -54.64 55.56 -56.66
C GLU E 205 -54.45 56.45 -57.88
N ILE E 206 -53.33 57.18 -57.94
CA ILE E 206 -53.03 58.04 -59.06
C ILE E 206 -52.80 57.20 -60.31
N PHE E 207 -51.73 56.40 -60.30
CA PHE E 207 -51.47 55.46 -61.38
C PHE E 207 -52.28 54.20 -61.14
N GLY E 208 -52.97 53.71 -62.17
CA GLY E 208 -53.77 52.52 -62.01
C GLY E 208 -52.91 51.28 -62.13
N ILE E 209 -53.11 50.51 -63.20
CA ILE E 209 -52.21 49.40 -63.48
C ILE E 209 -50.88 49.88 -64.02
N ARG E 210 -50.69 51.20 -64.14
CA ARG E 210 -49.41 51.74 -64.53
C ARG E 210 -48.36 51.55 -63.43
N LYS E 211 -48.80 51.41 -62.19
CA LYS E 211 -47.92 51.09 -61.07
C LYS E 211 -47.82 49.58 -60.94
N MET E 212 -46.61 49.05 -61.10
CA MET E 212 -46.43 47.60 -61.17
C MET E 212 -46.89 46.90 -59.91
N GLY E 213 -46.79 47.56 -58.75
CA GLY E 213 -47.30 46.99 -57.53
C GLY E 213 -48.78 46.64 -57.59
N ASN E 214 -49.56 47.44 -58.32
CA ASN E 214 -50.98 47.14 -58.49
C ASN E 214 -51.21 45.92 -59.36
N ARG E 215 -50.25 45.53 -60.19
CA ARG E 215 -50.35 44.29 -60.94
C ARG E 215 -49.95 43.06 -60.13
N HIS E 216 -49.31 43.26 -58.97
CA HIS E 216 -48.91 42.18 -58.08
C HIS E 216 -49.45 42.45 -56.68
N LYS E 217 -50.78 42.54 -56.58
CA LYS E 217 -51.43 42.86 -55.31
C LYS E 217 -51.25 41.71 -54.32
N PHE E 218 -51.04 42.06 -53.06
CA PHE E 218 -50.90 41.06 -52.02
C PHE E 218 -52.22 40.31 -51.84
N PRO E 219 -52.17 38.99 -51.68
CA PRO E 219 -53.41 38.22 -51.57
C PRO E 219 -54.24 38.64 -50.37
N LYS E 220 -55.56 38.67 -50.58
CA LYS E 220 -56.49 38.99 -49.51
C LYS E 220 -56.47 37.90 -48.44
N GLU E 221 -56.93 38.28 -47.24
CA GLU E 221 -56.87 37.37 -46.09
C GLU E 221 -57.68 36.10 -46.34
N GLU E 222 -58.79 36.21 -47.06
CA GLU E 222 -59.68 35.07 -47.25
C GLU E 222 -59.09 34.00 -48.16
N ILE E 223 -58.05 34.32 -48.91
CA ILE E 223 -57.40 33.34 -49.79
C ILE E 223 -55.95 33.11 -49.40
N TYR E 224 -55.57 33.52 -48.19
CA TYR E 224 -54.21 33.40 -47.69
C TYR E 224 -54.16 32.28 -46.65
N ASN E 225 -53.30 31.30 -46.88
CA ASN E 225 -53.23 30.16 -45.97
C ASN E 225 -52.64 30.57 -44.63
N THR E 226 -53.37 30.27 -43.55
CA THR E 226 -52.98 30.60 -42.18
C THR E 226 -52.55 32.06 -42.10
N PRO E 227 -53.48 33.01 -42.22
CA PRO E 227 -53.09 34.43 -42.37
C PRO E 227 -52.40 35.01 -41.16
N SER E 228 -52.59 34.45 -39.96
CA SER E 228 -51.98 35.03 -38.77
C SER E 228 -50.46 34.89 -38.78
N ILE E 229 -49.90 33.99 -39.59
CA ILE E 229 -48.45 33.86 -39.73
C ILE E 229 -48.04 34.85 -40.82
N ARG E 230 -47.66 36.06 -40.38
CA ARG E 230 -47.31 37.12 -41.31
C ARG E 230 -45.81 37.18 -41.59
N PHE E 231 -44.99 37.16 -40.53
CA PHE E 231 -43.55 37.34 -40.65
C PHE E 231 -42.78 36.04 -40.39
N GLY E 232 -43.46 34.92 -40.25
CA GLY E 232 -42.79 33.67 -39.94
C GLY E 232 -43.18 32.52 -40.85
N ARG E 233 -43.36 32.83 -42.14
CA ARG E 233 -43.75 31.80 -43.12
C ARG E 233 -42.51 31.09 -43.66
N GLU E 234 -41.79 30.44 -42.73
CA GLU E 234 -40.52 29.82 -43.06
C GLU E 234 -40.69 28.45 -43.70
N HIS E 235 -41.73 27.71 -43.31
CA HIS E 235 -42.00 26.41 -43.91
C HIS E 235 -42.14 26.55 -45.43
N TYR E 236 -41.33 25.79 -46.16
CA TYR E 236 -41.24 25.98 -47.61
C TYR E 236 -42.45 25.42 -48.36
N GLU E 237 -43.41 24.79 -47.69
CA GLU E 237 -44.67 24.51 -48.35
C GLU E 237 -45.45 25.80 -48.63
N PHE E 238 -45.19 26.86 -47.85
CA PHE E 238 -45.78 28.17 -48.13
C PHE E 238 -45.35 28.69 -49.50
N GLN E 239 -44.21 28.23 -50.02
CA GLN E 239 -43.79 28.63 -51.35
C GLN E 239 -44.81 28.20 -52.40
N TYR E 240 -45.45 27.05 -52.20
CA TYR E 240 -46.48 26.60 -53.13
C TYR E 240 -47.84 27.22 -52.81
N LEU E 241 -48.20 27.24 -51.52
CA LEU E 241 -49.52 27.75 -51.13
C LEU E 241 -49.67 29.23 -51.46
N ASP E 242 -48.63 30.03 -51.18
CA ASP E 242 -48.72 31.46 -51.45
C ASP E 242 -48.75 31.75 -52.94
N LEU E 243 -48.20 30.85 -53.76
CA LEU E 243 -48.33 31.01 -55.21
C LEU E 243 -49.77 30.79 -55.65
N LEU E 244 -50.47 29.85 -55.02
CA LEU E 244 -51.91 29.71 -55.25
C LEU E 244 -52.65 30.99 -54.89
N SER E 245 -52.29 31.60 -53.76
CA SER E 245 -52.95 32.83 -53.34
C SER E 245 -52.68 33.97 -54.30
N ARG E 246 -51.45 34.08 -54.80
CA ARG E 246 -51.12 35.14 -55.75
C ARG E 246 -51.92 35.01 -57.04
N VAL E 247 -52.13 33.78 -57.50
CA VAL E 247 -52.90 33.57 -58.72
C VAL E 247 -54.37 33.90 -58.50
N LEU E 248 -54.93 33.46 -57.36
CA LEU E 248 -56.31 33.80 -57.07
C LEU E 248 -56.52 35.30 -56.96
N GLU E 249 -55.50 36.03 -56.51
CA GLU E 249 -55.63 37.47 -56.31
C GLU E 249 -55.48 38.24 -57.63
N ASN E 250 -54.44 37.92 -58.41
CA ASN E 250 -54.08 38.71 -59.57
C ASN E 250 -54.27 37.97 -60.90
N GLY E 251 -54.68 36.71 -60.87
CA GLY E 251 -54.80 35.93 -62.09
C GLY E 251 -55.80 36.48 -63.08
N ALA E 252 -55.37 36.65 -64.33
CA ALA E 252 -56.26 37.08 -65.39
C ALA E 252 -57.02 35.90 -65.98
N TYR E 253 -58.31 36.10 -66.22
CA TYR E 253 -59.16 35.05 -66.77
C TYR E 253 -58.85 34.89 -68.26
N ARG E 254 -58.31 33.73 -68.63
CA ARG E 254 -57.84 33.50 -69.99
C ARG E 254 -58.26 32.12 -70.47
N GLU E 255 -58.55 32.03 -71.76
CA GLU E 255 -58.81 30.76 -72.41
C GLU E 255 -57.51 30.12 -72.89
N ASN E 256 -57.59 28.85 -73.24
CA ASN E 256 -56.41 28.10 -73.69
C ASN E 256 -56.86 27.02 -74.66
N ARG E 257 -55.89 26.19 -75.08
CA ARG E 257 -56.17 25.15 -76.06
C ARG E 257 -57.25 24.18 -75.60
N THR E 258 -57.31 23.90 -74.29
CA THR E 258 -58.37 23.07 -73.77
C THR E 258 -59.64 23.90 -73.59
N GLY E 259 -60.75 23.21 -73.36
CA GLY E 259 -62.00 23.91 -73.16
C GLY E 259 -62.12 24.63 -71.83
N ILE E 260 -61.16 24.42 -70.93
CA ILE E 260 -61.24 24.90 -69.55
C ILE E 260 -60.35 26.13 -69.42
N SER E 261 -60.95 27.27 -69.07
CA SER E 261 -60.21 28.50 -68.88
C SER E 261 -59.46 28.49 -67.55
N THR E 262 -58.47 29.36 -67.45
CA THR E 262 -57.63 29.46 -66.27
C THR E 262 -57.56 30.90 -65.79
N TYR E 263 -57.06 31.07 -64.57
CA TYR E 263 -56.61 32.35 -64.05
C TYR E 263 -55.09 32.32 -64.02
N SER E 264 -54.45 33.29 -64.65
CA SER E 264 -53.04 33.17 -65.01
C SER E 264 -52.25 34.42 -64.65
N ILE E 265 -51.03 34.20 -64.15
CA ILE E 265 -50.01 35.23 -64.02
C ILE E 265 -48.74 34.68 -64.65
N PHE E 266 -47.75 35.56 -64.83
CA PHE E 266 -46.54 35.23 -65.59
C PHE E 266 -45.31 35.62 -64.79
N GLY E 267 -44.41 34.67 -64.56
CA GLY E 267 -43.16 34.94 -63.89
C GLY E 267 -43.19 34.76 -62.38
N GLN E 268 -43.01 33.52 -61.91
CA GLN E 268 -43.06 33.21 -60.49
C GLN E 268 -41.95 32.22 -60.16
N MET E 269 -41.70 32.02 -58.87
CA MET E 269 -40.67 31.07 -58.46
C MET E 269 -41.00 30.49 -57.09
N MET E 270 -40.42 29.33 -56.81
CA MET E 270 -40.57 28.63 -55.54
C MET E 270 -39.24 28.00 -55.16
N ARG E 271 -38.89 28.09 -53.88
CA ARG E 271 -37.69 27.43 -53.35
C ARG E 271 -38.09 26.31 -52.40
N PHE E 272 -37.33 25.22 -52.42
CA PHE E 272 -37.56 24.11 -51.50
C PHE E 272 -36.22 23.57 -51.03
N ASP E 273 -36.10 23.36 -49.73
CA ASP E 273 -34.93 22.70 -49.18
C ASP E 273 -35.04 21.19 -49.41
N MET E 274 -33.89 20.55 -49.59
CA MET E 274 -33.83 19.10 -49.71
C MET E 274 -32.80 18.47 -48.79
N ARG E 275 -32.11 19.27 -47.97
CA ARG E 275 -31.12 18.71 -47.05
C ARG E 275 -31.77 18.07 -45.83
N GLU E 276 -32.84 18.68 -45.31
CA GLU E 276 -33.44 18.25 -44.05
C GLU E 276 -34.84 17.70 -44.19
N SER E 277 -35.36 17.58 -45.42
CA SER E 277 -36.70 17.05 -45.64
C SER E 277 -36.88 16.85 -47.15
N PHE E 278 -38.04 16.30 -47.52
CA PHE E 278 -38.40 16.06 -48.90
C PHE E 278 -39.66 16.85 -49.22
N PRO E 279 -39.66 17.72 -50.24
CA PRO E 279 -40.80 18.64 -50.48
C PRO E 279 -42.00 17.93 -51.10
N LEU E 280 -42.66 17.10 -50.30
CA LEU E 280 -43.92 16.46 -50.68
C LEU E 280 -45.05 17.13 -49.91
N LEU E 281 -45.98 17.74 -50.64
CA LEU E 281 -47.01 18.58 -50.02
C LEU E 281 -47.79 17.80 -48.97
N THR E 282 -48.07 18.48 -47.84
CA THR E 282 -48.83 17.89 -46.75
C THR E 282 -50.29 18.34 -46.71
N THR E 283 -50.61 19.49 -47.30
CA THR E 283 -52.01 19.94 -47.35
C THR E 283 -52.86 19.09 -48.29
N LYS E 284 -52.29 18.06 -48.90
CA LYS E 284 -53.01 17.17 -49.80
C LYS E 284 -52.18 15.91 -49.97
N LYS E 285 -52.83 14.75 -49.90
CA LYS E 285 -52.13 13.49 -50.12
C LYS E 285 -51.74 13.37 -51.58
N VAL E 286 -50.45 13.28 -51.85
CA VAL E 286 -49.91 13.28 -53.20
C VAL E 286 -49.54 11.86 -53.59
N ALA E 287 -49.90 11.46 -54.81
CA ALA E 287 -49.63 10.11 -55.32
C ALA E 287 -48.15 10.00 -55.62
N ILE E 288 -47.37 9.70 -54.58
CA ILE E 288 -45.91 9.66 -54.70
C ILE E 288 -45.48 8.53 -55.62
N ARG E 289 -46.23 7.43 -55.65
CA ARG E 289 -45.83 6.28 -56.47
C ARG E 289 -45.94 6.60 -57.96
N SER E 290 -47.01 7.30 -58.36
CA SER E 290 -47.16 7.70 -59.76
C SER E 290 -46.06 8.65 -60.17
N ILE E 291 -45.62 9.52 -59.24
CA ILE E 291 -44.55 10.47 -59.55
C ILE E 291 -43.26 9.72 -59.86
N PHE E 292 -42.88 8.77 -59.00
CA PHE E 292 -41.65 8.02 -59.23
C PHE E 292 -41.72 7.22 -60.54
N GLU E 293 -42.87 6.59 -60.81
CA GLU E 293 -42.99 5.77 -62.01
C GLU E 293 -42.83 6.61 -63.27
N GLU E 294 -43.31 7.86 -63.23
CA GLU E 294 -43.12 8.76 -64.38
C GLU E 294 -41.66 9.16 -64.52
N LEU E 295 -40.97 9.41 -63.40
CA LEU E 295 -39.59 9.90 -63.47
C LEU E 295 -38.65 8.81 -63.99
N ILE E 296 -38.76 7.60 -63.45
CA ILE E 296 -37.94 6.50 -63.96
C ILE E 296 -38.32 6.17 -65.39
N TRP E 297 -39.57 6.46 -65.77
CA TRP E 297 -40.00 6.33 -67.15
C TRP E 297 -39.25 7.33 -68.04
N PHE E 298 -39.02 8.54 -67.54
CA PHE E 298 -38.21 9.52 -68.25
C PHE E 298 -36.75 9.07 -68.31
N ILE E 299 -36.20 8.65 -67.17
CA ILE E 299 -34.78 8.35 -67.07
C ILE E 299 -34.39 7.22 -68.01
N LYS E 300 -35.23 6.18 -68.09
CA LYS E 300 -34.95 5.06 -68.97
C LYS E 300 -35.04 5.41 -70.44
N GLY E 301 -35.51 6.62 -70.78
CA GLY E 301 -35.64 6.99 -72.17
C GLY E 301 -36.94 6.57 -72.82
N ASP E 302 -37.93 6.16 -72.04
CA ASP E 302 -39.13 5.56 -72.59
C ASP E 302 -40.14 6.63 -72.99
N THR E 303 -40.85 6.37 -74.10
CA THR E 303 -41.95 7.21 -74.55
C THR E 303 -43.21 6.39 -74.79
N ASN E 304 -43.22 5.11 -74.41
CA ASN E 304 -44.38 4.25 -74.58
C ASN E 304 -45.34 4.47 -73.42
N GLY E 305 -46.51 5.03 -73.72
CA GLY E 305 -47.48 5.31 -72.68
C GLY E 305 -48.10 4.07 -72.06
N ASN E 306 -48.02 2.93 -72.74
CA ASN E 306 -48.59 1.70 -72.17
C ASN E 306 -47.81 1.21 -70.96
N HIS E 307 -46.49 1.45 -70.92
CA HIS E 307 -45.67 0.99 -69.80
C HIS E 307 -46.08 1.66 -68.50
N LEU E 308 -46.61 2.88 -68.56
CA LEU E 308 -47.13 3.53 -67.36
C LEU E 308 -48.50 2.98 -66.99
N ILE E 309 -49.36 2.74 -67.99
CA ILE E 309 -50.68 2.20 -67.72
C ILE E 309 -50.57 0.77 -67.17
N GLU E 310 -49.60 -0.01 -67.66
CA GLU E 310 -49.40 -1.36 -67.15
C GLU E 310 -48.99 -1.35 -65.68
N LYS E 311 -48.37 -0.26 -65.22
CA LYS E 311 -48.02 -0.07 -63.83
C LYS E 311 -49.10 0.69 -63.05
N LYS E 312 -50.31 0.77 -63.61
CA LYS E 312 -51.44 1.44 -62.96
C LYS E 312 -51.18 2.91 -62.71
N VAL E 313 -50.50 3.56 -63.67
CA VAL E 313 -50.26 5.00 -63.65
C VAL E 313 -50.91 5.59 -64.90
N TYR E 314 -51.92 6.44 -64.71
CA TYR E 314 -52.75 6.91 -65.80
C TYR E 314 -52.66 8.42 -66.01
N ILE E 315 -51.55 9.04 -65.61
CA ILE E 315 -51.46 10.50 -65.72
C ILE E 315 -51.30 10.93 -67.17
N TRP E 316 -50.73 10.08 -68.02
CA TRP E 316 -50.52 10.39 -69.43
C TRP E 316 -51.59 9.77 -70.32
N SER E 317 -52.71 9.31 -69.75
CA SER E 317 -53.75 8.69 -70.56
C SER E 317 -54.49 9.73 -71.40
N GLY E 318 -54.81 10.88 -70.82
CA GLY E 318 -55.61 11.87 -71.54
C GLY E 318 -54.92 12.40 -72.78
N ASN E 319 -53.64 12.72 -72.67
CA ASN E 319 -52.87 13.25 -73.79
C ASN E 319 -52.32 12.14 -74.68
N GLY E 320 -52.77 10.91 -74.51
CA GLY E 320 -52.31 9.79 -75.32
C GLY E 320 -53.43 8.92 -75.83
N SER E 321 -54.63 9.47 -75.94
CA SER E 321 -55.77 8.73 -76.48
C SER E 321 -55.79 8.83 -78.00
N LYS E 322 -56.52 7.90 -78.63
CA LYS E 322 -56.66 7.94 -80.08
C LYS E 322 -57.35 9.22 -80.55
N GLU E 323 -58.34 9.69 -79.78
CA GLU E 323 -59.05 10.91 -80.14
C GLU E 323 -58.15 12.13 -80.04
N TYR E 324 -57.35 12.21 -78.97
CA TYR E 324 -56.46 13.37 -78.81
C TYR E 324 -55.37 13.38 -79.86
N LEU E 325 -54.75 12.21 -80.11
CA LEU E 325 -53.68 12.15 -81.10
C LEU E 325 -54.17 12.51 -82.48
N GLU E 326 -55.36 12.01 -82.87
CA GLU E 326 -55.92 12.36 -84.16
C GLU E 326 -56.30 13.84 -84.22
N ARG E 327 -56.77 14.40 -83.10
CA ARG E 327 -57.22 15.79 -83.09
C ARG E 327 -56.07 16.77 -83.28
N ILE E 328 -54.87 16.44 -82.78
CA ILE E 328 -53.74 17.35 -82.88
C ILE E 328 -52.91 17.02 -84.12
N GLY E 329 -53.44 16.17 -84.99
CA GLY E 329 -52.79 15.88 -86.25
C GLY E 329 -51.80 14.75 -86.24
N LEU E 330 -51.85 13.87 -85.25
CA LEU E 330 -50.97 12.71 -85.15
C LEU E 330 -51.77 11.42 -85.22
N GLY E 331 -52.78 11.38 -86.09
CA GLY E 331 -53.61 10.20 -86.22
C GLY E 331 -52.90 8.98 -86.73
N HIS E 332 -51.78 9.15 -87.44
CA HIS E 332 -51.01 8.01 -87.92
C HIS E 332 -50.36 7.22 -86.79
N ARG E 333 -50.16 7.85 -85.63
CA ARG E 333 -49.43 7.23 -84.54
C ARG E 333 -50.28 6.19 -83.82
N GLU E 334 -49.59 5.23 -83.20
CA GLU E 334 -50.26 4.24 -82.37
C GLU E 334 -50.88 4.92 -81.15
N GLU E 335 -51.80 4.19 -80.49
CA GLU E 335 -52.61 4.73 -79.41
C GLU E 335 -51.83 5.53 -78.38
N ASN E 336 -51.01 4.89 -77.56
CA ASN E 336 -50.27 5.56 -76.49
C ASN E 336 -48.84 5.91 -76.89
N ASP E 337 -48.59 6.09 -78.18
CA ASP E 337 -47.27 6.53 -78.65
C ASP E 337 -47.22 8.05 -78.59
N LEU E 338 -46.61 8.59 -77.54
CA LEU E 338 -46.60 10.03 -77.29
C LEU E 338 -45.58 10.77 -78.13
N GLY E 339 -44.69 10.06 -78.82
CA GLY E 339 -43.69 10.68 -79.65
C GLY E 339 -42.46 11.06 -78.85
N PRO E 340 -41.57 11.84 -79.45
CA PRO E 340 -40.32 12.22 -78.76
C PRO E 340 -40.59 13.32 -77.74
N ILE E 341 -40.64 12.92 -76.47
CA ILE E 341 -41.00 13.84 -75.39
C ILE E 341 -39.95 13.68 -74.31
N TYR E 342 -40.26 14.11 -73.09
CA TYR E 342 -39.36 13.88 -71.96
C TYR E 342 -38.81 12.46 -71.99
N GLY E 343 -37.51 12.33 -71.76
CA GLY E 343 -36.85 11.05 -71.80
C GLY E 343 -36.42 10.59 -73.17
N PHE E 344 -36.88 11.24 -74.23
CA PHE E 344 -36.30 10.99 -75.54
C PHE E 344 -35.33 12.09 -75.92
N GLN E 345 -35.62 13.32 -75.50
CA GLN E 345 -34.63 14.38 -75.57
C GLN E 345 -33.58 14.23 -74.48
N TRP E 346 -33.95 13.58 -73.36
CA TRP E 346 -32.98 13.34 -72.29
C TRP E 346 -31.89 12.39 -72.73
N ARG E 347 -32.25 11.31 -73.43
CA ARG E 347 -31.32 10.24 -73.78
C ARG E 347 -30.94 10.21 -75.24
N HIS E 348 -31.75 10.77 -76.14
CA HIS E 348 -31.49 10.73 -77.58
C HIS E 348 -31.89 12.07 -78.19
N TYR E 349 -31.28 13.15 -77.71
CA TYR E 349 -31.63 14.48 -78.21
C TYR E 349 -31.28 14.61 -79.68
N ASN E 350 -32.19 15.19 -80.45
CA ASN E 350 -32.10 15.38 -81.90
C ASN E 350 -32.10 14.07 -82.66
N GLY E 351 -32.36 12.94 -82.01
CA GLY E 351 -32.44 11.68 -82.71
C GLY E 351 -33.72 11.60 -83.52
N GLU E 352 -33.61 11.00 -84.71
CA GLU E 352 -34.76 10.87 -85.59
C GLU E 352 -35.74 9.86 -85.02
N TYR E 353 -36.96 10.31 -84.73
CA TYR E 353 -37.97 9.47 -84.10
C TYR E 353 -38.78 8.76 -85.17
N LYS E 354 -39.04 7.47 -84.94
CA LYS E 354 -39.88 6.68 -85.82
C LYS E 354 -41.16 6.28 -85.11
N THR E 355 -41.10 5.20 -84.34
CA THR E 355 -42.19 4.76 -83.47
C THR E 355 -41.64 4.53 -82.07
N MET E 356 -42.53 4.15 -81.15
CA MET E 356 -42.11 3.86 -79.79
C MET E 356 -41.52 2.46 -79.62
N HIS E 357 -41.53 1.63 -80.66
CA HIS E 357 -41.05 0.27 -80.57
C HIS E 357 -39.63 0.08 -81.12
N ASP E 358 -39.08 1.08 -81.80
CA ASP E 358 -37.77 0.93 -82.42
C ASP E 358 -36.66 1.05 -81.38
N ASP E 359 -35.47 0.60 -81.78
CA ASP E 359 -34.31 0.63 -80.91
C ASP E 359 -33.51 1.90 -81.18
N TYR E 360 -33.39 2.75 -80.17
CA TYR E 360 -32.73 4.04 -80.31
C TYR E 360 -31.39 4.10 -79.56
N THR E 361 -30.86 2.95 -79.16
CA THR E 361 -29.59 2.91 -78.45
C THR E 361 -28.47 3.37 -79.38
N GLY E 362 -27.85 4.51 -79.05
CA GLY E 362 -26.77 5.07 -79.81
C GLY E 362 -27.13 6.31 -80.62
N VAL E 363 -28.41 6.51 -80.92
CA VAL E 363 -28.83 7.66 -81.72
C VAL E 363 -29.10 8.83 -80.79
N GLY E 364 -28.81 10.03 -81.28
CA GLY E 364 -29.05 11.24 -80.52
C GLY E 364 -28.01 11.46 -79.44
N VAL E 365 -28.11 12.62 -78.80
CA VAL E 365 -27.21 13.01 -77.73
C VAL E 365 -27.79 12.54 -76.39
N ASP E 366 -26.99 11.79 -75.63
CA ASP E 366 -27.40 11.30 -74.31
C ASP E 366 -27.04 12.38 -73.30
N GLN E 367 -27.98 13.30 -73.07
CA GLN E 367 -27.73 14.39 -72.12
C GLN E 367 -27.53 13.86 -70.70
N LEU E 368 -28.38 12.92 -70.28
CA LEU E 368 -28.32 12.43 -68.91
C LEU E 368 -26.97 11.78 -68.61
N ALA E 369 -26.45 10.99 -69.56
CA ALA E 369 -25.14 10.38 -69.35
C ALA E 369 -24.04 11.43 -69.28
N LYS E 370 -24.09 12.43 -70.17
CA LYS E 370 -23.09 13.49 -70.14
C LYS E 370 -23.25 14.35 -68.89
N LEU E 371 -24.49 14.57 -68.44
CA LEU E 371 -24.71 15.33 -67.21
C LEU E 371 -24.04 14.65 -66.01
N ILE E 372 -24.25 13.34 -65.86
CA ILE E 372 -23.67 12.60 -64.75
C ILE E 372 -22.14 12.67 -64.79
N GLU E 373 -21.56 12.56 -65.98
CA GLU E 373 -20.10 12.56 -66.10
C GLU E 373 -19.51 13.92 -65.74
N THR E 374 -20.13 15.00 -66.20
CA THR E 374 -19.62 16.33 -65.86
C THR E 374 -19.82 16.66 -64.40
N LEU E 375 -20.87 16.11 -63.77
CA LEU E 375 -21.14 16.42 -62.37
C LEU E 375 -20.03 15.91 -61.44
N LYS E 376 -19.40 14.79 -61.78
CA LYS E 376 -18.39 14.22 -60.91
C LYS E 376 -16.95 14.43 -61.38
N ASN E 377 -16.75 14.82 -62.64
CA ASN E 377 -15.40 15.15 -63.12
C ASN E 377 -15.13 16.64 -63.18
N ASN E 378 -16.17 17.47 -63.28
CA ASN E 378 -16.03 18.92 -63.29
C ASN E 378 -17.22 19.51 -62.55
N PRO E 379 -17.24 19.38 -61.22
CA PRO E 379 -18.43 19.80 -60.46
C PRO E 379 -18.71 21.29 -60.55
N LYS E 380 -17.67 22.11 -60.53
CA LYS E 380 -17.84 23.56 -60.56
C LYS E 380 -18.08 24.10 -61.97
N ASP E 381 -18.22 23.23 -62.96
CA ASP E 381 -18.60 23.65 -64.30
C ASP E 381 -19.98 24.29 -64.27
N ARG E 382 -20.14 25.39 -65.01
CA ARG E 382 -21.38 26.16 -65.01
C ARG E 382 -22.29 25.80 -66.18
N ARG E 383 -22.22 24.55 -66.66
CA ARG E 383 -22.98 24.13 -67.84
C ARG E 383 -23.70 22.80 -67.64
N HIS E 384 -23.95 22.40 -66.39
CA HIS E 384 -24.69 21.17 -66.09
C HIS E 384 -26.16 21.41 -66.43
N ILE E 385 -26.50 21.21 -67.71
CA ILE E 385 -27.81 21.60 -68.22
C ILE E 385 -28.48 20.40 -68.89
N LEU E 386 -29.76 20.22 -68.62
CA LEU E 386 -30.59 19.20 -69.24
C LEU E 386 -31.81 19.88 -69.84
N THR E 387 -31.97 19.77 -71.15
CA THR E 387 -33.05 20.45 -71.86
C THR E 387 -33.95 19.45 -72.58
N ALA E 388 -35.20 19.86 -72.78
CA ALA E 388 -36.17 19.06 -73.51
C ALA E 388 -36.84 19.83 -74.65
N TRP E 389 -36.55 21.12 -74.81
CA TRP E 389 -37.19 21.93 -75.84
C TRP E 389 -36.42 21.77 -77.15
N ASN E 390 -36.96 20.95 -78.06
CA ASN E 390 -36.34 20.72 -79.36
C ASN E 390 -37.26 21.26 -80.45
N PRO E 391 -36.97 22.45 -81.01
CA PRO E 391 -37.86 23.00 -82.04
C PRO E 391 -38.06 22.10 -83.24
N SER E 392 -37.10 21.21 -83.53
CA SER E 392 -37.25 20.32 -84.67
C SER E 392 -38.23 19.17 -84.41
N ALA E 393 -38.52 18.87 -83.15
CA ALA E 393 -39.34 17.72 -82.80
C ALA E 393 -40.69 18.10 -82.19
N LEU E 394 -40.96 19.40 -82.00
CA LEU E 394 -42.18 19.81 -81.33
C LEU E 394 -43.43 19.29 -82.04
N SER E 395 -43.41 19.29 -83.38
CA SER E 395 -44.61 18.89 -84.12
C SER E 395 -44.94 17.42 -83.92
N GLN E 396 -43.95 16.59 -83.60
CA GLN E 396 -44.18 15.16 -83.41
C GLN E 396 -44.61 14.82 -81.99
N MET E 397 -44.54 15.76 -81.06
CA MET E 397 -44.85 15.48 -79.67
C MET E 397 -46.36 15.54 -79.43
N ALA E 398 -46.85 14.61 -78.60
CA ALA E 398 -48.24 14.70 -78.16
C ALA E 398 -48.47 15.95 -77.32
N LEU E 399 -47.42 16.45 -76.67
CA LEU E 399 -47.49 17.66 -75.86
C LEU E 399 -46.09 18.26 -75.74
N PRO E 400 -45.91 19.55 -76.00
CA PRO E 400 -44.59 20.15 -75.84
C PRO E 400 -44.18 20.10 -74.38
N PRO E 401 -42.87 20.11 -74.11
CA PRO E 401 -42.40 19.99 -72.73
C PRO E 401 -42.83 21.17 -71.88
N CYS E 402 -43.33 20.86 -70.69
CA CYS E 402 -43.69 21.88 -69.71
C CYS E 402 -42.50 22.26 -68.83
N HIS E 403 -41.90 21.29 -68.16
CA HIS E 403 -40.61 21.51 -67.50
C HIS E 403 -39.55 21.44 -68.60
N VAL E 404 -39.09 22.60 -69.05
CA VAL E 404 -38.38 22.73 -70.30
C VAL E 404 -36.87 22.56 -70.14
N LEU E 405 -36.30 23.13 -69.09
CA LEU E 405 -34.85 23.13 -68.92
C LEU E 405 -34.51 23.09 -67.44
N SER E 406 -33.47 22.35 -67.10
CA SER E 406 -33.01 22.24 -65.72
C SER E 406 -31.50 22.38 -65.67
N GLN E 407 -31.01 23.02 -64.62
CA GLN E 407 -29.58 23.24 -64.43
C GLN E 407 -29.20 22.73 -63.05
N TYR E 408 -27.95 22.26 -62.92
CA TYR E 408 -27.49 21.63 -61.69
C TYR E 408 -26.19 22.26 -61.23
N TYR E 409 -25.99 22.26 -59.92
CA TYR E 409 -24.94 23.03 -59.27
C TYR E 409 -24.40 22.23 -58.11
N VAL E 410 -23.07 22.09 -58.06
CA VAL E 410 -22.39 21.37 -56.99
C VAL E 410 -21.80 22.40 -56.03
N THR E 411 -22.34 22.44 -54.82
CA THR E 411 -21.86 23.41 -53.83
C THR E 411 -20.47 23.03 -53.34
N ASN E 412 -19.87 23.96 -52.58
CA ASN E 412 -18.52 23.73 -52.06
C ASN E 412 -18.52 22.64 -51.00
N ASP E 413 -19.64 22.44 -50.29
CA ASP E 413 -19.77 21.35 -49.33
C ASP E 413 -20.40 20.10 -49.93
N ASN E 414 -20.26 19.92 -51.26
CA ASN E 414 -20.62 18.67 -51.93
C ASN E 414 -22.12 18.37 -51.85
N CYS E 415 -22.94 19.39 -52.07
CA CYS E 415 -24.37 19.24 -52.22
C CYS E 415 -24.77 19.54 -53.66
N LEU E 416 -25.84 18.90 -54.11
CA LEU E 416 -26.33 19.05 -55.48
C LEU E 416 -27.65 19.82 -55.46
N SER E 417 -27.66 21.00 -56.06
CA SER E 417 -28.86 21.82 -56.17
C SER E 417 -29.36 21.81 -57.60
N CYS E 418 -30.64 22.17 -57.76
CA CYS E 418 -31.31 22.08 -59.05
C CYS E 418 -32.16 23.31 -59.29
N ASN E 419 -32.03 23.89 -60.48
CA ASN E 419 -32.95 24.92 -60.98
C ASN E 419 -33.77 24.34 -62.11
N LEU E 420 -35.06 24.68 -62.13
CA LEU E 420 -35.97 24.22 -63.17
C LEU E 420 -36.76 25.41 -63.71
N TYR E 421 -36.81 25.54 -65.03
CA TYR E 421 -37.71 26.49 -65.67
C TYR E 421 -38.89 25.75 -66.25
N GLN E 422 -40.10 26.17 -65.87
CA GLN E 422 -41.34 25.56 -66.32
C GLN E 422 -42.12 26.60 -67.11
N ARG E 423 -42.40 26.28 -68.39
CA ARG E 423 -43.08 27.25 -69.24
C ARG E 423 -44.55 27.39 -68.91
N SER E 424 -45.17 26.32 -68.42
CA SER E 424 -46.60 26.30 -68.12
C SER E 424 -46.83 25.38 -66.94
N CYS E 425 -47.58 25.86 -65.95
CA CYS E 425 -47.71 25.19 -64.66
C CYS E 425 -49.18 25.06 -64.27
N ASP E 426 -49.71 23.85 -64.41
CA ASP E 426 -51.01 23.51 -63.85
C ASP E 426 -50.84 23.37 -62.34
N LEU E 427 -51.20 24.43 -61.61
CA LEU E 427 -50.92 24.47 -60.17
C LEU E 427 -51.74 23.44 -59.40
N GLY E 428 -52.90 23.05 -59.92
CA GLY E 428 -53.73 22.09 -59.22
C GLY E 428 -53.19 20.68 -59.28
N LEU E 429 -52.73 20.25 -60.46
CA LEU E 429 -52.28 18.88 -60.67
C LEU E 429 -50.80 18.78 -60.99
N GLY E 430 -50.30 19.57 -61.95
CA GLY E 430 -48.93 19.39 -62.40
C GLY E 430 -47.90 19.85 -61.39
N SER E 431 -48.15 20.98 -60.72
CA SER E 431 -47.14 21.57 -59.85
C SER E 431 -46.74 20.65 -58.70
N PRO E 432 -47.66 20.04 -57.94
CA PRO E 432 -47.21 19.12 -56.89
C PRO E 432 -46.40 17.95 -57.42
N PHE E 433 -46.71 17.48 -58.64
CA PHE E 433 -45.90 16.42 -59.24
C PHE E 433 -44.51 16.92 -59.60
N ASN E 434 -44.42 18.11 -60.22
CA ASN E 434 -43.12 18.62 -60.65
C ASN E 434 -42.19 18.86 -59.48
N ILE E 435 -42.74 19.36 -58.36
CA ILE E 435 -41.91 19.63 -57.18
C ILE E 435 -41.26 18.34 -56.69
N ALA E 436 -42.08 17.29 -56.49
CA ALA E 436 -41.55 16.02 -56.00
C ALA E 436 -40.70 15.32 -57.04
N SER E 437 -41.06 15.43 -58.32
CA SER E 437 -40.35 14.72 -59.37
C SER E 437 -38.90 15.16 -59.46
N TYR E 438 -38.66 16.46 -59.59
CA TYR E 438 -37.29 16.94 -59.71
C TYR E 438 -36.53 16.90 -58.39
N ALA E 439 -37.24 16.82 -57.26
CA ALA E 439 -36.56 16.56 -56.00
C ALA E 439 -35.98 15.15 -55.98
N ILE E 440 -36.77 14.16 -56.43
CA ILE E 440 -36.29 12.78 -56.51
C ILE E 440 -35.13 12.68 -57.51
N LEU E 441 -35.30 13.31 -58.68
CA LEU E 441 -34.26 13.24 -59.70
C LEU E 441 -32.95 13.82 -59.21
N THR E 442 -33.01 14.95 -58.49
CA THR E 442 -31.78 15.54 -57.95
C THR E 442 -31.15 14.61 -56.91
N MET E 443 -31.97 13.93 -56.12
CA MET E 443 -31.43 12.97 -55.16
C MET E 443 -30.78 11.78 -55.85
N MET E 444 -31.41 11.29 -56.93
CA MET E 444 -30.82 10.20 -57.69
C MET E 444 -29.47 10.61 -58.27
N LEU E 445 -29.41 11.79 -58.89
CA LEU E 445 -28.14 12.28 -59.41
C LEU E 445 -27.11 12.48 -58.29
N ALA E 446 -27.57 12.87 -57.10
CA ALA E 446 -26.66 13.07 -55.98
C ALA E 446 -26.01 11.75 -55.56
N GLN E 447 -26.82 10.68 -55.45
CA GLN E 447 -26.28 9.39 -55.03
C GLN E 447 -25.36 8.81 -56.08
N VAL E 448 -25.73 8.91 -57.36
CA VAL E 448 -24.91 8.35 -58.42
C VAL E 448 -23.59 9.10 -58.55
N CYS E 449 -23.59 10.41 -58.30
CA CYS E 449 -22.39 11.22 -58.40
C CYS E 449 -21.67 11.39 -57.07
N GLY E 450 -22.22 10.88 -55.98
CA GLY E 450 -21.56 10.96 -54.69
C GLY E 450 -21.69 12.29 -53.98
N TYR E 451 -22.85 12.93 -54.07
CA TYR E 451 -23.13 14.19 -53.38
C TYR E 451 -24.35 14.02 -52.48
N GLU E 452 -24.65 15.09 -51.74
CA GLU E 452 -25.85 15.17 -50.93
C GLU E 452 -26.87 16.06 -51.61
N PRO E 453 -28.16 15.88 -51.30
CA PRO E 453 -29.18 16.76 -51.88
C PRO E 453 -29.02 18.19 -51.35
N GLY E 454 -29.24 19.15 -52.24
CA GLY E 454 -29.09 20.55 -51.88
C GLY E 454 -30.40 21.30 -51.82
N GLU E 455 -30.59 22.24 -52.74
CA GLU E 455 -31.81 23.05 -52.80
C GLU E 455 -32.47 22.89 -54.16
N LEU E 456 -33.77 23.19 -54.19
CA LEU E 456 -34.56 23.10 -55.41
C LEU E 456 -35.25 24.43 -55.65
N ALA E 457 -35.01 25.03 -56.82
CA ALA E 457 -35.66 26.27 -57.22
C ALA E 457 -36.41 26.02 -58.53
N ILE E 458 -37.67 26.44 -58.57
CA ILE E 458 -38.53 26.24 -59.74
C ILE E 458 -38.96 27.62 -60.24
N PHE E 459 -38.59 27.95 -61.47
CA PHE E 459 -38.99 29.21 -62.10
C PHE E 459 -40.08 28.93 -63.11
N ILE E 460 -41.17 29.70 -63.05
CA ILE E 460 -42.40 29.38 -63.76
C ILE E 460 -42.76 30.52 -64.70
N GLY E 461 -43.15 30.15 -65.92
CA GLY E 461 -43.71 31.10 -66.85
C GLY E 461 -45.18 31.35 -66.60
N ASP E 462 -46.05 30.59 -67.27
CA ASP E 462 -47.50 30.76 -67.14
C ASP E 462 -47.98 29.90 -65.97
N ALA E 463 -48.02 30.49 -64.79
CA ALA E 463 -48.58 29.84 -63.61
C ALA E 463 -50.08 30.12 -63.57
N HIS E 464 -50.88 29.06 -63.52
CA HIS E 464 -52.31 29.21 -63.69
C HIS E 464 -53.07 28.18 -62.87
N ILE E 465 -54.36 28.46 -62.67
CA ILE E 465 -55.29 27.56 -61.99
C ILE E 465 -56.49 27.37 -62.89
N TYR E 466 -56.78 26.13 -63.26
CA TYR E 466 -57.96 25.83 -64.05
C TYR E 466 -59.23 26.10 -63.24
N GLU E 467 -60.24 26.67 -63.92
CA GLU E 467 -61.41 27.17 -63.22
C GLU E 467 -62.24 26.06 -62.57
N ASN E 468 -62.07 24.81 -63.00
CA ASN E 468 -62.72 23.69 -62.33
C ASN E 468 -61.91 23.15 -61.15
N HIS E 469 -60.87 23.86 -60.74
CA HIS E 469 -60.11 23.51 -59.54
C HIS E 469 -60.28 24.53 -58.42
N LEU E 470 -61.14 25.54 -58.62
CA LEU E 470 -61.22 26.64 -57.67
C LEU E 470 -61.73 26.16 -56.30
N THR E 471 -62.80 25.39 -56.30
CA THR E 471 -63.32 24.86 -55.04
C THR E 471 -62.29 23.96 -54.36
N GLN E 472 -61.59 23.14 -55.13
CA GLN E 472 -60.62 22.20 -54.55
C GLN E 472 -59.44 22.94 -53.94
N LEU E 473 -58.86 23.89 -54.70
CA LEU E 473 -57.67 24.57 -54.21
C LEU E 473 -57.98 25.53 -53.06
N LYS E 474 -59.19 26.09 -53.02
CA LYS E 474 -59.58 26.88 -51.86
C LYS E 474 -59.76 26.00 -50.63
N GLU E 475 -60.21 24.76 -50.83
CA GLU E 475 -60.25 23.81 -49.73
C GLU E 475 -58.85 23.52 -49.22
N GLN E 476 -57.90 23.29 -50.13
CA GLN E 476 -56.53 23.04 -49.73
C GLN E 476 -55.91 24.22 -49.00
N LEU E 477 -56.30 25.44 -49.38
CA LEU E 477 -55.77 26.65 -48.73
C LEU E 477 -56.29 26.83 -47.31
N SER E 478 -57.27 26.05 -46.88
CA SER E 478 -57.79 26.11 -45.53
C SER E 478 -57.05 25.20 -44.56
N ARG E 479 -56.04 24.47 -45.02
CA ARG E 479 -55.34 23.47 -44.21
C ARG E 479 -53.96 24.00 -43.83
N THR E 480 -53.69 24.06 -42.54
CA THR E 480 -52.38 24.52 -42.08
C THR E 480 -51.34 23.44 -42.38
N PRO E 481 -50.20 23.79 -42.96
CA PRO E 481 -49.24 22.77 -43.37
C PRO E 481 -48.64 22.03 -42.18
N ARG E 482 -48.24 20.79 -42.44
CA ARG E 482 -47.53 19.93 -41.52
C ARG E 482 -46.10 19.72 -42.00
N PRO E 483 -45.20 19.27 -41.12
CA PRO E 483 -43.79 19.11 -41.53
C PRO E 483 -43.64 18.15 -42.71
N PHE E 484 -42.69 18.47 -43.59
CA PHE E 484 -42.40 17.63 -44.72
C PHE E 484 -41.92 16.26 -44.26
N PRO E 485 -42.14 15.21 -45.05
CA PRO E 485 -41.60 13.89 -44.68
C PRO E 485 -40.13 13.76 -45.06
N GLN E 486 -39.58 12.57 -44.87
CA GLN E 486 -38.25 12.24 -45.35
C GLN E 486 -38.34 11.18 -46.44
N LEU E 487 -37.42 11.22 -47.39
CA LEU E 487 -37.33 10.22 -48.44
C LEU E 487 -35.88 9.75 -48.51
N LYS E 488 -35.68 8.44 -48.32
CA LYS E 488 -34.35 7.86 -48.33
C LYS E 488 -34.33 6.68 -49.29
N PHE E 489 -33.14 6.41 -49.83
CA PHE E 489 -32.91 5.26 -50.69
C PHE E 489 -32.39 4.09 -49.85
N LYS E 490 -32.91 2.90 -50.12
CA LYS E 490 -32.55 1.73 -49.35
C LYS E 490 -31.23 1.10 -49.80
N ARG E 491 -30.72 1.47 -50.97
CA ARG E 491 -29.45 0.92 -51.45
C ARG E 491 -28.81 1.93 -52.39
N LYS E 492 -27.51 1.74 -52.62
CA LYS E 492 -26.76 2.57 -53.55
C LYS E 492 -26.68 1.84 -54.90
N VAL E 493 -27.35 2.38 -55.90
CA VAL E 493 -27.33 1.77 -57.23
C VAL E 493 -26.02 2.12 -57.93
N GLU E 494 -25.66 1.30 -58.92
CA GLU E 494 -24.50 1.58 -59.74
C GLU E 494 -24.83 2.40 -60.99
N ASN E 495 -26.10 2.38 -61.43
CA ASN E 495 -26.53 3.19 -62.55
C ASN E 495 -27.90 3.76 -62.23
N ILE E 496 -28.15 4.99 -62.71
CA ILE E 496 -29.38 5.70 -62.38
C ILE E 496 -30.62 4.99 -62.91
N GLU E 497 -30.47 4.11 -63.90
CA GLU E 497 -31.61 3.38 -64.45
C GLU E 497 -32.07 2.24 -63.58
N ASP E 498 -31.30 1.86 -62.55
CA ASP E 498 -31.60 0.69 -61.74
C ASP E 498 -32.57 0.97 -60.60
N PHE E 499 -32.98 2.22 -60.40
CA PHE E 499 -33.88 2.55 -59.31
C PHE E 499 -35.24 1.89 -59.50
N LYS E 500 -35.76 1.31 -58.43
CA LYS E 500 -37.09 0.71 -58.40
C LYS E 500 -37.92 1.33 -57.29
N TRP E 501 -39.24 1.21 -57.40
CA TRP E 501 -40.13 1.76 -56.38
C TRP E 501 -39.88 1.13 -55.02
N GLU E 502 -39.40 -0.11 -54.99
CA GLU E 502 -39.11 -0.78 -53.73
C GLU E 502 -37.89 -0.17 -53.03
N ASP E 503 -37.06 0.56 -53.76
CA ASP E 503 -35.85 1.17 -53.20
C ASP E 503 -36.14 2.46 -52.42
N ILE E 504 -37.37 2.97 -52.46
CA ILE E 504 -37.72 4.25 -51.86
C ILE E 504 -38.43 4.01 -50.55
N GLU E 505 -38.03 4.74 -49.52
CA GLU E 505 -38.66 4.68 -48.20
C GLU E 505 -39.15 6.07 -47.83
N LEU E 506 -40.46 6.21 -47.63
CA LEU E 506 -41.08 7.48 -47.27
C LEU E 506 -41.39 7.46 -45.78
N ILE E 507 -40.72 8.32 -45.02
CA ILE E 507 -40.75 8.28 -43.56
C ILE E 507 -41.44 9.54 -43.06
N GLY E 508 -42.48 9.36 -42.26
CA GLY E 508 -43.12 10.47 -41.57
C GLY E 508 -44.02 11.33 -42.42
N TYR E 509 -44.79 10.72 -43.33
CA TYR E 509 -45.70 11.45 -44.20
C TYR E 509 -47.11 11.32 -43.63
N TYR E 510 -47.65 12.42 -43.13
CA TYR E 510 -48.98 12.47 -42.52
C TYR E 510 -49.78 13.60 -43.15
N PRO E 511 -50.26 13.42 -44.38
CA PRO E 511 -50.92 14.51 -45.09
C PRO E 511 -52.41 14.60 -44.77
N TYR E 512 -53.01 15.71 -45.19
CA TYR E 512 -54.45 15.84 -45.19
C TYR E 512 -55.04 14.98 -46.30
N PRO E 513 -56.34 14.66 -46.22
CA PRO E 513 -56.93 13.75 -47.21
C PRO E 513 -56.79 14.25 -48.64
N THR E 514 -56.92 13.31 -49.57
CA THR E 514 -56.78 13.59 -50.98
C THR E 514 -57.88 14.53 -51.48
N ILE E 515 -57.55 15.31 -52.51
CA ILE E 515 -58.47 16.25 -53.12
C ILE E 515 -58.54 15.92 -54.61
N LYS E 516 -59.71 15.47 -55.06
CA LYS E 516 -59.87 15.03 -56.45
C LYS E 516 -60.00 16.22 -57.38
N MET E 517 -59.20 16.22 -58.45
CA MET E 517 -59.20 17.28 -59.45
C MET E 517 -59.05 16.67 -60.84
N ASP E 518 -59.90 17.10 -61.77
CA ASP E 518 -59.88 16.57 -63.12
C ASP E 518 -58.80 17.23 -63.97
N MET E 519 -58.23 16.46 -64.89
CA MET E 519 -57.20 16.95 -65.78
C MET E 519 -57.81 17.53 -67.04
N ALA E 520 -57.26 18.66 -67.49
CA ALA E 520 -57.68 19.29 -68.72
C ALA E 520 -56.91 18.68 -69.89
N VAL E 521 -57.63 18.04 -70.81
CA VAL E 521 -57.00 17.37 -71.93
C VAL E 521 -56.62 18.39 -73.01
PA NDP F . 75.44 4.25 32.71
O1A NDP F . 74.55 4.89 31.68
O2A NDP F . 74.99 2.85 32.99
O5B NDP F . 76.87 4.19 32.17
C5B NDP F . 77.50 5.35 31.71
C4B NDP F . 78.74 5.15 30.93
O4B NDP F . 78.43 4.62 29.66
C3B NDP F . 79.46 6.39 30.66
O3B NDP F . 80.25 6.80 31.72
C2B NDP F . 80.26 6.02 29.52
O2B NDP F . 81.33 5.19 29.90
C1B NDP F . 79.34 5.21 28.73
N9A NDP F . 78.64 6.03 27.82
C8A NDP F . 77.41 6.54 27.97
N7A NDP F . 77.08 7.27 26.89
C5A NDP F . 78.14 7.23 26.01
C6A NDP F . 78.39 7.78 24.73
N6A NDP F . 77.35 8.62 24.08
N1A NDP F . 79.57 7.53 24.10
C2A NDP F . 80.51 6.76 24.72
N3A NDP F . 80.31 6.21 25.93
C4A NDP F . 79.13 6.44 26.60
O3 NDP F . 75.46 5.10 34.07
PN NDP F . 74.16 5.63 34.80
O1N NDP F . 74.55 6.52 35.99
O2N NDP F . 73.33 6.48 33.85
O5D NDP F . 73.31 4.35 35.31
C5D NDP F . 73.72 3.60 36.41
C4D NDP F . 72.84 3.61 37.57
O4D NDP F . 71.52 3.25 37.17
C3D NDP F . 73.27 2.61 38.56
O3D NDP F . 72.91 3.03 39.84
C2D NDP F . 72.52 1.46 38.20
O2D NDP F . 72.37 0.59 39.28
C1D NDP F . 71.22 2.04 37.79
N1N NDP F . 70.52 1.16 36.92
C2N NDP F . 69.22 0.90 37.16
C3N NDP F . 68.49 0.05 36.33
C7N NDP F . 67.03 -0.23 36.64
O7N NDP F . 66.34 -0.83 35.80
N7N NDP F . 66.43 0.20 37.86
C4N NDP F . 69.13 -0.56 35.23
C5N NDP F . 70.47 -0.27 35.01
C6N NDP F . 71.17 0.59 35.86
P2B NDP F . 82.80 5.70 29.95
O1X NDP F . 82.97 6.67 31.14
O2X NDP F . 83.71 4.56 30.11
O3X NDP F . 83.14 6.40 28.67
N1 UFP G . 25.07 3.42 48.89
C2 UFP G . 26.03 2.54 48.45
N3 UFP G . 26.82 1.90 49.33
C4 UFP G . 26.69 2.09 50.65
C5 UFP G . 25.71 2.99 51.13
C6 UFP G . 24.94 3.63 50.23
O2 UFP G . 26.24 2.30 47.28
O4 UFP G . 27.40 1.49 51.44
F5 UFP G . 25.54 3.21 52.45
C1' UFP G . 24.15 4.20 48.02
C2' UFP G . 23.48 3.44 46.85
C3' UFP G . 22.36 4.43 46.48
C4' UFP G . 22.04 5.14 47.81
O3' UFP G . 22.85 5.40 45.54
O4' UFP G . 22.98 4.60 48.79
C5' UFP G . 20.58 4.93 48.23
O5' UFP G . 20.30 3.55 48.41
P UFP G . 18.78 3.28 47.95
O1P UFP G . 18.18 4.60 47.24
O2P UFP G . 18.74 2.15 47.00
O3P UFP G . 17.88 2.92 49.23
N1 OE7 H . 23.83 7.33 50.42
C1 OE7 H . 24.67 6.91 51.44
O1 OE7 H . 27.76 6.44 49.73
N2 OE7 H . 25.74 7.10 48.99
C2 OE7 H . 25.99 6.58 51.32
O2 OE7 H . 31.18 11.24 51.20
N3 OE7 H . 24.31 6.75 52.76
C3 OE7 H . 26.58 6.69 49.96
O3 OE7 H . 33.30 11.35 53.57
N4 OE7 H . 23.74 7.80 48.09
C4 OE7 H . 24.39 7.40 49.24
O4 OE7 H . 35.53 11.28 54.03
C5 OE7 H . 26.47 6.21 52.61
N5 OE7 H . 32.88 9.71 51.20
C6 OE7 H . 25.42 6.32 53.48
C10 OE7 H . 29.34 9.29 52.26
C11 OE7 H . 30.64 9.00 51.78
C12 OE7 H . 31.03 7.64 51.70
C13 OE7 H . 30.15 6.61 52.09
C14 OE7 H . 31.59 10.09 51.37
C15 OE7 H . 34.01 10.48 50.79
C16 OE7 H . 34.34 10.50 49.40
C17 OE7 H . 35.44 11.23 48.92
C18 OE7 H . 36.24 11.94 49.81
C19 OE7 H . 35.94 11.94 51.19
C20 OE7 H . 34.83 11.21 51.70
C21 OE7 H . 34.61 11.28 53.20
C7 OE7 H . 27.88 5.80 52.96
C8 OE7 H . 28.85 6.90 52.56
C9 OE7 H . 28.45 8.26 52.64
CL1 OE7 H . 35.78 11.23 47.22
N1 MTX I . 65.12 -4.63 36.56
C2 MTX I . 64.34 -4.46 35.47
NA2 MTX I . 62.93 -4.71 35.58
N3 MTX I . 64.84 -4.08 34.29
C4 MTX I . 66.17 -3.84 34.14
NA4 MTX I . 66.73 -3.43 32.91
C4A MTX I . 67.01 -4.00 35.26
N5 MTX I . 68.34 -3.77 35.14
C6 MTX I . 69.13 -3.92 36.22
C7 MTX I . 68.61 -4.33 37.45
N8 MTX I . 67.28 -4.57 37.55
C8A MTX I . 66.46 -4.40 36.46
C9 MTX I . 70.60 -3.66 36.07
N10 MTX I . 71.39 -4.45 36.97
CM MTX I . 72.20 -3.77 37.98
C11 MTX I . 71.25 -8.68 36.88
C12 MTX I . 71.36 -7.99 38.08
C13 MTX I . 71.42 -6.60 38.09
C14 MTX I . 71.35 -5.90 36.90
C15 MTX I . 71.22 -6.58 35.69
C16 MTX I . 71.18 -7.98 35.68
C MTX I . 71.19 -10.18 36.94
O MTX I . 71.74 -10.76 37.86
N MTX I . 70.47 -10.98 35.97
CA MTX I . 70.45 -12.41 36.12
CT MTX I . 70.13 -13.00 34.80
O1 MTX I . 69.70 -12.26 33.88
O2 MTX I . 70.28 -14.24 34.61
CB MTX I . 69.31 -12.72 37.04
CG MTX I . 69.46 -13.72 38.13
CD MTX I . 68.19 -14.11 38.82
OE1 MTX I . 67.50 -15.06 38.37
OE2 MTX I . 67.95 -13.66 39.98
PA NDP J . 16.99 -26.57 -6.70
O1A NDP J . 18.32 -27.19 -6.31
O2A NDP J . 16.88 -25.18 -6.13
O5B NDP J . 16.93 -26.48 -8.23
C5B NDP J . 17.11 -27.62 -9.03
C4B NDP J . 17.33 -27.38 -10.46
O4B NDP J . 18.62 -26.84 -10.68
C3B NDP J . 17.33 -28.62 -11.24
O3B NDP J . 16.05 -29.05 -11.53
C2B NDP J . 18.04 -28.20 -12.43
O2B NDP J . 17.23 -27.39 -13.23
C1B NDP J . 19.11 -27.41 -11.88
N9A NDP J . 20.25 -28.22 -11.63
C8A NDP J . 20.60 -28.80 -10.45
N7A NDP J . 21.74 -29.49 -10.61
C5A NDP J . 22.14 -29.37 -11.92
C6A NDP J . 23.23 -29.86 -12.69
N6A NDP J . 24.24 -30.72 -12.04
N1A NDP J . 23.34 -29.54 -14.01
C2A NDP J . 22.39 -28.76 -14.59
N3A NDP J . 21.35 -28.27 -13.91
C4A NDP J . 21.20 -28.56 -12.56
O3 NDP J . 15.75 -27.44 -6.22
PN NDP J . 15.62 -28.07 -4.77
O1N NDP J . 14.36 -28.95 -4.70
O2N NDP J . 16.82 -28.94 -4.49
O5D NDP J . 15.49 -26.86 -3.70
C5D NDP J . 14.30 -26.13 -3.63
C4D NDP J . 13.57 -26.23 -2.39
O4D NDP J . 14.45 -25.83 -1.34
C3D NDP J . 12.44 -25.29 -2.36
O3D NDP J . 11.40 -25.82 -1.59
C2D NDP J . 12.95 -24.13 -1.72
O2D NDP J . 11.91 -23.46 -1.06
C1D NDP J . 13.93 -24.68 -0.75
N1N NDP J . 14.97 -23.74 -0.48
C2N NDP J . 15.29 -23.49 0.81
C3N NDP J . 16.32 -22.60 1.15
C7N NDP J . 16.63 -22.34 2.62
O7N NDP J . 17.66 -21.71 2.92
N7N NDP J . 15.77 -22.80 3.68
C4N NDP J . 17.03 -21.95 0.13
C5N NDP J . 16.67 -22.23 -1.20
C6N NDP J . 15.66 -23.13 -1.50
P2B NDP J . 16.67 -27.88 -14.60
O1X NDP J . 15.58 -28.92 -14.36
O2X NDP J . 16.11 -26.72 -15.32
O3X NDP J . 17.77 -28.46 -15.43
N1 UFP K . 21.78 -27.25 45.81
C2 UFP K . 21.79 -26.33 44.81
N3 UFP K . 20.65 -25.69 44.45
C4 UFP K . 19.48 -25.94 45.06
C5 UFP K . 19.45 -26.91 46.10
C6 UFP K . 20.59 -27.53 46.45
O2 UFP K . 22.78 -26.03 44.19
O4 UFP K . 18.46 -25.37 44.73
F5 UFP K . 18.29 -27.19 46.74
C1' UFP K . 22.95 -28.02 46.31
C2' UFP K . 24.23 -27.22 46.58
C3' UFP K . 25.04 -28.23 47.43
C4' UFP K . 23.93 -29.02 48.17
O3' UFP K . 25.79 -29.12 46.60
O4' UFP K . 22.67 -28.54 47.63
C5' UFP K . 24.02 -28.85 49.69
O5' UFP K . 24.12 -27.46 50.01
P UFP K . 25.06 -27.27 51.31
O1P UFP K . 26.08 -26.26 50.98
O2P UFP K . 25.76 -28.65 51.73
O3P UFP K . 24.18 -26.75 52.54
N1 OE7 L . 20.85 -31.26 47.58
C1 OE7 L . 19.62 -30.81 47.16
O1 OE7 L . 20.17 -30.27 43.67
N2 OE7 L . 21.54 -30.99 45.29
C2 OE7 L . 19.27 -30.46 45.88
O2 OE7 L . 17.35 -35.07 40.91
N3 OE7 L . 18.50 -30.65 47.96
C3 OE7 L . 20.34 -30.56 44.85
O3 OE7 L . 14.40 -35.22 39.82
N4 OE7 L . 23.07 -31.75 46.82
C4 OE7 L . 21.76 -31.33 46.64
O4 OE7 L . 13.14 -35.08 37.92
C5 OE7 L . 17.89 -30.05 45.88
N5 OE7 L . 16.77 -33.50 39.38
C6 OE7 L . 17.45 -30.19 47.18
C10 OE7 L . 17.11 -33.13 43.07
C11 OE7 L . 17.08 -32.82 41.67
C12 OE7 L . 17.06 -31.46 41.30
C13 OE7 L . 17.05 -30.42 42.26
C14 OE7 L . 17.09 -33.91 40.62
C15 OE7 L . 16.70 -34.23 38.15
C16 OE7 L . 17.85 -34.21 37.31
C17 OE7 L . 17.89 -34.89 36.09
C18 OE7 L . 16.76 -35.61 35.66
C19 OE7 L . 15.61 -35.64 36.46
C20 OE7 L . 15.55 -34.97 37.70
C21 OE7 L . 14.25 -35.09 38.47
C7 OE7 L . 17.08 -29.62 44.69
C8 OE7 L . 17.07 -30.73 43.64
C9 OE7 L . 17.11 -32.09 44.03
CL1 OE7 L . 19.31 -34.83 35.12
N1 MTX M . 17.37 -17.98 4.45
C2 MTX M . 18.68 -18.16 4.69
NA2 MTX M . 19.19 -17.95 6.02
N3 MTX M . 19.54 -18.51 3.72
C4 MTX M . 19.11 -18.71 2.47
NA4 MTX M . 20.00 -19.10 1.41
C4A MTX M . 17.74 -18.54 2.18
N5 MTX M . 17.27 -18.73 0.91
C6 MTX M . 15.96 -18.55 0.66
C7 MTX M . 15.06 -18.17 1.67
N8 MTX M . 15.55 -17.98 2.92
C8A MTX M . 16.88 -18.16 3.19
C9 MTX M . 15.47 -18.76 -0.74
N10 MTX M . 14.35 -17.91 -1.06
CM MTX M . 13.07 -18.50 -1.36
C11 MTX M . 14.55 -13.68 -0.84
C12 MTX M . 13.40 -14.37 -0.48
C13 MTX M . 13.37 -15.75 -0.56
C14 MTX M . 14.47 -16.45 -1.01
C15 MTX M . 15.64 -15.77 -1.38
C16 MTX M . 15.67 -14.36 -1.30
C MTX M . 14.51 -12.18 -0.72
O MTX M . 13.44 -11.61 -0.91
N MTX M . 15.67 -11.38 -0.41
CA MTX M . 15.54 -9.95 -0.32
CT MTX M . 16.85 -9.35 -0.61
O1 MTX M . 17.88 -10.08 -0.49
O2 MTX M . 16.95 -8.14 -0.96
CB MTX M . 15.20 -9.57 1.09
CG MTX M . 13.80 -9.27 1.48
CD MTX M . 13.63 -8.66 2.84
OE1 MTX M . 14.44 -7.77 3.22
OE2 MTX M . 12.89 -9.21 3.69
PA NDP N . 7.76 18.67 27.97
O1A NDP N . 6.89 19.68 27.26
O2A NDP N . 8.38 17.74 26.98
O5B NDP N . 8.89 19.43 28.69
C5B NDP N . 8.60 20.48 29.57
C4B NDP N . 9.74 21.32 29.98
O4B NDP N . 10.17 22.12 28.90
C3B NDP N . 9.39 22.28 31.02
O3B NDP N . 9.38 21.70 32.28
C2B NDP N . 10.46 23.23 30.88
O2B NDP N . 11.66 22.70 31.36
C1B NDP N . 10.58 23.36 29.44
N9A NDP N . 9.76 24.42 28.97
C8A NDP N . 8.53 24.31 28.43
N7A NDP N . 8.07 25.53 28.09
C5A NDP N . 9.04 26.45 28.41
C6A NDP N . 9.15 27.86 28.30
N6A NDP N . 8.02 28.63 27.72
N1A NDP N . 10.28 28.49 28.72
C2A NDP N . 11.29 27.76 29.26
N3A NDP N . 11.24 26.43 29.38
C4A NDP N . 10.11 25.75 28.97
O3 NDP N . 6.93 17.84 29.04
PN NDP N . 5.55 17.12 28.70
O1N NDP N . 4.93 16.57 29.98
O2N NDP N . 4.59 18.13 28.09
O5D NDP N . 5.82 15.90 27.67
C5D NDP N . 6.29 14.66 28.17
C4D NDP N . 5.42 13.51 28.06
O4D NDP N . 4.87 13.42 26.74
C3D NDP N . 6.16 12.26 28.25
O3D NDP N . 5.30 11.26 28.71
C2D NDP N . 6.58 11.92 26.94
O2D NDP N . 6.86 10.56 26.85
C1D NDP N . 5.39 12.29 26.13
N1N NDP N . 5.75 12.53 24.78
C2N NDP N . 4.99 11.99 23.79
C3N NDP N . 5.30 12.19 22.45
C7N NDP N . 4.43 11.56 21.38
O7N NDP N . 4.59 11.89 20.20
N7N NDP N . 3.44 10.58 21.73
C4N NDP N . 6.40 13.00 22.10
C5N NDP N . 7.17 13.55 23.15
C6N NDP N . 6.82 13.31 24.48
P2B NDP N . 12.34 23.24 32.65
O1X NDP N . 11.51 22.81 33.87
O2X NDP N . 13.70 22.70 32.76
O3X NDP N . 12.43 24.74 32.60
N1 UFP O . -29.26 -5.82 -0.59
C2 UFP O . -27.91 -5.66 -0.56
N3 UFP O . -27.14 -6.56 0.09
C4 UFP O . -27.68 -7.62 0.73
C5 UFP O . -29.08 -7.78 0.71
C6 UFP O . -29.84 -6.88 0.05
O2 UFP O . -27.32 -4.74 -1.11
O4 UFP O . -26.97 -8.42 1.31
F5 UFP O . -29.66 -8.83 1.33
C1' UFP O . -30.22 -4.91 -1.27
C2' UFP O . -29.91 -4.60 -2.76
C3' UFP O . -31.28 -4.06 -3.22
C4' UFP O . -32.29 -4.84 -2.36
O3' UFP O . -31.40 -2.66 -2.95
O4' UFP O . -31.50 -5.57 -1.37
C5' UFP O . -33.19 -5.77 -3.18
O5' UFP O . -32.46 -6.38 -4.23
P UFP O . -33.34 -6.30 -5.58
O1P UFP O . -32.52 -5.74 -6.67
O2P UFP O . -34.60 -5.35 -5.31
O3P UFP O . -33.85 -7.77 -5.97
N1 OE7 P . -33.17 -5.73 1.32
C1 OE7 P . -32.50 -6.58 2.20
O1 OE7 P . -29.85 -4.50 3.37
N2 OE7 P . -31.51 -4.11 1.91
C2 OE7 P . -31.39 -6.26 2.93
O2 OE7 P . -31.18 -2.62 8.93
N3 OE7 P . -32.85 -7.88 2.50
C3 OE7 P . -30.84 -4.90 2.76
O3 OE7 P . -30.35 -3.99 11.51
N4 OE7 P . -33.14 -3.55 0.39
C4 OE7 P . -32.65 -4.54 1.21
O4 OE7 P . -28.86 -4.02 13.25
C5 OE7 P . -31.04 -7.41 3.71
N5 OE7 P . -28.96 -2.96 9.26
C6 OE7 P . -31.96 -8.39 3.41
C10 OE7 P . -31.29 -4.92 7.14
C11 OE7 P . -30.11 -4.33 7.66
C12 OE7 P . -28.87 -4.79 7.18
C13 OE7 P . -28.79 -5.82 6.22
C14 OE7 P . -30.14 -3.22 8.68
C15 OE7 P . -28.59 -1.98 10.24
C16 OE7 P . -28.03 -0.76 9.80
C17 OE7 P . -27.65 0.24 10.72
C18 OE7 P . -27.81 0.02 12.09
C19 OE7 P . -28.34 -1.19 12.55
C20 OE7 P . -28.74 -2.22 11.65
C21 OE7 P . -29.31 -3.49 12.22
C7 OE7 P . -29.88 -7.52 4.67
C8 OE7 P . -29.96 -6.41 5.71
C9 OE7 P . -31.22 -5.95 6.18
CL1 OE7 P . -27.00 1.73 10.12
N1 MTX Q . 6.06 9.06 17.70
C2 MTX Q . 5.73 9.91 16.70
NA2 MTX Q . 4.93 9.41 15.62
N3 MTX Q . 6.13 11.19 16.69
C4 MTX Q . 6.89 11.67 17.69
NA4 MTX Q . 7.32 13.04 17.71
C4A MTX Q . 7.26 10.83 18.75
N5 MTX Q . 8.03 11.30 19.78
C6 MTX Q . 8.36 10.45 20.78
C7 MTX Q . 7.95 9.12 20.78
N8 MTX Q . 7.19 8.67 19.75
C8A MTX Q . 6.84 9.51 18.73
C9 MTX Q . 9.21 10.99 21.90
N10 MTX Q . 10.06 10.00 22.50
CM MTX Q . 9.89 9.64 23.89
C11 MTX Q . 12.97 8.01 20.13
C12 MTX Q . 12.28 7.34 21.14
C13 MTX Q . 11.34 8.01 21.91
C14 MTX Q . 11.07 9.35 21.67
C15 MTX Q . 11.75 10.02 20.65
C16 MTX Q . 12.70 9.35 19.88
C MTX Q . 13.98 7.23 19.34
O MTX Q . 14.57 6.29 19.87
N MTX Q . 14.27 7.51 17.95
CA MTX Q . 15.24 6.69 17.27
CT MTX Q . 15.71 7.44 16.08
O1 MTX Q . 15.06 8.45 15.69
O2 MTX Q . 16.75 7.08 15.45
CB MTX Q . 14.53 5.46 16.82
CG MTX Q . 15.25 4.34 16.14
CD MTX Q . 14.37 3.28 15.54
OE1 MTX Q . 14.67 2.81 14.41
OE2 MTX Q . 13.58 2.64 16.28
PA NDP R . -1.20 25.68 -48.44
O1A NDP R . 0.06 25.25 -47.72
O2A NDP R . -2.33 25.83 -47.47
O5B NDP R . -0.96 27.02 -49.13
C5B NDP R . 0.13 27.20 -49.99
C4B NDP R . 0.46 28.58 -50.38
O4B NDP R . 0.99 29.29 -49.29
C3B NDP R . 1.52 28.64 -51.39
O3B NDP R . 1.06 28.40 -52.67
C2B NDP R . 1.96 30.00 -51.23
O2B NDP R . 0.99 30.90 -51.71
C1B NDP R . 2.00 30.15 -49.79
N9A NDP R . 3.28 29.78 -49.28
C8A NDP R . 3.64 28.57 -48.82
N7A NDP R . 4.93 28.61 -48.41
C5A NDP R . 5.41 29.88 -48.62
C6A NDP R . 6.65 30.52 -48.40
N6A NDP R . 7.77 29.76 -47.82
N1A NDP R . 6.80 31.84 -48.73
C2A NDP R . 5.75 32.52 -49.25
N3A NDP R . 4.56 31.96 -49.48
C4A NDP R . 4.36 30.62 -49.16
O3 NDP R . -1.59 24.61 -49.57
PN NDP R . -1.78 23.06 -49.25
O1N NDP R . -1.98 22.27 -50.55
O2N NDP R . -0.54 22.53 -48.54
O5D NDP R . -3.09 22.87 -48.33
C5D NDP R . -4.35 22.74 -48.92
C4D NDP R . -5.05 21.48 -48.77
O4D NDP R . -4.85 20.97 -47.45
C3D NDP R . -6.50 21.65 -48.93
O3D NDP R . -7.06 20.48 -49.42
C2D NDP R . -6.95 21.86 -47.60
O2D NDP R . -8.31 21.56 -47.49
C1D NDP R . -6.10 20.92 -46.84
N1N NDP R . -6.04 21.31 -45.47
C2N NDP R . -6.27 20.37 -44.53
C3N NDP R . -6.22 20.70 -43.16
C7N NDP R . -6.47 19.61 -42.13
O7N NDP R . -6.26 19.85 -40.93
N7N NDP R . -6.99 18.32 -42.51
C4N NDP R . -5.93 22.02 -42.77
C5N NDP R . -5.70 22.97 -43.78
C6N NDP R . -5.75 22.60 -45.12
P2B NDP R . 1.28 31.84 -52.93
O1X NDP R . 1.33 31.00 -54.22
O2X NDP R . 0.19 32.83 -53.01
O3X NDP R . 2.57 32.58 -52.75
N1 UFP S . -9.46 -18.53 -20.83
C2 UFP S . -9.89 -17.23 -20.83
N3 UFP S . -11.03 -16.88 -21.47
C4 UFP S . -11.75 -17.79 -22.13
C5 UFP S . -11.32 -19.14 -22.16
C6 UFP S . -10.19 -19.47 -21.51
O2 UFP S . -9.30 -16.34 -20.25
O4 UFP S . -12.77 -17.47 -22.71
F5 UFP S . -12.04 -20.08 -22.83
C1' UFP S . -8.25 -19.05 -20.17
C2' UFP S . -8.05 -18.65 -18.69
C3' UFP S . -7.00 -19.69 -18.25
C4' UFP S . -7.33 -20.92 -19.11
O3' UFP S . -5.68 -19.24 -18.55
O4' UFP S . -8.34 -20.50 -20.07
C5' UFP S . -7.83 -22.10 -18.26
O5' UFP S . -8.68 -21.64 -17.23
P UFP S . -8.47 -22.58 -15.94
O1P UFP S . -8.24 -21.70 -14.77
O2P UFP S . -7.21 -23.53 -16.17
O3P UFP S . -9.78 -23.48 -15.70
N1 OE7 T . -7.55 -22.12 -22.68
C1 OE7 T . -8.62 -21.89 -23.53
O1 OE7 T . -7.99 -18.56 -24.63
N2 OE7 T . -6.85 -19.89 -23.23
C2 OE7 T . -8.87 -20.73 -24.22
O2 OE7 T . -5.82 -19.05 -30.29
N3 OE7 T . -9.63 -22.78 -23.81
C3 OE7 T . -7.88 -19.63 -24.06
O3 OE7 T . -7.47 -18.79 -32.97
N4 OE7 T . -5.59 -21.14 -21.78
C4 OE7 T . -6.71 -21.12 -22.56
O4 OE7 T . -7.96 -17.35 -34.68
C5 OE7 T . -10.07 -20.92 -24.97
N5 OE7 T . -7.01 -17.13 -30.59
C6 OE7 T . -10.51 -22.19 -24.70
C10 OE7 T . -7.81 -20.08 -28.46
C11 OE7 T . -7.78 -18.76 -28.97
C12 OE7 T . -8.72 -17.83 -28.46
C13 OE7 T . -9.66 -18.20 -27.48
C14 OE7 T . -6.78 -18.33 -30.02
C15 OE7 T . -6.24 -16.43 -31.58
C16 OE7 T . -5.30 -15.47 -31.13
C17 OE7 T . -4.51 -14.74 -32.01
C18 OE7 T . -4.65 -14.93 -33.40
C19 OE7 T . -5.58 -15.86 -33.87
C20 OE7 T . -6.39 -16.63 -33.00
C21 OE7 T . -7.35 -17.60 -33.64
C7 OE7 T . -10.71 -19.92 -25.91
C8 OE7 T . -9.70 -19.52 -26.98
C9 OE7 T . -8.76 -20.46 -27.48
CL1 OE7 T . -3.37 -13.58 -31.40
N1 MTX U . -9.43 20.13 -38.56
C2 MTX U . -8.49 20.13 -37.59
NA2 MTX U . -8.60 19.16 -36.53
N3 MTX U . -7.47 20.99 -37.59
C4 MTX U . -7.33 21.90 -38.57
NA4 MTX U . -6.24 22.83 -38.58
C4A MTX U . -8.28 21.94 -39.60
N5 MTX U . -8.17 22.85 -40.61
C6 MTX U . -9.10 22.85 -41.58
C7 MTX U . -10.17 21.95 -41.59
N8 MTX U . -10.26 21.06 -40.58
C8A MTX U . -9.33 21.04 -39.58
C9 MTX U . -8.98 23.87 -42.70
N10 MTX U . -10.26 24.27 -43.23
CM MTX U . -10.57 23.98 -44.62
C11 MTX U . -13.15 26.10 -40.74
C12 MTX U . -13.53 25.22 -41.73
C13 MTX U . -12.57 24.63 -42.55
C14 MTX U . -11.22 24.91 -42.36
C15 MTX U . -10.84 25.80 -41.36
C16 MTX U . -11.80 26.40 -40.53
C MTX U . -14.24 26.71 -39.87
O MTX U . -15.34 26.87 -40.36
N MTX U . -14.03 27.10 -38.50
CA MTX U . -15.14 27.66 -37.76
CT MTX U . -14.61 28.44 -36.62
O1 MTX U . -13.37 28.40 -36.36
O2 MTX U . -15.39 29.15 -35.91
CB MTX U . -15.91 26.52 -37.19
CG MTX U . -17.37 26.36 -37.45
CD MTX U . -18.07 25.33 -36.63
OE1 MTX U . -18.55 25.66 -35.52
OE2 MTX U . -18.36 24.22 -37.13
PA NDP V . -47.02 15.65 -14.51
O1A NDP V . -48.18 16.54 -14.93
O2A NDP V . -45.73 16.18 -15.04
O5B NDP V . -46.93 15.64 -12.98
C5B NDP V . -48.05 15.31 -12.18
C4B NDP V . -47.92 15.60 -10.76
O4B NDP V . -47.90 16.99 -10.53
C3B NDP V . -49.06 15.13 -9.96
O3B NDP V . -48.97 13.78 -9.66
C2B NDP V . -48.96 15.95 -8.78
O2B NDP V . -47.89 15.56 -7.97
C1B NDP V . -48.63 17.25 -9.35
N9A NDP V . -49.82 17.98 -9.63
C8A NDP V . -50.44 18.08 -10.83
N7A NDP V . -51.53 18.86 -10.72
C5A NDP V . -51.61 19.29 -9.41
C6A NDP V . -52.52 20.10 -8.68
N6A NDP V . -53.68 20.71 -9.39
N1A NDP V . -52.32 20.33 -7.36
C2A NDP V . -51.25 19.76 -6.74
N3A NDP V . -50.37 18.99 -7.38
C4A NDP V . -50.53 18.72 -8.73
O3 NDP V . -47.24 14.15 -15.02
PN NDP V . -47.55 13.81 -16.55
O1N NDP V . -47.85 12.31 -16.69
O2N NDP V . -48.76 14.59 -17.00
O5D NDP V . -46.27 14.15 -17.47
C5D NDP V . -45.23 13.22 -17.60
C4D NDP V . -45.00 12.64 -18.93
O4D NDP V . -45.02 13.65 -19.92
C3D NDP V . -43.68 12.02 -19.00
O3D NDP V . -43.69 10.99 -19.93
C2D NDP V . -42.86 13.09 -19.48
O2D NDP V . -41.69 12.58 -20.06
C1D NDP V . -43.75 13.72 -20.47
N1N NDP V . -43.34 15.07 -20.72
C2N NDP V . -43.28 15.51 -22.00
C3N NDP V . -42.88 16.82 -22.28
C7N NDP V . -42.82 17.27 -23.73
O7N NDP V . -42.65 18.47 -23.99
N7N NDP V . -42.96 16.34 -24.82
C4N NDP V . -42.55 17.70 -21.24
C5N NDP V . -42.63 17.22 -19.93
C6N NDP V . -43.03 15.91 -19.68
P2B NDP V . -48.12 14.87 -6.59
O1X NDP V . -48.62 13.43 -6.84
O2X NDP V . -46.86 14.84 -5.83
O3X NDP V . -49.12 15.62 -5.77
N1 UFP W . -48.54 20.63 -67.05
C2 UFP W . -47.76 20.95 -65.97
N3 UFP W . -46.75 20.14 -65.59
C4 UFP W . -46.49 18.99 -66.25
C5 UFP W . -47.28 18.64 -67.37
C6 UFP W . -48.29 19.47 -67.73
O2 UFP W . -47.93 21.96 -65.32
O4 UFP W . -45.57 18.28 -65.90
F5 UFP W . -47.05 17.51 -68.06
C1' UFP W . -49.67 21.44 -67.56
C2' UFP W . -49.36 22.92 -67.86
C3' UFP W . -50.58 23.29 -68.72
C4' UFP W . -50.91 21.99 -69.47
O3' UFP W . -51.68 23.67 -67.91
O4' UFP W . -50.04 20.96 -68.88
C5' UFP W . -50.71 22.09 -70.98
O5' UFP W . -49.49 22.76 -71.30
P UFP W . -49.80 23.81 -72.49
O1P UFP W . -49.27 25.14 -72.12
O2P UFP W . -51.39 23.93 -72.71
O3P UFP W . -49.12 23.33 -73.86
N1 OE7 X . -51.79 18.38 -68.83
C1 OE7 X . -50.92 17.37 -68.43
O1 OE7 X . -50.80 17.87 -64.90
N2 OE7 X . -51.93 18.95 -66.52
C2 OE7 X . -50.52 17.13 -67.15
O2 OE7 X . -54.15 13.51 -62.40
N3 OE7 X . -50.30 16.47 -69.26
C3 OE7 X . -51.08 18.00 -66.08
O3 OE7 X . -53.03 10.73 -61.27
N4 OE7 X . -53.14 20.16 -68.05
C4 OE7 X . -52.26 19.12 -67.87
O4 OE7 X . -52.44 9.63 -59.36
C5 OE7 X . -49.62 16.01 -67.18
N5 OE7 X . -52.50 13.55 -60.81
C6 OE7 X . -49.50 15.63 -68.50
C10 OE7 X . -52.22 14.04 -64.48
C11 OE7 X . -51.95 14.11 -63.09
C12 OE7 X . -50.69 14.58 -62.66
C13 OE7 X . -49.72 14.99 -63.60
C14 OE7 X . -52.97 13.69 -62.06
C15 OE7 X . -53.16 13.20 -59.59
C16 OE7 X . -53.65 14.26 -58.77
C17 OE7 X . -54.31 14.00 -57.55
C18 OE7 X . -54.49 12.68 -57.13
C19 OE7 X . -54.03 11.62 -57.92
C20 OE7 X . -53.36 11.85 -59.15
C21 OE7 X . -52.90 10.63 -59.92
C7 OE7 X . -48.93 15.37 -65.99
C8 OE7 X . -49.98 14.92 -64.99
C9 OE7 X . -51.24 14.45 -65.42
CL1 OE7 X . -54.87 15.33 -56.59
N1 MTX Y . -39.14 19.35 -25.61
C2 MTX Y . -39.75 20.51 -25.88
NA2 MTX Y . -39.77 20.99 -27.24
N3 MTX Y . -40.36 21.23 -24.93
C4 MTX Y . -40.37 20.81 -23.64
NA4 MTX Y . -41.01 21.55 -22.60
C4A MTX Y . -39.73 19.60 -23.32
N5 MTX Y . -39.72 19.15 -22.03
C6 MTX Y . -39.10 17.98 -21.76
C7 MTX Y . -38.47 17.23 -22.76
N8 MTX Y . -38.49 17.70 -24.02
C8A MTX Y . -39.11 18.88 -24.32
C9 MTX Y . -39.09 17.48 -20.34
N10 MTX Y . -37.91 16.70 -20.01
CM MTX Y . -38.05 15.31 -19.67
C11 MTX Y . -34.05 18.46 -20.24
C12 MTX Y . -34.26 17.13 -20.60
C13 MTX Y . -35.52 16.58 -20.52
C14 MTX Y . -36.60 17.33 -20.08
C15 MTX Y . -36.40 18.66 -19.71
C16 MTX Y . -35.12 19.23 -19.79
C MTX Y . -32.66 19.04 -20.35
O MTX Y . -31.70 18.30 -20.22
N MTX Y . -32.42 20.44 -20.63
CA MTX Y . -31.07 20.93 -20.73
CT MTX Y . -31.09 22.38 -20.47
O1 MTX Y . -32.19 22.99 -20.43
O2 MTX Y . -30.00 23.02 -20.32
CB MTX Y . -30.64 20.73 -22.14
CG MTX Y . -29.34 20.07 -22.46
CD MTX Y . -28.91 20.14 -23.90
OE1 MTX Y . -28.22 21.12 -24.30
OE2 MTX Y . -29.30 19.28 -24.71
#